data_7W6T
#
_entry.id   7W6T
#
_cell.length_a   1.00
_cell.length_b   1.00
_cell.length_c   1.00
_cell.angle_alpha   90.00
_cell.angle_beta   90.00
_cell.angle_gamma   90.00
#
_symmetry.space_group_name_H-M   'P 1'
#
loop_
_entity.id
_entity.type
_entity.pdbx_description
1 polymer 'Kv channel-interacting protein 1'
2 polymer 'Isoform 2 of Potassium voltage-gated channel subfamily D member 3'
3 polymer 'Dipeptidyl aminopeptidase-like protein 6'
#
loop_
_entity_poly.entity_id
_entity_poly.type
_entity_poly.pdbx_seq_one_letter_code
_entity_poly.pdbx_strand_id
1 'polypeptide(L)'
;SMGAVMGTFSSLQTKQRRPSKDIAWWYYQYQRDKIEDELEMTMVCHRPEGLEQLEAQTNFTKRELQVLYRGFKNECPSGV
VNEDTFKQIYAQFFPHGDASTYAHYLFNAFDTTQTGSVKFEDFVTALSILLRGTVHEKLRWTFNLYDINKDGYINKEEMM
DIVKAIYDMMGKYTYPVLKEDTPRQHVDVFFQKMDKNKDGIVTLDEFLESCQEDDNIMRSLQLFQNVM
;
A,C,E,G
2 'polypeptide(L)'
;MAAGVAAWLPFARAAAIGWMPVANCPMPLAPADKNKRQDELIVLNVSGRRFQTWRTTLERYPDTLLGSTEKEFFFNEDTK
EYFFDRDPEVFRCVLNFYRTGKLHYPRYECISAYDDELAFYGILPEIIGDCCYEEYKDRKRENAERLMDDNDSENNQESM
PSLSFRQTMWRAFENPHTSTLALVFYYVTGFFIAVSVITNVVETVPCGTVPGSKELPCGERYSVAFFCLDTACVMIFTVE
YLLRLFAAPSRYRFIRSVMSIIDVVAIMPYYIGLVMTNNEDVSGAFVTLRVFRVFRIFKFSRHSQGLRILGYTLKSCASE
LGFLLFSLTMAIIIFATVMFYAEKGSSASKFTSIPASFWYTIVTMTTLGYGDMVPKTIAGKIFGSICSLSGVLVIALPVP
VIVSNFSRIYHQNQRADKRRAQKKARLARIRVAKTGSSNAYLHSKRNGLLNEALELTGTPEEEHMGKTTSLIESQHHHLL
HCLEKTTNHEFIDEQMFEQNCMESSMQNYPSTRSPSLSSHPGLTTTCCSRRSKKTTHLPNSNLPATRLRSMQELSTIHIQ
GSEQPSLTTSRSSLNLKADDGLRPNCKTSQITTAIISIPTPPALTPEGESRPPPASPGPNTNIPSIASNVVKVSAL
;
B,D,F,H
3 'polypeptide(L)'
;MASLYQRFTGKINTSRSFPAPPEASRLLGGQGPEEDAGPKPLGPQAQAVAPRERGGAGGRPRFQYQARSDCDEEDELVGS
NPPQRNWKGIAIALLVILVICSLIVTSVILLTPAEDTSLSQKKKVTVEDLFSEDFKIHDPEAKWISNKEFIYRERKGSVI
LRNVETNNSTVLIEGKKIESLRAIRYEISPDKEYVLFSYNVEPVYQHSHTGYYVLSKIPHGDPQSLDPPEVSNAKLQYAG
WGPKGQQLIFIFENNIYYCAHVGKQAIRVVSTGKEGVIYNGLSDWLYEEEILKSHIAHWWSPDGTRLAYATINDSRVPLM
ELPTYTGSVYPTVKPYHYPKAGSENPSISLHVIGLNGPTHDLEMMPPDDPRMREYYITMVKWATSTKVAVTWLNRAQNVS
ILTLCDATTGVCTKKHEDESEAWLHRQNEEPVFSKDGRKFFFVRAIPQGGRGKFYHITVSSSQPNSSNDNIQSITSGDWD
VTKILSYDEKRNKIYFLSTEDLPRRRHLYSANTVDDFNRQCLSCDLVENCTYVSASFSHNMDFFLLKCEGPGVPTVTVHN
TTDKRRMFDLEANEEVQKAINDRQMPKIEYRKIEVEDYSLPMQILKPATFTDTAHYPLLLVVDGTPGSQSVTERFEVTWE
TVLVSSHGAVVVKCDGRGSGFQGTKLLQEVRRRLGFLEEKDQMEAVRTMLKEQYIDKTRVAVFGKDYGGYLSTYILPAKG
ENQGQTFTCGSALSPITDFKLYASAFSERYLGLHGLDNRAYEMTKLAHRVSALEDQQFLIIHATADEKIHFQHTAELITQ
LIKGKANYSLQIYPDESHYFHSVALKQHLSRSIIGFFVECFRVQDKLPTATAKEEEEEDLEGGSSDYKDDDDK
;
I,J
#
# COMPACT_ATOMS: atom_id res chain seq x y z
N GLY A 50 10.45 -8.62 88.16
CA GLY A 50 11.28 -9.24 89.18
C GLY A 50 10.84 -10.64 89.54
N LEU A 51 11.54 -11.64 89.00
CA LEU A 51 11.21 -13.03 89.29
C LEU A 51 11.54 -13.37 90.74
N GLU A 52 12.69 -12.91 91.23
CA GLU A 52 13.09 -13.22 92.60
C GLU A 52 12.17 -12.55 93.61
N GLN A 53 11.74 -11.31 93.35
CA GLN A 53 10.79 -10.65 94.23
C GLN A 53 9.39 -11.26 94.12
N LEU A 54 9.10 -11.92 92.99
CA LEU A 54 7.86 -12.66 92.84
C LEU A 54 7.87 -13.98 93.59
N GLU A 55 9.02 -14.66 93.65
CA GLU A 55 9.13 -15.88 94.45
C GLU A 55 8.84 -15.60 95.92
N ALA A 56 9.20 -14.41 96.39
CA ALA A 56 8.96 -14.02 97.78
C ALA A 56 7.48 -13.79 98.08
N GLN A 57 6.62 -13.89 97.08
CA GLN A 57 5.18 -13.66 97.23
C GLN A 57 4.36 -14.89 96.83
N THR A 58 4.67 -15.49 95.69
CA THR A 58 3.97 -16.65 95.18
C THR A 58 4.53 -17.92 95.83
N ASN A 59 3.82 -19.04 95.64
CA ASN A 59 4.31 -20.31 96.17
C ASN A 59 4.70 -21.31 95.08
N PHE A 60 4.66 -20.92 93.80
CA PHE A 60 5.24 -21.77 92.78
C PHE A 60 6.76 -21.53 92.72
N THR A 61 7.48 -22.53 92.23
CA THR A 61 8.93 -22.51 92.25
C THR A 61 9.46 -21.95 90.94
N LYS A 62 10.80 -21.90 90.80
CA LYS A 62 11.41 -21.26 89.63
C LYS A 62 11.06 -21.96 88.33
N ARG A 63 11.09 -23.30 88.32
CA ARG A 63 10.70 -24.02 87.12
C ARG A 63 9.20 -23.92 86.88
N GLU A 64 8.41 -24.12 87.93
CA GLU A 64 6.96 -23.94 87.85
C GLU A 64 6.57 -22.52 87.44
N LEU A 65 7.43 -21.54 87.70
CA LEU A 65 7.17 -20.17 87.29
C LEU A 65 7.63 -19.91 85.87
N GLN A 66 8.78 -20.44 85.47
CA GLN A 66 9.27 -20.26 84.11
C GLN A 66 8.32 -20.91 83.11
N VAL A 67 7.98 -22.18 83.33
CA VAL A 67 7.17 -22.91 82.36
C VAL A 67 5.74 -22.37 82.28
N LEU A 68 5.26 -21.71 83.33
CA LEU A 68 3.95 -21.08 83.28
C LEU A 68 3.96 -19.65 82.76
N TYR A 69 5.00 -18.88 83.04
CA TYR A 69 5.14 -17.57 82.42
C TYR A 69 5.35 -17.73 80.92
N ARG A 70 5.95 -18.83 80.50
CA ARG A 70 6.03 -19.14 79.06
C ARG A 70 4.64 -19.17 78.44
N GLY A 71 3.75 -20.01 78.98
CA GLY A 71 2.40 -20.09 78.44
C GLY A 71 1.62 -18.80 78.61
N PHE A 72 1.90 -18.06 79.70
CA PHE A 72 1.26 -16.77 79.91
C PHE A 72 1.62 -15.81 78.78
N LYS A 73 2.92 -15.62 78.53
CA LYS A 73 3.37 -14.66 77.54
C LYS A 73 3.08 -15.15 76.13
N ASN A 74 2.82 -16.46 75.96
CA ASN A 74 2.61 -16.96 74.61
C ASN A 74 1.26 -16.54 74.03
N GLU A 75 0.18 -16.73 74.77
CA GLU A 75 -1.17 -16.47 74.26
C GLU A 75 -1.50 -14.99 74.18
N CYS A 76 -0.87 -14.17 75.01
CA CYS A 76 -1.07 -12.72 75.00
C CYS A 76 0.28 -12.04 75.00
N PRO A 77 0.49 -11.00 74.19
CA PRO A 77 1.83 -10.41 74.07
C PRO A 77 2.24 -9.64 75.31
N SER A 78 2.07 -10.26 76.47
CA SER A 78 2.54 -9.76 77.77
C SER A 78 2.16 -8.29 77.98
N GLY A 79 1.10 -7.85 77.32
CA GLY A 79 0.65 -6.50 77.56
C GLY A 79 0.01 -6.38 78.92
N VAL A 80 -1.19 -6.97 79.06
CA VAL A 80 -1.98 -7.05 80.28
C VAL A 80 -3.10 -8.05 80.05
N VAL A 81 -3.55 -8.73 81.11
CA VAL A 81 -4.77 -9.53 81.01
C VAL A 81 -5.97 -8.61 81.22
N ASN A 82 -6.99 -8.78 80.38
CA ASN A 82 -8.18 -7.93 80.41
C ASN A 82 -9.44 -8.78 80.60
N GLU A 83 -10.56 -8.07 80.80
CA GLU A 83 -11.86 -8.74 80.95
C GLU A 83 -12.16 -9.62 79.75
N ASP A 84 -12.05 -9.04 78.55
CA ASP A 84 -12.35 -9.74 77.30
C ASP A 84 -11.59 -11.05 77.16
N THR A 85 -10.33 -11.11 77.58
CA THR A 85 -9.56 -12.35 77.54
C THR A 85 -10.19 -13.44 78.39
N PHE A 86 -10.58 -13.11 79.63
CA PHE A 86 -11.31 -14.06 80.46
C PHE A 86 -12.62 -14.45 79.81
N LYS A 87 -13.25 -13.49 79.12
CA LYS A 87 -14.54 -13.74 78.49
C LYS A 87 -14.46 -14.76 77.37
N GLN A 88 -13.26 -15.16 76.95
CA GLN A 88 -13.10 -16.20 75.94
C GLN A 88 -12.32 -17.41 76.43
N ILE A 89 -11.26 -17.24 77.21
CA ILE A 89 -10.50 -18.40 77.68
C ILE A 89 -11.34 -19.20 78.66
N TYR A 90 -12.23 -18.54 79.38
CA TYR A 90 -13.17 -19.27 80.24
C TYR A 90 -14.34 -19.80 79.42
N ALA A 91 -14.58 -19.20 78.24
CA ALA A 91 -15.61 -19.71 77.36
C ALA A 91 -15.20 -21.03 76.71
N GLN A 92 -13.90 -21.19 76.44
CA GLN A 92 -13.43 -22.44 75.87
C GLN A 92 -13.34 -23.56 76.89
N PHE A 93 -13.03 -23.24 78.15
CA PHE A 93 -12.98 -24.24 79.21
C PHE A 93 -14.35 -24.56 79.78
N PHE A 94 -15.37 -23.76 79.46
CA PHE A 94 -16.75 -24.00 79.90
C PHE A 94 -17.70 -23.64 78.76
N PRO A 95 -17.82 -24.50 77.74
CA PRO A 95 -18.71 -24.20 76.60
C PRO A 95 -20.17 -24.50 76.90
N HIS A 96 -21.02 -24.35 75.89
CA HIS A 96 -22.44 -24.64 75.98
C HIS A 96 -23.10 -23.84 77.11
N GLY A 97 -22.81 -22.55 77.13
CA GLY A 97 -23.37 -21.69 78.15
C GLY A 97 -22.66 -20.34 78.16
N ASP A 98 -23.20 -19.45 79.00
CA ASP A 98 -22.65 -18.11 79.16
C ASP A 98 -21.34 -18.21 79.92
N ALA A 99 -20.36 -17.39 79.51
CA ALA A 99 -19.06 -17.37 80.16
C ALA A 99 -18.58 -15.98 80.54
N SER A 100 -19.47 -14.99 80.59
CA SER A 100 -19.03 -13.62 80.87
C SER A 100 -19.51 -13.17 82.25
N THR A 101 -20.75 -13.52 82.62
CA THR A 101 -21.39 -12.92 83.78
C THR A 101 -20.64 -13.18 85.08
N TYR A 102 -20.21 -14.42 85.33
CA TYR A 102 -19.38 -14.68 86.50
C TYR A 102 -17.91 -14.41 86.22
N ALA A 103 -17.49 -14.51 84.96
CA ALA A 103 -16.10 -14.21 84.61
C ALA A 103 -15.72 -12.81 85.04
N HIS A 104 -16.59 -11.84 84.79
CA HIS A 104 -16.34 -10.46 85.20
C HIS A 104 -16.41 -10.27 86.70
N TYR A 105 -16.67 -11.32 87.48
CA TYR A 105 -16.57 -11.26 88.93
C TYR A 105 -15.21 -11.69 89.44
N LEU A 106 -14.76 -12.90 89.09
CA LEU A 106 -13.41 -13.28 89.50
C LEU A 106 -12.33 -12.53 88.75
N PHE A 107 -12.65 -11.83 87.66
CA PHE A 107 -11.65 -10.94 87.08
C PHE A 107 -11.36 -9.79 88.03
N ASN A 108 -12.37 -9.03 88.42
CA ASN A 108 -12.17 -7.96 89.39
C ASN A 108 -11.70 -8.48 90.73
N ALA A 109 -12.00 -9.74 91.06
CA ALA A 109 -11.40 -10.36 92.24
C ALA A 109 -9.90 -10.51 92.07
N PHE A 110 -9.46 -11.04 90.91
CA PHE A 110 -8.04 -11.09 90.60
C PHE A 110 -7.46 -9.70 90.45
N ASP A 111 -8.29 -8.73 90.07
CA ASP A 111 -7.86 -7.35 89.92
C ASP A 111 -7.66 -6.70 91.29
N THR A 112 -6.44 -6.79 91.80
CA THR A 112 -6.15 -6.29 93.15
C THR A 112 -6.40 -4.80 93.25
N THR A 113 -5.79 -4.02 92.35
CA THR A 113 -6.00 -2.59 92.33
C THR A 113 -7.34 -2.27 91.68
N GLN A 114 -7.56 -0.99 91.38
CA GLN A 114 -8.84 -0.52 90.88
C GLN A 114 -8.78 -0.08 89.41
N THR A 115 -7.77 -0.52 88.68
CA THR A 115 -7.75 -0.32 87.23
C THR A 115 -8.38 -1.54 86.56
N GLY A 116 -8.27 -1.61 85.24
CA GLY A 116 -8.82 -2.71 84.49
C GLY A 116 -7.85 -3.80 84.12
N SER A 117 -6.54 -3.55 84.22
CA SER A 117 -5.53 -4.54 83.92
C SER A 117 -4.19 -4.14 84.54
N VAL A 118 -3.67 -4.95 85.46
CA VAL A 118 -2.50 -4.53 86.22
C VAL A 118 -1.21 -5.12 85.67
N LYS A 119 -1.05 -6.45 85.78
CA LYS A 119 0.23 -7.09 85.50
C LYS A 119 0.14 -8.61 85.61
N PHE A 120 1.27 -9.28 85.36
CA PHE A 120 1.40 -10.72 85.52
C PHE A 120 1.72 -11.15 86.94
N GLU A 121 2.45 -10.31 87.69
CA GLU A 121 2.92 -10.73 89.01
C GLU A 121 1.77 -10.89 89.99
N ASP A 122 0.86 -9.91 90.03
CA ASP A 122 -0.28 -10.02 90.94
C ASP A 122 -1.24 -11.12 90.53
N PHE A 123 -1.12 -11.63 89.30
CA PHE A 123 -1.94 -12.75 88.84
C PHE A 123 -1.44 -14.07 89.43
N VAL A 124 -0.12 -14.28 89.40
CA VAL A 124 0.43 -15.52 89.95
C VAL A 124 0.47 -15.47 91.47
N THR A 125 0.63 -14.28 92.06
CA THR A 125 0.58 -14.21 93.52
C THR A 125 -0.80 -14.54 94.05
N ALA A 126 -1.83 -14.31 93.24
CA ALA A 126 -3.19 -14.72 93.58
C ALA A 126 -3.48 -16.16 93.20
N LEU A 127 -2.89 -16.65 92.11
CA LEU A 127 -2.93 -18.08 91.83
C LEU A 127 -2.38 -18.88 93.00
N SER A 128 -1.31 -18.39 93.63
CA SER A 128 -0.75 -19.05 94.79
C SER A 128 -1.77 -19.16 95.92
N ILE A 129 -2.45 -18.06 96.22
CA ILE A 129 -3.45 -18.08 97.29
C ILE A 129 -4.61 -18.98 96.92
N LEU A 130 -5.02 -18.97 95.65
CA LEU A 130 -6.20 -19.71 95.25
C LEU A 130 -5.95 -21.21 95.21
N LEU A 131 -4.78 -21.64 94.73
CA LEU A 131 -4.49 -23.07 94.68
C LEU A 131 -3.83 -23.56 95.97
N ARG A 132 -2.64 -23.05 96.28
CA ARG A 132 -1.86 -23.53 97.40
C ARG A 132 -1.81 -22.54 98.55
N GLY A 133 -2.74 -21.59 98.59
CA GLY A 133 -2.75 -20.60 99.64
C GLY A 133 -3.33 -21.12 100.93
N THR A 134 -3.21 -20.30 101.97
CA THR A 134 -3.72 -20.66 103.28
C THR A 134 -5.23 -20.58 103.31
N VAL A 135 -5.84 -21.46 104.12
CA VAL A 135 -7.30 -21.54 104.18
C VAL A 135 -7.89 -20.23 104.71
N HIS A 136 -7.27 -19.67 105.75
CA HIS A 136 -7.77 -18.42 106.31
C HIS A 136 -7.67 -17.26 105.32
N GLU A 137 -6.70 -17.30 104.41
CA GLU A 137 -6.62 -16.33 103.33
C GLU A 137 -7.46 -16.74 102.13
N LYS A 138 -7.62 -18.05 101.91
CA LYS A 138 -8.47 -18.51 100.82
C LYS A 138 -9.92 -18.06 101.02
N LEU A 139 -10.43 -18.18 102.24
CA LEU A 139 -11.81 -17.81 102.48
C LEU A 139 -12.00 -16.30 102.44
N ARG A 140 -11.01 -15.55 102.93
CA ARG A 140 -11.05 -14.09 102.78
C ARG A 140 -11.07 -13.70 101.31
N TRP A 141 -10.29 -14.40 100.48
CA TRP A 141 -10.27 -14.08 99.05
C TRP A 141 -11.59 -14.47 98.38
N THR A 142 -12.17 -15.59 98.79
CA THR A 142 -13.46 -15.99 98.21
C THR A 142 -14.57 -15.04 98.64
N PHE A 143 -14.47 -14.48 99.85
CA PHE A 143 -15.44 -13.47 100.27
C PHE A 143 -15.25 -12.17 99.50
N ASN A 144 -14.00 -11.74 99.32
CA ASN A 144 -13.74 -10.58 98.48
C ASN A 144 -14.21 -10.82 97.04
N LEU A 145 -14.19 -12.07 96.60
CA LEU A 145 -14.84 -12.45 95.35
C LEU A 145 -16.34 -12.22 95.43
N TYR A 146 -16.98 -12.74 96.47
CA TYR A 146 -18.42 -12.56 96.62
C TYR A 146 -18.77 -11.11 96.91
N ASP A 147 -17.84 -10.36 97.48
CA ASP A 147 -18.09 -8.97 97.91
C ASP A 147 -18.18 -8.10 96.65
N ILE A 148 -19.41 -8.00 96.13
CA ILE A 148 -19.64 -7.28 94.88
C ILE A 148 -19.55 -5.78 95.10
N ASN A 149 -20.22 -5.27 96.14
CA ASN A 149 -20.35 -3.83 96.34
C ASN A 149 -19.08 -3.15 96.87
N LYS A 150 -17.96 -3.87 96.93
CA LYS A 150 -16.65 -3.36 97.36
C LYS A 150 -16.65 -2.77 98.76
N ASP A 151 -17.67 -3.02 99.58
CA ASP A 151 -17.70 -2.40 100.90
C ASP A 151 -17.28 -3.33 102.02
N GLY A 152 -17.74 -4.58 102.00
CA GLY A 152 -17.45 -5.52 103.07
C GLY A 152 -18.71 -6.11 103.68
N TYR A 153 -19.81 -6.00 102.96
CA TYR A 153 -21.11 -6.49 103.44
C TYR A 153 -21.89 -7.06 102.27
N ILE A 154 -22.50 -8.23 102.46
CA ILE A 154 -23.16 -8.97 101.40
C ILE A 154 -24.66 -8.98 101.67
N ASN A 155 -25.44 -8.59 100.67
CA ASN A 155 -26.89 -8.71 100.71
C ASN A 155 -27.31 -10.01 100.03
N LYS A 156 -28.54 -10.45 100.34
CA LYS A 156 -29.04 -11.69 99.77
C LYS A 156 -29.14 -11.59 98.25
N GLU A 157 -29.63 -10.47 97.75
CA GLU A 157 -29.67 -10.26 96.30
C GLU A 157 -28.28 -10.10 95.72
N GLU A 158 -27.31 -9.68 96.53
CA GLU A 158 -25.95 -9.51 96.04
C GLU A 158 -25.34 -10.84 95.63
N MET A 159 -25.49 -11.87 96.47
CA MET A 159 -25.05 -13.20 96.09
C MET A 159 -26.07 -13.91 95.20
N MET A 160 -27.31 -13.43 95.18
CA MET A 160 -28.25 -13.88 94.15
C MET A 160 -27.75 -13.51 92.77
N ASP A 161 -27.11 -12.34 92.64
CA ASP A 161 -26.47 -11.96 91.38
C ASP A 161 -25.38 -12.93 90.97
N ILE A 162 -24.73 -13.60 91.93
CA ILE A 162 -23.68 -14.57 91.61
C ILE A 162 -24.29 -15.92 91.27
N VAL A 163 -25.34 -16.32 91.98
CA VAL A 163 -25.92 -17.64 91.71
C VAL A 163 -26.72 -17.63 90.40
N LYS A 164 -27.38 -16.50 90.09
CA LYS A 164 -28.04 -16.36 88.79
C LYS A 164 -27.03 -16.33 87.65
N ALA A 165 -25.76 -16.07 87.95
CA ALA A 165 -24.69 -16.13 86.97
C ALA A 165 -24.16 -17.56 86.80
N ILE A 166 -23.93 -18.27 87.91
CA ILE A 166 -23.38 -19.61 87.82
C ILE A 166 -24.41 -20.58 87.23
N TYR A 167 -25.68 -20.45 87.65
CA TYR A 167 -26.72 -21.31 87.09
C TYR A 167 -27.00 -20.97 85.63
N ASP A 168 -26.83 -19.70 85.25
CA ASP A 168 -26.85 -19.35 83.84
C ASP A 168 -25.72 -20.04 83.09
N MET A 169 -24.51 -20.02 83.65
CA MET A 169 -23.38 -20.72 83.05
C MET A 169 -23.62 -22.22 82.94
N MET A 170 -24.44 -22.78 83.84
CA MET A 170 -24.63 -24.24 83.88
C MET A 170 -25.01 -24.78 82.51
N GLY A 171 -25.68 -23.98 81.69
CA GLY A 171 -25.98 -24.40 80.34
C GLY A 171 -27.42 -24.12 79.98
N LYS A 172 -27.84 -24.80 78.91
CA LYS A 172 -29.19 -24.58 78.39
C LYS A 172 -30.24 -25.24 79.28
N TYR A 173 -30.18 -26.56 79.44
CA TYR A 173 -31.14 -27.30 80.24
C TYR A 173 -30.40 -28.11 81.29
N THR A 174 -30.83 -27.99 82.54
CA THR A 174 -30.18 -28.71 83.63
C THR A 174 -30.50 -30.19 83.56
N TYR A 175 -29.57 -31.02 84.02
CA TYR A 175 -29.85 -32.45 84.15
C TYR A 175 -31.07 -32.69 85.04
N PRO A 176 -31.21 -32.07 86.22
CA PRO A 176 -32.50 -32.11 86.91
C PRO A 176 -33.43 -31.03 86.39
N VAL A 177 -34.59 -30.84 87.02
CA VAL A 177 -35.50 -29.79 86.60
C VAL A 177 -34.90 -28.43 86.95
N LEU A 178 -35.26 -27.42 86.17
CA LEU A 178 -34.73 -26.07 86.34
C LEU A 178 -35.79 -25.19 86.99
N LYS A 179 -35.36 -24.34 87.92
CA LYS A 179 -36.24 -23.41 88.61
C LYS A 179 -35.44 -22.19 89.01
N GLU A 180 -35.98 -21.00 88.72
CA GLU A 180 -35.32 -19.75 89.09
C GLU A 180 -35.43 -19.45 90.57
N ASP A 181 -36.19 -20.23 91.33
CA ASP A 181 -36.35 -20.02 92.76
C ASP A 181 -35.28 -20.73 93.59
N THR A 182 -34.62 -21.75 93.05
CA THR A 182 -33.56 -22.40 93.79
C THR A 182 -32.36 -21.46 93.97
N PRO A 183 -31.98 -20.63 92.98
CA PRO A 183 -31.00 -19.57 93.27
C PRO A 183 -31.47 -18.62 94.36
N ARG A 184 -32.76 -18.56 94.65
CA ARG A 184 -33.29 -17.78 95.75
C ARG A 184 -33.10 -18.46 97.09
N GLN A 185 -33.05 -19.80 97.11
CA GLN A 185 -32.81 -20.50 98.36
C GLN A 185 -31.35 -20.90 98.52
N HIS A 186 -30.64 -21.10 97.40
CA HIS A 186 -29.24 -21.50 97.48
C HIS A 186 -28.39 -20.39 98.08
N VAL A 187 -28.89 -19.16 98.09
CA VAL A 187 -28.24 -18.09 98.83
C VAL A 187 -28.74 -18.06 100.28
N ASP A 188 -30.02 -18.37 100.48
CA ASP A 188 -30.58 -18.33 101.82
C ASP A 188 -30.07 -19.49 102.67
N VAL A 189 -29.94 -20.68 102.08
CA VAL A 189 -29.24 -21.77 102.77
C VAL A 189 -27.81 -21.35 103.10
N PHE A 190 -27.30 -20.33 102.42
CA PHE A 190 -26.09 -19.65 102.84
C PHE A 190 -26.29 -19.02 104.22
N PHE A 191 -27.17 -18.03 104.30
CA PHE A 191 -27.27 -17.22 105.52
C PHE A 191 -27.58 -18.05 106.75
N GLN A 192 -28.51 -19.01 106.63
CA GLN A 192 -28.88 -19.83 107.79
C GLN A 192 -27.65 -20.45 108.46
N LYS A 193 -26.61 -20.77 107.69
CA LYS A 193 -25.37 -21.22 108.29
C LYS A 193 -24.31 -20.12 108.32
N MET A 194 -24.38 -19.17 107.40
CA MET A 194 -23.33 -18.17 107.27
C MET A 194 -23.67 -16.84 107.93
N ASP A 195 -24.92 -16.64 108.35
CA ASP A 195 -25.35 -15.40 108.99
C ASP A 195 -25.70 -15.71 110.44
N LYS A 196 -24.71 -15.60 111.33
CA LYS A 196 -24.90 -15.85 112.75
C LYS A 196 -25.84 -14.85 113.42
N ASN A 197 -26.08 -13.70 112.80
CA ASN A 197 -27.00 -12.71 113.37
C ASN A 197 -28.39 -12.75 112.75
N LYS A 198 -28.56 -13.50 111.65
CA LYS A 198 -29.87 -13.70 111.02
C LYS A 198 -30.48 -12.39 110.55
N ASP A 199 -29.64 -11.48 110.04
CA ASP A 199 -30.07 -10.16 109.60
C ASP A 199 -30.13 -10.01 108.09
N GLY A 200 -29.43 -10.86 107.34
CA GLY A 200 -29.36 -10.73 105.91
C GLY A 200 -28.07 -10.13 105.38
N ILE A 201 -27.13 -9.80 106.27
CA ILE A 201 -25.84 -9.24 105.90
C ILE A 201 -24.76 -10.08 106.54
N VAL A 202 -23.84 -10.60 105.73
CA VAL A 202 -22.71 -11.37 106.22
C VAL A 202 -21.44 -10.55 106.02
N THR A 203 -20.60 -10.53 107.03
CA THR A 203 -19.36 -9.76 107.04
C THR A 203 -18.18 -10.73 106.98
N LEU A 204 -17.00 -10.21 106.64
CA LEU A 204 -15.80 -11.04 106.53
C LEU A 204 -15.62 -11.93 107.76
N ASP A 205 -15.64 -11.33 108.95
CA ASP A 205 -15.53 -12.12 110.17
C ASP A 205 -16.73 -13.04 110.34
N GLU A 206 -17.92 -12.55 110.00
CA GLU A 206 -19.15 -13.34 110.13
C GLU A 206 -19.29 -14.39 109.03
N PHE A 207 -18.67 -14.18 107.88
CA PHE A 207 -18.57 -15.20 106.84
C PHE A 207 -17.50 -16.24 107.17
N LEU A 208 -16.47 -15.83 107.91
CA LEU A 208 -15.36 -16.72 108.23
C LEU A 208 -15.69 -17.63 109.40
N GLU A 209 -16.31 -17.07 110.46
CA GLU A 209 -16.66 -17.85 111.63
C GLU A 209 -17.65 -18.95 111.27
N SER A 210 -18.25 -18.83 110.09
CA SER A 210 -19.20 -19.80 109.58
C SER A 210 -18.64 -20.63 108.44
N CYS A 211 -17.41 -20.36 108.01
CA CYS A 211 -16.80 -21.12 106.92
C CYS A 211 -15.51 -21.81 107.33
N GLN A 212 -15.41 -22.27 108.59
CA GLN A 212 -14.29 -23.08 109.03
C GLN A 212 -14.70 -24.46 109.54
N GLU A 213 -15.99 -24.71 109.74
CA GLU A 213 -16.47 -25.97 110.28
C GLU A 213 -17.12 -26.87 109.25
N ASP A 214 -17.33 -26.39 108.02
CA ASP A 214 -17.91 -27.22 106.97
C ASP A 214 -16.78 -27.98 106.30
N ASP A 215 -16.71 -29.28 106.60
CA ASP A 215 -15.57 -30.09 106.19
C ASP A 215 -15.50 -30.26 104.68
N ASN A 216 -16.66 -30.36 104.02
CA ASN A 216 -16.63 -30.71 102.60
C ASN A 216 -16.17 -29.53 101.74
N ILE A 217 -16.47 -28.30 102.15
CA ILE A 217 -15.90 -27.17 101.44
C ILE A 217 -14.44 -26.96 101.84
N MET A 218 -14.08 -27.32 103.08
CA MET A 218 -12.69 -27.30 103.50
C MET A 218 -11.85 -28.30 102.73
N ARG A 219 -12.47 -29.35 102.19
CA ARG A 219 -11.81 -30.25 101.25
C ARG A 219 -11.93 -29.77 99.81
N SER A 220 -12.99 -29.04 99.49
CA SER A 220 -13.21 -28.54 98.13
C SER A 220 -12.33 -27.36 97.79
N LEU A 221 -11.99 -26.53 98.77
CA LEU A 221 -11.13 -25.37 98.55
C LEU A 221 -9.67 -25.74 98.38
N GLN A 222 -9.29 -26.97 98.69
CA GLN A 222 -7.90 -27.42 98.67
C GLN A 222 -7.70 -28.47 97.60
N LEU A 223 -8.53 -28.44 96.56
CA LEU A 223 -8.54 -29.53 95.58
C LEU A 223 -7.33 -29.46 94.65
N PHE A 224 -6.78 -28.26 94.45
CA PHE A 224 -5.82 -28.06 93.36
C PHE A 224 -4.45 -27.59 93.82
N GLN A 225 -4.15 -27.63 95.12
CA GLN A 225 -2.81 -27.31 95.59
C GLN A 225 -1.81 -28.42 95.36
N ASN A 226 -2.21 -29.48 94.65
CA ASN A 226 -1.35 -30.63 94.45
C ASN A 226 -1.04 -30.84 92.98
N VAL A 227 -2.02 -30.55 92.12
CA VAL A 227 -1.86 -30.83 90.71
C VAL A 227 -0.96 -29.80 90.05
N MET A 228 -0.02 -30.27 89.25
CA MET A 228 0.93 -29.39 88.58
C MET A 228 1.07 -29.76 87.12
N MET B 1 4.22 -25.80 86.97
CA MET B 1 3.22 -26.86 86.79
C MET B 1 3.32 -27.47 85.40
N ALA B 2 2.17 -27.84 84.85
CA ALA B 2 2.13 -28.35 83.49
C ALA B 2 1.84 -27.21 82.51
N ALA B 3 2.25 -27.41 81.26
CA ALA B 3 2.04 -26.42 80.21
C ALA B 3 1.67 -27.16 78.92
N GLY B 4 1.53 -26.39 77.84
CA GLY B 4 1.16 -26.96 76.56
C GLY B 4 -0.33 -26.86 76.27
N VAL B 5 -0.98 -28.00 76.09
CA VAL B 5 -2.41 -27.99 75.82
C VAL B 5 -3.19 -27.41 76.99
N ALA B 6 -3.10 -28.04 78.15
CA ALA B 6 -3.77 -27.56 79.36
C ALA B 6 -2.88 -26.62 80.17
N ALA B 7 -2.27 -25.65 79.48
CA ALA B 7 -1.45 -24.66 80.16
C ALA B 7 -2.27 -23.64 80.92
N TRP B 8 -3.58 -23.60 80.68
CA TRP B 8 -4.47 -22.69 81.38
C TRP B 8 -5.52 -23.40 82.21
N LEU B 9 -5.51 -24.73 82.24
CA LEU B 9 -6.36 -25.45 83.17
C LEU B 9 -6.07 -25.09 84.63
N PRO B 10 -4.81 -24.83 85.01
CA PRO B 10 -4.59 -24.29 86.37
C PRO B 10 -5.31 -22.98 86.64
N PHE B 11 -5.51 -22.15 85.61
CA PHE B 11 -6.31 -20.94 85.82
C PHE B 11 -7.75 -21.30 86.14
N ALA B 12 -8.32 -22.27 85.41
CA ALA B 12 -9.65 -22.75 85.75
C ALA B 12 -9.67 -23.38 87.14
N ARG B 13 -8.53 -23.91 87.58
CA ARG B 13 -8.45 -24.47 88.93
C ARG B 13 -8.52 -23.37 89.98
N ALA B 14 -7.83 -22.26 89.72
CA ALA B 14 -7.96 -21.08 90.58
C ALA B 14 -9.40 -20.57 90.57
N ALA B 15 -10.06 -20.67 89.41
CA ALA B 15 -11.45 -20.26 89.31
C ALA B 15 -12.37 -21.14 90.14
N ALA B 16 -12.14 -22.45 90.11
CA ALA B 16 -13.04 -23.39 90.78
C ALA B 16 -13.05 -23.19 92.30
N ILE B 17 -11.97 -22.66 92.86
CA ILE B 17 -11.91 -22.35 94.28
C ILE B 17 -12.94 -21.31 94.69
N GLY B 18 -13.45 -20.53 93.74
CA GLY B 18 -14.42 -19.49 94.05
C GLY B 18 -15.82 -19.99 94.34
N TRP B 19 -16.14 -21.21 93.91
CA TRP B 19 -17.47 -21.77 94.13
C TRP B 19 -17.58 -22.53 95.44
N MET B 20 -16.46 -22.98 95.99
CA MET B 20 -16.50 -23.90 97.12
C MET B 20 -17.19 -23.33 98.36
N PRO B 21 -17.04 -22.04 98.73
CA PRO B 21 -17.80 -21.52 99.87
C PRO B 21 -19.30 -21.66 99.71
N VAL B 22 -19.81 -21.48 98.48
CA VAL B 22 -21.24 -21.64 98.23
C VAL B 22 -21.53 -23.06 97.78
N ALA B 23 -20.50 -23.90 97.69
CA ALA B 23 -20.67 -25.29 97.27
C ALA B 23 -21.14 -26.11 98.46
N ASN B 24 -22.42 -25.95 98.80
CA ASN B 24 -23.01 -26.71 99.90
C ASN B 24 -23.14 -28.20 99.57
N CYS B 25 -22.77 -28.60 98.36
CA CYS B 25 -22.83 -29.97 97.87
C CYS B 25 -22.12 -30.93 98.82
N PRO B 26 -22.47 -32.23 98.78
CA PRO B 26 -21.70 -33.21 99.57
C PRO B 26 -20.22 -33.18 99.26
N MET B 27 -19.88 -33.21 97.97
CA MET B 27 -18.51 -33.10 97.50
C MET B 27 -18.47 -32.95 95.98
N PRO B 28 -17.49 -32.21 95.48
CA PRO B 28 -17.14 -32.32 94.05
C PRO B 28 -16.12 -33.43 93.86
N LEU B 29 -15.73 -33.70 92.63
CA LEU B 29 -14.79 -34.79 92.36
C LEU B 29 -13.37 -34.30 92.60
N ALA B 30 -12.52 -35.19 93.10
CA ALA B 30 -11.10 -34.91 93.29
C ALA B 30 -10.44 -34.74 91.93
N PRO B 31 -9.33 -34.00 91.82
CA PRO B 31 -8.70 -33.81 90.51
C PRO B 31 -8.18 -35.11 89.91
N ALA B 32 -7.71 -35.04 88.67
CA ALA B 32 -7.24 -36.21 87.94
C ALA B 32 -5.72 -36.30 87.94
N ASP B 33 -5.11 -35.98 89.08
CA ASP B 33 -3.66 -36.09 89.22
C ASP B 33 -3.17 -37.46 88.77
N LYS B 34 -1.98 -37.47 88.17
CA LYS B 34 -1.44 -38.63 87.50
C LYS B 34 0.07 -38.49 87.44
N ASN B 35 0.71 -39.29 86.61
CA ASN B 35 2.14 -39.11 86.36
C ASN B 35 2.41 -37.71 85.83
N LYS B 36 3.40 -37.06 86.42
CA LYS B 36 3.73 -35.68 86.07
C LYS B 36 5.22 -35.56 85.79
N ARG B 37 5.56 -34.62 84.90
CA ARG B 37 6.95 -34.32 84.58
C ARG B 37 6.96 -33.03 83.80
N GLN B 38 8.00 -32.24 84.02
CA GLN B 38 8.09 -30.95 83.35
C GLN B 38 8.41 -31.14 81.87
N ASP B 39 8.22 -30.07 81.11
CA ASP B 39 8.57 -30.09 79.70
C ASP B 39 10.08 -30.21 79.53
N GLU B 40 10.47 -30.73 78.37
CA GLU B 40 11.89 -30.88 78.08
C GLU B 40 12.14 -30.53 76.62
N LEU B 41 13.38 -30.22 76.32
CA LEU B 41 13.79 -29.85 74.97
C LEU B 41 14.05 -31.13 74.18
N ILE B 42 13.00 -31.67 73.57
CA ILE B 42 13.18 -32.71 72.58
C ILE B 42 14.13 -32.20 71.51
N VAL B 43 15.14 -33.00 71.19
CA VAL B 43 16.17 -32.59 70.25
C VAL B 43 16.01 -33.39 68.96
N LEU B 44 15.86 -32.68 67.86
CA LEU B 44 15.61 -33.30 66.57
C LEU B 44 16.87 -33.18 65.71
N ASN B 45 17.37 -34.31 65.22
CA ASN B 45 18.52 -34.30 64.35
C ASN B 45 17.99 -34.25 62.92
N VAL B 46 17.78 -33.04 62.45
CA VAL B 46 17.20 -32.81 61.13
C VAL B 46 18.33 -32.50 60.18
N SER B 47 18.70 -33.48 59.35
CA SER B 47 19.63 -33.29 58.24
C SER B 47 21.05 -33.02 58.75
N GLY B 48 21.31 -33.48 59.97
CA GLY B 48 22.60 -33.22 60.58
C GLY B 48 22.62 -31.90 61.33
N ARG B 49 21.61 -31.08 61.10
CA ARG B 49 21.41 -29.90 61.94
C ARG B 49 20.62 -30.32 63.17
N ARG B 50 20.63 -29.48 64.19
CA ARG B 50 20.00 -29.80 65.47
C ARG B 50 18.88 -28.81 65.76
N PHE B 51 17.77 -29.33 66.23
CA PHE B 51 16.66 -28.54 66.73
C PHE B 51 16.40 -28.89 68.19
N GLN B 52 15.91 -27.92 68.94
CA GLN B 52 15.57 -28.16 70.34
C GLN B 52 14.26 -27.46 70.63
N THR B 53 13.29 -28.21 71.14
CA THR B 53 11.98 -27.60 71.35
C THR B 53 11.27 -28.26 72.51
N TRP B 54 10.48 -27.46 73.22
CA TRP B 54 9.72 -27.95 74.35
C TRP B 54 8.79 -29.08 73.92
N ARG B 55 8.73 -30.14 74.73
CA ARG B 55 7.91 -31.28 74.39
C ARG B 55 6.42 -30.92 74.37
N THR B 56 5.99 -30.08 75.31
CA THR B 56 4.60 -29.63 75.30
C THR B 56 4.26 -28.87 74.04
N THR B 57 5.23 -28.20 73.42
CA THR B 57 5.01 -27.57 72.13
C THR B 57 4.69 -28.63 71.08
N LEU B 58 5.23 -29.83 71.25
CA LEU B 58 5.08 -30.87 70.23
C LEU B 58 3.81 -31.69 70.45
N GLU B 59 3.44 -31.91 71.70
CA GLU B 59 2.35 -32.81 72.04
C GLU B 59 0.99 -32.12 72.04
N ARG B 60 0.86 -30.98 71.37
CA ARG B 60 -0.42 -30.32 71.25
C ARG B 60 -1.27 -30.88 70.12
N TYR B 61 -0.65 -31.52 69.13
CA TYR B 61 -1.37 -32.05 67.97
C TYR B 61 -0.96 -33.49 67.79
N PRO B 62 -1.45 -34.40 68.64
CA PRO B 62 -1.06 -35.81 68.57
C PRO B 62 -1.58 -36.55 67.35
N ASP B 63 -2.31 -35.88 66.47
CA ASP B 63 -2.82 -36.46 65.22
C ASP B 63 -1.84 -36.27 64.07
N THR B 64 -0.56 -36.10 64.39
CA THR B 64 0.48 -35.87 63.41
C THR B 64 1.61 -36.87 63.64
N LEU B 65 2.72 -36.67 62.93
CA LEU B 65 3.85 -37.60 63.06
C LEU B 65 4.54 -37.43 64.41
N LEU B 66 4.93 -36.20 64.73
CA LEU B 66 5.60 -35.95 66.01
C LEU B 66 4.62 -35.97 67.16
N GLY B 67 3.41 -35.45 66.95
CA GLY B 67 2.42 -35.42 68.00
C GLY B 67 2.10 -36.82 68.49
N SER B 68 1.92 -37.74 67.55
CA SER B 68 1.73 -39.14 67.89
C SER B 68 3.09 -39.75 68.23
N THR B 69 3.08 -41.03 68.60
CA THR B 69 4.29 -41.72 69.03
C THR B 69 4.93 -42.50 67.89
N GLU B 70 4.27 -42.61 66.75
CA GLU B 70 4.81 -43.30 65.60
C GLU B 70 5.98 -42.54 64.97
N LYS B 71 6.42 -41.47 65.61
CA LYS B 71 7.68 -40.81 65.28
C LYS B 71 8.88 -41.62 65.77
N GLU B 72 8.66 -42.64 66.58
CA GLU B 72 9.75 -43.34 67.24
C GLU B 72 10.58 -44.20 66.30
N PHE B 73 10.21 -44.31 65.03
CA PHE B 73 11.06 -45.03 64.09
C PHE B 73 12.25 -44.20 63.63
N PHE B 74 12.41 -42.98 64.14
CA PHE B 74 13.57 -42.16 63.83
C PHE B 74 14.32 -41.77 65.08
N PHE B 75 13.80 -42.10 66.25
CA PHE B 75 14.51 -41.89 67.50
C PHE B 75 15.71 -42.82 67.56
N ASN B 76 16.86 -42.31 67.14
CA ASN B 76 18.09 -43.08 67.08
C ASN B 76 18.75 -42.99 68.44
N GLU B 77 18.63 -44.06 69.21
CA GLU B 77 19.27 -44.20 70.50
C GLU B 77 20.74 -43.79 70.50
N ASP B 78 21.42 -43.91 69.36
CA ASP B 78 22.76 -43.37 69.23
C ASP B 78 22.83 -41.89 69.55
N THR B 79 21.73 -41.16 69.37
CA THR B 79 21.68 -39.74 69.71
C THR B 79 20.51 -39.37 70.60
N LYS B 80 19.52 -40.26 70.81
CA LYS B 80 18.27 -39.92 71.49
C LYS B 80 17.58 -38.76 70.79
N GLU B 81 17.88 -38.59 69.51
CA GLU B 81 17.31 -37.54 68.70
C GLU B 81 16.65 -38.18 67.49
N TYR B 82 15.39 -37.85 67.27
CA TYR B 82 14.73 -38.29 66.06
C TYR B 82 15.50 -37.72 64.88
N PHE B 83 16.20 -38.58 64.15
CA PHE B 83 17.03 -38.15 63.05
C PHE B 83 16.25 -38.35 61.75
N PHE B 84 15.70 -37.28 61.22
CA PHE B 84 15.08 -37.30 59.90
C PHE B 84 16.08 -36.79 58.89
N ASP B 85 16.27 -37.55 57.81
CA ASP B 85 17.19 -37.14 56.74
C ASP B 85 16.43 -36.41 55.65
N ARG B 86 15.75 -35.34 56.01
CA ARG B 86 14.94 -34.54 55.09
C ARG B 86 15.50 -33.12 55.03
N ASP B 87 14.81 -32.27 54.30
CA ASP B 87 15.18 -30.86 54.29
C ASP B 87 15.00 -30.26 55.67
N PRO B 88 15.94 -29.42 56.13
CA PRO B 88 15.74 -28.69 57.39
C PRO B 88 14.93 -27.40 57.25
N GLU B 89 14.92 -26.78 56.09
CA GLU B 89 14.31 -25.46 55.94
C GLU B 89 12.81 -25.52 55.74
N VAL B 90 12.24 -26.69 55.55
CA VAL B 90 10.79 -26.86 55.53
C VAL B 90 10.22 -27.16 56.90
N PHE B 91 10.74 -28.18 57.58
CA PHE B 91 10.32 -28.51 58.93
C PHE B 91 10.34 -27.29 59.85
N ARG B 92 11.22 -26.33 59.58
CA ARG B 92 11.18 -25.05 60.28
C ARG B 92 9.76 -24.49 60.29
N CYS B 93 9.09 -24.51 59.14
CA CYS B 93 7.74 -23.98 59.06
C CYS B 93 6.77 -24.78 59.89
N VAL B 94 6.92 -26.10 59.90
CA VAL B 94 6.03 -26.95 60.69
C VAL B 94 6.17 -26.63 62.17
N LEU B 95 7.40 -26.52 62.65
CA LEU B 95 7.61 -26.10 64.02
C LEU B 95 6.97 -24.76 64.29
N ASN B 96 7.27 -23.75 63.47
CA ASN B 96 6.69 -22.43 63.67
C ASN B 96 5.18 -22.46 63.70
N PHE B 97 4.56 -23.33 62.91
CA PHE B 97 3.14 -23.57 63.07
C PHE B 97 2.83 -24.04 64.49
N TYR B 98 3.50 -25.12 64.91
CA TYR B 98 3.21 -25.72 66.21
C TYR B 98 3.28 -24.70 67.33
N ARG B 99 4.36 -23.92 67.36
CA ARG B 99 4.48 -22.86 68.35
C ARG B 99 3.34 -21.87 68.23
N THR B 100 2.98 -21.51 67.00
CA THR B 100 1.90 -20.56 66.79
C THR B 100 0.55 -21.25 66.91
N GLY B 101 0.42 -22.44 66.35
CA GLY B 101 -0.87 -23.09 66.25
C GLY B 101 -1.47 -22.86 64.88
N LYS B 102 -0.75 -22.11 64.05
CA LYS B 102 -1.17 -21.80 62.68
C LYS B 102 0.07 -21.77 61.79
N LEU B 103 -0.10 -22.18 60.54
CA LEU B 103 1.03 -22.30 59.64
C LEU B 103 1.13 -21.09 58.72
N HIS B 104 2.36 -20.74 58.35
CA HIS B 104 2.65 -19.65 57.45
C HIS B 104 3.34 -20.19 56.20
N TYR B 105 3.64 -19.30 55.26
CA TYR B 105 4.25 -19.79 54.04
C TYR B 105 5.45 -18.95 53.62
N PRO B 106 6.63 -19.55 53.55
CA PRO B 106 7.78 -18.86 52.94
C PRO B 106 7.48 -18.54 51.49
N ARG B 107 8.04 -17.43 51.02
CA ARG B 107 7.65 -16.92 49.70
C ARG B 107 8.37 -17.61 48.57
N TYR B 108 9.62 -18.02 48.75
CA TYR B 108 10.46 -18.47 47.66
C TYR B 108 10.69 -19.97 47.70
N GLU B 109 9.68 -20.75 48.04
CA GLU B 109 9.85 -22.19 48.13
C GLU B 109 9.15 -22.88 46.96
N CYS B 110 9.89 -23.78 46.31
CA CYS B 110 9.31 -24.59 45.26
C CYS B 110 8.24 -25.46 45.90
N ILE B 111 6.99 -25.09 45.67
CA ILE B 111 5.86 -25.59 46.44
C ILE B 111 5.81 -27.12 46.39
N SER B 112 6.47 -27.71 45.40
CA SER B 112 6.56 -29.16 45.32
C SER B 112 7.13 -29.74 46.61
N ALA B 113 8.37 -29.37 46.94
CA ALA B 113 9.01 -29.89 48.14
C ALA B 113 8.27 -29.45 49.39
N TYR B 114 7.82 -28.19 49.41
CA TYR B 114 7.06 -27.71 50.55
C TYR B 114 5.91 -28.64 50.87
N ASP B 115 5.00 -28.83 49.91
CA ASP B 115 3.82 -29.64 50.16
C ASP B 115 4.18 -31.09 50.42
N ASP B 116 5.15 -31.63 49.70
CA ASP B 116 5.43 -33.05 49.88
C ASP B 116 6.04 -33.34 51.24
N GLU B 117 6.84 -32.43 51.79
CA GLU B 117 7.32 -32.64 53.15
C GLU B 117 6.23 -32.35 54.17
N LEU B 118 5.34 -31.40 53.86
CA LEU B 118 4.17 -31.22 54.71
C LEU B 118 3.40 -32.52 54.86
N ALA B 119 3.23 -33.24 53.75
CA ALA B 119 2.60 -34.55 53.80
C ALA B 119 3.46 -35.54 54.56
N PHE B 120 4.76 -35.55 54.26
CA PHE B 120 5.68 -36.48 54.92
C PHE B 120 5.65 -36.31 56.43
N TYR B 121 5.24 -35.15 56.91
CA TYR B 121 4.98 -34.98 58.33
C TYR B 121 3.51 -35.10 58.68
N GLY B 122 2.69 -35.63 57.79
CA GLY B 122 1.29 -35.85 58.05
C GLY B 122 0.46 -34.59 58.15
N ILE B 123 1.11 -33.42 58.15
CA ILE B 123 0.38 -32.17 58.32
C ILE B 123 -0.40 -31.84 57.06
N LEU B 124 -1.49 -31.09 57.22
CA LEU B 124 -2.41 -30.81 56.14
C LEU B 124 -2.28 -29.37 55.66
N PRO B 125 -2.11 -29.15 54.35
CA PRO B 125 -2.06 -27.78 53.83
C PRO B 125 -3.36 -27.02 54.02
N GLU B 126 -4.45 -27.69 54.40
CA GLU B 126 -5.67 -26.99 54.74
C GLU B 126 -5.46 -26.05 55.92
N ILE B 127 -4.60 -26.42 56.85
CA ILE B 127 -4.45 -25.68 58.10
C ILE B 127 -3.59 -24.44 57.88
N ILE B 128 -3.19 -24.19 56.62
CA ILE B 128 -2.42 -23.01 56.30
C ILE B 128 -3.16 -21.78 56.78
N GLY B 129 -2.52 -21.00 57.65
CA GLY B 129 -3.15 -19.80 58.15
C GLY B 129 -3.41 -18.81 57.03
N ASP B 130 -4.53 -18.11 57.13
CA ASP B 130 -4.78 -17.00 56.21
C ASP B 130 -3.75 -15.90 56.40
N CYS B 131 -2.94 -16.00 57.46
CA CYS B 131 -1.75 -15.17 57.63
C CYS B 131 -1.00 -15.02 56.31
N CYS B 132 -0.76 -16.12 55.60
CA CYS B 132 -0.26 -16.11 54.23
C CYS B 132 -0.78 -17.38 53.55
N TYR B 133 -1.90 -17.24 52.84
CA TYR B 133 -2.73 -18.37 52.44
C TYR B 133 -2.82 -18.58 50.94
N GLU B 134 -3.27 -17.58 50.20
CA GLU B 134 -3.74 -17.81 48.83
C GLU B 134 -2.59 -17.91 47.82
N GLU B 135 -1.54 -17.12 47.98
CA GLU B 135 -0.40 -17.23 47.08
C GLU B 135 0.15 -18.64 47.07
N TYR B 136 0.01 -19.36 48.17
CA TYR B 136 0.29 -20.79 48.16
C TYR B 136 -0.54 -21.49 47.10
N LYS B 137 -1.84 -21.20 47.07
CA LYS B 137 -2.70 -21.80 46.05
C LYS B 137 -2.32 -21.33 44.67
N ASP B 138 -1.76 -20.12 44.56
CA ASP B 138 -1.37 -19.60 43.26
C ASP B 138 -0.17 -20.37 42.72
N ARG B 139 0.84 -20.57 43.57
CA ARG B 139 1.93 -21.46 43.23
C ARG B 139 1.40 -22.83 42.85
N LYS B 140 0.50 -23.36 43.68
CA LYS B 140 -0.13 -24.64 43.38
C LYS B 140 -0.64 -24.69 41.94
N ARG B 141 -1.52 -23.76 41.59
CA ARG B 141 -2.17 -23.82 40.28
C ARG B 141 -1.19 -23.61 39.16
N GLU B 142 -0.28 -22.64 39.29
CA GLU B 142 0.65 -22.38 38.20
C GLU B 142 1.56 -23.57 37.97
N ASN B 143 2.02 -24.20 39.05
CA ASN B 143 2.92 -25.34 38.89
C ASN B 143 2.15 -26.55 38.36
N ALA B 144 0.89 -26.70 38.77
CA ALA B 144 0.05 -27.75 38.22
C ALA B 144 -0.07 -27.58 36.71
N GLU B 145 -0.27 -26.35 36.25
CA GLU B 145 -0.21 -26.06 34.83
C GLU B 145 1.13 -26.51 34.25
N ARG B 146 2.22 -26.15 34.94
CA ARG B 146 3.55 -26.58 34.50
C ARG B 146 3.69 -28.08 34.49
N LEU B 147 2.73 -28.80 35.09
CA LEU B 147 2.75 -30.26 35.01
C LEU B 147 1.88 -30.76 33.87
N MET B 148 0.93 -29.95 33.43
CA MET B 148 0.03 -30.34 32.35
C MET B 148 0.66 -30.02 31.01
N LEU B 163 -9.48 -48.67 14.38
CA LEU B 163 -8.14 -48.38 14.86
C LEU B 163 -7.16 -48.48 13.72
N SER B 164 -6.97 -49.71 13.22
CA SER B 164 -6.16 -49.89 12.02
C SER B 164 -6.67 -49.00 10.90
N PHE B 165 -7.97 -48.93 10.74
CA PHE B 165 -8.54 -48.00 9.78
C PHE B 165 -9.56 -47.05 10.39
N ARG B 166 -10.45 -47.55 11.25
CA ARG B 166 -11.57 -46.74 11.72
C ARG B 166 -11.14 -45.58 12.60
N GLN B 167 -10.03 -45.71 13.32
CA GLN B 167 -9.51 -44.61 14.13
C GLN B 167 -8.16 -44.10 13.65
N THR B 168 -7.52 -44.78 12.70
CA THR B 168 -6.39 -44.14 12.05
C THR B 168 -6.80 -42.86 11.37
N MET B 169 -7.92 -42.91 10.63
CA MET B 169 -8.50 -41.69 10.07
C MET B 169 -8.78 -40.67 11.18
N TRP B 170 -9.28 -41.14 12.33
CA TRP B 170 -9.56 -40.24 13.44
C TRP B 170 -8.31 -39.49 13.85
N ARG B 171 -7.32 -40.22 14.36
CA ARG B 171 -6.03 -39.64 14.71
C ARG B 171 -5.52 -38.72 13.61
N ALA B 172 -5.74 -39.09 12.35
CA ALA B 172 -5.28 -38.25 11.26
C ALA B 172 -6.00 -36.91 11.26
N PHE B 173 -7.30 -36.90 11.58
CA PHE B 173 -8.05 -35.65 11.65
C PHE B 173 -7.39 -34.68 12.62
N GLU B 174 -7.22 -35.09 13.87
CA GLU B 174 -6.91 -34.14 14.92
C GLU B 174 -5.47 -33.66 14.85
N ASN B 175 -4.69 -34.33 14.01
CA ASN B 175 -3.31 -33.92 13.76
C ASN B 175 -2.99 -34.22 12.32
N PRO B 176 -2.84 -33.20 11.50
CA PRO B 176 -2.42 -33.40 10.11
C PRO B 176 -1.04 -34.03 10.05
N HIS B 177 -0.13 -33.58 10.90
CA HIS B 177 1.24 -34.07 10.91
C HIS B 177 1.35 -35.54 11.29
N THR B 178 0.24 -36.19 11.64
CA THR B 178 0.27 -37.63 11.91
C THR B 178 0.91 -38.37 10.75
N SER B 179 0.28 -38.33 9.58
CA SER B 179 0.84 -38.92 8.37
C SER B 179 0.80 -37.87 7.27
N THR B 180 1.08 -38.31 6.06
CA THR B 180 1.07 -37.41 4.92
C THR B 180 -0.32 -37.25 4.31
N LEU B 181 -1.14 -38.29 4.34
CA LEU B 181 -2.48 -38.16 3.79
C LEU B 181 -3.35 -37.28 4.68
N ALA B 182 -3.11 -37.32 5.99
CA ALA B 182 -3.76 -36.36 6.87
C ALA B 182 -3.38 -34.94 6.50
N LEU B 183 -2.09 -34.72 6.22
CA LEU B 183 -1.63 -33.41 5.80
C LEU B 183 -2.33 -32.97 4.52
N VAL B 184 -2.42 -33.88 3.54
CA VAL B 184 -3.02 -33.48 2.28
C VAL B 184 -4.50 -33.25 2.44
N PHE B 185 -5.17 -34.00 3.30
CA PHE B 185 -6.59 -33.78 3.53
C PHE B 185 -6.82 -32.44 4.20
N TYR B 186 -6.05 -32.14 5.25
CA TYR B 186 -6.12 -30.83 5.87
C TYR B 186 -5.92 -29.73 4.85
N TYR B 187 -4.81 -29.78 4.12
CA TYR B 187 -4.53 -28.79 3.10
C TYR B 187 -5.67 -28.63 2.12
N VAL B 188 -6.15 -29.71 1.54
CA VAL B 188 -7.15 -29.64 0.49
C VAL B 188 -8.48 -29.10 0.99
N THR B 189 -8.91 -29.48 2.20
CA THR B 189 -10.12 -28.87 2.71
C THR B 189 -9.90 -27.43 3.13
N GLY B 190 -8.65 -27.06 3.43
CA GLY B 190 -8.37 -25.70 3.79
C GLY B 190 -8.31 -24.74 2.63
N PHE B 191 -8.77 -25.17 1.45
CA PHE B 191 -8.63 -24.34 0.27
C PHE B 191 -9.98 -24.05 -0.37
N PHE B 192 -10.84 -25.04 -0.42
CA PHE B 192 -12.17 -24.83 -0.95
C PHE B 192 -13.00 -23.90 -0.10
N ILE B 193 -12.67 -23.77 1.18
CA ILE B 193 -13.28 -22.72 1.99
C ILE B 193 -12.97 -21.36 1.39
N ALA B 194 -11.69 -21.13 1.08
CA ALA B 194 -11.31 -19.88 0.43
C ALA B 194 -12.02 -19.72 -0.90
N VAL B 195 -12.05 -20.80 -1.68
CA VAL B 195 -12.76 -20.76 -2.96
C VAL B 195 -14.20 -20.30 -2.76
N SER B 196 -14.90 -20.93 -1.83
CA SER B 196 -16.32 -20.66 -1.68
C SER B 196 -16.56 -19.25 -1.17
N VAL B 197 -15.72 -18.77 -0.25
CA VAL B 197 -15.93 -17.42 0.25
C VAL B 197 -15.63 -16.40 -0.84
N ILE B 198 -14.53 -16.61 -1.58
CA ILE B 198 -14.17 -15.69 -2.65
C ILE B 198 -15.29 -15.62 -3.67
N THR B 199 -15.87 -16.77 -4.02
CA THR B 199 -16.90 -16.74 -5.03
C THR B 199 -18.19 -16.14 -4.48
N ASN B 200 -18.48 -16.34 -3.19
CA ASN B 200 -19.61 -15.66 -2.59
C ASN B 200 -19.41 -14.16 -2.61
N VAL B 201 -18.16 -13.70 -2.60
CA VAL B 201 -17.90 -12.28 -2.80
C VAL B 201 -18.15 -11.89 -4.24
N VAL B 202 -17.47 -12.57 -5.17
CA VAL B 202 -17.52 -12.21 -6.57
C VAL B 202 -18.95 -12.23 -7.10
N GLU B 203 -19.81 -13.06 -6.52
CA GLU B 203 -21.21 -13.12 -6.94
C GLU B 203 -21.90 -11.77 -6.91
N THR B 204 -21.24 -10.75 -6.38
CA THR B 204 -21.83 -9.44 -6.26
C THR B 204 -21.17 -8.40 -7.14
N VAL B 205 -19.88 -8.54 -7.43
CA VAL B 205 -19.15 -7.52 -8.16
C VAL B 205 -19.73 -7.36 -9.56
N PRO B 206 -20.20 -6.18 -9.92
CA PRO B 206 -20.69 -5.98 -11.29
C PRO B 206 -19.54 -5.75 -12.26
N CYS B 207 -19.24 -6.74 -13.09
CA CYS B 207 -18.15 -6.64 -14.05
C CYS B 207 -18.53 -7.42 -15.30
N GLY B 208 -18.23 -6.83 -16.46
CA GLY B 208 -18.71 -7.36 -17.72
C GLY B 208 -19.82 -6.48 -18.28
N THR B 209 -19.46 -5.64 -19.26
CA THR B 209 -20.31 -4.54 -19.68
C THR B 209 -21.73 -4.95 -20.03
N VAL B 210 -21.92 -6.10 -20.66
CA VAL B 210 -23.23 -6.53 -21.17
C VAL B 210 -23.78 -5.40 -22.02
N PRO B 211 -23.25 -5.19 -23.23
CA PRO B 211 -23.62 -4.00 -24.01
C PRO B 211 -25.07 -3.96 -24.42
N GLY B 212 -25.77 -5.09 -24.31
CA GLY B 212 -27.16 -5.15 -24.74
C GLY B 212 -28.13 -4.55 -23.75
N SER B 213 -27.80 -4.62 -22.47
CA SER B 213 -28.68 -4.16 -21.41
C SER B 213 -27.84 -3.49 -20.33
N LYS B 214 -28.42 -3.30 -19.16
CA LYS B 214 -27.66 -2.84 -18.02
C LYS B 214 -26.56 -3.85 -17.69
N GLU B 215 -25.64 -3.44 -16.83
CA GLU B 215 -24.52 -4.28 -16.47
C GLU B 215 -24.91 -5.27 -15.37
N LEU B 216 -24.73 -6.55 -15.66
CA LEU B 216 -25.13 -7.61 -14.76
C LEU B 216 -24.07 -7.85 -13.68
N PRO B 217 -24.51 -8.21 -12.48
CA PRO B 217 -23.56 -8.78 -11.51
C PRO B 217 -23.02 -10.09 -12.04
N CYS B 218 -21.71 -10.27 -11.91
CA CYS B 218 -21.08 -11.50 -12.40
C CYS B 218 -21.78 -12.73 -11.85
N GLY B 219 -22.48 -12.61 -10.72
CA GLY B 219 -23.11 -13.76 -10.11
C GLY B 219 -24.14 -14.42 -10.99
N GLU B 220 -25.13 -13.66 -11.46
CA GLU B 220 -26.18 -14.21 -12.30
C GLU B 220 -25.86 -14.18 -13.78
N ARG B 221 -24.88 -13.38 -14.18
CA ARG B 221 -24.39 -13.43 -15.56
C ARG B 221 -23.86 -14.81 -15.89
N TYR B 222 -22.81 -15.25 -15.22
CA TYR B 222 -22.25 -16.57 -15.45
C TYR B 222 -22.88 -17.57 -14.48
N SER B 223 -24.22 -17.55 -14.45
CA SER B 223 -24.96 -18.21 -13.36
C SER B 223 -24.50 -19.64 -13.15
N VAL B 224 -24.32 -20.38 -14.24
CA VAL B 224 -23.96 -21.79 -14.13
C VAL B 224 -22.53 -21.96 -13.61
N ALA B 225 -21.64 -21.01 -13.91
CA ALA B 225 -20.26 -21.15 -13.48
C ALA B 225 -20.14 -21.10 -11.96
N PHE B 226 -20.54 -19.97 -11.37
CA PHE B 226 -20.56 -19.89 -9.92
C PHE B 226 -21.44 -20.95 -9.32
N PHE B 227 -22.53 -21.30 -10.00
CA PHE B 227 -23.39 -22.38 -9.53
C PHE B 227 -22.60 -23.65 -9.31
N CYS B 228 -21.94 -24.14 -10.36
CA CYS B 228 -21.25 -25.42 -10.28
C CYS B 228 -20.06 -25.35 -9.33
N LEU B 229 -19.39 -24.20 -9.26
CA LEU B 229 -18.30 -24.08 -8.30
C LEU B 229 -18.81 -24.18 -6.87
N ASP B 230 -19.89 -23.46 -6.57
CA ASP B 230 -20.53 -23.55 -5.26
C ASP B 230 -20.90 -25.00 -4.95
N THR B 231 -21.47 -25.70 -5.94
CA THR B 231 -21.86 -27.08 -5.72
C THR B 231 -20.64 -27.94 -5.39
N ALA B 232 -19.56 -27.78 -6.15
CA ALA B 232 -18.35 -28.54 -5.87
C ALA B 232 -17.86 -28.31 -4.45
N CYS B 233 -17.84 -27.05 -4.02
CA CYS B 233 -17.38 -26.75 -2.66
C CYS B 233 -18.29 -27.38 -1.62
N VAL B 234 -19.61 -27.24 -1.76
CA VAL B 234 -20.54 -27.86 -0.83
C VAL B 234 -20.27 -29.35 -0.75
N MET B 235 -20.08 -29.98 -1.92
CA MET B 235 -19.81 -31.40 -1.97
C MET B 235 -18.57 -31.76 -1.15
N ILE B 236 -17.46 -31.07 -1.41
CA ILE B 236 -16.23 -31.38 -0.70
C ILE B 236 -16.42 -31.25 0.80
N PHE B 237 -17.11 -30.18 1.22
CA PHE B 237 -17.27 -29.96 2.64
C PHE B 237 -18.10 -31.06 3.28
N THR B 238 -19.14 -31.52 2.58
CA THR B 238 -19.93 -32.62 3.10
C THR B 238 -19.11 -33.90 3.19
N VAL B 239 -18.32 -34.19 2.15
CA VAL B 239 -17.46 -35.37 2.17
C VAL B 239 -16.57 -35.34 3.39
N GLU B 240 -15.90 -34.22 3.62
CA GLU B 240 -15.09 -34.08 4.81
C GLU B 240 -15.93 -34.34 6.06
N TYR B 241 -16.94 -33.50 6.29
CA TYR B 241 -17.66 -33.50 7.55
C TYR B 241 -18.19 -34.88 7.92
N LEU B 242 -18.69 -35.62 6.92
CA LEU B 242 -19.29 -36.91 7.22
C LEU B 242 -18.25 -37.88 7.77
N LEU B 243 -17.15 -38.08 7.05
CA LEU B 243 -16.16 -39.02 7.53
C LEU B 243 -15.51 -38.55 8.82
N ARG B 244 -15.41 -37.22 9.02
CA ARG B 244 -15.02 -36.73 10.33
C ARG B 244 -16.00 -37.21 11.39
N LEU B 245 -17.29 -37.16 11.07
CA LEU B 245 -18.31 -37.63 12.01
C LEU B 245 -18.17 -39.12 12.27
N PHE B 246 -17.72 -39.88 11.27
CA PHE B 246 -17.69 -41.33 11.41
C PHE B 246 -16.66 -41.80 12.44
N ALA B 247 -15.44 -41.29 12.37
CA ALA B 247 -14.38 -41.75 13.25
C ALA B 247 -14.52 -41.20 14.67
N ALA B 248 -15.56 -40.42 14.93
CA ALA B 248 -15.75 -39.81 16.24
C ALA B 248 -16.11 -40.88 17.27
N PRO B 249 -15.34 -40.98 18.35
CA PRO B 249 -15.72 -41.88 19.44
C PRO B 249 -17.10 -41.56 19.98
N SER B 250 -17.31 -40.32 20.42
CA SER B 250 -18.61 -39.88 20.92
C SER B 250 -19.30 -39.10 19.81
N ARG B 251 -19.92 -39.82 18.88
CA ARG B 251 -20.59 -39.21 17.75
C ARG B 251 -21.78 -38.37 18.21
N TYR B 252 -22.07 -38.39 19.51
CA TYR B 252 -23.01 -37.42 20.06
C TYR B 252 -22.31 -36.14 20.49
N ARG B 253 -21.33 -36.24 21.39
CA ARG B 253 -20.59 -35.05 21.78
C ARG B 253 -19.96 -34.37 20.58
N PHE B 254 -19.53 -35.16 19.59
CA PHE B 254 -19.08 -34.59 18.33
C PHE B 254 -20.15 -33.71 17.69
N ILE B 255 -21.42 -33.95 17.97
CA ILE B 255 -22.46 -33.09 17.42
C ILE B 255 -22.58 -31.81 18.22
N ARG B 256 -22.56 -31.88 19.55
CA ARG B 256 -22.60 -30.67 20.34
C ARG B 256 -21.27 -29.93 20.30
N SER B 257 -20.27 -30.46 19.61
CA SER B 257 -19.04 -29.73 19.37
C SER B 257 -19.35 -28.48 18.56
N VAL B 258 -18.51 -27.46 18.75
CA VAL B 258 -18.75 -26.19 18.07
C VAL B 258 -18.57 -26.32 16.57
N MET B 259 -17.44 -26.86 16.13
CA MET B 259 -17.17 -26.98 14.70
C MET B 259 -18.22 -27.78 13.97
N SER B 260 -18.86 -28.75 14.62
CA SER B 260 -19.97 -29.46 13.99
C SER B 260 -21.08 -28.49 13.62
N ILE B 261 -21.48 -27.64 14.57
CA ILE B 261 -22.51 -26.65 14.30
C ILE B 261 -22.10 -25.77 13.13
N ILE B 262 -20.85 -25.32 13.13
CA ILE B 262 -20.34 -24.50 12.04
C ILE B 262 -20.54 -25.21 10.71
N ASP B 263 -20.05 -26.45 10.62
CA ASP B 263 -20.13 -27.17 9.35
C ASP B 263 -21.57 -27.33 8.89
N VAL B 264 -22.46 -27.73 9.80
CA VAL B 264 -23.83 -28.03 9.38
C VAL B 264 -24.54 -26.76 8.94
N VAL B 265 -24.38 -25.67 9.70
CA VAL B 265 -25.05 -24.44 9.32
C VAL B 265 -24.38 -23.77 8.13
N ALA B 266 -23.17 -24.21 7.78
CA ALA B 266 -22.54 -23.68 6.59
C ALA B 266 -23.00 -24.42 5.35
N ILE B 267 -23.22 -25.73 5.46
CA ILE B 267 -23.58 -26.51 4.27
C ILE B 267 -25.09 -26.60 4.08
N MET B 268 -25.87 -26.26 5.10
CA MET B 268 -27.32 -26.35 4.95
C MET B 268 -27.94 -25.33 4.00
N PRO B 269 -27.53 -24.04 3.98
CA PRO B 269 -28.34 -23.04 3.25
C PRO B 269 -28.35 -23.33 1.76
N TYR B 270 -27.36 -24.08 1.31
CA TYR B 270 -27.32 -24.50 -0.08
C TYR B 270 -28.40 -25.52 -0.39
N TYR B 271 -28.59 -26.51 0.49
CA TYR B 271 -29.67 -27.47 0.31
C TYR B 271 -31.02 -26.79 0.44
N ILE B 272 -31.20 -26.01 1.51
CA ILE B 272 -32.48 -25.32 1.64
C ILE B 272 -32.66 -24.31 0.52
N GLY B 273 -31.57 -23.80 -0.06
CA GLY B 273 -31.70 -22.99 -1.25
C GLY B 273 -32.19 -23.75 -2.45
N LEU B 274 -31.71 -24.98 -2.64
CA LEU B 274 -32.20 -25.81 -3.73
C LEU B 274 -33.67 -26.16 -3.54
N VAL B 275 -34.04 -26.54 -2.31
CA VAL B 275 -35.44 -26.82 -2.01
C VAL B 275 -36.28 -25.57 -2.18
N MET B 276 -35.72 -24.41 -1.86
CA MET B 276 -36.44 -23.15 -1.95
C MET B 276 -35.89 -22.32 -3.09
N THR B 277 -35.62 -22.98 -4.22
CA THR B 277 -35.11 -22.32 -5.41
C THR B 277 -36.05 -21.22 -5.87
N ASN B 278 -35.58 -20.36 -6.79
CA ASN B 278 -36.31 -19.18 -7.24
C ASN B 278 -37.73 -19.52 -7.68
N ASN B 279 -38.01 -20.78 -7.96
CA ASN B 279 -39.40 -21.22 -8.17
C ASN B 279 -40.24 -20.89 -6.95
N GLU B 280 -39.72 -21.22 -5.76
CA GLU B 280 -40.36 -20.88 -4.49
C GLU B 280 -39.50 -19.78 -3.87
N ASP B 281 -39.89 -18.53 -4.10
CA ASP B 281 -39.02 -17.42 -3.74
C ASP B 281 -39.84 -16.21 -3.33
N VAL B 282 -39.35 -15.51 -2.32
CA VAL B 282 -39.83 -14.18 -1.95
C VAL B 282 -38.63 -13.36 -1.54
N SER B 283 -38.72 -12.04 -1.74
CA SER B 283 -37.56 -11.18 -1.56
C SER B 283 -37.06 -11.15 -0.12
N GLY B 284 -37.95 -10.87 0.84
CA GLY B 284 -37.53 -10.65 2.20
C GLY B 284 -37.23 -11.90 3.00
N ALA B 285 -37.08 -13.04 2.32
CA ALA B 285 -36.78 -14.29 3.03
C ALA B 285 -35.71 -15.14 2.39
N PHE B 286 -35.17 -14.78 1.22
CA PHE B 286 -34.06 -15.54 0.66
C PHE B 286 -32.73 -14.88 0.86
N VAL B 287 -32.68 -13.57 1.08
CA VAL B 287 -31.41 -12.94 1.42
C VAL B 287 -30.90 -13.47 2.74
N THR B 288 -31.81 -13.77 3.67
CA THR B 288 -31.39 -14.27 4.97
C THR B 288 -30.80 -15.67 4.88
N LEU B 289 -30.87 -16.30 3.71
CA LEU B 289 -30.12 -17.52 3.48
C LEU B 289 -28.97 -17.33 2.51
N ARG B 290 -29.03 -16.28 1.69
CA ARG B 290 -27.83 -15.85 0.98
C ARG B 290 -26.72 -15.50 1.97
N VAL B 291 -27.11 -14.99 3.14
CA VAL B 291 -26.13 -14.49 4.10
C VAL B 291 -25.29 -15.62 4.66
N PHE B 292 -25.93 -16.65 5.20
CA PHE B 292 -25.23 -17.62 6.03
C PHE B 292 -24.15 -18.39 5.30
N ARG B 293 -23.94 -18.13 4.01
CA ARG B 293 -22.83 -18.78 3.32
C ARG B 293 -21.50 -18.36 3.92
N VAL B 294 -21.40 -17.13 4.43
CA VAL B 294 -20.15 -16.63 4.96
C VAL B 294 -19.64 -17.44 6.14
N PHE B 295 -20.53 -18.03 6.93
CA PHE B 295 -20.09 -18.70 8.13
C PHE B 295 -19.15 -19.86 7.84
N ARG B 296 -19.06 -20.30 6.60
CA ARG B 296 -18.06 -21.29 6.26
C ARG B 296 -16.65 -20.80 6.51
N ILE B 297 -16.44 -19.49 6.56
CA ILE B 297 -15.09 -18.98 6.70
C ILE B 297 -14.52 -19.28 8.08
N PHE B 298 -15.38 -19.45 9.08
CA PHE B 298 -14.91 -19.87 10.38
C PHE B 298 -14.11 -21.16 10.32
N LYS B 299 -14.33 -21.97 9.29
CA LYS B 299 -13.65 -23.26 9.23
C LYS B 299 -12.15 -23.12 9.13
N PHE B 300 -11.63 -21.90 9.11
CA PHE B 300 -10.20 -21.70 9.24
C PHE B 300 -9.77 -21.95 10.68
N SER B 301 -10.75 -22.00 11.59
CA SER B 301 -10.47 -22.34 12.98
C SER B 301 -9.53 -23.55 13.06
N ARG B 302 -9.83 -24.59 12.28
CA ARG B 302 -9.03 -25.81 12.32
C ARG B 302 -7.62 -25.59 11.80
N HIS B 303 -7.30 -24.40 11.31
CA HIS B 303 -6.06 -24.22 10.57
C HIS B 303 -5.10 -23.30 11.29
N SER B 304 -5.56 -22.12 11.67
CA SER B 304 -4.76 -21.16 12.42
C SER B 304 -5.21 -21.15 13.86
N GLN B 305 -4.27 -21.25 14.79
CA GLN B 305 -4.62 -21.24 16.19
C GLN B 305 -5.37 -19.99 16.58
N GLY B 306 -4.97 -18.84 16.05
CA GLY B 306 -5.48 -17.57 16.55
C GLY B 306 -6.99 -17.55 16.68
N LEU B 307 -7.70 -18.08 15.70
CA LEU B 307 -9.16 -18.13 15.80
C LEU B 307 -9.58 -18.94 17.01
N ARG B 308 -9.01 -20.14 17.17
CA ARG B 308 -9.34 -20.98 18.31
C ARG B 308 -9.03 -20.28 19.62
N ILE B 309 -7.91 -19.57 19.66
CA ILE B 309 -7.45 -18.99 20.91
C ILE B 309 -8.30 -17.80 21.27
N LEU B 310 -8.79 -17.08 20.26
CA LEU B 310 -9.77 -16.04 20.52
C LEU B 310 -11.07 -16.64 21.04
N GLY B 311 -11.49 -17.74 20.43
CA GLY B 311 -12.65 -18.44 20.96
C GLY B 311 -12.48 -18.76 22.43
N TYR B 312 -11.33 -19.33 22.79
CA TYR B 312 -11.05 -19.64 24.19
C TYR B 312 -11.11 -18.40 25.06
N THR B 313 -10.38 -17.36 24.70
CA THR B 313 -10.32 -16.17 25.53
C THR B 313 -11.66 -15.46 25.62
N LEU B 314 -12.59 -15.77 24.72
CA LEU B 314 -13.93 -15.23 24.87
C LEU B 314 -14.79 -16.16 25.71
N LYS B 315 -14.50 -17.46 25.68
CA LYS B 315 -15.09 -18.36 26.66
C LYS B 315 -14.73 -17.92 28.07
N SER B 316 -13.51 -17.44 28.26
CA SER B 316 -13.08 -17.02 29.58
C SER B 316 -13.64 -15.66 29.97
N CYS B 317 -13.42 -14.65 29.12
CA CYS B 317 -13.75 -13.27 29.46
C CYS B 317 -15.23 -12.97 29.26
N ALA B 318 -16.06 -14.00 29.27
CA ALA B 318 -17.47 -13.83 28.93
C ALA B 318 -18.21 -12.91 29.89
N SER B 319 -17.77 -12.82 31.15
CA SER B 319 -18.55 -12.05 32.11
C SER B 319 -18.43 -10.56 31.90
N GLU B 320 -17.21 -10.05 31.84
CA GLU B 320 -16.98 -8.61 31.71
C GLU B 320 -17.70 -8.06 30.49
N LEU B 321 -17.72 -8.82 29.40
CA LEU B 321 -18.46 -8.42 28.23
C LEU B 321 -19.92 -8.18 28.54
N GLY B 322 -20.52 -9.05 29.36
CA GLY B 322 -21.89 -8.82 29.75
C GLY B 322 -22.06 -7.47 30.40
N PHE B 323 -21.13 -7.11 31.29
CA PHE B 323 -21.25 -5.82 31.95
C PHE B 323 -21.03 -4.69 30.96
N LEU B 324 -20.07 -4.85 30.05
CA LEU B 324 -19.89 -3.88 28.98
C LEU B 324 -21.20 -3.64 28.26
N LEU B 325 -21.85 -4.73 27.87
CA LEU B 325 -23.10 -4.63 27.13
C LEU B 325 -24.15 -3.88 27.94
N PHE B 326 -24.32 -4.26 29.19
CA PHE B 326 -25.36 -3.63 30.00
C PHE B 326 -25.04 -2.16 30.23
N SER B 327 -23.78 -1.85 30.53
CA SER B 327 -23.37 -0.48 30.74
C SER B 327 -23.62 0.36 29.51
N LEU B 328 -23.16 -0.13 28.37
CA LEU B 328 -23.43 0.52 27.10
C LEU B 328 -24.91 0.80 26.93
N THR B 329 -25.74 -0.19 27.26
CA THR B 329 -27.17 0.02 27.15
C THR B 329 -27.62 1.20 28.01
N MET B 330 -27.22 1.19 29.27
CA MET B 330 -27.52 2.32 30.16
C MET B 330 -27.11 3.64 29.54
N ALA B 331 -25.84 3.75 29.14
CA ALA B 331 -25.37 4.99 28.57
C ALA B 331 -26.22 5.40 27.38
N ILE B 332 -26.20 4.57 26.33
CA ILE B 332 -26.97 4.84 25.12
C ILE B 332 -28.34 5.39 25.48
N ILE B 333 -29.04 4.73 26.38
CA ILE B 333 -30.38 5.19 26.74
C ILE B 333 -30.33 6.61 27.27
N ILE B 334 -29.53 6.84 28.31
CA ILE B 334 -29.61 8.12 28.99
C ILE B 334 -29.23 9.25 28.04
N PHE B 335 -28.14 9.05 27.31
CA PHE B 335 -27.64 10.11 26.45
C PHE B 335 -28.55 10.33 25.25
N ALA B 336 -29.09 9.27 24.64
CA ALA B 336 -30.03 9.48 23.57
C ALA B 336 -31.26 10.22 24.07
N THR B 337 -31.70 9.93 25.29
CA THR B 337 -32.88 10.60 25.81
C THR B 337 -32.63 12.08 25.99
N VAL B 338 -31.54 12.42 26.68
CA VAL B 338 -31.27 13.83 26.95
C VAL B 338 -30.99 14.56 25.64
N MET B 339 -30.38 13.88 24.69
CA MET B 339 -30.23 14.41 23.34
C MET B 339 -31.58 14.75 22.74
N PHE B 340 -32.45 13.74 22.59
CA PHE B 340 -33.74 13.95 21.94
C PHE B 340 -34.49 15.08 22.61
N TYR B 341 -34.77 14.95 23.90
CA TYR B 341 -35.42 16.03 24.64
C TYR B 341 -34.75 17.37 24.39
N ALA B 342 -33.43 17.38 24.24
CA ALA B 342 -32.74 18.63 23.96
C ALA B 342 -33.03 19.10 22.55
N GLU B 343 -32.67 18.29 21.55
CA GLU B 343 -32.76 18.72 20.18
C GLU B 343 -34.07 18.29 19.53
N LYS B 344 -35.15 18.25 20.31
CA LYS B 344 -36.48 18.04 19.77
C LYS B 344 -36.96 19.28 19.04
N GLY B 345 -37.09 20.39 19.76
CA GLY B 345 -37.68 21.59 19.19
C GLY B 345 -36.70 22.40 18.37
N SER B 346 -36.77 22.20 17.06
CA SER B 346 -35.90 22.89 16.12
C SER B 346 -36.53 22.78 14.74
N SER B 347 -35.97 23.53 13.79
CA SER B 347 -36.52 23.61 12.45
C SER B 347 -36.52 22.25 11.76
N ALA B 348 -35.33 21.70 11.55
CA ALA B 348 -35.16 20.48 10.78
C ALA B 348 -34.65 19.36 11.67
N SER B 349 -35.24 19.22 12.85
CA SER B 349 -34.77 18.24 13.82
C SER B 349 -34.76 16.85 13.21
N LYS B 350 -33.59 16.32 12.97
CA LYS B 350 -33.56 14.94 12.54
C LYS B 350 -33.70 14.01 13.70
N PHE B 351 -33.46 14.56 14.89
CA PHE B 351 -33.78 13.85 16.12
C PHE B 351 -35.29 13.92 16.33
N THR B 352 -35.97 12.93 15.73
CA THR B 352 -37.42 12.83 15.78
C THR B 352 -37.90 11.79 16.79
N SER B 353 -37.09 10.80 17.11
CA SER B 353 -37.54 9.72 17.96
C SER B 353 -36.36 9.23 18.80
N ILE B 354 -36.67 8.78 20.01
CA ILE B 354 -35.65 8.14 20.83
C ILE B 354 -34.93 7.05 20.06
N PRO B 355 -35.59 6.11 19.39
CA PRO B 355 -34.85 5.07 18.68
C PRO B 355 -34.12 5.57 17.46
N ALA B 356 -34.34 6.82 17.08
CA ALA B 356 -33.47 7.46 16.11
C ALA B 356 -32.24 8.06 16.76
N SER B 357 -32.37 8.56 17.99
CA SER B 357 -31.25 9.10 18.72
C SER B 357 -30.36 8.00 19.28
N PHE B 358 -30.67 6.74 19.02
CA PHE B 358 -29.71 5.70 19.37
C PHE B 358 -28.61 5.64 18.34
N TRP B 359 -28.95 5.82 17.07
CA TRP B 359 -27.94 5.83 16.04
C TRP B 359 -26.92 6.91 16.33
N TYR B 360 -27.39 8.12 16.63
CA TYR B 360 -26.47 9.21 16.93
C TYR B 360 -25.63 8.91 18.16
N THR B 361 -26.26 8.39 19.21
CA THR B 361 -25.53 8.21 20.45
C THR B 361 -24.49 7.11 20.34
N ILE B 362 -24.78 6.04 19.61
CA ILE B 362 -23.78 5.00 19.47
C ILE B 362 -22.74 5.37 18.41
N VAL B 363 -23.08 6.29 17.51
CA VAL B 363 -22.06 6.87 16.64
C VAL B 363 -21.06 7.67 17.46
N THR B 364 -21.57 8.59 18.28
CA THR B 364 -20.69 9.40 19.12
C THR B 364 -19.88 8.53 20.07
N MET B 365 -20.57 7.80 20.93
CA MET B 365 -19.90 7.11 22.03
C MET B 365 -18.88 6.10 21.56
N THR B 366 -18.72 5.93 20.26
CA THR B 366 -17.64 5.12 19.75
C THR B 366 -16.61 5.96 19.00
N THR B 367 -16.74 7.28 19.07
CA THR B 367 -15.82 8.21 18.40
C THR B 367 -15.79 7.98 16.89
N LEU B 368 -16.97 7.91 16.28
CA LEU B 368 -17.06 7.74 14.82
C LEU B 368 -17.40 9.05 14.12
N GLY B 369 -18.56 9.60 14.44
CA GLY B 369 -18.87 10.90 13.89
C GLY B 369 -19.06 10.93 12.39
N TYR B 370 -20.17 10.37 11.91
CA TYR B 370 -20.45 10.44 10.48
C TYR B 370 -20.84 11.85 10.05
N GLY B 371 -21.07 12.73 11.01
CA GLY B 371 -21.54 14.05 10.70
C GLY B 371 -22.92 14.09 10.10
N ASP B 372 -23.68 12.99 10.19
CA ASP B 372 -25.01 12.96 9.61
C ASP B 372 -26.02 13.64 10.50
N MET B 373 -26.11 13.21 11.75
CA MET B 373 -26.93 13.86 12.76
C MET B 373 -25.99 14.51 13.74
N VAL B 374 -26.04 15.82 13.83
CA VAL B 374 -25.13 16.55 14.72
C VAL B 374 -25.96 17.61 15.43
N PRO B 375 -25.88 17.70 16.75
CA PRO B 375 -26.72 18.67 17.46
C PRO B 375 -26.47 20.07 16.93
N LYS B 376 -27.48 20.92 17.08
CA LYS B 376 -27.36 22.27 16.54
C LYS B 376 -27.92 23.33 17.47
N THR B 377 -28.39 22.97 18.65
CA THR B 377 -28.70 23.97 19.65
C THR B 377 -27.51 24.10 20.59
N ILE B 378 -27.64 24.90 21.63
CA ILE B 378 -26.63 24.97 22.68
C ILE B 378 -26.59 23.70 23.50
N ALA B 379 -27.73 23.22 23.98
CA ALA B 379 -27.79 22.09 24.90
C ALA B 379 -27.50 20.78 24.22
N GLY B 380 -27.57 20.70 22.90
CA GLY B 380 -27.21 19.47 22.22
C GLY B 380 -25.72 19.22 22.25
N LYS B 381 -24.93 20.28 22.02
CA LYS B 381 -23.50 20.09 21.84
C LYS B 381 -22.83 19.62 23.12
N ILE B 382 -23.21 20.21 24.25
CA ILE B 382 -22.62 19.81 25.52
C ILE B 382 -22.76 18.31 25.72
N PHE B 383 -23.98 17.81 25.56
CA PHE B 383 -24.24 16.42 25.89
C PHE B 383 -23.67 15.48 24.84
N GLY B 384 -23.60 15.91 23.58
CA GLY B 384 -22.86 15.13 22.61
C GLY B 384 -21.41 14.99 23.00
N SER B 385 -20.78 16.09 23.39
CA SER B 385 -19.41 16.03 23.86
C SER B 385 -19.26 15.05 25.01
N ILE B 386 -19.95 15.32 26.12
CA ILE B 386 -19.87 14.45 27.30
C ILE B 386 -20.11 13.01 26.92
N CYS B 387 -21.06 12.79 26.01
CA CYS B 387 -21.33 11.46 25.51
C CYS B 387 -20.08 10.83 24.92
N SER B 388 -19.33 11.61 24.14
CA SER B 388 -18.12 11.06 23.53
C SER B 388 -17.15 10.56 24.58
N LEU B 389 -16.88 11.37 25.59
CA LEU B 389 -15.99 10.96 26.66
C LEU B 389 -16.50 9.71 27.35
N SER B 390 -17.75 9.74 27.79
CA SER B 390 -18.31 8.59 28.49
C SER B 390 -18.19 7.33 27.66
N GLY B 391 -18.30 7.45 26.34
CA GLY B 391 -18.13 6.29 25.50
C GLY B 391 -16.71 5.78 25.52
N VAL B 392 -15.75 6.69 25.32
CA VAL B 392 -14.34 6.32 25.44
C VAL B 392 -14.11 5.57 26.73
N LEU B 393 -14.74 6.03 27.81
CA LEU B 393 -14.67 5.32 29.08
C LEU B 393 -15.23 3.92 28.97
N VAL B 394 -16.55 3.83 28.73
CA VAL B 394 -17.26 2.58 28.93
C VAL B 394 -16.66 1.47 28.09
N ILE B 395 -16.24 1.80 26.86
CA ILE B 395 -15.63 0.75 26.07
C ILE B 395 -14.26 0.37 26.61
N ALA B 396 -13.64 1.23 27.41
CA ALA B 396 -12.29 0.93 27.86
C ALA B 396 -12.23 -0.13 28.95
N LEU B 397 -13.35 -0.48 29.56
CA LEU B 397 -13.32 -1.36 30.72
C LEU B 397 -12.88 -2.78 30.37
N PRO B 398 -13.46 -3.44 29.37
CA PRO B 398 -13.11 -4.84 29.15
C PRO B 398 -11.81 -5.02 28.39
N VAL B 399 -11.48 -4.09 27.52
CA VAL B 399 -10.35 -4.28 26.60
C VAL B 399 -9.05 -4.66 27.31
N PRO B 400 -8.73 -4.16 28.53
CA PRO B 400 -7.49 -4.62 29.15
C PRO B 400 -7.56 -6.09 29.52
N VAL B 401 -8.66 -6.50 30.15
CA VAL B 401 -8.74 -7.89 30.57
C VAL B 401 -8.76 -8.79 29.35
N ILE B 402 -9.38 -8.33 28.28
CA ILE B 402 -9.43 -9.13 27.06
C ILE B 402 -8.03 -9.41 26.55
N VAL B 403 -7.24 -8.36 26.33
CA VAL B 403 -5.92 -8.58 25.76
C VAL B 403 -5.03 -9.32 26.74
N SER B 404 -5.16 -9.05 28.04
CA SER B 404 -4.35 -9.76 29.01
C SER B 404 -4.64 -11.25 28.95
N ASN B 405 -5.92 -11.61 28.92
CA ASN B 405 -6.27 -13.02 28.81
C ASN B 405 -5.80 -13.61 27.50
N PHE B 406 -5.93 -12.87 26.40
CA PHE B 406 -5.48 -13.40 25.13
C PHE B 406 -4.00 -13.73 25.19
N SER B 407 -3.20 -12.76 25.62
CA SER B 407 -1.77 -12.98 25.74
C SER B 407 -1.47 -14.16 26.65
N ARG B 408 -2.12 -14.20 27.81
CA ARG B 408 -1.86 -15.26 28.76
C ARG B 408 -2.15 -16.62 28.14
N ILE B 409 -3.29 -16.73 27.46
CA ILE B 409 -3.68 -18.01 26.86
C ILE B 409 -2.73 -18.39 25.75
N TYR B 410 -2.35 -17.43 24.92
CA TYR B 410 -1.48 -17.76 23.80
C TYR B 410 -0.11 -18.21 24.30
N HIS B 411 0.49 -17.42 25.18
CA HIS B 411 1.76 -17.82 25.76
C HIS B 411 1.62 -19.10 26.56
N GLN B 412 0.42 -19.37 27.07
CA GLN B 412 0.20 -20.60 27.82
C GLN B 412 0.27 -21.80 26.90
N ASN B 413 -0.44 -21.74 25.78
CA ASN B 413 -0.30 -22.79 24.77
C ASN B 413 1.13 -22.88 24.27
N GLN B 414 1.81 -21.73 24.20
CA GLN B 414 3.21 -21.71 23.80
C GLN B 414 4.05 -22.56 24.74
N ARG B 415 4.06 -22.21 26.03
CA ARG B 415 4.84 -22.95 27.01
C ARG B 415 4.35 -24.38 27.13
N ALA B 416 3.08 -24.63 26.82
CA ALA B 416 2.57 -26.00 26.84
C ALA B 416 3.24 -26.85 25.77
N ASP B 417 3.21 -26.38 24.52
CA ASP B 417 3.88 -27.12 23.46
C ASP B 417 5.38 -27.20 23.71
N LYS B 418 5.95 -26.17 24.35
CA LYS B 418 7.38 -26.22 24.66
C LYS B 418 7.71 -27.28 25.70
N ARG B 419 6.93 -27.36 26.76
CA ARG B 419 7.13 -28.42 27.75
C ARG B 419 6.87 -29.78 27.14
N ARG B 420 5.91 -29.86 26.20
CA ARG B 420 5.69 -31.12 25.50
C ARG B 420 6.91 -31.52 24.70
N ALA B 421 7.49 -30.59 23.95
CA ALA B 421 8.68 -30.87 23.18
C ALA B 421 9.86 -31.24 24.08
N GLN B 422 9.94 -30.60 25.24
CA GLN B 422 11.00 -30.93 26.18
C GLN B 422 10.81 -32.34 26.75
N LYS B 423 9.56 -32.73 27.00
CA LYS B 423 9.31 -34.11 27.42
C LYS B 423 9.67 -35.09 26.33
N LYS B 424 9.33 -34.77 25.09
CA LYS B 424 9.71 -35.61 23.96
C LYS B 424 11.23 -35.68 23.78
N ALA B 425 11.95 -34.65 24.22
CA ALA B 425 13.41 -34.71 24.22
C ALA B 425 13.91 -35.85 25.09
N ARG B 426 13.12 -36.23 26.09
CA ARG B 426 13.44 -37.39 26.91
C ARG B 426 12.80 -38.65 26.32
N SER B 470 28.53 -54.75 42.01
CA SER B 470 27.53 -53.70 42.23
C SER B 470 26.69 -54.00 43.47
N LEU B 471 26.79 -55.24 43.93
CA LEU B 471 26.13 -55.77 45.12
C LEU B 471 24.62 -55.60 45.11
N ILE B 472 24.05 -55.13 44.00
CA ILE B 472 22.61 -55.03 43.81
C ILE B 472 22.17 -55.72 42.53
N GLU B 473 22.88 -55.43 41.43
CA GLU B 473 22.58 -56.10 40.17
C GLU B 473 22.89 -57.59 40.24
N SER B 474 23.82 -57.98 41.13
CA SER B 474 23.93 -59.38 41.49
C SER B 474 22.74 -59.82 42.33
N GLN B 475 22.39 -59.01 43.32
CA GLN B 475 21.22 -59.28 44.15
C GLN B 475 19.93 -59.18 43.35
N HIS B 476 19.96 -58.47 42.23
CA HIS B 476 18.81 -58.46 41.32
C HIS B 476 18.82 -59.67 40.41
N HIS B 477 19.97 -59.96 39.78
CA HIS B 477 20.07 -61.06 38.85
C HIS B 477 19.85 -62.40 39.51
N HIS B 478 20.02 -62.49 40.84
CA HIS B 478 19.51 -63.67 41.54
C HIS B 478 18.04 -63.88 41.21
N LEU B 479 17.21 -62.88 41.47
CA LEU B 479 15.78 -62.99 41.16
C LEU B 479 15.55 -63.08 39.66
N LEU B 480 16.46 -62.55 38.86
CA LEU B 480 16.35 -62.68 37.41
C LEU B 480 16.40 -64.14 36.98
N HIS B 481 17.48 -64.83 37.33
CA HIS B 481 17.59 -66.25 37.00
C HIS B 481 16.61 -67.08 37.82
N CYS B 482 16.11 -66.51 38.91
CA CYS B 482 15.07 -67.15 39.71
C CYS B 482 13.69 -66.97 39.07
N LEU B 483 13.58 -66.10 38.06
CA LEU B 483 12.45 -66.16 37.16
C LEU B 483 12.58 -67.30 36.17
N GLU B 484 13.81 -67.62 35.78
CA GLU B 484 14.09 -68.80 34.98
C GLU B 484 13.86 -70.10 35.76
N LYS B 485 13.37 -70.00 36.99
CA LYS B 485 12.91 -71.19 37.71
C LYS B 485 11.90 -71.96 36.90
N THR B 486 11.03 -71.26 36.18
CA THR B 486 10.25 -71.88 35.11
C THR B 486 10.95 -71.69 33.77
N THR B 487 10.78 -72.66 32.89
CA THR B 487 11.47 -72.63 31.61
C THR B 487 10.51 -72.86 30.45
N GLY C 50 2.85 -48.71 67.90
CA GLY C 50 4.23 -48.26 68.00
C GLY C 50 5.23 -49.34 67.64
N LEU C 51 6.49 -48.95 67.51
CA LEU C 51 7.54 -49.90 67.18
C LEU C 51 7.65 -50.99 68.24
N GLU C 52 7.32 -50.66 69.49
CA GLU C 52 7.39 -51.65 70.56
C GLU C 52 6.33 -52.72 70.42
N GLN C 53 5.08 -52.33 70.15
CA GLN C 53 3.99 -53.30 70.03
C GLN C 53 4.06 -54.08 68.73
N LEU C 54 4.97 -53.74 67.82
CA LEU C 54 5.19 -54.53 66.61
C LEU C 54 6.46 -55.36 66.65
N GLU C 55 7.48 -54.89 67.38
CA GLU C 55 8.73 -55.63 67.45
C GLU C 55 8.52 -57.03 68.02
N ALA C 56 7.61 -57.16 68.97
CA ALA C 56 7.28 -58.45 69.57
C ALA C 56 6.50 -59.36 68.62
N GLN C 57 6.28 -58.94 67.38
CA GLN C 57 5.55 -59.73 66.40
C GLN C 57 6.43 -60.17 65.23
N THR C 58 7.13 -59.24 64.60
CA THR C 58 7.98 -59.57 63.47
C THR C 58 9.23 -60.30 63.94
N ASN C 59 9.95 -60.87 62.97
CA ASN C 59 11.29 -61.38 63.26
C ASN C 59 12.35 -60.29 63.24
N PHE C 60 12.03 -59.13 62.67
CA PHE C 60 13.03 -58.07 62.54
C PHE C 60 13.19 -57.32 63.86
N THR C 61 14.36 -56.72 64.04
CA THR C 61 14.70 -56.05 65.27
C THR C 61 14.52 -54.53 65.09
N LYS C 62 14.72 -53.77 66.18
CA LYS C 62 14.43 -52.34 66.21
C LYS C 62 15.10 -51.60 65.06
N ARG C 63 16.42 -51.71 64.95
CA ARG C 63 17.12 -51.05 63.85
C ARG C 63 16.67 -51.63 62.51
N GLU C 64 16.55 -52.96 62.44
CA GLU C 64 16.04 -53.61 61.24
C GLU C 64 14.62 -53.20 60.91
N LEU C 65 13.86 -52.68 61.88
CA LEU C 65 12.50 -52.26 61.62
C LEU C 65 12.43 -50.79 61.22
N GLN C 66 13.20 -49.93 61.88
CA GLN C 66 13.26 -48.53 61.46
C GLN C 66 13.86 -48.41 60.06
N VAL C 67 14.83 -49.27 59.75
CA VAL C 67 15.51 -49.21 58.46
C VAL C 67 14.59 -49.56 57.30
N LEU C 68 13.44 -50.17 57.57
CA LEU C 68 12.43 -50.38 56.56
C LEU C 68 11.22 -49.47 56.70
N TYR C 69 10.91 -49.02 57.93
CA TYR C 69 9.89 -47.99 58.10
C TYR C 69 10.26 -46.74 57.33
N ARG C 70 11.55 -46.41 57.32
CA ARG C 70 12.02 -45.24 56.58
C ARG C 70 11.74 -45.39 55.09
N GLY C 71 12.17 -46.51 54.51
CA GLY C 71 11.94 -46.73 53.09
C GLY C 71 10.46 -46.83 52.75
N PHE C 72 9.66 -47.33 53.69
CA PHE C 72 8.21 -47.38 53.50
C PHE C 72 7.64 -45.97 53.43
N LYS C 73 7.82 -45.19 54.49
CA LYS C 73 7.16 -43.90 54.59
C LYS C 73 7.76 -42.88 53.63
N ASN C 74 8.93 -43.17 53.06
CA ASN C 74 9.51 -42.22 52.11
C ASN C 74 8.71 -42.16 50.81
N GLU C 75 8.63 -43.27 50.07
CA GLU C 75 8.01 -43.27 48.75
C GLU C 75 6.50 -43.24 48.81
N CYS C 76 5.89 -43.80 49.85
CA CYS C 76 4.45 -43.70 50.06
C CYS C 76 4.22 -42.91 51.34
N PRO C 77 3.38 -41.88 51.34
CA PRO C 77 3.21 -41.07 52.55
C PRO C 77 2.34 -41.75 53.60
N SER C 78 2.56 -43.05 53.80
CA SER C 78 1.89 -43.86 54.81
C SER C 78 0.42 -43.50 54.96
N GLY C 79 -0.23 -43.25 53.82
CA GLY C 79 -1.68 -43.19 53.85
C GLY C 79 -2.14 -44.59 54.18
N VAL C 80 -1.87 -45.50 53.22
CA VAL C 80 -1.66 -46.94 53.38
C VAL C 80 -1.42 -47.45 51.97
N VAL C 81 -0.46 -48.38 51.81
CA VAL C 81 -0.11 -48.83 50.47
C VAL C 81 -1.31 -49.47 49.80
N ASN C 82 -1.52 -49.13 48.53
CA ASN C 82 -2.55 -49.73 47.70
C ASN C 82 -1.90 -50.50 46.56
N GLU C 83 -2.73 -51.17 45.78
CA GLU C 83 -2.24 -51.93 44.64
C GLU C 83 -1.37 -51.05 43.74
N ASP C 84 -1.82 -49.83 43.49
CA ASP C 84 -1.15 -48.91 42.57
C ASP C 84 0.33 -48.72 42.92
N THR C 85 0.70 -48.82 44.18
CA THR C 85 2.11 -48.84 44.54
C THR C 85 2.81 -50.11 44.08
N PHE C 86 2.20 -51.27 44.35
CA PHE C 86 2.84 -52.54 44.01
C PHE C 86 2.96 -52.70 42.50
N LYS C 87 1.84 -52.58 41.78
CA LYS C 87 1.75 -52.89 40.37
C LYS C 87 2.86 -52.28 39.53
N GLN C 88 3.47 -51.18 39.98
CA GLN C 88 4.64 -50.62 39.31
C GLN C 88 5.91 -50.77 40.12
N ILE C 89 5.87 -50.58 41.44
CA ILE C 89 7.02 -50.87 42.29
C ILE C 89 7.44 -52.32 42.12
N TYR C 90 6.47 -53.23 42.08
CA TYR C 90 6.77 -54.62 41.79
C TYR C 90 7.10 -54.81 40.31
N ALA C 91 6.57 -53.94 39.44
CA ALA C 91 6.93 -54.00 38.04
C ALA C 91 8.29 -53.37 37.78
N GLN C 92 8.65 -52.33 38.54
CA GLN C 92 9.94 -51.68 38.33
C GLN C 92 11.11 -52.62 38.59
N PHE C 93 10.92 -53.64 39.43
CA PHE C 93 11.88 -54.73 39.53
C PHE C 93 11.71 -55.76 38.42
N PHE C 94 10.63 -55.67 37.65
CA PHE C 94 10.26 -56.67 36.66
C PHE C 94 10.19 -56.06 35.27
N PRO C 95 11.33 -55.81 34.62
CA PRO C 95 11.31 -55.49 33.19
C PRO C 95 10.95 -56.74 32.40
N HIS C 96 10.67 -56.57 31.11
CA HIS C 96 10.33 -57.68 30.21
C HIS C 96 9.38 -58.67 30.88
N GLY C 97 8.19 -58.18 31.21
CA GLY C 97 7.18 -59.02 31.83
C GLY C 97 6.15 -58.15 32.52
N ASP C 98 4.96 -58.71 32.66
CA ASP C 98 3.83 -58.01 33.26
C ASP C 98 3.68 -58.45 34.71
N ALA C 99 3.85 -57.49 35.63
CA ALA C 99 3.85 -57.78 37.05
C ALA C 99 2.56 -57.40 37.76
N SER C 100 1.70 -56.59 37.14
CA SER C 100 0.50 -56.12 37.82
C SER C 100 -0.45 -57.27 38.12
N THR C 101 -0.60 -58.20 37.16
CA THR C 101 -1.54 -59.30 37.32
C THR C 101 -1.22 -60.15 38.55
N TYR C 102 0.01 -60.62 38.71
CA TYR C 102 0.35 -61.36 39.90
C TYR C 102 0.34 -60.47 41.14
N ALA C 103 0.81 -59.23 41.00
CA ALA C 103 0.82 -58.31 42.14
C ALA C 103 -0.55 -58.17 42.77
N HIS C 104 -1.60 -58.20 41.95
CA HIS C 104 -2.93 -58.07 42.55
C HIS C 104 -3.31 -59.25 43.39
N TYR C 105 -2.84 -60.47 43.12
CA TYR C 105 -3.14 -61.60 43.99
C TYR C 105 -2.48 -61.47 45.35
N LEU C 106 -1.16 -61.38 45.39
CA LEU C 106 -0.48 -61.25 46.67
C LEU C 106 -0.72 -59.90 47.32
N PHE C 107 -1.39 -58.95 46.66
CA PHE C 107 -1.85 -57.80 47.42
C PHE C 107 -2.95 -58.20 48.40
N ASN C 108 -4.08 -58.69 47.88
CA ASN C 108 -5.14 -59.16 48.76
C ASN C 108 -4.68 -60.29 49.66
N ALA C 109 -3.65 -61.02 49.26
CA ALA C 109 -3.01 -61.95 50.21
C ALA C 109 -2.37 -61.17 51.36
N PHE C 110 -1.42 -60.29 51.03
CA PHE C 110 -0.85 -59.41 52.04
C PHE C 110 -1.91 -58.56 52.70
N ASP C 111 -2.88 -58.08 51.91
CA ASP C 111 -3.99 -57.31 52.45
C ASP C 111 -4.92 -58.25 53.21
N THR C 112 -4.53 -58.63 54.43
CA THR C 112 -5.29 -59.62 55.17
C THR C 112 -6.69 -59.12 55.49
N THR C 113 -6.82 -57.84 55.83
CA THR C 113 -8.14 -57.29 56.06
C THR C 113 -8.93 -57.24 54.76
N GLN C 114 -10.25 -57.09 54.88
CA GLN C 114 -11.15 -57.15 53.74
C GLN C 114 -11.25 -55.83 53.00
N THR C 115 -10.49 -54.82 53.45
CA THR C 115 -10.47 -53.52 52.78
C THR C 115 -9.52 -53.63 51.59
N GLY C 116 -9.38 -52.54 50.83
CA GLY C 116 -8.49 -52.50 49.69
C GLY C 116 -7.09 -52.04 49.97
N SER C 117 -6.78 -51.71 51.24
CA SER C 117 -5.44 -51.32 51.66
C SER C 117 -5.37 -51.40 53.18
N VAL C 118 -4.43 -52.16 53.73
CA VAL C 118 -4.52 -52.48 55.16
C VAL C 118 -3.73 -51.52 56.05
N LYS C 119 -2.39 -51.56 55.97
CA LYS C 119 -1.56 -50.79 56.90
C LYS C 119 -0.08 -50.99 56.61
N PHE C 120 0.76 -50.29 57.38
CA PHE C 120 2.18 -50.60 57.47
C PHE C 120 2.44 -51.76 58.42
N GLU C 121 1.68 -51.87 59.50
CA GLU C 121 1.95 -52.87 60.52
C GLU C 121 1.70 -54.27 59.99
N ASP C 122 0.47 -54.55 59.58
CA ASP C 122 0.15 -55.87 59.05
C ASP C 122 0.96 -56.21 57.81
N PHE C 123 1.54 -55.22 57.15
CA PHE C 123 2.47 -55.46 56.03
C PHE C 123 3.71 -56.19 56.52
N VAL C 124 4.34 -55.69 57.59
CA VAL C 124 5.55 -56.31 58.08
C VAL C 124 5.22 -57.57 58.87
N THR C 125 4.03 -57.66 59.48
CA THR C 125 3.63 -58.89 60.13
C THR C 125 3.66 -60.07 59.18
N ALA C 126 3.52 -59.83 57.87
CA ALA C 126 3.62 -60.87 56.87
C ALA C 126 4.99 -60.92 56.20
N LEU C 127 5.60 -59.76 55.93
CA LEU C 127 6.97 -59.74 55.42
C LEU C 127 7.91 -60.52 56.31
N SER C 128 7.78 -60.36 57.63
CA SER C 128 8.70 -61.00 58.57
C SER C 128 8.59 -62.51 58.51
N ILE C 129 7.38 -63.04 58.37
CA ILE C 129 7.21 -64.48 58.32
C ILE C 129 7.57 -65.01 56.95
N LEU C 130 7.35 -64.22 55.90
CA LEU C 130 7.75 -64.63 54.56
C LEU C 130 9.26 -64.66 54.42
N LEU C 131 9.96 -63.85 55.21
CA LEU C 131 11.41 -63.76 55.10
C LEU C 131 12.08 -64.72 56.07
N ARG C 132 11.84 -64.54 57.37
CA ARG C 132 12.53 -65.28 58.42
C ARG C 132 11.57 -66.13 59.25
N GLY C 133 10.32 -66.24 58.82
CA GLY C 133 9.34 -67.06 59.52
C GLY C 133 9.51 -68.54 59.25
N THR C 134 8.76 -69.34 59.99
CA THR C 134 8.89 -70.78 59.90
C THR C 134 8.29 -71.30 58.60
N VAL C 135 8.74 -72.49 58.21
CA VAL C 135 8.23 -73.13 57.00
C VAL C 135 6.73 -73.37 57.10
N HIS C 136 6.27 -73.85 58.26
CA HIS C 136 4.86 -74.18 58.43
C HIS C 136 3.95 -72.97 58.24
N GLU C 137 4.45 -71.77 58.52
CA GLU C 137 3.68 -70.55 58.31
C GLU C 137 3.83 -70.00 56.90
N LYS C 138 5.02 -70.12 56.31
CA LYS C 138 5.21 -69.69 54.93
C LYS C 138 4.33 -70.52 53.99
N LEU C 139 4.24 -71.83 54.23
CA LEU C 139 3.40 -72.67 53.39
C LEU C 139 1.92 -72.33 53.56
N ARG C 140 1.49 -72.06 54.79
CA ARG C 140 0.11 -71.62 55.01
C ARG C 140 -0.18 -70.35 54.24
N TRP C 141 0.74 -69.38 54.32
CA TRP C 141 0.55 -68.12 53.61
C TRP C 141 0.48 -68.33 52.11
N THR C 142 1.39 -69.12 51.54
CA THR C 142 1.41 -69.27 50.09
C THR C 142 0.21 -70.09 49.61
N PHE C 143 -0.32 -70.96 50.46
CA PHE C 143 -1.53 -71.68 50.08
C PHE C 143 -2.73 -70.76 50.09
N ASN C 144 -2.87 -69.93 51.14
CA ASN C 144 -3.90 -68.91 51.14
C ASN C 144 -3.76 -67.99 49.94
N LEU C 145 -2.52 -67.75 49.51
CA LEU C 145 -2.28 -67.01 48.28
C LEU C 145 -2.85 -67.74 47.07
N TYR C 146 -2.51 -69.02 46.92
CA TYR C 146 -2.99 -69.80 45.79
C TYR C 146 -4.51 -69.84 45.74
N ASP C 147 -5.15 -69.72 46.90
CA ASP C 147 -6.62 -69.78 47.01
C ASP C 147 -7.18 -68.47 46.47
N ILE C 148 -7.86 -68.58 45.32
CA ILE C 148 -8.41 -67.39 44.66
C ILE C 148 -9.87 -67.20 45.07
N ASN C 149 -10.58 -68.29 45.37
CA ASN C 149 -12.00 -68.22 45.65
C ASN C 149 -12.32 -67.87 47.10
N LYS C 150 -11.31 -67.72 47.95
CA LYS C 150 -11.46 -67.27 49.33
C LYS C 150 -12.35 -68.17 50.18
N ASP C 151 -12.55 -69.43 49.78
CA ASP C 151 -13.38 -70.36 50.53
C ASP C 151 -12.58 -71.42 51.27
N GLY C 152 -11.48 -71.89 50.69
CA GLY C 152 -10.69 -72.94 51.31
C GLY C 152 -10.46 -74.12 50.39
N TYR C 153 -10.61 -73.92 49.09
CA TYR C 153 -10.48 -74.99 48.11
C TYR C 153 -10.02 -74.41 46.78
N ILE C 154 -9.22 -75.20 46.04
CA ILE C 154 -8.58 -74.73 44.82
C ILE C 154 -8.87 -75.71 43.70
N ASN C 155 -9.25 -75.18 42.55
CA ASN C 155 -9.39 -75.96 41.33
C ASN C 155 -8.20 -75.72 40.43
N LYS C 156 -8.09 -76.53 39.38
CA LYS C 156 -6.96 -76.41 38.46
C LYS C 156 -6.96 -75.05 37.77
N GLU C 157 -8.16 -74.54 37.45
CA GLU C 157 -8.26 -73.20 36.90
C GLU C 157 -7.89 -72.14 37.93
N GLU C 158 -8.14 -72.41 39.21
CA GLU C 158 -7.88 -71.43 40.26
C GLU C 158 -6.40 -71.08 40.33
N MET C 159 -5.53 -72.10 40.30
CA MET C 159 -4.10 -71.84 40.30
C MET C 159 -3.56 -71.61 38.90
N MET C 160 -4.26 -72.08 37.87
CA MET C 160 -3.89 -71.75 36.50
C MET C 160 -3.99 -70.25 36.26
N ASP C 161 -4.99 -69.61 36.86
CA ASP C 161 -5.12 -68.16 36.85
C ASP C 161 -3.84 -67.47 37.31
N ILE C 162 -3.14 -68.04 38.29
CA ILE C 162 -1.92 -67.43 38.82
C ILE C 162 -0.70 -67.82 38.00
N VAL C 163 -0.63 -69.08 37.54
CA VAL C 163 0.55 -69.52 36.81
C VAL C 163 0.60 -68.86 35.44
N LYS C 164 -0.56 -68.52 34.88
CA LYS C 164 -0.56 -67.73 33.65
C LYS C 164 0.02 -66.35 33.87
N ALA C 165 -0.29 -65.71 35.00
CA ALA C 165 0.32 -64.43 35.37
C ALA C 165 1.83 -64.58 35.57
N ILE C 166 2.26 -65.67 36.18
CA ILE C 166 3.69 -65.94 36.32
C ILE C 166 4.35 -66.01 34.95
N TYR C 167 3.87 -66.93 34.10
CA TYR C 167 4.40 -67.06 32.75
C TYR C 167 4.23 -65.79 31.95
N ASP C 168 3.16 -65.03 32.21
CA ASP C 168 2.99 -63.75 31.54
C ASP C 168 4.07 -62.76 31.96
N MET C 169 4.50 -62.84 33.22
CA MET C 169 5.58 -61.99 33.70
C MET C 169 6.95 -62.48 33.25
N MET C 170 7.06 -63.75 32.83
CA MET C 170 8.33 -64.28 32.34
C MET C 170 8.92 -63.36 31.27
N GLY C 171 8.10 -62.91 30.35
CA GLY C 171 8.57 -62.03 29.30
C GLY C 171 7.74 -62.21 28.04
N LYS C 172 7.98 -61.31 27.09
CA LYS C 172 7.33 -61.44 25.79
C LYS C 172 7.75 -62.75 25.12
N TYR C 173 9.03 -63.11 25.24
CA TYR C 173 9.52 -64.40 24.78
C TYR C 173 10.21 -65.10 25.94
N THR C 174 9.74 -66.30 26.26
CA THR C 174 10.43 -67.12 27.24
C THR C 174 11.79 -67.52 26.69
N TYR C 175 12.74 -67.83 27.58
CA TYR C 175 14.06 -68.23 27.12
C TYR C 175 14.01 -69.43 26.19
N PRO C 176 13.23 -70.50 26.46
CA PRO C 176 12.92 -71.45 25.40
C PRO C 176 11.67 -71.02 24.65
N VAL C 177 11.25 -71.81 23.67
CA VAL C 177 9.99 -71.52 22.99
C VAL C 177 8.86 -71.58 24.01
N LEU C 178 8.08 -70.50 24.09
CA LEU C 178 7.00 -70.40 25.06
C LEU C 178 5.81 -71.20 24.56
N LYS C 179 5.35 -72.13 25.39
CA LYS C 179 4.19 -72.95 25.06
C LYS C 179 3.10 -72.67 26.09
N GLU C 180 2.00 -72.07 25.61
CA GLU C 180 0.94 -71.62 26.49
C GLU C 180 0.21 -72.76 27.19
N ASP C 181 0.55 -74.01 26.90
CA ASP C 181 -0.07 -75.15 27.55
C ASP C 181 0.84 -75.80 28.59
N THR C 182 2.07 -75.31 28.76
CA THR C 182 2.81 -75.72 29.96
C THR C 182 2.03 -75.28 31.20
N PRO C 183 1.40 -74.10 31.25
CA PRO C 183 0.53 -73.79 32.40
C PRO C 183 -0.60 -74.79 32.58
N ARG C 184 -0.80 -75.71 31.63
CA ARG C 184 -1.77 -76.78 31.80
C ARG C 184 -1.18 -78.01 32.49
N GLN C 185 0.08 -78.33 32.20
CA GLN C 185 0.71 -79.49 32.83
C GLN C 185 1.44 -79.10 34.10
N HIS C 186 2.11 -77.95 34.08
CA HIS C 186 2.87 -77.47 35.24
C HIS C 186 1.99 -77.33 36.47
N VAL C 187 0.68 -77.20 36.30
CA VAL C 187 -0.22 -77.16 37.44
C VAL C 187 -0.69 -78.56 37.80
N ASP C 188 -0.91 -79.41 36.79
CA ASP C 188 -1.48 -80.73 37.06
C ASP C 188 -0.51 -81.60 37.82
N VAL C 189 0.77 -81.58 37.43
CA VAL C 189 1.80 -82.24 38.21
C VAL C 189 1.84 -81.68 39.63
N PHE C 190 1.41 -80.44 39.82
CA PHE C 190 1.16 -79.90 41.14
C PHE C 190 0.26 -80.86 41.92
N PHE C 191 -0.95 -81.07 41.41
CA PHE C 191 -1.88 -81.97 42.09
C PHE C 191 -1.29 -83.36 42.25
N GLN C 192 -0.77 -83.93 41.15
CA GLN C 192 -0.17 -85.26 41.20
C GLN C 192 0.86 -85.37 42.31
N LYS C 193 1.40 -84.24 42.77
CA LYS C 193 2.23 -84.22 43.96
C LYS C 193 1.54 -83.57 45.15
N MET C 194 0.79 -82.49 44.94
CA MET C 194 0.19 -81.75 46.05
C MET C 194 -1.26 -82.15 46.32
N ASP C 195 -1.78 -83.18 45.65
CA ASP C 195 -3.14 -83.69 45.87
C ASP C 195 -3.04 -85.20 46.07
N LYS C 196 -3.72 -85.73 47.09
CA LYS C 196 -3.71 -87.17 47.36
C LYS C 196 -5.08 -87.82 47.24
N ASN C 197 -6.17 -87.06 47.19
CA ASN C 197 -7.51 -87.64 47.29
C ASN C 197 -8.17 -87.93 45.95
N LYS C 198 -7.63 -87.40 44.86
CA LYS C 198 -8.23 -87.56 43.53
C LYS C 198 -9.69 -87.09 43.55
N ASP C 199 -9.90 -85.90 44.10
CA ASP C 199 -11.21 -85.28 44.14
C ASP C 199 -11.37 -84.16 43.13
N GLY C 200 -10.29 -83.73 42.50
CA GLY C 200 -10.32 -82.59 41.60
C GLY C 200 -10.03 -81.26 42.25
N ILE C 201 -9.85 -81.25 43.57
CA ILE C 201 -9.66 -80.03 44.33
C ILE C 201 -8.61 -80.33 45.39
N VAL C 202 -7.89 -79.31 45.84
CA VAL C 202 -6.91 -79.45 46.91
C VAL C 202 -7.46 -78.75 48.14
N THR C 203 -7.04 -79.22 49.32
CA THR C 203 -7.44 -78.66 50.59
C THR C 203 -6.17 -78.15 51.29
N LEU C 204 -6.32 -77.59 52.50
CA LEU C 204 -5.15 -77.15 53.24
C LEU C 204 -4.24 -78.32 53.56
N ASP C 205 -4.79 -79.40 54.10
CA ASP C 205 -3.98 -80.55 54.46
C ASP C 205 -3.42 -81.23 53.22
N GLU C 206 -4.24 -81.37 52.18
CA GLU C 206 -3.84 -82.07 50.96
C GLU C 206 -2.61 -81.47 50.31
N PHE C 207 -2.46 -80.15 50.36
CA PHE C 207 -1.29 -79.49 49.80
C PHE C 207 -0.17 -79.34 50.82
N LEU C 208 -0.52 -79.18 52.10
CA LEU C 208 0.51 -79.02 53.14
C LEU C 208 1.31 -80.30 53.36
N GLU C 209 0.64 -81.45 53.45
CA GLU C 209 1.33 -82.71 53.68
C GLU C 209 2.08 -83.20 52.45
N SER C 210 2.17 -82.35 51.42
CA SER C 210 2.93 -82.67 50.22
C SER C 210 4.14 -81.78 50.05
N CYS C 211 4.31 -80.76 50.89
CA CYS C 211 5.42 -79.82 50.81
C CYS C 211 6.23 -79.76 52.10
N GLN C 212 6.37 -80.88 52.79
CA GLN C 212 7.24 -80.99 53.96
C GLN C 212 8.44 -81.89 53.72
N GLU C 213 8.48 -82.62 52.59
CA GLU C 213 9.62 -83.45 52.24
C GLU C 213 10.37 -82.95 51.01
N ASP C 214 9.78 -82.05 50.23
CA ASP C 214 10.42 -81.49 49.05
C ASP C 214 11.49 -80.51 49.54
N ASP C 215 12.68 -81.06 49.82
CA ASP C 215 13.71 -80.32 50.54
C ASP C 215 14.12 -79.03 49.83
N ASN C 216 14.06 -79.01 48.50
CA ASN C 216 14.61 -77.89 47.76
C ASN C 216 13.70 -76.66 47.85
N ILE C 217 12.39 -76.85 47.86
CA ILE C 217 11.50 -75.70 47.98
C ILE C 217 11.54 -75.12 49.39
N MET C 218 11.85 -75.95 50.40
CA MET C 218 12.04 -75.42 51.74
C MET C 218 13.38 -74.73 51.91
N ARG C 219 14.47 -75.33 51.42
CA ARG C 219 15.75 -74.65 51.32
C ARG C 219 15.64 -73.33 50.58
N SER C 220 14.72 -73.23 49.63
CA SER C 220 14.39 -71.97 48.98
C SER C 220 13.43 -71.12 49.79
N LEU C 221 12.65 -71.72 50.68
CA LEU C 221 11.69 -70.98 51.50
C LEU C 221 12.37 -70.04 52.48
N GLN C 222 13.63 -70.30 52.85
CA GLN C 222 14.36 -69.48 53.80
C GLN C 222 15.75 -69.17 53.28
N LEU C 223 15.88 -68.96 51.96
CA LEU C 223 17.17 -68.64 51.39
C LEU C 223 17.73 -67.34 51.93
N PHE C 224 16.84 -66.45 52.41
CA PHE C 224 17.22 -65.08 52.68
C PHE C 224 17.02 -64.68 54.15
N GLN C 225 16.59 -65.60 55.00
CA GLN C 225 16.39 -65.27 56.41
C GLN C 225 17.70 -65.02 57.15
N ASN C 226 18.82 -65.01 56.42
CA ASN C 226 20.10 -64.57 56.95
C ASN C 226 20.48 -63.25 56.29
N VAL C 227 19.99 -63.04 55.07
CA VAL C 227 20.31 -61.84 54.32
C VAL C 227 19.78 -60.62 55.05
N MET C 228 20.61 -59.58 55.13
CA MET C 228 20.22 -58.34 55.80
C MET C 228 20.88 -57.14 55.13
N MET D 1 18.33 -54.18 58.25
CA MET D 1 18.61 -54.82 56.97
C MET D 1 18.90 -53.79 55.90
N ALA D 2 19.04 -54.25 54.66
CA ALA D 2 19.42 -53.38 53.55
C ALA D 2 18.34 -52.33 53.29
N ALA D 3 18.79 -51.12 53.00
CA ALA D 3 17.91 -50.00 52.68
C ALA D 3 18.65 -49.04 51.74
N GLY D 4 18.10 -47.84 51.61
CA GLY D 4 18.66 -46.88 50.67
C GLY D 4 18.25 -47.24 49.27
N VAL D 5 19.19 -47.77 48.48
CA VAL D 5 18.83 -48.26 47.15
C VAL D 5 18.07 -49.58 47.25
N ALA D 6 18.45 -50.44 48.18
CA ALA D 6 17.72 -51.69 48.44
C ALA D 6 16.73 -51.52 49.58
N ALA D 7 15.90 -50.48 49.51
CA ALA D 7 14.90 -50.25 50.53
C ALA D 7 13.66 -51.11 50.32
N TRP D 8 13.53 -51.74 49.16
CA TRP D 8 12.36 -52.54 48.83
C TRP D 8 12.70 -53.87 48.19
N LEU D 9 13.94 -54.07 47.76
CA LEU D 9 14.34 -55.33 47.17
C LEU D 9 14.21 -56.47 48.18
N PRO D 10 14.43 -56.25 49.48
CA PRO D 10 14.00 -57.25 50.46
C PRO D 10 12.52 -57.62 50.35
N PHE D 11 11.64 -56.64 50.13
CA PHE D 11 10.23 -56.94 49.96
C PHE D 11 10.02 -57.79 48.70
N ALA D 12 10.83 -57.56 47.67
CA ALA D 12 10.74 -58.38 46.47
C ALA D 12 11.17 -59.81 46.76
N ARG D 13 12.27 -59.98 47.51
CA ARG D 13 12.71 -61.32 47.89
C ARG D 13 11.62 -62.04 48.67
N ALA D 14 10.94 -61.33 49.57
CA ALA D 14 9.91 -61.97 50.39
C ALA D 14 8.69 -62.31 49.57
N ALA D 15 8.28 -61.41 48.67
CA ALA D 15 7.15 -61.70 47.80
C ALA D 15 7.43 -62.88 46.88
N ALA D 16 8.68 -63.05 46.45
CA ALA D 16 9.02 -64.12 45.50
C ALA D 16 8.70 -65.50 46.06
N ILE D 17 8.56 -65.64 47.37
CA ILE D 17 8.26 -66.91 48.00
C ILE D 17 7.02 -67.58 47.39
N GLY D 18 6.12 -66.80 46.79
CA GLY D 18 5.00 -67.39 46.07
C GLY D 18 5.40 -68.35 44.97
N TRP D 19 6.63 -68.25 44.48
CA TRP D 19 7.09 -69.14 43.43
C TRP D 19 7.44 -70.53 43.94
N MET D 20 7.82 -70.66 45.21
CA MET D 20 8.41 -71.89 45.71
C MET D 20 7.60 -73.16 45.43
N PRO D 21 6.29 -73.21 45.71
CA PRO D 21 5.52 -74.39 45.28
C PRO D 21 5.42 -74.51 43.76
N VAL D 22 5.17 -73.37 43.08
CA VAL D 22 5.11 -73.34 41.63
C VAL D 22 6.52 -73.56 41.07
N ALA D 23 7.52 -73.42 41.92
CA ALA D 23 8.90 -73.64 41.49
C ALA D 23 9.06 -75.14 41.31
N ASN D 24 8.55 -75.64 40.19
CA ASN D 24 8.69 -77.05 39.83
C ASN D 24 10.15 -77.47 39.73
N CYS D 25 11.05 -76.51 39.49
CA CYS D 25 12.49 -76.71 39.46
C CYS D 25 12.99 -77.06 40.86
N PRO D 26 14.04 -77.88 40.97
CA PRO D 26 14.61 -78.13 42.30
C PRO D 26 15.22 -76.87 42.90
N MET D 27 16.21 -76.29 42.23
CA MET D 27 17.04 -75.27 42.84
C MET D 27 17.01 -73.97 42.05
N PRO D 28 16.46 -72.91 42.64
CA PRO D 28 16.81 -71.55 42.19
C PRO D 28 18.06 -71.06 42.91
N LEU D 29 18.51 -69.85 42.58
CA LEU D 29 19.83 -69.39 42.96
C LEU D 29 19.87 -69.07 44.45
N ALA D 30 21.03 -69.31 45.07
CA ALA D 30 21.31 -68.93 46.45
C ALA D 30 21.56 -67.42 46.54
N PRO D 31 21.36 -66.80 47.69
CA PRO D 31 21.64 -65.35 47.82
C PRO D 31 23.08 -64.97 47.53
N ALA D 32 23.33 -63.68 47.43
CA ALA D 32 24.66 -63.14 47.11
C ALA D 32 25.20 -62.24 48.21
N ASP D 33 25.04 -62.65 49.47
CA ASP D 33 25.52 -61.85 50.58
C ASP D 33 27.03 -61.63 50.49
N LYS D 34 27.47 -60.50 51.04
CA LYS D 34 28.88 -60.13 51.07
C LYS D 34 29.11 -59.28 52.31
N ASN D 35 30.21 -58.52 52.31
CA ASN D 35 30.52 -57.64 53.43
C ASN D 35 29.33 -56.76 53.80
N LYS D 36 28.82 -56.98 55.01
CA LYS D 36 27.62 -56.32 55.49
C LYS D 36 28.00 -55.32 56.56
N ARG D 37 27.21 -54.25 56.68
CA ARG D 37 27.47 -53.17 57.61
C ARG D 37 26.26 -52.26 57.65
N GLN D 38 26.02 -51.66 58.81
CA GLN D 38 24.82 -50.88 59.03
C GLN D 38 24.89 -49.55 58.29
N ASP D 39 23.74 -48.89 58.22
CA ASP D 39 23.66 -47.52 57.75
C ASP D 39 23.99 -46.57 58.91
N GLU D 40 24.76 -45.54 58.60
CA GLU D 40 25.32 -44.72 59.66
C GLU D 40 25.16 -43.25 59.32
N LEU D 41 25.58 -42.41 60.25
CA LEU D 41 25.35 -40.96 60.17
C LEU D 41 26.61 -40.28 59.67
N ILE D 42 26.94 -40.44 58.39
CA ILE D 42 28.12 -39.80 57.82
C ILE D 42 27.99 -38.30 57.98
N VAL D 43 29.02 -37.69 58.55
CA VAL D 43 29.00 -36.28 58.90
C VAL D 43 29.80 -35.48 57.90
N LEU D 44 29.09 -34.84 56.97
CA LEU D 44 29.68 -33.80 56.14
C LEU D 44 29.91 -32.56 56.98
N ASN D 45 31.05 -31.90 56.77
CA ASN D 45 31.35 -30.62 57.41
C ASN D 45 31.43 -29.57 56.33
N VAL D 46 30.38 -28.77 56.20
CA VAL D 46 30.36 -27.68 55.23
C VAL D 46 30.36 -26.37 56.00
N SER D 47 31.41 -25.59 55.83
CA SER D 47 31.51 -24.24 56.37
C SER D 47 31.26 -24.24 57.88
N GLY D 48 31.94 -25.16 58.55
CA GLY D 48 31.75 -25.32 59.98
C GLY D 48 30.47 -26.06 60.31
N ARG D 49 29.39 -25.73 59.63
CA ARG D 49 28.10 -26.33 59.93
C ARG D 49 28.14 -27.81 59.55
N ARG D 50 27.60 -28.65 60.42
CA ARG D 50 27.64 -30.09 60.26
C ARG D 50 26.34 -30.58 59.60
N PHE D 51 26.44 -31.67 58.86
CA PHE D 51 25.28 -32.34 58.29
C PHE D 51 25.51 -33.84 58.33
N GLN D 52 24.43 -34.60 58.46
CA GLN D 52 24.54 -36.02 58.68
C GLN D 52 23.57 -36.75 57.75
N THR D 53 24.05 -37.87 57.19
CA THR D 53 23.23 -38.58 56.23
C THR D 53 23.55 -40.06 56.27
N TRP D 54 22.58 -40.86 55.84
CA TRP D 54 22.76 -42.29 55.77
C TRP D 54 23.64 -42.68 54.59
N ARG D 55 24.62 -43.54 54.84
CA ARG D 55 25.53 -43.95 53.78
C ARG D 55 24.79 -44.52 52.58
N THR D 56 23.77 -45.35 52.84
CA THR D 56 22.90 -45.81 51.78
C THR D 56 22.31 -44.68 50.98
N THR D 57 21.80 -43.65 51.63
CA THR D 57 21.27 -42.50 50.90
C THR D 57 22.39 -41.82 50.10
N LEU D 58 23.62 -41.90 50.59
CA LEU D 58 24.73 -41.31 49.85
C LEU D 58 25.05 -42.08 48.59
N GLU D 59 24.90 -43.40 48.64
CA GLU D 59 25.39 -44.28 47.58
C GLU D 59 24.31 -44.64 46.58
N ARG D 60 23.37 -43.74 46.32
CA ARG D 60 22.36 -43.97 45.30
C ARG D 60 22.86 -43.71 43.89
N TYR D 61 23.92 -42.91 43.73
CA TYR D 61 24.41 -42.53 42.41
C TYR D 61 25.93 -42.38 42.49
N PRO D 62 26.67 -43.43 42.17
CA PRO D 62 28.15 -43.38 42.29
C PRO D 62 28.84 -42.51 41.25
N ASP D 63 28.08 -41.81 40.41
CA ASP D 63 28.61 -40.98 39.34
C ASP D 63 28.72 -39.52 39.77
N THR D 64 28.89 -39.27 41.06
CA THR D 64 28.99 -37.93 41.60
C THR D 64 30.27 -37.80 42.41
N LEU D 65 30.50 -36.60 42.93
CA LEU D 65 31.63 -36.39 43.81
C LEU D 65 31.51 -37.27 45.04
N LEU D 66 30.35 -37.22 45.71
CA LEU D 66 30.14 -38.07 46.87
C LEU D 66 29.76 -39.49 46.47
N GLY D 67 29.11 -39.65 45.32
CA GLY D 67 28.75 -40.98 44.87
C GLY D 67 29.98 -41.83 44.65
N SER D 68 30.93 -41.31 43.90
CA SER D 68 32.21 -41.97 43.72
C SER D 68 33.05 -41.74 44.97
N THR D 69 34.25 -42.33 45.01
CA THR D 69 35.07 -42.36 46.21
C THR D 69 36.07 -41.21 46.26
N GLU D 70 35.81 -40.13 45.52
CA GLU D 70 36.70 -38.98 45.49
C GLU D 70 36.44 -38.01 46.64
N LYS D 71 35.70 -38.46 47.65
CA LYS D 71 35.31 -37.63 48.78
C LYS D 71 36.33 -37.67 49.91
N GLU D 72 37.14 -38.71 49.98
CA GLU D 72 38.16 -38.79 51.02
C GLU D 72 39.30 -37.80 50.80
N PHE D 73 39.41 -37.23 49.61
CA PHE D 73 40.31 -36.11 49.37
C PHE D 73 39.94 -34.89 50.20
N PHE D 74 38.74 -34.88 50.78
CA PHE D 74 38.31 -33.83 51.69
C PHE D 74 37.76 -34.41 52.98
N PHE D 75 37.56 -35.72 53.05
CA PHE D 75 37.28 -36.38 54.31
C PHE D 75 38.45 -36.21 55.25
N ASN D 76 38.16 -35.78 56.47
CA ASN D 76 39.19 -35.56 57.48
C ASN D 76 39.11 -36.72 58.46
N GLU D 77 39.95 -37.73 58.25
CA GLU D 77 40.15 -38.76 59.25
C GLU D 77 40.62 -38.18 60.58
N ASP D 78 41.20 -36.98 60.58
CA ASP D 78 41.54 -36.30 61.81
C ASP D 78 40.30 -35.96 62.64
N THR D 79 39.12 -35.90 62.01
CA THR D 79 37.86 -35.75 62.72
C THR D 79 36.78 -36.71 62.25
N LYS D 80 37.09 -37.66 61.37
CA LYS D 80 36.14 -38.66 60.91
C LYS D 80 34.96 -38.01 60.19
N GLU D 81 35.22 -36.87 59.56
CA GLU D 81 34.20 -36.13 58.84
C GLU D 81 34.71 -35.76 57.46
N TYR D 82 33.78 -35.57 56.53
CA TYR D 82 34.10 -34.94 55.27
C TYR D 82 33.93 -33.44 55.43
N PHE D 83 35.04 -32.72 55.56
CA PHE D 83 35.02 -31.26 55.61
C PHE D 83 35.18 -30.75 54.18
N PHE D 84 34.35 -29.80 53.80
CA PHE D 84 34.38 -29.22 52.47
C PHE D 84 34.29 -27.70 52.55
N ASP D 85 35.14 -27.03 51.80
CA ASP D 85 35.16 -25.57 51.74
C ASP D 85 34.14 -25.04 50.74
N ARG D 86 32.87 -25.37 50.96
CA ARG D 86 31.81 -24.96 50.04
C ARG D 86 30.77 -24.13 50.80
N ASP D 87 29.77 -23.69 50.07
CA ASP D 87 28.72 -22.88 50.65
C ASP D 87 27.71 -23.76 51.39
N PRO D 88 27.26 -23.37 52.57
CA PRO D 88 26.27 -24.15 53.31
C PRO D 88 24.84 -24.00 52.81
N GLU D 89 24.56 -23.07 51.90
CA GLU D 89 23.22 -22.88 51.39
C GLU D 89 23.06 -23.39 49.97
N VAL D 90 24.05 -24.08 49.44
CA VAL D 90 23.90 -24.86 48.23
C VAL D 90 24.06 -26.35 48.47
N PHE D 91 25.00 -26.75 49.33
CA PHE D 91 25.12 -28.14 49.71
C PHE D 91 23.80 -28.73 50.15
N ARG D 92 22.94 -27.93 50.77
CA ARG D 92 21.65 -28.44 51.23
C ARG D 92 20.80 -28.91 50.06
N CYS D 93 20.83 -28.18 48.95
CA CYS D 93 20.06 -28.61 47.78
C CYS D 93 20.59 -29.93 47.24
N VAL D 94 21.91 -30.09 47.18
CA VAL D 94 22.49 -31.33 46.69
C VAL D 94 22.12 -32.48 47.61
N LEU D 95 22.18 -32.24 48.92
CA LEU D 95 21.77 -33.25 49.87
C LEU D 95 20.32 -33.63 49.69
N ASN D 96 19.45 -32.65 49.43
CA ASN D 96 18.04 -32.94 49.19
C ASN D 96 17.85 -33.74 47.92
N PHE D 97 18.68 -33.51 46.90
CA PHE D 97 18.67 -34.39 45.75
C PHE D 97 18.98 -35.81 46.17
N TYR D 98 20.11 -36.00 46.86
CA TYR D 98 20.46 -37.31 47.38
C TYR D 98 19.34 -37.94 48.19
N ARG D 99 18.53 -37.12 48.84
CA ARG D 99 17.36 -37.65 49.53
C ARG D 99 16.36 -38.21 48.55
N THR D 100 15.84 -37.36 47.67
CA THR D 100 14.85 -37.79 46.70
C THR D 100 15.52 -38.37 45.45
N GLY D 101 16.29 -37.55 44.76
CA GLY D 101 16.80 -37.91 43.45
C GLY D 101 16.46 -36.83 42.45
N LYS D 102 15.74 -35.81 42.91
CA LYS D 102 15.42 -34.65 42.10
C LYS D 102 15.98 -33.41 42.79
N LEU D 103 16.02 -32.30 42.07
CA LEU D 103 16.55 -31.06 42.60
C LEU D 103 15.62 -29.90 42.30
N HIS D 104 15.36 -29.09 43.32
CA HIS D 104 14.61 -27.86 43.16
C HIS D 104 15.59 -26.72 42.95
N TYR D 105 15.07 -25.50 42.86
CA TYR D 105 15.94 -24.35 42.76
C TYR D 105 15.31 -23.14 43.44
N PRO D 106 15.96 -22.60 44.48
CA PRO D 106 15.41 -21.42 45.15
C PRO D 106 15.44 -20.21 44.23
N ARG D 107 14.42 -19.36 44.39
CA ARG D 107 14.20 -18.27 43.45
C ARG D 107 15.25 -17.18 43.54
N TYR D 108 16.02 -17.13 44.61
CA TYR D 108 16.80 -15.94 44.94
C TYR D 108 18.31 -16.19 44.87
N GLU D 109 18.73 -17.23 44.17
CA GLU D 109 20.14 -17.55 44.10
C GLU D 109 20.78 -16.93 42.86
N CYS D 110 21.97 -16.35 43.05
CA CYS D 110 22.73 -15.89 41.91
C CYS D 110 23.10 -17.11 41.10
N ILE D 111 22.38 -17.31 39.98
CA ILE D 111 22.36 -18.59 39.27
C ILE D 111 23.77 -19.03 38.92
N SER D 112 24.68 -18.06 38.83
CA SER D 112 26.10 -18.39 38.70
C SER D 112 26.55 -19.33 39.80
N ALA D 113 26.29 -18.96 41.06
CA ALA D 113 26.69 -19.79 42.19
C ALA D 113 26.04 -21.16 42.13
N TYR D 114 24.73 -21.19 41.88
CA TYR D 114 24.03 -22.46 41.70
C TYR D 114 24.76 -23.34 40.71
N ASP D 115 24.87 -22.88 39.45
CA ASP D 115 25.50 -23.64 38.39
C ASP D 115 26.88 -24.13 38.78
N ASP D 116 27.72 -23.24 39.31
CA ASP D 116 29.09 -23.65 39.58
C ASP D 116 29.18 -24.70 40.67
N GLU D 117 28.39 -24.59 41.73
CA GLU D 117 28.44 -25.62 42.76
C GLU D 117 27.88 -26.94 42.22
N LEU D 118 26.85 -26.87 41.38
CA LEU D 118 26.38 -28.07 40.71
C LEU D 118 27.50 -28.76 39.97
N ALA D 119 28.20 -28.01 39.13
CA ALA D 119 29.36 -28.56 38.44
C ALA D 119 30.35 -29.15 39.42
N PHE D 120 30.56 -28.47 40.55
CA PHE D 120 31.53 -28.94 41.51
C PHE D 120 31.18 -30.33 42.02
N TYR D 121 29.98 -30.52 42.53
CA TYR D 121 29.64 -31.82 43.07
C TYR D 121 29.48 -32.89 42.00
N GLY D 122 29.57 -32.54 40.72
CA GLY D 122 29.57 -33.50 39.64
C GLY D 122 28.19 -33.80 39.07
N ILE D 123 27.21 -32.95 39.31
CA ILE D 123 25.85 -33.22 38.84
C ILE D 123 25.49 -32.29 37.69
N LEU D 124 24.72 -32.83 36.73
CA LEU D 124 24.27 -32.13 35.54
C LEU D 124 23.11 -31.19 35.87
N PRO D 125 23.20 -29.92 35.46
CA PRO D 125 22.10 -28.99 35.74
C PRO D 125 20.81 -29.34 35.03
N GLU D 126 20.87 -30.13 33.95
CA GLU D 126 19.67 -30.42 33.18
C GLU D 126 18.71 -31.33 33.94
N ILE D 127 19.18 -31.98 35.01
CA ILE D 127 18.39 -33.00 35.68
C ILE D 127 17.40 -32.34 36.64
N ILE D 128 17.31 -31.01 36.59
CA ILE D 128 16.44 -30.27 37.48
C ILE D 128 15.03 -30.83 37.42
N GLY D 129 14.40 -30.98 38.58
CA GLY D 129 13.00 -31.34 38.61
C GLY D 129 12.13 -30.20 38.11
N ASP D 130 11.18 -30.54 37.24
CA ASP D 130 10.21 -29.54 36.79
C ASP D 130 9.39 -29.00 37.95
N CYS D 131 9.57 -29.57 39.14
CA CYS D 131 9.14 -28.93 40.37
C CYS D 131 9.39 -27.43 40.30
N CYS D 132 10.57 -27.04 39.85
CA CYS D 132 10.87 -25.66 39.46
C CYS D 132 12.00 -25.74 38.44
N TYR D 133 11.63 -25.67 37.16
CA TYR D 133 12.61 -25.84 36.08
C TYR D 133 12.79 -24.58 35.26
N GLU D 134 11.71 -24.03 34.72
CA GLU D 134 11.81 -22.92 33.77
C GLU D 134 12.43 -21.67 34.39
N GLU D 135 12.19 -21.41 35.67
CA GLU D 135 12.80 -20.24 36.30
C GLU D 135 14.32 -20.37 36.35
N TYR D 136 14.83 -21.61 36.40
CA TYR D 136 16.27 -21.78 36.27
C TYR D 136 16.74 -21.29 34.92
N LYS D 137 16.02 -21.65 33.86
CA LYS D 137 16.34 -21.13 32.55
C LYS D 137 16.20 -19.62 32.49
N ASP D 138 15.25 -19.06 33.26
CA ASP D 138 15.08 -17.62 33.28
C ASP D 138 16.29 -16.95 33.85
N ARG D 139 16.72 -17.40 35.03
CA ARG D 139 17.94 -16.88 35.64
C ARG D 139 19.13 -17.09 34.71
N LYS D 140 19.22 -18.26 34.11
CA LYS D 140 20.32 -18.56 33.20
C LYS D 140 20.39 -17.54 32.08
N ARG D 141 19.26 -17.29 31.42
CA ARG D 141 19.28 -16.42 30.26
C ARG D 141 19.48 -14.96 30.65
N GLU D 142 18.91 -14.53 31.78
CA GLU D 142 19.11 -13.15 32.19
C GLU D 142 20.56 -12.93 32.59
N ASN D 143 21.19 -13.93 33.21
CA ASN D 143 22.61 -13.81 33.54
C ASN D 143 23.45 -13.82 32.27
N ALA D 144 23.05 -14.63 31.29
CA ALA D 144 23.73 -14.62 30.00
C ALA D 144 23.71 -13.23 29.39
N GLU D 145 22.51 -12.67 29.20
CA GLU D 145 22.39 -11.35 28.59
C GLU D 145 23.13 -10.29 29.40
N ARG D 146 23.13 -10.44 30.73
CA ARG D 146 23.91 -9.52 31.56
C ARG D 146 25.39 -9.70 31.33
N LEU D 147 25.82 -10.89 30.90
CA LEU D 147 27.23 -11.11 30.62
C LEU D 147 27.58 -10.78 29.17
N MET D 148 26.62 -10.88 28.27
CA MET D 148 26.87 -10.57 26.87
C MET D 148 26.98 -9.06 26.66
N LEU D 163 44.45 -2.37 7.16
CA LEU D 163 44.29 -1.79 8.49
C LEU D 163 44.51 -0.29 8.45
N SER D 164 45.47 0.14 7.63
CA SER D 164 45.79 1.56 7.54
C SER D 164 44.56 2.37 7.10
N PHE D 165 44.07 2.10 5.90
CA PHE D 165 42.90 2.82 5.41
C PHE D 165 41.83 1.90 4.85
N ARG D 166 42.21 0.87 4.10
CA ARG D 166 41.25 0.04 3.39
C ARG D 166 40.15 -0.49 4.29
N GLN D 167 40.41 -0.59 5.59
CA GLN D 167 39.41 -0.96 6.57
C GLN D 167 39.17 0.12 7.59
N THR D 168 40.01 1.15 7.63
CA THR D 168 39.69 2.32 8.42
C THR D 168 38.48 3.04 7.85
N MET D 169 38.36 3.08 6.53
CA MET D 169 37.13 3.55 5.90
C MET D 169 35.94 2.74 6.40
N TRP D 170 36.12 1.42 6.52
CA TRP D 170 35.08 0.58 7.08
C TRP D 170 34.70 1.03 8.48
N ARG D 171 35.69 1.04 9.39
CA ARG D 171 35.47 1.49 10.75
C ARG D 171 34.74 2.83 10.78
N ALA D 172 35.06 3.71 9.84
CA ALA D 172 34.37 4.99 9.74
C ALA D 172 32.91 4.80 9.36
N PHE D 173 32.64 3.93 8.40
CA PHE D 173 31.28 3.69 7.97
C PHE D 173 30.43 3.17 9.12
N GLU D 174 30.81 2.01 9.66
CA GLU D 174 30.02 1.35 10.68
C GLU D 174 30.14 2.07 12.02
N ASN D 175 31.00 3.08 12.08
CA ASN D 175 31.12 3.91 13.28
C ASN D 175 31.55 5.29 12.83
N PRO D 176 30.60 6.16 12.55
CA PRO D 176 30.94 7.55 12.19
C PRO D 176 31.70 8.24 13.31
N HIS D 177 31.32 7.96 14.55
CA HIS D 177 31.92 8.58 15.71
C HIS D 177 33.38 8.21 15.91
N THR D 178 33.94 7.34 15.06
CA THR D 178 35.35 7.01 15.16
C THR D 178 36.22 8.26 15.08
N SER D 179 36.22 8.92 13.92
CA SER D 179 37.12 10.03 13.67
C SER D 179 36.32 11.30 13.37
N THR D 180 37.05 12.37 13.07
CA THR D 180 36.43 13.62 12.66
C THR D 180 36.04 13.63 11.20
N LEU D 181 36.92 13.14 10.32
CA LEU D 181 36.55 13.02 8.91
C LEU D 181 35.38 12.05 8.75
N ALA D 182 35.37 10.99 9.55
CA ALA D 182 34.24 10.07 9.51
C ALA D 182 32.94 10.76 9.89
N LEU D 183 32.95 11.50 11.00
CA LEU D 183 31.72 12.14 11.45
C LEU D 183 31.26 13.21 10.49
N VAL D 184 32.20 13.98 9.95
CA VAL D 184 31.79 15.01 8.98
C VAL D 184 31.21 14.35 7.74
N PHE D 185 31.83 13.25 7.26
CA PHE D 185 31.27 12.53 6.14
C PHE D 185 29.85 12.06 6.43
N TYR D 186 29.64 11.48 7.60
CA TYR D 186 28.31 10.98 7.96
C TYR D 186 27.29 12.13 8.01
N TYR D 187 27.60 13.17 8.77
CA TYR D 187 26.63 14.25 8.91
C TYR D 187 26.36 14.96 7.59
N VAL D 188 27.33 15.01 6.68
CA VAL D 188 27.08 15.65 5.40
C VAL D 188 26.27 14.77 4.47
N THR D 189 26.58 13.48 4.36
CA THR D 189 25.72 12.62 3.57
C THR D 189 24.33 12.51 4.16
N GLY D 190 24.20 12.77 5.46
CA GLY D 190 22.91 12.79 6.10
C GLY D 190 22.12 14.06 5.86
N PHE D 191 22.37 14.73 4.74
CA PHE D 191 21.61 15.93 4.42
C PHE D 191 20.99 15.85 3.04
N PHE D 192 21.62 15.08 2.16
CA PHE D 192 21.20 15.07 0.77
C PHE D 192 19.97 14.22 0.52
N ILE D 193 19.72 13.21 1.37
CA ILE D 193 18.43 12.54 1.28
C ILE D 193 17.32 13.51 1.66
N ALA D 194 17.59 14.39 2.62
CA ALA D 194 16.64 15.45 2.94
C ALA D 194 16.42 16.35 1.74
N VAL D 195 17.52 16.79 1.11
CA VAL D 195 17.41 17.58 -0.11
C VAL D 195 16.48 16.90 -1.10
N SER D 196 16.75 15.63 -1.40
CA SER D 196 16.00 14.92 -2.43
C SER D 196 14.53 14.80 -2.06
N VAL D 197 14.23 14.48 -0.81
CA VAL D 197 12.83 14.28 -0.45
C VAL D 197 12.08 15.60 -0.45
N ILE D 198 12.73 16.68 0.01
CA ILE D 198 12.04 17.96 0.00
C ILE D 198 11.77 18.40 -1.43
N THR D 199 12.74 18.20 -2.33
CA THR D 199 12.50 18.63 -3.69
C THR D 199 11.46 17.75 -4.37
N ASN D 200 11.42 16.46 -4.02
CA ASN D 200 10.36 15.61 -4.56
C ASN D 200 9.00 16.04 -4.08
N VAL D 201 8.90 16.47 -2.82
CA VAL D 201 7.66 17.07 -2.34
C VAL D 201 7.30 18.27 -3.19
N VAL D 202 8.24 19.20 -3.35
CA VAL D 202 7.91 20.46 -4.01
C VAL D 202 7.58 20.23 -5.48
N GLU D 203 8.13 19.18 -6.09
CA GLU D 203 7.97 18.95 -7.51
C GLU D 203 6.53 19.00 -7.98
N THR D 204 5.57 18.77 -7.09
CA THR D 204 4.17 18.89 -7.47
C THR D 204 3.51 20.09 -6.82
N VAL D 205 4.21 20.84 -5.99
CA VAL D 205 3.67 22.05 -5.40
C VAL D 205 3.28 23.00 -6.53
N PRO D 206 2.01 23.28 -6.71
CA PRO D 206 1.63 24.26 -7.73
C PRO D 206 1.90 25.67 -7.23
N CYS D 207 2.99 26.27 -7.68
CA CYS D 207 3.34 27.63 -7.29
C CYS D 207 4.00 28.33 -8.46
N GLY D 208 3.75 29.62 -8.59
CA GLY D 208 4.14 30.35 -9.77
C GLY D 208 2.91 30.51 -10.65
N THR D 209 2.31 31.69 -10.63
CA THR D 209 1.05 31.90 -11.35
C THR D 209 1.20 31.65 -12.84
N VAL D 210 2.39 31.88 -13.39
CA VAL D 210 2.63 31.83 -14.83
C VAL D 210 1.57 32.72 -15.48
N PRO D 211 1.64 34.04 -15.31
CA PRO D 211 0.53 34.92 -15.74
C PRO D 211 0.23 34.84 -17.23
N GLY D 212 1.07 34.14 -17.99
CA GLY D 212 0.82 33.94 -19.40
C GLY D 212 0.02 32.70 -19.71
N SER D 213 -0.04 31.76 -18.76
CA SER D 213 -0.67 30.48 -19.00
C SER D 213 -1.29 29.98 -17.69
N LYS D 214 -1.61 28.69 -17.65
CA LYS D 214 -2.11 28.07 -16.44
C LYS D 214 -1.01 27.99 -15.39
N GLU D 215 -1.38 27.56 -14.20
CA GLU D 215 -0.42 27.42 -13.12
C GLU D 215 0.31 26.08 -13.25
N LEU D 216 1.62 26.14 -13.40
CA LEU D 216 2.38 24.92 -13.56
C LEU D 216 2.89 24.40 -12.22
N PRO D 217 2.97 23.09 -12.06
CA PRO D 217 3.74 22.53 -10.95
C PRO D 217 5.19 22.94 -11.11
N CYS D 218 5.75 23.50 -10.03
CA CYS D 218 7.12 24.00 -10.07
C CYS D 218 8.07 22.97 -10.68
N GLY D 219 7.83 21.69 -10.42
CA GLY D 219 8.73 20.67 -10.89
C GLY D 219 8.92 20.66 -12.40
N GLU D 220 7.83 20.83 -13.15
CA GLU D 220 7.92 20.88 -14.61
C GLU D 220 8.25 22.27 -15.12
N ARG D 221 7.83 23.31 -14.40
CA ARG D 221 8.11 24.66 -14.83
C ARG D 221 9.60 24.94 -14.84
N TYR D 222 10.27 24.72 -13.72
CA TYR D 222 11.73 24.82 -13.67
C TYR D 222 12.35 23.44 -13.81
N SER D 223 11.98 22.78 -14.91
CA SER D 223 12.21 21.34 -15.04
C SER D 223 13.68 20.98 -14.81
N VAL D 224 14.59 21.71 -15.45
CA VAL D 224 16.00 21.36 -15.36
C VAL D 224 16.53 21.57 -13.96
N ALA D 225 15.94 22.51 -13.21
CA ALA D 225 16.39 22.73 -11.84
C ALA D 225 16.21 21.48 -11.00
N PHE D 226 14.98 21.04 -10.83
CA PHE D 226 14.72 19.81 -10.09
C PHE D 226 15.43 18.63 -10.73
N PHE D 227 15.59 18.64 -12.06
CA PHE D 227 16.36 17.60 -12.72
C PHE D 227 17.76 17.51 -12.12
N CYS D 228 18.50 18.62 -12.14
CA CYS D 228 19.87 18.60 -11.65
C CYS D 228 19.92 18.28 -10.17
N LEU D 229 18.92 18.75 -9.42
CA LEU D 229 18.86 18.42 -8.00
C LEU D 229 18.79 16.92 -7.78
N ASP D 230 17.87 16.26 -8.48
CA ASP D 230 17.76 14.81 -8.41
C ASP D 230 19.07 14.15 -8.82
N THR D 231 19.68 14.63 -9.91
CA THR D 231 20.93 14.05 -10.37
C THR D 231 21.98 14.09 -9.27
N ALA D 232 22.19 15.28 -8.71
CA ALA D 232 23.18 15.42 -7.65
C ALA D 232 22.88 14.48 -6.49
N CYS D 233 21.63 14.43 -6.07
CA CYS D 233 21.29 13.58 -4.93
C CYS D 233 21.57 12.11 -5.21
N VAL D 234 21.07 11.59 -6.33
CA VAL D 234 21.24 10.17 -6.61
C VAL D 234 22.72 9.86 -6.82
N MET D 235 23.46 10.80 -7.39
CA MET D 235 24.89 10.60 -7.54
C MET D 235 25.57 10.46 -6.19
N ILE D 236 25.30 11.39 -5.28
CA ILE D 236 25.88 11.29 -3.94
C ILE D 236 25.53 9.95 -3.32
N PHE D 237 24.29 9.50 -3.50
CA PHE D 237 23.87 8.27 -2.85
C PHE D 237 24.61 7.08 -3.43
N THR D 238 24.79 7.07 -4.76
CA THR D 238 25.56 5.99 -5.38
C THR D 238 27.01 6.00 -4.91
N VAL D 239 27.62 7.19 -4.83
CA VAL D 239 28.97 7.31 -4.30
C VAL D 239 29.06 6.69 -2.92
N GLU D 240 28.20 7.12 -2.01
CA GLU D 240 28.22 6.56 -0.67
C GLU D 240 28.07 5.05 -0.70
N TYR D 241 27.10 4.56 -1.47
CA TYR D 241 26.82 3.13 -1.50
C TYR D 241 28.03 2.33 -1.94
N LEU D 242 28.69 2.76 -3.01
CA LEU D 242 29.77 1.96 -3.58
C LEU D 242 30.92 1.81 -2.59
N LEU D 243 31.32 2.91 -1.96
CA LEU D 243 32.42 2.84 -1.01
C LEU D 243 32.02 2.09 0.25
N ARG D 244 30.73 2.16 0.63
CA ARG D 244 30.25 1.27 1.68
C ARG D 244 30.46 -0.18 1.27
N LEU D 245 30.24 -0.47 0.00
CA LEU D 245 30.38 -1.85 -0.48
C LEU D 245 31.83 -2.29 -0.47
N PHE D 246 32.74 -1.41 -0.90
CA PHE D 246 34.13 -1.84 -1.06
C PHE D 246 34.77 -2.26 0.25
N ALA D 247 34.48 -1.56 1.35
CA ALA D 247 35.06 -1.90 2.64
C ALA D 247 34.36 -3.08 3.30
N ALA D 248 33.28 -3.56 2.70
CA ALA D 248 32.55 -4.69 3.26
C ALA D 248 33.46 -5.92 3.32
N PRO D 249 33.75 -6.42 4.51
CA PRO D 249 34.53 -7.65 4.62
C PRO D 249 33.90 -8.78 3.83
N SER D 250 32.61 -8.99 4.06
CA SER D 250 31.83 -9.95 3.27
C SER D 250 31.21 -9.19 2.11
N ARG D 251 31.78 -9.38 0.92
CA ARG D 251 31.26 -8.72 -0.27
C ARG D 251 29.95 -9.35 -0.69
N TYR D 252 29.56 -10.45 -0.04
CA TYR D 252 28.34 -11.18 -0.37
C TYR D 252 27.20 -10.94 0.61
N ARG D 253 27.45 -11.16 1.90
CA ARG D 253 26.40 -10.92 2.88
C ARG D 253 25.94 -9.48 2.91
N PHE D 254 26.86 -8.52 2.71
CA PHE D 254 26.46 -7.13 2.63
C PHE D 254 25.50 -6.88 1.48
N ILE D 255 25.59 -7.66 0.41
CA ILE D 255 24.56 -7.58 -0.61
C ILE D 255 23.21 -7.96 -0.02
N ARG D 256 23.17 -9.04 0.76
CA ARG D 256 21.97 -9.47 1.44
C ARG D 256 21.57 -8.56 2.58
N SER D 257 22.32 -7.49 2.83
CA SER D 257 21.98 -6.57 3.89
C SER D 257 20.72 -5.79 3.52
N VAL D 258 19.95 -5.46 4.57
CA VAL D 258 18.66 -4.80 4.35
C VAL D 258 18.84 -3.42 3.74
N MET D 259 19.77 -2.62 4.27
CA MET D 259 19.93 -1.27 3.78
C MET D 259 20.56 -1.20 2.40
N SER D 260 21.31 -2.22 1.99
CA SER D 260 21.73 -2.30 0.60
C SER D 260 20.52 -2.24 -0.33
N ILE D 261 19.47 -2.98 0.03
CA ILE D 261 18.25 -2.99 -0.74
C ILE D 261 17.62 -1.60 -0.76
N ILE D 262 17.60 -0.93 0.39
CA ILE D 262 17.07 0.43 0.45
C ILE D 262 17.85 1.34 -0.51
N ASP D 263 19.17 1.20 -0.51
CA ASP D 263 20.00 2.02 -1.38
C ASP D 263 19.69 1.77 -2.84
N VAL D 264 19.57 0.52 -3.24
CA VAL D 264 19.37 0.22 -4.66
C VAL D 264 17.99 0.70 -5.11
N VAL D 265 16.97 0.51 -4.27
CA VAL D 265 15.64 1.00 -4.65
C VAL D 265 15.56 2.50 -4.57
N ALA D 266 16.46 3.13 -3.82
CA ALA D 266 16.53 4.58 -3.84
C ALA D 266 17.14 5.09 -5.14
N ILE D 267 18.21 4.45 -5.59
CA ILE D 267 18.96 4.97 -6.72
C ILE D 267 18.33 4.60 -8.06
N MET D 268 17.70 3.44 -8.16
CA MET D 268 17.26 2.96 -9.47
C MET D 268 16.23 3.83 -10.17
N PRO D 269 15.18 4.37 -9.50
CA PRO D 269 14.06 4.97 -10.26
C PRO D 269 14.49 6.14 -11.13
N TYR D 270 15.67 6.69 -10.86
CA TYR D 270 16.19 7.74 -11.71
C TYR D 270 16.93 7.18 -12.91
N TYR D 271 17.76 6.16 -12.69
CA TYR D 271 18.42 5.50 -13.81
C TYR D 271 17.40 4.96 -14.79
N ILE D 272 16.35 4.32 -14.29
CA ILE D 272 15.33 3.78 -15.17
C ILE D 272 14.44 4.88 -15.71
N GLY D 273 14.30 6.00 -14.99
CA GLY D 273 13.55 7.12 -15.52
C GLY D 273 14.23 7.81 -16.68
N LEU D 274 15.55 7.81 -16.70
CA LEU D 274 16.29 8.40 -17.82
C LEU D 274 16.53 7.38 -18.93
N VAL D 275 16.65 6.10 -18.55
CA VAL D 275 16.68 5.05 -19.57
C VAL D 275 15.37 5.05 -20.36
N MET D 276 14.26 5.37 -19.70
CA MET D 276 12.95 5.36 -20.33
C MET D 276 12.32 6.75 -20.30
N THR D 277 13.08 7.74 -20.75
CA THR D 277 12.60 9.12 -20.84
C THR D 277 11.34 9.23 -21.68
N ASN D 278 10.69 10.40 -21.64
CA ASN D 278 9.45 10.63 -22.36
C ASN D 278 9.59 10.39 -23.86
N ASN D 279 10.82 10.19 -24.32
CA ASN D 279 11.03 9.64 -25.66
C ASN D 279 10.22 8.37 -25.85
N GLU D 280 10.18 7.53 -24.82
CA GLU D 280 9.31 6.35 -24.76
C GLU D 280 8.72 6.32 -23.36
N ASP D 281 7.45 6.70 -23.25
CA ASP D 281 6.83 6.89 -21.94
C ASP D 281 5.32 6.73 -22.05
N VAL D 282 4.72 6.24 -20.97
CA VAL D 282 3.27 6.15 -20.83
C VAL D 282 2.90 6.55 -19.41
N SER D 283 1.70 7.10 -19.25
CA SER D 283 1.28 7.61 -17.95
C SER D 283 1.21 6.51 -16.90
N GLY D 284 0.60 5.37 -17.24
CA GLY D 284 0.40 4.32 -16.28
C GLY D 284 1.64 3.54 -15.92
N ALA D 285 2.82 4.04 -16.30
CA ALA D 285 4.06 3.39 -15.93
C ALA D 285 5.18 4.34 -15.53
N PHE D 286 4.93 5.64 -15.43
CA PHE D 286 5.96 6.57 -14.98
C PHE D 286 5.71 7.14 -13.59
N VAL D 287 4.46 7.26 -13.17
CA VAL D 287 4.22 7.64 -11.77
C VAL D 287 4.68 6.53 -10.85
N THR D 288 4.58 5.28 -11.32
CA THR D 288 5.03 4.15 -10.50
C THR D 288 6.55 4.12 -10.36
N LEU D 289 7.26 5.05 -11.01
CA LEU D 289 8.67 5.26 -10.74
C LEU D 289 8.96 6.66 -10.22
N ARG D 290 7.99 7.58 -10.35
CA ARG D 290 8.06 8.82 -9.59
C ARG D 290 7.90 8.54 -8.10
N VAL D 291 7.13 7.51 -7.76
CA VAL D 291 6.93 7.15 -6.36
C VAL D 291 8.26 6.85 -5.68
N PHE D 292 8.99 5.86 -6.19
CA PHE D 292 10.10 5.27 -5.46
C PHE D 292 11.22 6.26 -5.16
N ARG D 293 11.06 7.53 -5.53
CA ARG D 293 12.03 8.53 -5.14
C ARG D 293 11.89 8.87 -3.66
N VAL D 294 10.82 8.41 -3.01
CA VAL D 294 10.69 8.60 -1.58
C VAL D 294 11.41 7.53 -0.78
N PHE D 295 11.47 6.30 -1.30
CA PHE D 295 12.03 5.21 -0.53
C PHE D 295 13.50 5.41 -0.17
N ARG D 296 14.12 6.48 -0.65
CA ARG D 296 15.41 6.85 -0.11
C ARG D 296 15.32 7.47 1.26
N ILE D 297 14.10 7.80 1.72
CA ILE D 297 13.94 8.34 3.05
C ILE D 297 14.38 7.34 4.11
N PHE D 298 14.38 6.05 3.79
CA PHE D 298 14.82 5.04 4.74
C PHE D 298 16.32 5.08 4.98
N LYS D 299 17.08 5.81 4.17
CA LYS D 299 18.49 6.01 4.47
C LYS D 299 18.68 6.70 5.81
N PHE D 300 17.59 7.17 6.41
CA PHE D 300 17.61 7.71 7.76
C PHE D 300 17.85 6.62 8.80
N SER D 301 17.82 5.36 8.36
CA SER D 301 18.01 4.24 9.26
C SER D 301 19.25 4.42 10.12
N ARG D 302 20.38 4.74 9.48
CA ARG D 302 21.63 4.91 10.22
C ARG D 302 21.63 6.17 11.07
N HIS D 303 20.53 6.93 11.08
CA HIS D 303 20.54 8.20 11.80
C HIS D 303 19.85 8.06 13.15
N SER D 304 18.60 7.62 13.16
CA SER D 304 17.83 7.48 14.39
C SER D 304 17.89 6.05 14.88
N GLN D 305 18.18 5.87 16.16
CA GLN D 305 18.04 4.55 16.75
C GLN D 305 16.68 3.95 16.51
N GLY D 306 15.63 4.79 16.56
CA GLY D 306 14.28 4.26 16.58
C GLY D 306 13.91 3.49 15.33
N LEU D 307 14.39 3.94 14.18
CA LEU D 307 14.03 3.25 12.94
C LEU D 307 14.56 1.82 12.94
N ARG D 308 15.86 1.64 13.16
CA ARG D 308 16.40 0.30 13.18
C ARG D 308 15.79 -0.52 14.31
N ILE D 309 15.57 0.10 15.46
CA ILE D 309 15.00 -0.66 16.57
C ILE D 309 13.58 -1.07 16.23
N LEU D 310 12.88 -0.27 15.44
CA LEU D 310 11.52 -0.61 15.03
C LEU D 310 11.54 -1.76 14.03
N GLY D 311 12.48 -1.71 13.10
CA GLY D 311 12.68 -2.85 12.23
C GLY D 311 12.93 -4.12 13.02
N TYR D 312 13.70 -4.03 14.10
CA TYR D 312 13.97 -5.22 14.89
C TYR D 312 12.73 -5.67 15.64
N THR D 313 11.94 -4.73 16.16
CA THR D 313 10.67 -5.09 16.77
C THR D 313 9.76 -5.82 15.80
N LEU D 314 9.66 -5.34 14.56
CA LEU D 314 8.84 -6.05 13.59
C LEU D 314 9.41 -7.43 13.30
N LYS D 315 10.73 -7.53 13.14
CA LYS D 315 11.36 -8.84 13.02
C LYS D 315 10.96 -9.74 14.18
N SER D 316 10.75 -9.16 15.35
CA SER D 316 10.30 -9.95 16.49
C SER D 316 8.83 -10.31 16.37
N CYS D 317 8.01 -9.42 15.82
CA CYS D 317 6.57 -9.62 15.74
C CYS D 317 6.15 -10.25 14.42
N ALA D 318 7.01 -11.07 13.83
CA ALA D 318 6.71 -11.67 12.53
C ALA D 318 5.40 -12.45 12.53
N SER D 319 5.10 -13.19 13.60
CA SER D 319 3.91 -14.03 13.58
C SER D 319 2.66 -13.26 13.93
N GLU D 320 2.61 -12.65 15.12
CA GLU D 320 1.40 -12.00 15.61
C GLU D 320 0.80 -11.04 14.60
N LEU D 321 1.66 -10.33 13.86
CA LEU D 321 1.14 -9.48 12.80
C LEU D 321 0.43 -10.28 11.74
N GLY D 322 0.92 -11.49 11.44
CA GLY D 322 0.23 -12.33 10.49
C GLY D 322 -1.17 -12.67 10.95
N PHE D 323 -1.31 -12.99 12.23
CA PHE D 323 -2.64 -13.30 12.74
C PHE D 323 -3.51 -12.05 12.76
N LEU D 324 -2.92 -10.88 13.00
CA LEU D 324 -3.67 -9.64 12.82
C LEU D 324 -4.23 -9.56 11.42
N LEU D 325 -3.36 -9.70 10.42
CA LEU D 325 -3.77 -9.71 9.03
C LEU D 325 -4.97 -10.62 8.83
N PHE D 326 -4.84 -11.88 9.26
CA PHE D 326 -5.89 -12.85 9.04
C PHE D 326 -7.19 -12.44 9.73
N SER D 327 -7.10 -12.08 11.00
CA SER D 327 -8.29 -11.76 11.79
C SER D 327 -9.02 -10.58 11.20
N LEU D 328 -8.30 -9.49 10.94
CA LEU D 328 -8.94 -8.33 10.34
C LEU D 328 -9.49 -8.67 8.98
N THR D 329 -8.83 -9.55 8.24
CA THR D 329 -9.34 -9.96 6.95
C THR D 329 -10.73 -10.57 7.07
N MET D 330 -10.85 -11.62 7.87
CA MET D 330 -12.16 -12.26 7.97
C MET D 330 -13.19 -11.34 8.61
N ALA D 331 -12.78 -10.49 9.54
CA ALA D 331 -13.74 -9.55 10.12
C ALA D 331 -14.29 -8.62 9.06
N ILE D 332 -13.39 -8.03 8.27
CA ILE D 332 -13.80 -7.20 7.15
C ILE D 332 -14.80 -7.93 6.29
N ILE D 333 -14.46 -9.14 5.88
CA ILE D 333 -15.31 -9.88 4.94
C ILE D 333 -16.70 -10.06 5.52
N ILE D 334 -16.75 -10.52 6.77
CA ILE D 334 -18.03 -10.85 7.39
C ILE D 334 -18.90 -9.61 7.49
N PHE D 335 -18.38 -8.55 8.07
CA PHE D 335 -19.22 -7.38 8.27
C PHE D 335 -19.56 -6.73 6.94
N ALA D 336 -18.67 -6.82 5.96
CA ALA D 336 -19.00 -6.32 4.63
C ALA D 336 -20.21 -7.03 4.07
N THR D 337 -20.18 -8.37 4.06
CA THR D 337 -21.31 -9.12 3.52
C THR D 337 -22.59 -8.79 4.27
N VAL D 338 -22.52 -8.79 5.60
CA VAL D 338 -23.71 -8.54 6.40
C VAL D 338 -24.30 -7.18 6.04
N MET D 339 -23.49 -6.13 6.12
CA MET D 339 -23.99 -4.81 5.80
C MET D 339 -24.54 -4.76 4.40
N PHE D 340 -23.83 -5.36 3.44
CA PHE D 340 -24.27 -5.33 2.06
C PHE D 340 -25.67 -5.86 1.92
N TYR D 341 -25.88 -7.13 2.27
CA TYR D 341 -27.21 -7.70 2.13
C TYR D 341 -28.22 -6.97 3.00
N ALA D 342 -27.75 -6.33 4.08
CA ALA D 342 -28.66 -5.56 4.91
C ALA D 342 -29.08 -4.29 4.21
N GLU D 343 -28.19 -3.70 3.41
CA GLU D 343 -28.44 -2.41 2.80
C GLU D 343 -28.41 -2.45 1.29
N LYS D 344 -28.26 -3.64 0.69
CA LYS D 344 -28.30 -3.74 -0.76
C LYS D 344 -29.58 -3.15 -1.32
N GLY D 345 -30.71 -3.52 -0.74
CA GLY D 345 -31.97 -2.95 -1.16
C GLY D 345 -32.31 -1.67 -0.43
N SER D 346 -32.03 -0.53 -1.05
CA SER D 346 -32.37 0.77 -0.49
C SER D 346 -32.38 1.79 -1.61
N SER D 347 -33.07 2.91 -1.38
CA SER D 347 -33.31 3.92 -2.39
C SER D 347 -32.02 4.41 -3.04
N ALA D 348 -31.03 4.76 -2.22
CA ALA D 348 -29.75 5.26 -2.69
C ALA D 348 -28.64 4.31 -2.30
N SER D 349 -28.84 3.01 -2.52
CA SER D 349 -27.88 2.02 -2.09
C SER D 349 -26.53 2.28 -2.72
N LYS D 350 -25.60 2.78 -1.94
CA LYS D 350 -24.27 2.92 -2.45
C LYS D 350 -23.49 1.68 -2.30
N PHE D 351 -24.09 0.76 -1.55
CA PHE D 351 -23.51 -0.55 -1.32
C PHE D 351 -23.79 -1.44 -2.53
N THR D 352 -23.17 -1.07 -3.64
CA THR D 352 -23.34 -1.80 -4.89
C THR D 352 -22.69 -3.17 -4.86
N SER D 353 -21.43 -3.24 -4.47
CA SER D 353 -20.71 -4.51 -4.49
C SER D 353 -20.16 -4.76 -3.11
N ILE D 354 -19.74 -5.99 -2.87
CA ILE D 354 -18.96 -6.29 -1.67
C ILE D 354 -17.70 -5.45 -1.66
N PRO D 355 -16.86 -5.43 -2.69
CA PRO D 355 -15.73 -4.49 -2.68
C PRO D 355 -16.17 -3.03 -2.70
N ALA D 356 -17.46 -2.77 -2.78
CA ALA D 356 -17.98 -1.44 -2.53
C ALA D 356 -18.51 -1.29 -1.11
N SER D 357 -18.35 -2.31 -0.27
CA SER D 357 -18.61 -2.20 1.15
C SER D 357 -17.37 -2.48 1.98
N PHE D 358 -16.31 -3.02 1.36
CA PHE D 358 -15.05 -3.06 2.07
C PHE D 358 -14.64 -1.68 2.53
N TRP D 359 -14.85 -0.68 1.68
CA TRP D 359 -14.58 0.69 2.09
C TRP D 359 -15.34 1.02 3.35
N TYR D 360 -16.62 0.68 3.42
CA TYR D 360 -17.39 1.03 4.60
C TYR D 360 -16.95 0.23 5.81
N THR D 361 -16.78 -1.08 5.66
CA THR D 361 -16.45 -1.88 6.82
C THR D 361 -15.09 -1.51 7.38
N ILE D 362 -14.18 -1.01 6.54
CA ILE D 362 -12.90 -0.62 7.10
C ILE D 362 -12.87 0.86 7.43
N VAL D 363 -13.86 1.63 6.98
CA VAL D 363 -14.04 2.95 7.54
C VAL D 363 -14.47 2.84 8.99
N THR D 364 -15.52 2.07 9.25
CA THR D 364 -16.06 2.04 10.61
C THR D 364 -15.24 1.12 11.51
N MET D 365 -14.86 -0.04 11.01
CA MET D 365 -14.07 -0.97 11.82
C MET D 365 -12.82 -0.31 12.39
N THR D 366 -12.39 0.82 11.85
CA THR D 366 -11.26 1.55 12.38
C THR D 366 -11.68 2.88 13.00
N THR D 367 -12.98 3.14 13.08
CA THR D 367 -13.54 4.29 13.78
C THR D 367 -13.16 5.60 13.11
N LEU D 368 -13.21 5.64 11.78
CA LEU D 368 -12.92 6.89 11.09
C LEU D 368 -14.19 7.71 10.93
N GLY D 369 -15.17 7.17 10.22
CA GLY D 369 -16.44 7.86 10.14
C GLY D 369 -16.40 9.07 9.25
N TYR D 370 -16.23 8.85 7.95
CA TYR D 370 -16.17 9.95 7.01
C TYR D 370 -17.54 10.58 6.80
N GLY D 371 -18.53 9.78 6.46
CA GLY D 371 -19.82 10.28 6.09
C GLY D 371 -20.21 9.99 4.66
N ASP D 372 -19.32 9.35 3.89
CA ASP D 372 -19.66 9.05 2.50
C ASP D 372 -20.70 7.94 2.41
N MET D 373 -20.48 6.83 3.11
CA MET D 373 -21.39 5.70 3.12
C MET D 373 -21.94 5.53 4.52
N VAL D 374 -23.24 5.73 4.69
CA VAL D 374 -23.88 5.49 5.98
C VAL D 374 -25.02 4.50 5.79
N PRO D 375 -25.20 3.55 6.69
CA PRO D 375 -26.37 2.70 6.62
C PRO D 375 -27.63 3.50 6.87
N LYS D 376 -28.75 3.00 6.34
CA LYS D 376 -30.02 3.70 6.44
C LYS D 376 -31.18 2.80 6.82
N THR D 377 -31.03 1.49 6.72
CA THR D 377 -32.08 0.59 7.15
C THR D 377 -31.90 0.25 8.62
N ILE D 378 -32.98 -0.02 9.33
CA ILE D 378 -32.92 -0.37 10.73
C ILE D 378 -32.16 -1.66 10.96
N ALA D 379 -31.76 -2.33 9.88
CA ALA D 379 -30.95 -3.53 9.96
C ALA D 379 -29.58 -3.35 9.33
N GLY D 380 -29.26 -2.14 8.89
CA GLY D 380 -27.86 -1.82 8.62
C GLY D 380 -27.22 -1.07 9.77
N LYS D 381 -28.00 -0.20 10.40
CA LYS D 381 -27.54 0.49 11.60
C LYS D 381 -26.91 -0.47 12.59
N ILE D 382 -27.61 -1.56 12.89
CA ILE D 382 -27.20 -2.42 13.99
C ILE D 382 -25.88 -3.10 13.67
N PHE D 383 -25.76 -3.65 12.48
CA PHE D 383 -24.53 -4.37 12.16
C PHE D 383 -23.38 -3.41 11.94
N GLY D 384 -23.65 -2.19 11.51
CA GLY D 384 -22.57 -1.20 11.48
C GLY D 384 -22.08 -0.83 12.86
N SER D 385 -23.00 -0.54 13.78
CA SER D 385 -22.62 -0.24 15.14
C SER D 385 -21.80 -1.37 15.74
N ILE D 386 -22.29 -2.60 15.62
CA ILE D 386 -21.55 -3.74 16.13
C ILE D 386 -20.18 -3.85 15.45
N CYS D 387 -20.14 -3.54 14.15
CA CYS D 387 -18.86 -3.52 13.45
C CYS D 387 -17.87 -2.61 14.15
N SER D 388 -18.32 -1.45 14.60
CA SER D 388 -17.39 -0.51 15.22
C SER D 388 -16.68 -1.14 16.41
N LEU D 389 -17.46 -1.61 17.39
CA LEU D 389 -16.88 -2.25 18.55
C LEU D 389 -16.03 -3.44 18.15
N SER D 390 -16.50 -4.22 17.18
CA SER D 390 -15.78 -5.41 16.77
C SER D 390 -14.39 -5.04 16.28
N GLY D 391 -14.29 -3.96 15.51
CA GLY D 391 -13.00 -3.52 15.06
C GLY D 391 -12.13 -3.04 16.21
N VAL D 392 -12.72 -2.26 17.11
CA VAL D 392 -11.99 -1.84 18.30
C VAL D 392 -11.32 -3.03 18.96
N LEU D 393 -12.07 -4.11 19.16
CA LEU D 393 -11.52 -5.25 19.89
C LEU D 393 -10.47 -5.98 19.05
N VAL D 394 -10.73 -6.15 17.76
CA VAL D 394 -9.86 -7.03 16.97
C VAL D 394 -8.53 -6.34 16.68
N ILE D 395 -8.54 -5.03 16.49
CA ILE D 395 -7.27 -4.34 16.21
C ILE D 395 -6.44 -4.20 17.45
N ALA D 396 -7.07 -4.15 18.62
CA ALA D 396 -6.35 -3.88 19.85
C ALA D 396 -5.76 -5.13 20.47
N LEU D 397 -5.66 -6.23 19.74
CA LEU D 397 -4.96 -7.38 20.30
C LEU D 397 -3.46 -7.21 20.20
N PRO D 398 -2.90 -6.85 19.04
CA PRO D 398 -1.43 -6.74 18.97
C PRO D 398 -0.89 -5.45 19.55
N VAL D 399 -1.66 -4.35 19.49
CA VAL D 399 -1.12 -3.04 19.80
C VAL D 399 -0.46 -3.01 21.18
N PRO D 400 -0.84 -3.84 22.15
CA PRO D 400 -0.01 -3.92 23.36
C PRO D 400 1.24 -4.76 23.16
N VAL D 401 1.15 -5.86 22.41
CA VAL D 401 2.34 -6.71 22.27
C VAL D 401 3.43 -5.93 21.56
N ILE D 402 3.04 -5.05 20.63
CA ILE D 402 4.03 -4.34 19.84
C ILE D 402 4.70 -3.27 20.67
N VAL D 403 3.94 -2.57 21.51
CA VAL D 403 4.57 -1.54 22.32
C VAL D 403 5.40 -2.17 23.42
N SER D 404 4.99 -3.35 23.91
CA SER D 404 5.82 -4.05 24.88
C SER D 404 7.15 -4.44 24.26
N ASN D 405 7.11 -5.07 23.08
CA ASN D 405 8.36 -5.40 22.39
C ASN D 405 9.18 -4.15 22.10
N PHE D 406 8.52 -3.06 21.68
CA PHE D 406 9.25 -1.83 21.42
C PHE D 406 10.03 -1.38 22.64
N SER D 407 9.32 -1.03 23.71
CA SER D 407 9.99 -0.52 24.89
C SER D 407 10.99 -1.53 25.42
N ARG D 408 10.70 -2.82 25.26
CA ARG D 408 11.60 -3.85 25.75
C ARG D 408 12.92 -3.80 25.02
N ILE D 409 12.88 -3.88 23.69
CA ILE D 409 14.11 -3.81 22.91
C ILE D 409 14.81 -2.48 23.14
N TYR D 410 14.03 -1.41 23.29
CA TYR D 410 14.63 -0.11 23.47
C TYR D 410 15.45 -0.06 24.74
N HIS D 411 14.82 -0.30 25.88
CA HIS D 411 15.55 -0.26 27.14
C HIS D 411 16.61 -1.35 27.20
N GLN D 412 16.39 -2.46 26.50
CA GLN D 412 17.43 -3.47 26.41
C GLN D 412 18.68 -2.89 25.79
N ASN D 413 18.53 -2.20 24.67
CA ASN D 413 19.69 -1.56 24.05
C ASN D 413 20.26 -0.47 24.93
N GLN D 414 19.40 0.25 25.64
CA GLN D 414 19.87 1.29 26.55
C GLN D 414 20.82 0.71 27.60
N ARG D 415 20.32 -0.24 28.39
CA ARG D 415 21.17 -0.84 29.40
C ARG D 415 22.29 -1.66 28.79
N ALA D 416 22.15 -2.07 27.53
CA ALA D 416 23.24 -2.78 26.87
C ALA D 416 24.42 -1.86 26.66
N ASP D 417 24.19 -0.72 26.00
CA ASP D 417 25.27 0.26 25.84
C ASP D 417 25.75 0.76 27.19
N LYS D 418 24.85 0.84 28.17
CA LYS D 418 25.26 1.24 29.51
C LYS D 418 26.25 0.26 30.11
N ARG D 419 25.94 -1.03 30.10
CA ARG D 419 26.85 -2.03 30.62
C ARG D 419 28.12 -2.09 29.80
N ARG D 420 28.02 -1.80 28.50
CA ARG D 420 29.23 -1.68 27.69
C ARG D 420 30.14 -0.59 28.22
N ALA D 421 29.57 0.60 28.46
CA ALA D 421 30.35 1.69 29.02
C ALA D 421 30.91 1.33 30.39
N GLN D 422 30.12 0.64 31.21
CA GLN D 422 30.60 0.22 32.52
C GLN D 422 31.77 -0.74 32.41
N LYS D 423 31.69 -1.70 31.49
CA LYS D 423 32.83 -2.58 31.24
C LYS D 423 34.05 -1.78 30.81
N LYS D 424 33.87 -0.84 29.87
CA LYS D 424 34.98 0.01 29.45
C LYS D 424 35.56 0.82 30.60
N ALA D 425 34.74 1.12 31.61
CA ALA D 425 35.24 1.84 32.78
C ALA D 425 36.29 1.04 33.52
N ARG D 426 36.01 -0.23 33.78
CA ARG D 426 36.98 -1.10 34.42
C ARG D 426 38.10 -1.47 33.45
N SER D 470 57.39 -10.44 52.70
CA SER D 470 56.23 -10.71 51.83
C SER D 470 56.08 -12.21 51.58
N LEU D 471 57.22 -12.89 51.45
CA LEU D 471 57.36 -14.34 51.30
C LEU D 471 56.59 -14.91 50.12
N ILE D 472 56.02 -14.06 49.26
CA ILE D 472 55.39 -14.48 48.02
C ILE D 472 56.13 -13.94 46.81
N GLU D 473 56.54 -12.67 46.86
CA GLU D 473 57.41 -12.14 45.82
C GLU D 473 58.71 -12.92 45.71
N SER D 474 59.14 -13.53 46.82
CA SER D 474 60.33 -14.38 46.78
C SER D 474 60.16 -15.50 45.76
N GLN D 475 59.18 -16.38 45.97
CA GLN D 475 59.00 -17.52 45.08
C GLN D 475 58.67 -17.10 43.66
N HIS D 476 57.73 -16.18 43.49
CA HIS D 476 57.30 -15.79 42.15
C HIS D 476 58.42 -15.11 41.39
N HIS D 477 59.13 -14.18 42.04
CA HIS D 477 60.31 -13.55 41.44
C HIS D 477 61.42 -14.55 41.17
N HIS D 478 61.55 -15.60 41.98
CA HIS D 478 62.58 -16.59 41.76
C HIS D 478 62.40 -17.31 40.44
N LEU D 479 61.15 -17.64 40.09
CA LEU D 479 60.90 -18.30 38.82
C LEU D 479 61.32 -17.43 37.65
N LEU D 480 60.98 -16.14 37.69
CA LEU D 480 61.34 -15.24 36.60
C LEU D 480 62.84 -14.96 36.61
N HIS D 481 63.48 -15.08 37.77
CA HIS D 481 64.94 -14.94 37.84
C HIS D 481 65.60 -16.12 37.14
N CYS D 482 65.26 -17.34 37.56
CA CYS D 482 65.73 -18.52 36.85
C CYS D 482 65.31 -18.51 35.39
N LEU D 483 64.32 -17.71 35.01
CA LEU D 483 64.01 -17.51 33.60
C LEU D 483 65.06 -16.66 32.89
N GLU D 484 65.55 -15.60 33.53
CA GLU D 484 66.45 -14.59 32.95
C GLU D 484 67.75 -15.19 32.33
N LYS D 485 67.91 -16.52 32.40
CA LYS D 485 69.19 -17.13 32.05
C LYS D 485 69.39 -17.23 30.54
N THR D 486 68.59 -16.53 29.75
CA THR D 486 68.86 -16.47 28.31
C THR D 486 70.17 -15.74 28.04
N THR D 487 70.90 -16.23 27.03
CA THR D 487 72.16 -15.62 26.66
C THR D 487 72.01 -14.82 25.38
N GLY E 50 42.00 -44.40 43.02
CA GLY E 50 41.61 -44.03 44.37
C GLY E 50 42.64 -43.18 45.09
N LEU E 51 42.18 -42.50 46.13
CA LEU E 51 43.07 -41.67 46.94
C LEU E 51 44.32 -42.42 47.36
N GLU E 52 44.14 -43.56 48.03
CA GLU E 52 45.28 -44.41 48.34
C GLU E 52 45.94 -44.96 47.08
N GLN E 53 45.13 -45.31 46.07
CA GLN E 53 45.69 -45.79 44.81
C GLN E 53 46.54 -44.74 44.11
N LEU E 54 46.28 -43.46 44.33
CA LEU E 54 47.16 -42.41 43.83
C LEU E 54 48.33 -42.11 44.76
N GLU E 55 48.18 -42.34 46.06
CA GLU E 55 49.30 -42.12 46.98
C GLU E 55 50.46 -43.07 46.68
N ALA E 56 50.18 -44.38 46.66
CA ALA E 56 51.23 -45.38 46.47
C ALA E 56 51.92 -45.27 45.11
N GLN E 57 51.33 -44.55 44.16
CA GLN E 57 51.94 -44.32 42.85
C GLN E 57 52.91 -43.15 42.86
N THR E 58 52.53 -42.05 43.50
CA THR E 58 53.36 -40.85 43.53
C THR E 58 54.25 -40.84 44.77
N ASN E 59 55.19 -39.90 44.77
CA ASN E 59 56.09 -39.73 45.91
C ASN E 59 55.55 -38.77 46.95
N PHE E 60 54.63 -37.87 46.57
CA PHE E 60 54.07 -36.93 47.52
C PHE E 60 53.27 -37.66 48.61
N THR E 61 52.88 -36.91 49.64
CA THR E 61 52.21 -37.48 50.79
C THR E 61 50.71 -37.21 50.70
N LYS E 62 49.97 -37.57 51.75
CA LYS E 62 48.51 -37.42 51.74
C LYS E 62 48.09 -35.97 51.91
N ARG E 63 48.70 -35.28 52.87
CA ARG E 63 48.38 -33.87 53.07
C ARG E 63 48.65 -33.06 51.81
N GLU E 64 49.84 -33.22 51.23
CA GLU E 64 50.15 -32.56 49.97
C GLU E 64 49.15 -32.91 48.87
N LEU E 65 48.76 -34.17 48.76
CA LEU E 65 47.87 -34.58 47.69
C LEU E 65 46.47 -33.99 47.85
N GLN E 66 45.94 -33.98 49.07
CA GLN E 66 44.61 -33.41 49.26
C GLN E 66 44.62 -31.90 49.13
N VAL E 67 45.62 -31.24 49.74
CA VAL E 67 45.71 -29.79 49.63
C VAL E 67 46.01 -29.33 48.22
N LEU E 68 46.54 -30.21 47.36
CA LEU E 68 46.69 -29.88 45.95
C LEU E 68 45.46 -30.20 45.12
N TYR E 69 44.76 -31.28 45.42
CA TYR E 69 43.52 -31.57 44.71
C TYR E 69 42.48 -30.49 44.99
N ARG E 70 42.55 -29.89 46.18
CA ARG E 70 41.71 -28.74 46.47
C ARG E 70 41.90 -27.65 45.43
N GLY E 71 43.13 -27.18 45.25
CA GLY E 71 43.39 -26.13 44.27
C GLY E 71 43.18 -26.61 42.85
N PHE E 72 43.35 -27.91 42.61
CA PHE E 72 43.07 -28.47 41.30
C PHE E 72 41.60 -28.27 40.95
N LYS E 73 40.70 -28.66 41.85
CA LYS E 73 39.28 -28.49 41.59
C LYS E 73 38.87 -27.03 41.66
N ASN E 74 39.63 -26.20 42.38
CA ASN E 74 39.24 -24.80 42.56
C ASN E 74 39.20 -24.03 41.25
N GLU E 75 39.86 -24.52 40.20
CA GLU E 75 39.80 -23.86 38.90
C GLU E 75 39.10 -24.67 37.83
N CYS E 76 39.22 -25.99 37.88
CA CYS E 76 38.52 -26.88 36.96
C CYS E 76 37.81 -27.94 37.77
N PRO E 77 36.55 -28.28 37.47
CA PRO E 77 35.81 -29.16 38.37
C PRO E 77 36.27 -30.61 38.27
N SER E 78 37.59 -30.80 38.24
CA SER E 78 38.21 -32.11 38.12
C SER E 78 37.59 -32.91 36.98
N GLY E 79 37.18 -32.20 35.93
CA GLY E 79 36.71 -32.89 34.74
C GLY E 79 37.89 -33.59 34.12
N VAL E 80 38.74 -32.82 33.46
CA VAL E 80 40.13 -33.16 33.14
C VAL E 80 40.78 -31.84 32.71
N VAL E 81 42.06 -31.63 33.07
CA VAL E 81 42.76 -30.44 32.61
C VAL E 81 43.20 -30.62 31.16
N ASN E 82 43.18 -29.52 30.41
CA ASN E 82 43.48 -29.51 28.98
C ASN E 82 44.49 -28.42 28.65
N GLU E 83 44.60 -28.15 27.35
CA GLU E 83 45.47 -27.08 26.87
C GLU E 83 45.05 -25.73 27.45
N ASP E 84 43.80 -25.35 27.22
CA ASP E 84 43.34 -23.98 27.48
C ASP E 84 43.47 -23.55 28.93
N THR E 85 43.42 -24.49 29.88
CA THR E 85 43.60 -24.14 31.28
C THR E 85 45.08 -23.97 31.65
N PHE E 86 45.96 -24.71 31.00
CA PHE E 86 47.39 -24.50 31.24
C PHE E 86 47.85 -23.20 30.61
N LYS E 87 47.37 -22.90 29.40
CA LYS E 87 47.76 -21.66 28.74
C LYS E 87 47.41 -20.43 29.56
N GLN E 88 46.58 -20.55 30.58
CA GLN E 88 46.33 -19.45 31.50
C GLN E 88 46.96 -19.66 32.86
N ILE E 89 46.99 -20.89 33.39
CA ILE E 89 47.76 -21.13 34.60
C ILE E 89 49.25 -20.93 34.34
N TYR E 90 49.77 -21.53 33.27
CA TYR E 90 51.20 -21.41 32.99
C TYR E 90 51.58 -19.98 32.64
N ALA E 91 50.62 -19.20 32.15
CA ALA E 91 50.91 -17.79 31.83
C ALA E 91 50.76 -16.90 33.06
N GLN E 92 49.83 -17.23 33.96
CA GLN E 92 49.52 -16.36 35.09
C GLN E 92 50.71 -16.18 36.04
N PHE E 93 51.81 -16.91 35.84
CA PHE E 93 53.00 -16.72 36.65
C PHE E 93 54.16 -16.13 35.87
N PHE E 94 53.98 -15.82 34.59
CA PHE E 94 55.06 -15.35 33.73
C PHE E 94 54.58 -14.15 32.92
N PRO E 95 54.59 -12.95 33.51
CA PRO E 95 54.30 -11.74 32.73
C PRO E 95 55.41 -11.47 31.72
N HIS E 96 55.25 -10.40 30.93
CA HIS E 96 56.15 -10.05 29.84
C HIS E 96 56.59 -11.29 29.06
N GLY E 97 55.60 -11.93 28.43
CA GLY E 97 55.86 -13.13 27.67
C GLY E 97 54.57 -13.88 27.42
N ASP E 98 54.67 -14.90 26.57
CA ASP E 98 53.54 -15.74 26.22
C ASP E 98 53.91 -17.19 26.47
N ALA E 99 53.32 -17.78 27.52
CA ALA E 99 53.66 -19.12 27.95
C ALA E 99 52.83 -20.22 27.31
N SER E 100 51.87 -19.86 26.45
CA SER E 100 51.05 -20.87 25.78
C SER E 100 51.89 -21.75 24.86
N THR E 101 52.78 -21.16 24.09
CA THR E 101 53.54 -21.90 23.09
C THR E 101 54.42 -22.98 23.71
N TYR E 102 54.89 -22.79 24.93
CA TYR E 102 55.68 -23.81 25.59
C TYR E 102 54.81 -24.86 26.26
N ALA E 103 53.77 -24.42 26.98
CA ALA E 103 52.83 -25.37 27.57
C ALA E 103 52.25 -26.30 26.51
N HIS E 104 52.16 -25.83 25.27
CA HIS E 104 51.71 -26.59 24.10
C HIS E 104 52.57 -27.81 23.84
N TYR E 105 53.79 -27.86 24.37
CA TYR E 105 54.68 -29.00 24.21
C TYR E 105 54.67 -29.94 25.41
N LEU E 106 54.86 -29.42 26.62
CA LEU E 106 54.82 -30.27 27.79
C LEU E 106 53.42 -30.75 28.13
N PHE E 107 52.38 -30.26 27.46
CA PHE E 107 51.07 -30.86 27.64
C PHE E 107 50.94 -32.17 26.85
N ASN E 108 51.37 -32.16 25.59
CA ASN E 108 51.37 -33.40 24.83
C ASN E 108 52.41 -34.38 25.35
N ALA E 109 53.56 -33.88 25.82
CA ALA E 109 54.50 -34.76 26.52
C ALA E 109 53.92 -35.17 27.87
N PHE E 110 53.04 -34.35 28.42
CA PHE E 110 52.40 -34.62 29.70
C PHE E 110 51.34 -35.70 29.57
N ASP E 111 50.50 -35.60 28.53
CA ASP E 111 49.38 -36.50 28.34
C ASP E 111 49.88 -37.92 28.09
N THR E 112 49.71 -38.80 29.08
CA THR E 112 50.07 -40.20 28.89
C THR E 112 49.16 -40.86 27.87
N THR E 113 47.88 -40.49 27.88
CA THR E 113 46.96 -40.94 26.84
C THR E 113 47.23 -40.17 25.54
N GLN E 114 46.40 -40.42 24.54
CA GLN E 114 46.50 -39.73 23.25
C GLN E 114 45.35 -38.75 23.06
N THR E 115 44.66 -38.39 24.14
CA THR E 115 43.57 -37.44 24.07
C THR E 115 44.12 -36.01 24.04
N GLY E 116 43.23 -35.04 24.00
CA GLY E 116 43.58 -33.64 24.12
C GLY E 116 43.51 -33.11 25.53
N SER E 117 43.22 -33.98 26.50
CA SER E 117 43.14 -33.62 27.91
C SER E 117 43.19 -34.91 28.72
N VAL E 118 44.21 -35.09 29.57
CA VAL E 118 44.48 -36.44 30.05
C VAL E 118 43.72 -36.80 31.33
N LYS E 119 44.09 -36.18 32.46
CA LYS E 119 43.48 -36.51 33.76
C LYS E 119 44.12 -35.72 34.90
N PHE E 120 43.51 -35.76 36.08
CA PHE E 120 44.16 -35.37 37.34
C PHE E 120 45.07 -36.45 37.89
N GLU E 121 44.70 -37.73 37.71
CA GLU E 121 45.55 -38.82 38.18
C GLU E 121 46.85 -38.88 37.39
N ASP E 122 46.75 -38.79 36.06
CA ASP E 122 47.95 -38.63 35.24
C ASP E 122 48.58 -37.25 35.40
N PHE E 123 47.88 -36.30 36.00
CA PHE E 123 48.50 -35.03 36.35
C PHE E 123 49.48 -35.23 37.51
N VAL E 124 49.05 -35.91 38.57
CA VAL E 124 49.92 -36.09 39.72
C VAL E 124 50.99 -37.13 39.45
N THR E 125 50.70 -38.15 38.63
CA THR E 125 51.70 -39.19 38.38
C THR E 125 52.93 -38.62 37.69
N ALA E 126 52.80 -37.47 37.04
CA ALA E 126 53.93 -36.79 36.43
C ALA E 126 54.37 -35.56 37.22
N LEU E 127 53.46 -34.93 37.97
CA LEU E 127 53.86 -33.88 38.90
C LEU E 127 54.88 -34.41 39.89
N SER E 128 54.70 -35.67 40.32
CA SER E 128 55.67 -36.29 41.20
C SER E 128 57.05 -36.37 40.55
N ILE E 129 57.10 -36.90 39.32
CA ILE E 129 58.36 -37.06 38.62
C ILE E 129 59.01 -35.70 38.38
N LEU E 130 58.19 -34.67 38.16
CA LEU E 130 58.74 -33.37 37.78
C LEU E 130 59.18 -32.56 39.00
N LEU E 131 58.59 -32.80 40.16
CA LEU E 131 59.01 -32.08 41.37
C LEU E 131 60.03 -32.87 42.18
N ARG E 132 59.65 -34.06 42.64
CA ARG E 132 60.50 -34.87 43.50
C ARG E 132 61.04 -36.10 42.80
N GLY E 133 60.74 -36.26 41.51
CA GLY E 133 61.21 -37.40 40.75
C GLY E 133 62.71 -37.38 40.55
N THR E 134 63.24 -38.52 40.13
CA THR E 134 64.67 -38.66 39.94
C THR E 134 65.13 -37.89 38.70
N VAL E 135 66.41 -37.52 38.71
CA VAL E 135 66.97 -36.71 37.62
C VAL E 135 66.82 -37.42 36.28
N HIS E 136 67.27 -38.68 36.19
CA HIS E 136 67.32 -39.37 34.90
C HIS E 136 65.93 -39.63 34.32
N GLU E 137 64.88 -39.65 35.15
CA GLU E 137 63.52 -39.71 34.63
C GLU E 137 63.04 -38.35 34.14
N LYS E 138 63.44 -37.27 34.81
CA LYS E 138 63.21 -35.93 34.28
C LYS E 138 63.84 -35.79 32.91
N LEU E 139 65.04 -36.35 32.73
CA LEU E 139 65.70 -36.28 31.43
C LEU E 139 64.93 -37.04 30.36
N ARG E 140 64.40 -38.23 30.71
CA ARG E 140 63.63 -38.99 29.73
C ARG E 140 62.33 -38.27 29.38
N TRP E 141 61.71 -37.62 30.36
CA TRP E 141 60.46 -36.91 30.06
C TRP E 141 60.74 -35.67 29.23
N THR E 142 61.84 -34.98 29.50
CA THR E 142 62.24 -33.89 28.61
C THR E 142 62.57 -34.41 27.22
N PHE E 143 63.03 -35.67 27.14
CA PHE E 143 63.21 -36.30 25.84
C PHE E 143 61.87 -36.47 25.14
N ASN E 144 60.86 -36.95 25.86
CA ASN E 144 59.51 -37.01 25.29
C ASN E 144 59.00 -35.61 24.91
N LEU E 145 59.50 -34.58 25.59
CA LEU E 145 59.02 -33.22 25.32
C LEU E 145 59.66 -32.65 24.06
N TYR E 146 60.97 -32.79 23.91
CA TYR E 146 61.65 -32.21 22.75
C TYR E 146 61.22 -32.89 21.46
N ASP E 147 60.81 -34.16 21.53
CA ASP E 147 60.44 -34.94 20.36
C ASP E 147 59.00 -34.60 19.97
N ILE E 148 58.86 -33.54 19.18
CA ILE E 148 57.54 -33.09 18.76
C ILE E 148 56.92 -34.09 17.78
N ASN E 149 57.75 -34.73 16.96
CA ASN E 149 57.27 -35.72 16.00
C ASN E 149 56.85 -37.03 16.65
N LYS E 150 56.94 -37.13 17.97
CA LYS E 150 56.40 -38.25 18.75
C LYS E 150 57.08 -39.57 18.45
N ASP E 151 58.27 -39.55 17.85
CA ASP E 151 58.95 -40.79 17.46
C ASP E 151 60.14 -41.14 18.35
N GLY E 152 60.90 -40.14 18.77
CA GLY E 152 62.16 -40.38 19.47
C GLY E 152 63.32 -39.91 18.62
N TYR E 153 63.04 -39.05 17.65
CA TYR E 153 64.01 -38.59 16.68
C TYR E 153 63.75 -37.13 16.35
N ILE E 154 64.73 -36.28 16.64
CA ILE E 154 64.57 -34.82 16.60
C ILE E 154 65.66 -34.22 15.71
N ASN E 155 65.27 -33.24 14.90
CA ASN E 155 66.21 -32.48 14.08
C ASN E 155 66.32 -31.05 14.61
N LYS E 156 67.18 -30.26 13.96
CA LYS E 156 67.53 -28.92 14.45
C LYS E 156 66.29 -28.06 14.70
N GLU E 157 65.51 -27.81 13.65
CA GLU E 157 64.41 -26.86 13.74
C GLU E 157 63.37 -27.27 14.76
N GLU E 158 63.20 -28.58 14.98
CA GLU E 158 62.18 -29.06 15.91
C GLU E 158 62.42 -28.53 17.32
N MET E 159 63.57 -28.88 17.91
CA MET E 159 63.89 -28.40 19.26
C MET E 159 64.22 -26.90 19.26
N MET E 160 64.66 -26.36 18.12
CA MET E 160 64.79 -24.91 18.05
C MET E 160 63.44 -24.24 18.24
N ASP E 161 62.36 -24.86 17.78
CA ASP E 161 61.03 -24.30 17.99
C ASP E 161 60.66 -24.25 19.47
N ILE E 162 61.27 -25.08 20.31
CA ILE E 162 61.05 -25.03 21.74
C ILE E 162 61.94 -23.98 22.40
N VAL E 163 63.19 -23.86 21.93
CA VAL E 163 64.06 -22.83 22.48
C VAL E 163 63.54 -21.45 22.11
N LYS E 164 62.87 -21.32 20.95
CA LYS E 164 62.09 -20.12 20.68
C LYS E 164 61.09 -19.83 21.79
N ALA E 165 60.18 -20.76 22.06
CA ALA E 165 59.15 -20.58 23.09
C ALA E 165 59.75 -20.10 24.40
N ILE E 166 60.84 -20.74 24.83
CA ILE E 166 61.57 -20.25 26.00
C ILE E 166 61.97 -18.79 25.81
N TYR E 167 62.77 -18.52 24.79
CA TYR E 167 63.32 -17.19 24.61
C TYR E 167 62.27 -16.21 24.09
N ASP E 168 61.11 -16.72 23.66
CA ASP E 168 60.00 -15.83 23.32
C ASP E 168 59.29 -15.33 24.57
N MET E 169 58.92 -16.25 25.48
CA MET E 169 58.27 -15.82 26.70
C MET E 169 59.23 -15.12 27.65
N MET E 170 60.54 -15.17 27.37
CA MET E 170 61.48 -14.37 28.14
C MET E 170 61.02 -12.93 28.27
N GLY E 171 60.57 -12.35 27.16
CA GLY E 171 60.10 -10.97 27.19
C GLY E 171 59.89 -10.44 25.78
N LYS E 172 59.26 -9.27 25.73
CA LYS E 172 59.03 -8.61 24.44
C LYS E 172 60.30 -7.90 23.96
N TYR E 173 61.00 -7.21 24.85
CA TYR E 173 62.29 -6.60 24.56
C TYR E 173 63.33 -7.22 25.48
N THR E 174 64.37 -7.80 24.89
CA THR E 174 65.42 -8.40 25.69
C THR E 174 66.19 -7.34 26.46
N TYR E 175 66.52 -7.66 27.70
CA TYR E 175 67.19 -6.70 28.56
C TYR E 175 68.64 -6.47 28.14
N PRO E 176 69.41 -7.50 27.78
CA PRO E 176 70.59 -7.27 26.93
C PRO E 176 70.16 -7.20 25.47
N VAL E 177 71.13 -7.11 24.55
CA VAL E 177 70.79 -6.98 23.14
C VAL E 177 70.24 -8.31 22.62
N LEU E 178 69.15 -8.22 21.85
CA LEU E 178 68.51 -9.38 21.26
C LEU E 178 69.25 -9.80 20.01
N LYS E 179 69.57 -11.09 19.91
CA LYS E 179 70.13 -11.67 18.70
C LYS E 179 69.36 -12.93 18.35
N GLU E 180 68.78 -12.94 17.15
CA GLU E 180 67.87 -13.99 16.71
C GLU E 180 68.58 -15.14 16.01
N ASP E 181 69.86 -14.97 15.64
CA ASP E 181 70.62 -16.07 15.07
C ASP E 181 71.23 -16.98 16.11
N THR E 182 71.35 -16.54 17.36
CA THR E 182 71.80 -17.40 18.44
C THR E 182 70.78 -18.47 18.80
N PRO E 183 69.47 -18.26 18.61
CA PRO E 183 68.55 -19.41 18.59
C PRO E 183 68.90 -20.45 17.54
N ARG E 184 69.58 -20.06 16.46
CA ARG E 184 70.20 -21.02 15.56
C ARG E 184 71.44 -21.66 16.18
N GLN E 185 72.18 -20.87 16.97
CA GLN E 185 73.43 -21.31 17.55
C GLN E 185 73.26 -21.91 18.94
N HIS E 186 72.31 -21.42 19.73
CA HIS E 186 72.09 -22.01 21.06
C HIS E 186 71.59 -23.43 20.95
N VAL E 187 70.96 -23.78 19.83
CA VAL E 187 70.71 -25.18 19.52
C VAL E 187 71.95 -25.81 18.89
N ASP E 188 72.64 -25.05 18.04
CA ASP E 188 73.89 -25.53 17.45
C ASP E 188 74.90 -25.90 18.52
N VAL E 189 75.21 -24.96 19.43
CA VAL E 189 76.11 -25.27 20.54
C VAL E 189 75.50 -26.35 21.42
N PHE E 190 74.19 -26.54 21.36
CA PHE E 190 73.53 -27.64 22.05
C PHE E 190 73.89 -28.96 21.39
N PHE E 191 73.81 -28.99 20.04
CA PHE E 191 74.12 -30.19 19.29
C PHE E 191 75.42 -30.83 19.76
N GLN E 192 76.53 -30.09 19.64
CA GLN E 192 77.85 -30.63 19.92
C GLN E 192 77.91 -31.31 21.28
N LYS E 193 77.00 -30.97 22.19
CA LYS E 193 76.91 -31.69 23.44
C LYS E 193 76.09 -32.98 23.31
N MET E 194 74.80 -32.87 23.00
CA MET E 194 73.91 -34.03 23.10
C MET E 194 73.99 -34.95 21.91
N ASP E 195 75.06 -34.86 21.11
CA ASP E 195 75.26 -35.68 19.92
C ASP E 195 76.71 -36.11 19.86
N LYS E 196 76.93 -37.43 19.76
CA LYS E 196 78.26 -37.98 19.58
C LYS E 196 78.47 -38.57 18.19
N ASN E 197 77.49 -38.45 17.28
CA ASN E 197 77.63 -39.00 15.95
C ASN E 197 77.80 -37.94 14.86
N LYS E 198 77.34 -36.71 15.11
CA LYS E 198 77.33 -35.63 14.10
C LYS E 198 76.54 -36.05 12.86
N ASP E 199 75.29 -36.47 13.07
CA ASP E 199 74.38 -36.79 11.99
C ASP E 199 73.20 -35.84 11.89
N GLY E 200 72.70 -35.34 13.01
CA GLY E 200 71.58 -34.45 13.02
C GLY E 200 70.35 -34.97 13.74
N ILE E 201 70.50 -36.00 14.58
CA ILE E 201 69.37 -36.61 15.27
C ILE E 201 69.78 -36.91 16.70
N VAL E 202 68.80 -36.95 17.60
CA VAL E 202 69.04 -37.32 18.98
C VAL E 202 68.15 -38.50 19.34
N THR E 203 68.75 -39.49 20.00
CA THR E 203 68.03 -40.58 20.65
C THR E 203 68.32 -40.48 22.14
N LEU E 204 67.48 -41.12 22.96
CA LEU E 204 67.50 -40.88 24.41
C LEU E 204 68.91 -40.98 24.99
N ASP E 205 69.58 -42.12 24.77
CA ASP E 205 70.92 -42.31 25.33
C ASP E 205 71.89 -41.26 24.80
N GLU E 206 71.92 -41.04 23.48
CA GLU E 206 72.78 -40.03 22.88
C GLU E 206 72.47 -38.63 23.38
N PHE E 207 71.20 -38.31 23.58
CA PHE E 207 70.77 -36.99 24.02
C PHE E 207 71.02 -36.78 25.51
N LEU E 208 71.22 -37.86 26.28
CA LEU E 208 71.43 -37.71 27.71
C LEU E 208 72.89 -37.87 28.11
N GLU E 209 73.69 -38.60 27.32
CA GLU E 209 75.03 -38.97 27.77
C GLU E 209 75.99 -37.79 27.88
N SER E 210 75.50 -36.57 27.62
CA SER E 210 76.33 -35.39 27.73
C SER E 210 75.66 -34.24 28.46
N CYS E 211 74.59 -34.51 29.21
CA CYS E 211 74.07 -33.56 30.19
C CYS E 211 74.21 -34.11 31.61
N GLN E 212 74.49 -35.41 31.75
CA GLN E 212 74.71 -36.06 33.03
C GLN E 212 75.83 -35.41 33.84
N GLU E 213 76.72 -34.66 33.19
CA GLU E 213 77.85 -34.03 33.84
C GLU E 213 77.73 -32.53 33.95
N ASP E 214 76.64 -31.94 33.45
CA ASP E 214 76.38 -30.51 33.61
C ASP E 214 75.92 -30.30 35.06
N ASP E 215 76.86 -29.94 35.92
CA ASP E 215 76.60 -29.91 37.36
C ASP E 215 75.59 -28.82 37.73
N ASN E 216 75.57 -27.72 36.96
CA ASN E 216 74.62 -26.66 37.26
C ASN E 216 73.18 -27.14 37.02
N ILE E 217 72.94 -27.78 35.87
CA ILE E 217 71.62 -28.35 35.63
C ILE E 217 71.40 -29.57 36.52
N MET E 218 72.48 -30.16 37.03
CA MET E 218 72.38 -31.27 37.98
C MET E 218 71.81 -30.84 39.32
N ARG E 219 72.34 -29.79 39.93
CA ARG E 219 71.79 -29.26 41.16
C ARG E 219 70.55 -28.41 40.94
N SER E 220 70.27 -28.01 39.70
CA SER E 220 69.14 -27.13 39.40
C SER E 220 67.92 -27.88 38.90
N LEU E 221 68.03 -29.15 38.57
CA LEU E 221 66.90 -29.88 38.00
C LEU E 221 65.95 -30.42 39.06
N GLN E 222 66.35 -30.44 40.33
CA GLN E 222 65.55 -30.99 41.42
C GLN E 222 65.47 -30.02 42.57
N LEU E 223 65.45 -28.71 42.27
CA LEU E 223 65.46 -27.69 43.31
C LEU E 223 64.24 -27.79 44.21
N PHE E 224 63.14 -28.34 43.69
CA PHE E 224 61.89 -28.44 44.42
C PHE E 224 61.51 -29.85 44.83
N GLN E 225 62.49 -30.71 45.14
CA GLN E 225 62.18 -32.07 45.56
C GLN E 225 62.02 -32.20 47.08
N ASN E 226 62.25 -31.13 47.84
CA ASN E 226 62.05 -31.18 49.28
C ASN E 226 61.28 -29.97 49.77
N VAL E 227 61.36 -28.86 49.04
CA VAL E 227 60.55 -27.69 49.37
C VAL E 227 59.08 -28.00 49.10
N MET E 228 58.26 -27.89 50.13
CA MET E 228 56.85 -28.22 50.01
C MET E 228 56.04 -26.98 49.66
N MET F 1 50.75 -29.23 48.17
CA MET F 1 51.71 -28.39 48.87
C MET F 1 51.08 -27.06 49.28
N ALA F 2 51.49 -26.00 48.61
CA ALA F 2 50.96 -24.67 48.92
C ALA F 2 49.52 -24.54 48.44
N ALA F 3 48.77 -23.66 49.09
CA ALA F 3 47.38 -23.41 48.78
C ALA F 3 47.09 -21.92 48.95
N GLY F 4 45.80 -21.58 48.98
CA GLY F 4 45.39 -20.20 49.12
C GLY F 4 45.64 -19.41 47.85
N VAL F 5 46.64 -18.54 47.88
CA VAL F 5 47.03 -17.82 46.67
C VAL F 5 48.01 -18.64 45.84
N ALA F 6 48.80 -19.47 46.50
CA ALA F 6 49.73 -20.37 45.81
C ALA F 6 49.11 -21.74 45.58
N ALA F 7 47.93 -21.76 44.95
CA ALA F 7 47.23 -23.01 44.70
C ALA F 7 47.71 -23.72 43.45
N TRP F 8 48.39 -23.00 42.53
CA TRP F 8 48.82 -23.58 41.28
C TRP F 8 50.30 -23.38 40.99
N LEU F 9 51.09 -23.05 42.00
CA LEU F 9 52.54 -22.99 41.87
C LEU F 9 53.18 -24.37 41.60
N PRO F 10 52.64 -25.48 42.13
CA PRO F 10 53.25 -26.78 41.81
C PRO F 10 53.35 -27.08 40.33
N PHE F 11 52.35 -26.70 39.52
CA PHE F 11 52.47 -26.90 38.09
C PHE F 11 53.64 -26.09 37.52
N ALA F 12 53.88 -24.91 38.09
CA ALA F 12 55.02 -24.11 37.66
C ALA F 12 56.34 -24.77 38.06
N ARG F 13 56.40 -25.35 39.27
CA ARG F 13 57.62 -25.99 39.71
C ARG F 13 57.85 -27.31 38.95
N ALA F 14 56.79 -27.82 38.33
CA ALA F 14 56.94 -28.96 37.42
C ALA F 14 57.44 -28.49 36.06
N ALA F 15 56.88 -27.39 35.55
CA ALA F 15 57.21 -26.95 34.20
C ALA F 15 58.56 -26.27 34.13
N ALA F 16 59.09 -25.80 35.26
CA ALA F 16 60.42 -25.19 35.26
C ALA F 16 61.49 -26.18 34.83
N ILE F 17 61.29 -27.46 35.13
CA ILE F 17 62.24 -28.51 34.78
C ILE F 17 62.64 -28.49 33.32
N GLY F 18 61.70 -28.22 32.42
CA GLY F 18 61.95 -28.31 30.99
C GLY F 18 62.98 -27.31 30.48
N TRP F 19 63.40 -26.37 31.32
CA TRP F 19 64.46 -25.46 30.91
C TRP F 19 65.79 -25.76 31.59
N MET F 20 65.79 -26.65 32.57
CA MET F 20 67.02 -26.99 33.28
C MET F 20 68.09 -27.62 32.39
N PRO F 21 67.80 -28.67 31.59
CA PRO F 21 68.87 -29.24 30.77
C PRO F 21 69.35 -28.29 29.70
N VAL F 22 68.44 -27.49 29.15
CA VAL F 22 68.76 -26.58 28.06
C VAL F 22 69.34 -25.30 28.64
N ALA F 23 69.44 -25.24 29.98
CA ALA F 23 69.99 -24.07 30.64
C ALA F 23 71.49 -24.06 30.41
N ASN F 24 71.87 -23.70 29.18
CA ASN F 24 73.28 -23.58 28.82
C ASN F 24 73.95 -22.43 29.56
N CYS F 25 73.17 -21.60 30.26
CA CYS F 25 73.63 -20.49 31.09
C CYS F 25 74.38 -21.03 32.30
N PRO F 26 75.38 -20.29 32.81
CA PRO F 26 76.19 -20.82 33.93
C PRO F 26 75.43 -21.24 35.16
N MET F 27 74.64 -20.35 35.77
CA MET F 27 74.02 -20.64 37.05
C MET F 27 72.66 -19.96 37.17
N PRO F 28 71.58 -20.74 37.27
CA PRO F 28 70.30 -20.16 37.67
C PRO F 28 70.22 -20.02 39.18
N LEU F 29 69.08 -19.60 39.71
CA LEU F 29 68.94 -19.33 41.13
C LEU F 29 68.37 -20.54 41.85
N ALA F 30 68.97 -20.90 42.99
CA ALA F 30 68.51 -21.98 43.85
C ALA F 30 67.17 -21.61 44.48
N PRO F 31 66.37 -22.58 44.99
CA PRO F 31 65.02 -22.23 45.45
C PRO F 31 65.01 -21.36 46.70
N ALA F 32 63.80 -21.03 47.17
CA ALA F 32 63.59 -20.12 48.28
C ALA F 32 62.90 -20.80 49.46
N ASP F 33 63.35 -21.99 49.84
CA ASP F 33 62.73 -22.71 50.96
C ASP F 33 62.83 -21.90 52.25
N LYS F 34 62.00 -22.25 53.21
CA LYS F 34 61.94 -21.57 54.50
C LYS F 34 61.31 -22.54 55.50
N ASN F 35 60.90 -22.01 56.65
CA ASN F 35 60.13 -22.79 57.61
C ASN F 35 58.86 -23.31 56.96
N LYS F 36 58.39 -24.46 57.45
CA LYS F 36 57.24 -25.13 56.85
C LYS F 36 56.26 -25.55 57.92
N ARG F 37 54.97 -25.47 57.58
CA ARG F 37 53.88 -25.95 58.41
C ARG F 37 52.62 -25.98 57.56
N GLN F 38 51.70 -26.89 57.90
CA GLN F 38 50.50 -27.07 57.12
C GLN F 38 49.42 -26.09 57.54
N ASP F 39 48.37 -25.99 56.73
CA ASP F 39 47.26 -25.12 57.02
C ASP F 39 46.36 -25.74 58.09
N GLU F 40 45.42 -24.94 58.58
CA GLU F 40 44.48 -25.40 59.58
C GLU F 40 43.14 -24.73 59.35
N LEU F 41 42.07 -25.44 59.69
CA LEU F 41 40.73 -24.89 59.60
C LEU F 41 40.53 -23.93 60.76
N ILE F 42 40.92 -22.68 60.55
CA ILE F 42 40.54 -21.62 61.46
C ILE F 42 39.02 -21.62 61.58
N VAL F 43 38.54 -21.44 62.81
CA VAL F 43 37.12 -21.56 63.13
C VAL F 43 36.59 -20.22 63.62
N LEU F 44 35.66 -19.66 62.85
CA LEU F 44 35.04 -18.40 63.17
C LEU F 44 33.74 -18.64 63.91
N ASN F 45 33.49 -17.86 64.95
CA ASN F 45 32.21 -17.92 65.65
C ASN F 45 31.54 -16.57 65.44
N VAL F 46 30.56 -16.54 64.56
CA VAL F 46 29.76 -15.34 64.35
C VAL F 46 28.42 -15.57 65.05
N SER F 47 28.26 -14.95 66.21
CA SER F 47 27.00 -14.92 66.95
C SER F 47 26.44 -16.33 67.16
N GLY F 48 27.27 -17.17 67.76
CA GLY F 48 26.84 -18.52 68.06
C GLY F 48 27.02 -19.48 66.91
N ARG F 49 27.01 -18.98 65.68
CA ARG F 49 27.17 -19.86 64.52
C ARG F 49 28.65 -20.07 64.25
N ARG F 50 29.00 -21.24 63.73
CA ARG F 50 30.40 -21.62 63.57
C ARG F 50 30.69 -21.91 62.11
N PHE F 51 31.77 -21.35 61.61
CA PHE F 51 32.28 -21.64 60.27
C PHE F 51 33.75 -22.05 60.40
N GLN F 52 34.23 -22.77 59.39
CA GLN F 52 35.61 -23.22 59.42
C GLN F 52 36.19 -23.17 58.02
N THR F 53 37.49 -22.86 57.95
CA THR F 53 38.16 -22.85 56.66
C THR F 53 39.66 -22.77 56.87
N TRP F 54 40.40 -23.21 55.85
CA TRP F 54 41.85 -23.15 55.90
C TRP F 54 42.33 -21.70 56.04
N ARG F 55 43.48 -21.53 56.70
CA ARG F 55 43.98 -20.19 56.95
C ARG F 55 44.43 -19.50 55.67
N THR F 56 45.02 -20.26 54.74
CA THR F 56 45.38 -19.71 53.44
C THR F 56 44.18 -19.15 52.70
N THR F 57 43.01 -19.77 52.86
CA THR F 57 41.79 -19.19 52.31
C THR F 57 41.53 -17.80 52.88
N LEU F 58 41.88 -17.59 54.14
CA LEU F 58 41.78 -16.24 54.71
C LEU F 58 42.81 -15.32 54.08
N GLU F 59 44.07 -15.76 54.03
CA GLU F 59 45.17 -14.89 53.61
C GLU F 59 45.08 -14.46 52.16
N ARG F 60 44.09 -14.93 51.41
CA ARG F 60 44.02 -14.66 49.98
C ARG F 60 43.97 -13.18 49.64
N TYR F 61 43.34 -12.36 50.47
CA TYR F 61 43.24 -10.92 50.22
C TYR F 61 43.44 -10.18 51.54
N PRO F 62 44.69 -9.86 51.88
CA PRO F 62 44.96 -9.14 53.14
C PRO F 62 44.50 -7.69 53.17
N ASP F 63 43.82 -7.22 52.13
CA ASP F 63 43.23 -5.89 52.11
C ASP F 63 41.82 -5.90 52.68
N THR F 64 41.48 -6.95 53.43
CA THR F 64 40.19 -7.07 54.08
C THR F 64 40.41 -7.21 55.57
N LEU F 65 39.33 -7.49 56.30
CA LEU F 65 39.46 -7.67 57.75
C LEU F 65 40.13 -9.00 58.07
N LEU F 66 39.48 -10.10 57.71
CA LEU F 66 40.03 -11.41 58.03
C LEU F 66 41.19 -11.77 57.12
N GLY F 67 41.18 -11.27 55.89
CA GLY F 67 42.26 -11.52 54.95
C GLY F 67 43.57 -11.01 55.49
N SER F 68 43.52 -9.91 56.22
CA SER F 68 44.69 -9.35 56.86
C SER F 68 44.99 -10.15 58.13
N THR F 69 45.85 -9.61 58.98
CA THR F 69 46.27 -10.28 60.21
C THR F 69 45.56 -9.71 61.44
N GLU F 70 44.87 -8.59 61.30
CA GLU F 70 44.29 -7.89 62.44
C GLU F 70 42.95 -8.46 62.87
N LYS F 71 42.62 -9.68 62.48
CA LYS F 71 41.40 -10.31 62.98
C LYS F 71 41.49 -10.67 64.45
N GLU F 72 42.63 -10.41 65.08
CA GLU F 72 42.87 -10.80 66.46
C GLU F 72 42.22 -9.88 67.48
N PHE F 73 41.80 -8.68 67.07
CA PHE F 73 40.95 -7.87 67.93
C PHE F 73 39.65 -8.57 68.28
N PHE F 74 39.35 -9.67 67.60
CA PHE F 74 38.13 -10.44 67.83
C PHE F 74 38.44 -11.91 68.06
N PHE F 75 39.69 -12.31 67.89
CA PHE F 75 40.13 -13.62 68.35
C PHE F 75 39.98 -13.71 69.86
N ASN F 76 39.12 -14.60 70.30
CA ASN F 76 38.94 -14.87 71.72
C ASN F 76 39.76 -16.12 72.02
N GLU F 77 40.98 -15.91 72.51
CA GLU F 77 41.77 -17.00 73.05
C GLU F 77 41.01 -17.81 74.09
N ASP F 78 40.07 -17.18 74.79
CA ASP F 78 39.15 -17.91 75.65
C ASP F 78 38.35 -18.94 74.87
N THR F 79 38.11 -18.69 73.58
CA THR F 79 37.47 -19.64 72.69
C THR F 79 38.39 -20.17 71.61
N LYS F 80 39.51 -19.49 71.33
CA LYS F 80 40.37 -19.80 70.19
C LYS F 80 39.59 -19.69 68.88
N GLU F 81 38.43 -19.06 68.96
CA GLU F 81 37.59 -18.77 67.80
C GLU F 81 37.42 -17.27 67.71
N TYR F 82 37.80 -16.69 66.57
CA TYR F 82 37.51 -15.29 66.32
C TYR F 82 36.00 -15.11 66.40
N PHE F 83 35.53 -14.41 67.42
CA PHE F 83 34.10 -14.19 67.59
C PHE F 83 33.76 -12.80 67.08
N PHE F 84 32.68 -12.69 66.32
CA PHE F 84 32.19 -11.43 65.81
C PHE F 84 30.73 -11.25 66.20
N ASP F 85 30.39 -10.06 66.68
CA ASP F 85 28.99 -9.76 66.97
C ASP F 85 28.31 -9.04 65.80
N ARG F 86 28.42 -9.62 64.61
CA ARG F 86 27.73 -9.16 63.42
C ARG F 86 26.86 -10.31 62.91
N ASP F 87 26.10 -10.04 61.86
CA ASP F 87 25.26 -11.11 61.33
C ASP F 87 26.13 -12.15 60.63
N PRO F 88 25.86 -13.44 60.80
CA PRO F 88 26.59 -14.47 60.05
C PRO F 88 26.04 -14.73 58.66
N GLU F 89 24.73 -14.58 58.45
CA GLU F 89 24.12 -14.84 57.17
C GLU F 89 24.66 -13.94 56.08
N VAL F 90 24.90 -12.66 56.39
CA VAL F 90 25.63 -11.79 55.49
C VAL F 90 27.12 -12.08 55.49
N PHE F 91 27.67 -12.53 56.61
CA PHE F 91 29.04 -13.01 56.61
C PHE F 91 29.19 -14.27 55.79
N ARG F 92 28.12 -15.05 55.67
CA ARG F 92 28.18 -16.27 54.87
C ARG F 92 28.64 -15.97 53.44
N CYS F 93 28.06 -14.92 52.84
CA CYS F 93 28.48 -14.51 51.51
C CYS F 93 29.95 -14.14 51.49
N VAL F 94 30.43 -13.46 52.54
CA VAL F 94 31.83 -13.06 52.59
C VAL F 94 32.73 -14.28 52.60
N LEU F 95 32.43 -15.25 53.47
CA LEU F 95 33.18 -16.50 53.47
C LEU F 95 33.18 -17.13 52.09
N ASN F 96 31.99 -17.31 51.52
CA ASN F 96 31.90 -17.93 50.20
C ASN F 96 32.75 -17.21 49.18
N PHE F 97 32.78 -15.88 49.21
CA PHE F 97 33.68 -15.14 48.34
C PHE F 97 35.13 -15.52 48.61
N TYR F 98 35.53 -15.47 49.89
CA TYR F 98 36.88 -15.88 50.27
C TYR F 98 37.22 -17.23 49.66
N ARG F 99 36.28 -18.15 49.64
CA ARG F 99 36.51 -19.43 48.98
C ARG F 99 36.65 -19.22 47.47
N THR F 100 35.61 -18.70 46.83
CA THR F 100 35.61 -18.56 45.38
C THR F 100 36.55 -17.44 44.94
N GLY F 101 36.26 -16.22 45.38
CA GLY F 101 36.95 -15.05 44.87
C GLY F 101 36.00 -14.15 44.11
N LYS F 102 34.71 -14.43 44.22
CA LYS F 102 33.66 -13.57 43.67
C LYS F 102 32.56 -13.45 44.70
N LEU F 103 31.93 -12.29 44.74
CA LEU F 103 30.83 -12.05 45.66
C LEU F 103 29.52 -11.97 44.88
N HIS F 104 28.41 -12.17 45.56
CA HIS F 104 27.10 -12.00 44.94
C HIS F 104 26.15 -11.31 45.91
N TYR F 105 24.90 -11.17 45.49
CA TYR F 105 23.96 -10.40 46.28
C TYR F 105 22.70 -11.20 46.57
N PRO F 106 22.42 -11.49 47.84
CA PRO F 106 21.10 -12.00 48.20
C PRO F 106 20.04 -10.92 47.98
N ARG F 107 19.14 -11.19 47.04
CA ARG F 107 18.26 -10.17 46.50
C ARG F 107 17.42 -9.49 47.56
N TYR F 108 17.08 -10.18 48.64
CA TYR F 108 16.08 -9.71 49.57
C TYR F 108 16.70 -8.96 50.74
N GLU F 109 17.89 -8.43 50.57
CA GLU F 109 18.62 -7.81 51.66
C GLU F 109 18.40 -6.31 51.69
N CYS F 110 18.04 -5.80 52.86
CA CYS F 110 17.93 -4.36 53.02
C CYS F 110 19.30 -3.77 52.80
N ILE F 111 19.49 -3.14 51.64
CA ILE F 111 20.79 -2.85 51.06
C ILE F 111 21.69 -2.13 52.07
N SER F 112 21.08 -1.40 53.00
CA SER F 112 21.83 -0.77 54.08
C SER F 112 22.68 -1.78 54.83
N ALA F 113 22.05 -2.85 55.32
CA ALA F 113 22.78 -3.84 56.09
C ALA F 113 23.87 -4.49 55.25
N TYR F 114 23.54 -4.86 54.02
CA TYR F 114 24.55 -5.49 53.17
C TYR F 114 25.76 -4.60 53.03
N ASP F 115 25.53 -3.33 52.69
CA ASP F 115 26.65 -2.43 52.42
C ASP F 115 27.47 -2.17 53.68
N ASP F 116 26.80 -1.96 54.81
CA ASP F 116 27.59 -1.64 56.00
C ASP F 116 28.35 -2.85 56.52
N GLU F 117 27.83 -4.06 56.32
CA GLU F 117 28.61 -5.24 56.66
C GLU F 117 29.80 -5.38 55.72
N LEU F 118 29.59 -5.11 54.43
CA LEU F 118 30.70 -5.07 53.50
C LEU F 118 31.81 -4.16 53.99
N ALA F 119 31.45 -2.94 54.38
CA ALA F 119 32.43 -2.01 54.91
C ALA F 119 33.04 -2.55 56.19
N PHE F 120 32.21 -3.11 57.07
CA PHE F 120 32.69 -3.65 58.34
C PHE F 120 33.82 -4.64 58.13
N TYR F 121 33.67 -5.55 57.19
CA TYR F 121 34.72 -6.52 56.94
C TYR F 121 35.75 -6.03 55.93
N GLY F 122 35.67 -4.77 55.51
CA GLY F 122 36.64 -4.19 54.62
C GLY F 122 36.43 -4.54 53.16
N ILE F 123 35.22 -4.95 52.78
CA ILE F 123 35.01 -5.43 51.43
C ILE F 123 34.61 -4.27 50.52
N LEU F 124 34.93 -4.41 49.23
CA LEU F 124 34.60 -3.40 48.23
C LEU F 124 33.26 -3.70 47.57
N PRO F 125 32.27 -2.84 47.79
CA PRO F 125 30.97 -3.06 47.13
C PRO F 125 31.02 -2.92 45.62
N GLU F 126 32.17 -2.54 45.05
CA GLU F 126 32.22 -2.36 43.60
C GLU F 126 32.61 -3.65 42.88
N ILE F 127 33.35 -4.53 43.55
CA ILE F 127 33.89 -5.72 42.88
C ILE F 127 32.88 -6.86 42.95
N ILE F 128 31.62 -6.54 43.24
CA ILE F 128 30.56 -7.54 43.15
C ILE F 128 30.60 -8.19 41.78
N GLY F 129 30.39 -9.50 41.75
CA GLY F 129 30.30 -10.20 40.47
C GLY F 129 29.25 -9.57 39.58
N ASP F 130 29.71 -9.00 38.46
CA ASP F 130 28.81 -8.28 37.57
C ASP F 130 27.70 -9.18 37.05
N CYS F 131 27.89 -10.49 37.12
CA CYS F 131 26.80 -11.43 36.85
C CYS F 131 25.58 -11.09 37.70
N CYS F 132 25.79 -10.49 38.86
CA CYS F 132 24.74 -9.89 39.66
C CYS F 132 25.21 -8.50 40.07
N TYR F 133 25.02 -7.53 39.18
CA TYR F 133 25.51 -6.18 39.46
C TYR F 133 24.44 -5.11 39.42
N GLU F 134 23.69 -5.00 38.33
CA GLU F 134 22.81 -3.86 38.15
C GLU F 134 21.72 -3.80 39.22
N GLU F 135 21.17 -4.94 39.60
CA GLU F 135 20.17 -4.97 40.66
C GLU F 135 20.71 -4.36 41.95
N TYR F 136 22.02 -4.52 42.20
CA TYR F 136 22.62 -3.84 43.33
C TYR F 136 22.48 -2.34 43.19
N LYS F 137 22.79 -1.81 42.01
CA LYS F 137 22.64 -0.39 41.77
C LYS F 137 21.18 0.03 41.88
N ASP F 138 20.26 -0.85 41.53
CA ASP F 138 18.84 -0.53 41.61
C ASP F 138 18.40 -0.40 43.07
N ARG F 139 18.79 -1.37 43.89
CA ARG F 139 18.55 -1.25 45.33
C ARG F 139 19.19 0.03 45.87
N LYS F 140 20.40 0.33 45.40
CA LYS F 140 21.09 1.54 45.82
C LYS F 140 20.24 2.78 45.55
N ARG F 141 19.81 2.94 44.30
CA ARG F 141 19.10 4.16 43.93
C ARG F 141 17.73 4.25 44.59
N GLU F 142 17.02 3.11 44.68
CA GLU F 142 15.71 3.14 45.32
C GLU F 142 15.85 3.48 46.80
N ASN F 143 16.89 2.98 47.46
CA ASN F 143 17.08 3.29 48.87
C ASN F 143 17.44 4.76 49.04
N ALA F 144 18.34 5.26 48.19
CA ALA F 144 18.68 6.67 48.20
C ALA F 144 17.44 7.53 48.11
N GLU F 145 16.58 7.24 47.13
CA GLU F 145 15.33 7.98 46.99
C GLU F 145 14.47 7.85 48.24
N ARG F 146 14.31 6.62 48.74
CA ARG F 146 13.53 6.37 49.93
C ARG F 146 13.94 7.27 51.08
N LEU F 147 15.24 7.51 51.23
CA LEU F 147 15.69 8.34 52.36
C LEU F 147 15.56 9.82 52.06
N MET F 148 15.14 10.18 50.84
CA MET F 148 14.93 11.58 50.49
C MET F 148 13.52 12.03 50.86
N LEU F 163 14.95 38.51 56.71
CA LEU F 163 14.20 37.42 57.30
C LEU F 163 12.89 37.93 57.92
N SER F 164 12.94 39.16 58.43
CA SER F 164 11.77 39.73 59.09
C SER F 164 10.64 39.97 58.09
N PHE F 165 10.90 40.75 57.06
CA PHE F 165 9.84 41.08 56.12
C PHE F 165 10.22 40.82 54.67
N ARG F 166 11.46 41.09 54.27
CA ARG F 166 11.82 41.00 52.86
C ARG F 166 11.57 39.63 52.27
N GLN F 167 12.04 38.57 52.92
CA GLN F 167 11.81 37.21 52.45
C GLN F 167 10.59 36.59 53.10
N THR F 168 9.88 37.32 53.96
CA THR F 168 8.64 36.81 54.50
C THR F 168 7.64 36.52 53.40
N MET F 169 7.37 37.51 52.55
CA MET F 169 6.53 37.28 51.37
C MET F 169 7.07 36.15 50.51
N TRP F 170 8.40 36.06 50.39
CA TRP F 170 8.98 35.00 49.58
C TRP F 170 8.57 33.63 50.11
N ARG F 171 8.98 33.31 51.33
CA ARG F 171 8.61 32.05 51.96
C ARG F 171 7.10 31.85 51.92
N ALA F 172 6.33 32.94 52.02
CA ALA F 172 4.89 32.84 51.96
C ALA F 172 4.43 32.36 50.60
N PHE F 173 5.20 32.67 49.55
CA PHE F 173 4.78 32.31 48.20
C PHE F 173 4.96 30.81 47.95
N GLU F 174 6.18 30.31 48.10
CA GLU F 174 6.45 28.93 47.70
C GLU F 174 5.67 27.92 48.54
N ASN F 175 5.03 28.42 49.60
CA ASN F 175 3.98 27.67 50.28
C ASN F 175 3.00 28.67 50.82
N PRO F 176 1.86 28.82 50.18
CA PRO F 176 0.81 29.68 50.72
C PRO F 176 0.36 29.17 52.08
N HIS F 177 0.38 27.86 52.27
CA HIS F 177 0.05 27.23 53.55
C HIS F 177 0.92 27.73 54.69
N THR F 178 1.99 28.47 54.41
CA THR F 178 2.82 29.04 55.46
C THR F 178 1.97 29.89 56.41
N SER F 179 1.34 30.92 55.88
CA SER F 179 0.46 31.77 56.67
C SER F 179 -0.96 31.63 56.17
N THR F 180 -1.86 32.43 56.74
CA THR F 180 -3.19 32.58 56.17
C THR F 180 -3.24 33.73 55.16
N LEU F 181 -2.41 34.75 55.35
CA LEU F 181 -2.35 35.83 54.38
C LEU F 181 -1.75 35.35 53.06
N ALA F 182 -0.71 34.50 53.13
CA ALA F 182 -0.18 33.91 51.91
C ALA F 182 -1.24 33.09 51.20
N LEU F 183 -2.01 32.31 51.94
CA LEU F 183 -3.06 31.48 51.34
C LEU F 183 -4.11 32.34 50.67
N VAL F 184 -4.56 33.40 51.35
CA VAL F 184 -5.60 34.22 50.74
C VAL F 184 -5.06 35.02 49.57
N PHE F 185 -3.78 35.39 49.60
CA PHE F 185 -3.20 36.08 48.46
C PHE F 185 -3.10 35.16 47.25
N TYR F 186 -2.64 33.94 47.46
CA TYR F 186 -2.63 32.95 46.38
C TYR F 186 -4.04 32.73 45.85
N TYR F 187 -5.01 32.61 46.75
CA TYR F 187 -6.40 32.38 46.36
C TYR F 187 -7.02 33.58 45.67
N VAL F 188 -6.45 34.78 45.81
CA VAL F 188 -7.00 35.93 45.10
C VAL F 188 -6.25 36.21 43.80
N THR F 189 -4.96 35.90 43.72
CA THR F 189 -4.28 36.05 42.44
C THR F 189 -4.64 34.93 41.48
N GLY F 190 -4.76 33.69 41.95
CA GLY F 190 -5.33 32.66 41.11
C GLY F 190 -6.78 32.88 40.76
N PHE F 191 -7.32 34.06 41.07
CA PHE F 191 -8.67 34.41 40.68
C PHE F 191 -8.68 35.36 39.48
N PHE F 192 -7.85 36.37 39.52
CA PHE F 192 -7.84 37.32 38.43
C PHE F 192 -7.26 36.72 37.16
N ILE F 193 -6.41 35.70 37.26
CA ILE F 193 -6.02 34.97 36.07
C ILE F 193 -7.26 34.41 35.38
N ALA F 194 -8.12 33.77 36.17
CA ALA F 194 -9.34 33.22 35.60
C ALA F 194 -10.24 34.32 35.05
N VAL F 195 -10.30 35.45 35.75
CA VAL F 195 -11.16 36.54 35.27
C VAL F 195 -10.68 37.05 33.92
N SER F 196 -9.37 37.19 33.77
CA SER F 196 -8.84 37.68 32.51
C SER F 196 -9.02 36.65 31.41
N VAL F 197 -8.89 35.36 31.74
CA VAL F 197 -9.15 34.32 30.75
C VAL F 197 -10.60 34.41 30.28
N ILE F 198 -11.53 34.53 31.23
CA ILE F 198 -12.94 34.59 30.86
C ILE F 198 -13.20 35.77 29.94
N THR F 199 -12.68 36.95 30.28
CA THR F 199 -13.00 38.11 29.46
C THR F 199 -12.28 38.06 28.11
N ASN F 200 -11.06 37.52 28.09
CA ASN F 200 -10.37 37.27 26.82
C ASN F 200 -11.18 36.34 25.94
N VAL F 201 -12.01 35.49 26.53
CA VAL F 201 -12.91 34.67 25.72
C VAL F 201 -14.12 35.48 25.29
N VAL F 202 -14.70 36.23 26.23
CA VAL F 202 -16.00 36.85 25.98
C VAL F 202 -15.91 37.95 24.93
N GLU F 203 -14.72 38.56 24.73
CA GLU F 203 -14.68 39.63 23.72
C GLU F 203 -15.27 39.21 22.39
N THR F 204 -15.07 37.96 21.98
CA THR F 204 -15.51 37.47 20.69
C THR F 204 -16.98 37.13 20.63
N VAL F 205 -17.70 37.21 21.74
CA VAL F 205 -19.12 36.88 21.76
C VAL F 205 -19.90 37.95 21.01
N PRO F 206 -20.72 37.58 20.07
CA PRO F 206 -21.76 38.51 19.62
C PRO F 206 -22.85 38.65 20.66
N CYS F 207 -22.84 39.75 21.41
CA CYS F 207 -23.82 39.92 22.47
C CYS F 207 -24.46 41.29 22.34
N GLY F 208 -25.76 41.35 22.57
CA GLY F 208 -26.50 42.57 22.33
C GLY F 208 -26.95 42.64 20.90
N THR F 209 -28.26 42.79 20.69
CA THR F 209 -28.80 42.79 19.34
C THR F 209 -28.24 43.91 18.47
N VAL F 210 -27.79 45.00 19.08
CA VAL F 210 -27.34 46.20 18.37
C VAL F 210 -28.46 46.59 17.41
N PRO F 211 -29.58 47.15 17.91
CA PRO F 211 -30.76 47.34 17.05
C PRO F 211 -30.55 48.26 15.87
N GLY F 212 -29.41 48.95 15.81
CA GLY F 212 -29.18 49.91 14.75
C GLY F 212 -28.38 49.38 13.57
N SER F 213 -27.39 48.54 13.85
CA SER F 213 -26.45 48.10 12.83
C SER F 213 -26.16 46.61 13.04
N LYS F 214 -25.10 46.13 12.39
CA LYS F 214 -24.70 44.75 12.50
C LYS F 214 -24.29 44.44 13.95
N GLU F 215 -24.03 43.17 14.20
CA GLU F 215 -23.73 42.74 15.56
C GLU F 215 -22.26 42.95 15.89
N LEU F 216 -22.02 43.76 16.91
CA LEU F 216 -20.68 44.01 17.42
C LEU F 216 -20.28 42.94 18.41
N PRO F 217 -19.15 42.27 18.19
CA PRO F 217 -18.62 41.37 19.22
C PRO F 217 -18.52 42.10 20.55
N CYS F 218 -19.12 41.50 21.58
CA CYS F 218 -19.38 42.20 22.83
C CYS F 218 -18.19 43.01 23.31
N GLY F 219 -16.97 42.50 23.07
CA GLY F 219 -15.79 43.24 23.46
C GLY F 219 -15.72 44.63 22.86
N GLU F 220 -15.97 44.75 21.56
CA GLU F 220 -15.85 46.05 20.90
C GLU F 220 -17.04 46.95 21.17
N ARG F 221 -18.24 46.40 21.35
CA ARG F 221 -19.37 47.23 21.74
C ARG F 221 -19.08 47.96 23.03
N TYR F 222 -18.72 47.22 24.08
CA TYR F 222 -18.30 47.83 25.33
C TYR F 222 -16.77 47.83 25.42
N SER F 223 -16.15 48.53 24.47
CA SER F 223 -14.69 48.56 24.41
C SER F 223 -14.11 49.17 25.68
N VAL F 224 -14.80 50.16 26.24
CA VAL F 224 -14.30 50.78 27.47
C VAL F 224 -14.26 49.78 28.61
N ALA F 225 -15.33 49.01 28.79
CA ALA F 225 -15.38 48.07 29.90
C ALA F 225 -14.30 47.01 29.76
N PHE F 226 -14.29 46.32 28.62
CA PHE F 226 -13.30 45.28 28.39
C PHE F 226 -11.89 45.82 28.48
N PHE F 227 -11.64 46.98 27.89
CA PHE F 227 -10.31 47.58 27.93
C PHE F 227 -9.88 47.85 29.36
N CYS F 228 -10.74 48.53 30.14
CA CYS F 228 -10.37 48.86 31.51
C CYS F 228 -10.13 47.60 32.33
N LEU F 229 -10.93 46.56 32.09
CA LEU F 229 -10.74 45.32 32.85
C LEU F 229 -9.40 44.68 32.50
N ASP F 230 -9.05 44.65 31.22
CA ASP F 230 -7.75 44.11 30.83
C ASP F 230 -6.63 44.91 31.47
N THR F 231 -6.76 46.24 31.48
CA THR F 231 -5.75 47.07 32.14
C THR F 231 -5.58 46.68 33.59
N ALA F 232 -6.70 46.58 34.32
CA ALA F 232 -6.62 46.28 35.75
C ALA F 232 -5.99 44.91 35.99
N CYS F 233 -6.36 43.91 35.20
CA CYS F 233 -5.82 42.59 35.43
C CYS F 233 -4.33 42.52 35.11
N VAL F 234 -3.90 43.12 34.01
CA VAL F 234 -2.47 43.13 33.71
C VAL F 234 -1.72 43.92 34.76
N MET F 235 -2.35 44.99 35.27
CA MET F 235 -1.77 45.75 36.37
C MET F 235 -1.48 44.82 37.55
N ILE F 236 -2.47 44.04 37.93
CA ILE F 236 -2.30 43.15 39.08
C ILE F 236 -1.21 42.12 38.79
N PHE F 237 -1.19 41.58 37.58
CA PHE F 237 -0.18 40.58 37.25
C PHE F 237 1.23 41.17 37.36
N THR F 238 1.40 42.38 36.87
CA THR F 238 2.72 43.02 36.95
C THR F 238 3.08 43.35 38.39
N VAL F 239 2.13 43.86 39.17
CA VAL F 239 2.36 44.11 40.57
C VAL F 239 2.87 42.85 41.25
N GLU F 240 2.26 41.71 40.92
CA GLU F 240 2.74 40.45 41.47
C GLU F 240 4.15 40.14 41.01
N TYR F 241 4.40 40.22 39.69
CA TYR F 241 5.68 39.80 39.16
C TYR F 241 6.83 40.61 39.72
N LEU F 242 6.61 41.91 39.92
CA LEU F 242 7.67 42.76 40.45
C LEU F 242 8.16 42.24 41.78
N LEU F 243 7.27 42.16 42.77
CA LEU F 243 7.68 41.68 44.09
C LEU F 243 8.10 40.23 44.04
N ARG F 244 7.66 39.48 43.02
CA ARG F 244 8.20 38.13 42.84
C ARG F 244 9.69 38.20 42.55
N LEU F 245 10.08 39.14 41.69
CA LEU F 245 11.50 39.30 41.43
C LEU F 245 12.21 39.87 42.66
N PHE F 246 11.52 40.75 43.39
CA PHE F 246 12.09 41.38 44.58
C PHE F 246 12.38 40.36 45.68
N ALA F 247 11.57 39.33 45.81
CA ALA F 247 11.74 38.32 46.85
C ALA F 247 12.72 37.23 46.43
N ALA F 248 13.26 37.31 45.23
CA ALA F 248 14.05 36.23 44.68
C ALA F 248 15.44 36.20 45.31
N PRO F 249 15.88 35.04 45.79
CA PRO F 249 17.24 34.93 46.33
C PRO F 249 18.25 35.23 45.23
N SER F 250 18.20 34.42 44.18
CA SER F 250 18.99 34.64 42.99
C SER F 250 18.05 35.21 41.92
N ARG F 251 17.95 36.54 41.88
CA ARG F 251 17.09 37.20 40.92
C ARG F 251 17.64 37.00 39.51
N TYR F 252 18.71 36.23 39.37
CA TYR F 252 19.18 35.74 38.10
C TYR F 252 18.59 34.38 37.74
N ARG F 253 18.60 33.45 38.69
CA ARG F 253 17.92 32.18 38.45
C ARG F 253 16.41 32.36 38.33
N PHE F 254 15.83 33.19 39.20
CA PHE F 254 14.41 33.51 39.12
C PHE F 254 13.99 33.92 37.72
N ILE F 255 14.83 34.67 37.00
CA ILE F 255 14.48 35.03 35.64
C ILE F 255 14.62 33.83 34.72
N ARG F 256 15.62 32.99 34.93
CA ARG F 256 15.79 31.83 34.07
C ARG F 256 14.77 30.74 34.37
N SER F 257 13.77 31.03 35.20
CA SER F 257 12.67 30.12 35.40
C SER F 257 11.71 30.20 34.20
N VAL F 258 11.01 29.08 33.96
CA VAL F 258 10.05 29.08 32.87
C VAL F 258 8.84 29.92 33.22
N MET F 259 8.41 29.87 34.48
CA MET F 259 7.24 30.64 34.90
C MET F 259 7.47 32.13 34.85
N SER F 260 8.70 32.58 35.05
CA SER F 260 9.04 33.98 34.78
C SER F 260 8.68 34.34 33.34
N ILE F 261 9.20 33.56 32.40
CA ILE F 261 8.90 33.78 30.98
C ILE F 261 7.40 33.81 30.76
N ILE F 262 6.66 32.97 31.47
CA ILE F 262 5.22 32.90 31.30
C ILE F 262 4.57 34.21 31.74
N ASP F 263 4.92 34.68 32.94
CA ASP F 263 4.43 35.97 33.39
C ASP F 263 4.73 37.07 32.38
N VAL F 264 5.96 37.08 31.85
CA VAL F 264 6.37 38.13 30.93
C VAL F 264 5.55 38.10 29.65
N VAL F 265 5.46 36.93 29.03
CA VAL F 265 4.69 36.81 27.79
C VAL F 265 3.21 36.97 28.06
N ALA F 266 2.80 36.89 29.32
CA ALA F 266 1.42 37.21 29.65
C ALA F 266 1.20 38.71 29.66
N ILE F 267 2.09 39.45 30.31
CA ILE F 267 1.83 40.86 30.57
C ILE F 267 2.24 41.74 29.41
N MET F 268 3.37 41.45 28.77
CA MET F 268 3.92 42.34 27.75
C MET F 268 3.01 42.56 26.55
N PRO F 269 2.37 41.53 25.97
CA PRO F 269 1.55 41.77 24.78
C PRO F 269 0.39 42.71 25.02
N TYR F 270 0.23 43.19 26.25
CA TYR F 270 -0.64 44.34 26.42
C TYR F 270 0.12 45.65 26.28
N TYR F 271 1.36 45.69 26.79
CA TYR F 271 2.18 46.88 26.59
C TYR F 271 2.41 47.14 25.12
N ILE F 272 2.69 46.09 24.34
CA ILE F 272 2.93 46.30 22.93
C ILE F 272 1.70 46.87 22.24
N GLY F 273 0.50 46.52 22.69
CA GLY F 273 -0.69 47.18 22.21
C GLY F 273 -0.80 48.61 22.66
N LEU F 274 -0.33 48.90 23.87
CA LEU F 274 -0.24 50.28 24.32
C LEU F 274 0.64 51.10 23.38
N VAL F 275 1.71 50.50 22.87
CA VAL F 275 2.61 51.21 21.97
C VAL F 275 2.03 51.29 20.57
N MET F 276 1.35 50.23 20.15
CA MET F 276 0.91 50.11 18.76
C MET F 276 -0.59 50.32 18.65
N THR F 277 -1.09 51.36 19.33
CA THR F 277 -2.51 51.67 19.37
C THR F 277 -3.13 51.77 17.99
N ASN F 278 -4.47 51.75 17.94
CA ASN F 278 -5.24 51.58 16.71
C ASN F 278 -4.86 52.55 15.60
N ASN F 279 -4.04 53.55 15.92
CA ASN F 279 -3.52 54.43 14.88
C ASN F 279 -2.63 53.67 13.91
N GLU F 280 -1.52 53.12 14.40
CA GLU F 280 -0.60 52.32 13.61
C GLU F 280 -1.07 50.87 13.69
N ASP F 281 -2.23 50.61 13.11
CA ASP F 281 -2.87 49.31 13.27
C ASP F 281 -2.92 48.59 11.93
N VAL F 282 -2.43 47.36 11.93
CA VAL F 282 -2.52 46.47 10.78
C VAL F 282 -3.06 45.13 11.25
N SER F 283 -4.12 44.67 10.60
CA SER F 283 -4.79 43.44 11.03
C SER F 283 -3.97 42.20 10.71
N GLY F 284 -2.86 42.35 9.99
CA GLY F 284 -2.05 41.21 9.64
C GLY F 284 -0.91 40.94 10.61
N ALA F 285 -0.73 41.83 11.59
CA ALA F 285 0.37 41.67 12.52
C ALA F 285 0.03 41.94 13.98
N PHE F 286 -1.21 42.29 14.32
CA PHE F 286 -1.57 42.49 15.72
C PHE F 286 -2.48 41.41 16.26
N VAL F 287 -3.07 40.59 15.39
CA VAL F 287 -3.76 39.40 15.88
C VAL F 287 -2.76 38.45 16.52
N THR F 288 -1.53 38.41 16.01
CA THR F 288 -0.53 37.54 16.61
C THR F 288 -0.07 38.03 17.96
N LEU F 289 -0.65 39.12 18.46
CA LEU F 289 -0.52 39.47 19.86
C LEU F 289 -1.84 39.40 20.60
N ARG F 290 -2.95 39.76 19.95
CA ARG F 290 -4.26 39.46 20.50
C ARG F 290 -4.32 38.03 21.01
N VAL F 291 -3.81 37.10 20.20
CA VAL F 291 -3.71 35.70 20.59
C VAL F 291 -3.04 35.58 21.95
N PHE F 292 -1.84 36.13 22.10
CA PHE F 292 -1.03 35.83 23.28
C PHE F 292 -1.67 36.28 24.58
N ARG F 293 -2.85 36.89 24.54
CA ARG F 293 -3.55 37.16 25.79
C ARG F 293 -4.03 35.88 26.43
N VAL F 294 -3.89 34.74 25.75
CA VAL F 294 -4.25 33.47 26.36
C VAL F 294 -3.16 32.91 27.25
N PHE F 295 -1.91 32.89 26.80
CA PHE F 295 -0.87 32.15 27.49
C PHE F 295 -0.80 32.49 28.98
N ARG F 296 -1.39 33.61 29.39
CA ARG F 296 -1.59 33.87 30.80
C ARG F 296 -2.47 32.81 31.46
N ILE F 297 -2.94 31.82 30.71
CA ILE F 297 -3.68 30.73 31.30
C ILE F 297 -2.74 29.78 32.01
N PHE F 298 -1.46 29.74 31.62
CA PHE F 298 -0.54 28.84 32.27
C PHE F 298 -0.20 29.27 33.69
N LYS F 299 -0.48 30.52 34.06
CA LYS F 299 -0.18 30.99 35.41
C LYS F 299 -0.78 30.08 36.47
N PHE F 300 -1.74 29.24 36.10
CA PHE F 300 -2.28 28.26 37.02
C PHE F 300 -1.26 27.17 37.30
N SER F 301 -0.19 27.11 36.50
CA SER F 301 0.88 26.15 36.76
C SER F 301 1.35 26.24 38.20
N ARG F 302 1.33 27.44 38.78
CA ARG F 302 1.61 27.59 40.20
C ARG F 302 0.54 26.97 41.07
N HIS F 303 -0.65 26.75 40.54
CA HIS F 303 -1.80 26.47 41.39
C HIS F 303 -2.15 24.99 41.37
N SER F 304 -1.94 24.32 40.25
CA SER F 304 -2.28 22.91 40.12
C SER F 304 -1.01 22.08 40.04
N GLN F 305 -0.98 20.96 40.74
CA GLN F 305 0.16 20.06 40.62
C GLN F 305 0.22 19.42 39.25
N GLY F 306 -0.93 19.19 38.62
CA GLY F 306 -0.95 18.45 37.37
C GLY F 306 -0.13 19.12 36.29
N LEU F 307 -0.26 20.44 36.16
CA LEU F 307 0.49 21.12 35.11
C LEU F 307 1.98 21.00 35.32
N ARG F 308 2.44 21.20 36.56
CA ARG F 308 3.86 21.11 36.83
C ARG F 308 4.38 19.71 36.56
N ILE F 309 3.67 18.71 37.08
CA ILE F 309 4.15 17.34 36.89
C ILE F 309 4.10 16.97 35.42
N LEU F 310 3.19 17.57 34.68
CA LEU F 310 3.11 17.31 33.25
C LEU F 310 4.29 17.92 32.53
N GLY F 311 4.64 19.15 32.88
CA GLY F 311 5.85 19.74 32.35
C GLY F 311 7.06 18.87 32.63
N TYR F 312 7.14 18.34 33.85
CA TYR F 312 8.27 17.47 34.18
C TYR F 312 8.28 16.23 33.30
N THR F 313 7.16 15.51 33.23
CA THR F 313 7.15 14.28 32.45
C THR F 313 7.41 14.54 30.98
N LEU F 314 6.98 15.68 30.45
CA LEU F 314 7.32 16.01 29.07
C LEU F 314 8.81 16.24 28.93
N LYS F 315 9.34 17.24 29.64
CA LYS F 315 10.74 17.61 29.44
C LYS F 315 11.67 16.46 29.77
N SER F 316 11.16 15.45 30.49
CA SER F 316 11.99 14.28 30.75
C SER F 316 12.04 13.33 29.57
N CYS F 317 10.88 12.95 29.01
CA CYS F 317 10.81 11.93 27.98
C CYS F 317 11.04 12.47 26.59
N ALA F 318 11.47 13.73 26.48
CA ALA F 318 11.57 14.38 25.18
C ALA F 318 12.47 13.63 24.21
N SER F 319 13.32 12.73 24.70
CA SER F 319 14.08 11.89 23.80
C SER F 319 13.19 10.90 23.06
N GLU F 320 11.91 10.83 23.42
CA GLU F 320 11.01 9.92 22.75
C GLU F 320 10.04 10.65 21.84
N LEU F 321 9.48 11.76 22.32
CA LEU F 321 8.64 12.57 21.44
C LEU F 321 9.43 13.06 20.23
N GLY F 322 10.73 13.22 20.36
CA GLY F 322 11.54 13.57 19.20
C GLY F 322 11.44 12.51 18.12
N PHE F 323 11.72 11.26 18.48
CA PHE F 323 11.61 10.20 17.48
C PHE F 323 10.17 10.05 17.01
N LEU F 324 9.20 10.33 17.88
CA LEU F 324 7.82 10.28 17.43
C LEU F 324 7.58 11.29 16.33
N LEU F 325 7.98 12.54 16.56
CA LEU F 325 7.81 13.56 15.55
C LEU F 325 8.49 13.15 14.26
N PHE F 326 9.70 12.62 14.36
CA PHE F 326 10.41 12.23 13.16
C PHE F 326 9.68 11.14 12.41
N SER F 327 9.26 10.09 13.11
CA SER F 327 8.63 8.95 12.46
C SER F 327 7.27 9.35 11.89
N LEU F 328 6.50 10.09 12.66
CA LEU F 328 5.21 10.55 12.15
C LEU F 328 5.39 11.42 10.92
N THR F 329 6.43 12.26 10.90
CA THR F 329 6.62 13.11 9.74
C THR F 329 7.02 12.29 8.52
N MET F 330 7.93 11.34 8.70
CA MET F 330 8.30 10.51 7.55
C MET F 330 7.13 9.69 7.05
N ALA F 331 6.25 9.26 7.96
CA ALA F 331 5.10 8.49 7.52
C ALA F 331 4.07 9.37 6.82
N ILE F 332 3.80 10.54 7.38
CA ILE F 332 2.99 11.52 6.66
C ILE F 332 3.49 11.68 5.26
N ILE F 333 4.81 11.86 5.11
CA ILE F 333 5.39 12.05 3.79
C ILE F 333 5.05 10.87 2.89
N ILE F 334 5.39 9.66 3.34
CA ILE F 334 5.21 8.49 2.49
C ILE F 334 3.76 8.41 2.02
N PHE F 335 2.82 8.51 2.96
CA PHE F 335 1.44 8.22 2.58
C PHE F 335 0.80 9.39 1.85
N ALA F 336 1.19 10.62 2.16
CA ALA F 336 0.72 11.74 1.36
C ALA F 336 1.14 11.58 -0.09
N THR F 337 2.41 11.27 -0.33
CA THR F 337 2.88 11.06 -1.70
C THR F 337 2.11 9.94 -2.38
N VAL F 338 1.95 8.82 -1.69
CA VAL F 338 1.33 7.66 -2.34
C VAL F 338 -0.13 7.96 -2.66
N MET F 339 -0.86 8.53 -1.71
CA MET F 339 -2.24 8.92 -2.00
C MET F 339 -2.31 9.90 -3.15
N PHE F 340 -1.40 10.88 -3.17
CA PHE F 340 -1.45 11.88 -4.23
C PHE F 340 -1.29 11.23 -5.59
N TYR F 341 -0.17 10.52 -5.79
CA TYR F 341 0.04 9.86 -7.08
C TYR F 341 -1.09 8.90 -7.42
N ALA F 342 -1.59 8.14 -6.46
CA ALA F 342 -2.67 7.20 -6.74
C ALA F 342 -3.92 7.94 -7.20
N GLU F 343 -4.35 8.94 -6.44
CA GLU F 343 -5.50 9.74 -6.80
C GLU F 343 -5.10 11.04 -7.47
N LYS F 344 -4.01 11.05 -8.21
CA LYS F 344 -3.62 12.21 -8.99
C LYS F 344 -4.67 12.55 -10.03
N GLY F 345 -4.90 11.63 -10.96
CA GLY F 345 -5.87 11.85 -12.01
C GLY F 345 -7.23 11.27 -11.72
N SER F 346 -8.21 12.14 -11.50
CA SER F 346 -9.59 11.74 -11.33
C SER F 346 -10.48 12.92 -11.73
N SER F 347 -11.75 12.83 -11.36
CA SER F 347 -12.72 13.84 -11.77
C SER F 347 -12.35 15.22 -11.27
N ALA F 348 -12.39 15.41 -9.95
CA ALA F 348 -12.07 16.66 -9.31
C ALA F 348 -11.09 16.42 -8.17
N SER F 349 -10.01 15.71 -8.48
CA SER F 349 -9.15 15.18 -7.44
C SER F 349 -8.58 16.32 -6.62
N LYS F 350 -9.11 16.53 -5.43
CA LYS F 350 -8.62 17.60 -4.57
C LYS F 350 -7.30 17.32 -4.06
N PHE F 351 -6.74 16.16 -4.40
CA PHE F 351 -5.36 15.84 -4.10
C PHE F 351 -4.48 16.59 -5.10
N THR F 352 -4.52 17.91 -4.96
CA THR F 352 -3.76 18.80 -5.84
C THR F 352 -2.28 18.61 -5.72
N SER F 353 -1.77 18.33 -4.52
CA SER F 353 -0.35 18.44 -4.29
C SER F 353 -0.02 17.80 -2.96
N ILE F 354 1.25 17.45 -2.81
CA ILE F 354 1.72 16.92 -1.54
C ILE F 354 1.43 17.87 -0.38
N PRO F 355 1.43 19.19 -0.55
CA PRO F 355 0.96 20.05 0.54
C PRO F 355 -0.54 20.06 0.71
N ALA F 356 -1.29 19.48 -0.21
CA ALA F 356 -2.72 19.32 -0.02
C ALA F 356 -3.13 17.87 0.21
N SER F 357 -2.21 16.94 0.01
CA SER F 357 -2.40 15.55 0.44
C SER F 357 -1.76 15.30 1.79
N PHE F 358 -1.40 16.36 2.51
CA PHE F 358 -1.06 16.23 3.93
C PHE F 358 -2.30 16.33 4.78
N TRP F 359 -3.20 17.25 4.43
CA TRP F 359 -4.45 17.37 5.15
C TRP F 359 -5.13 16.02 5.29
N TYR F 360 -5.20 15.28 4.18
CA TYR F 360 -5.88 14.00 4.22
C TYR F 360 -5.06 12.98 4.99
N THR F 361 -3.76 12.87 4.71
CA THR F 361 -2.95 11.89 5.39
C THR F 361 -2.99 12.07 6.90
N ILE F 362 -3.01 13.29 7.40
CA ILE F 362 -3.04 13.47 8.84
C ILE F 362 -4.46 13.37 9.39
N VAL F 363 -5.48 13.76 8.64
CA VAL F 363 -6.85 13.51 9.09
C VAL F 363 -7.08 12.01 9.23
N THR F 364 -6.39 11.22 8.42
CA THR F 364 -6.53 9.78 8.54
C THR F 364 -5.69 9.22 9.68
N MET F 365 -4.38 9.47 9.67
CA MET F 365 -3.50 8.79 10.61
C MET F 365 -3.90 8.95 12.06
N THR F 366 -4.69 9.97 12.38
CA THR F 366 -5.21 10.13 13.72
C THR F 366 -6.69 9.81 13.81
N THR F 367 -7.23 9.08 12.83
CA THR F 367 -8.59 8.57 12.86
C THR F 367 -9.61 9.63 13.23
N LEU F 368 -9.39 10.86 12.77
CA LEU F 368 -10.46 11.85 12.89
C LEU F 368 -11.58 11.55 11.91
N GLY F 369 -11.24 11.46 10.62
CA GLY F 369 -12.24 11.17 9.62
C GLY F 369 -13.21 12.31 9.43
N TYR F 370 -12.74 13.41 8.87
CA TYR F 370 -13.62 14.54 8.65
C TYR F 370 -14.66 14.22 7.58
N GLY F 371 -14.22 13.67 6.46
CA GLY F 371 -15.06 13.50 5.29
C GLY F 371 -14.91 14.58 4.25
N ASP F 372 -14.05 15.57 4.49
CA ASP F 372 -13.84 16.62 3.51
C ASP F 372 -13.01 16.11 2.34
N MET F 373 -12.09 15.18 2.59
CA MET F 373 -11.25 14.60 1.55
C MET F 373 -11.28 13.09 1.70
N VAL F 374 -11.72 12.40 0.65
CA VAL F 374 -11.81 10.94 0.63
C VAL F 374 -11.29 10.44 -0.71
N PRO F 375 -10.55 9.35 -0.75
CA PRO F 375 -10.17 8.81 -2.06
C PRO F 375 -11.36 8.18 -2.74
N LYS F 376 -11.26 8.02 -4.06
CA LYS F 376 -12.34 7.41 -4.82
C LYS F 376 -11.85 6.43 -5.87
N THR F 377 -10.55 6.14 -5.90
CA THR F 377 -10.02 5.15 -6.81
C THR F 377 -10.05 3.78 -6.12
N ILE F 378 -9.39 2.80 -6.72
CA ILE F 378 -9.17 1.51 -6.08
C ILE F 378 -7.75 1.38 -5.57
N ALA F 379 -6.88 2.31 -5.92
CA ALA F 379 -5.53 2.39 -5.36
C ALA F 379 -5.40 3.56 -4.40
N GLY F 380 -6.44 4.38 -4.27
CA GLY F 380 -6.42 5.40 -3.24
C GLY F 380 -7.02 4.91 -1.94
N LYS F 381 -8.11 4.14 -2.03
CA LYS F 381 -8.78 3.68 -0.82
C LYS F 381 -7.94 2.66 -0.09
N ILE F 382 -7.25 1.78 -0.81
CA ILE F 382 -6.39 0.80 -0.16
C ILE F 382 -5.32 1.50 0.68
N PHE F 383 -4.65 2.48 0.09
CA PHE F 383 -3.55 3.11 0.79
C PHE F 383 -4.04 4.05 1.87
N GLY F 384 -5.20 4.67 1.69
CA GLY F 384 -5.79 5.41 2.80
C GLY F 384 -6.08 4.51 4.00
N SER F 385 -6.67 3.35 3.74
CA SER F 385 -6.88 2.38 4.80
C SER F 385 -5.57 2.04 5.49
N ILE F 386 -4.60 1.51 4.73
CA ILE F 386 -3.34 1.10 5.34
C ILE F 386 -2.71 2.23 6.11
N CYS F 387 -2.85 3.46 5.60
CA CYS F 387 -2.39 4.64 6.31
C CYS F 387 -3.05 4.75 7.68
N SER F 388 -4.35 4.51 7.75
CA SER F 388 -5.03 4.63 9.03
C SER F 388 -4.42 3.71 10.08
N LEU F 389 -4.23 2.44 9.71
CA LEU F 389 -3.68 1.48 10.68
C LEU F 389 -2.25 1.83 11.04
N SER F 390 -1.44 2.24 10.06
CA SER F 390 -0.08 2.61 10.38
C SER F 390 -0.05 3.82 11.32
N GLY F 391 -1.04 4.70 11.19
CA GLY F 391 -1.10 5.84 12.09
C GLY F 391 -1.46 5.43 13.50
N VAL F 392 -2.50 4.62 13.63
CA VAL F 392 -2.83 4.06 14.95
C VAL F 392 -1.59 3.44 15.57
N LEU F 393 -0.82 2.71 14.76
CA LEU F 393 0.40 2.11 15.30
C LEU F 393 1.39 3.15 15.78
N VAL F 394 1.81 4.04 14.88
CA VAL F 394 2.93 4.93 15.19
C VAL F 394 2.58 5.85 16.35
N ILE F 395 1.34 6.38 16.38
CA ILE F 395 0.97 7.25 17.48
C ILE F 395 0.89 6.49 18.79
N ALA F 396 0.69 5.18 18.75
CA ALA F 396 0.62 4.43 19.99
C ALA F 396 1.98 3.99 20.50
N LEU F 397 3.06 4.54 19.97
CA LEU F 397 4.37 4.23 20.53
C LEU F 397 4.67 5.06 21.76
N PRO F 398 4.50 6.39 21.73
CA PRO F 398 4.91 7.17 22.90
C PRO F 398 3.97 7.05 24.08
N VAL F 399 2.67 6.99 23.83
CA VAL F 399 1.67 7.04 24.90
C VAL F 399 1.94 6.01 25.98
N PRO F 400 2.50 4.85 25.67
CA PRO F 400 3.01 3.99 26.74
C PRO F 400 3.95 4.72 27.67
N VAL F 401 5.05 5.22 27.12
CA VAL F 401 6.09 5.79 27.97
C VAL F 401 5.60 7.04 28.65
N ILE F 402 4.78 7.83 27.95
CA ILE F 402 4.29 9.09 28.50
C ILE F 402 3.45 8.82 29.74
N VAL F 403 2.40 8.02 29.62
CA VAL F 403 1.52 7.85 30.75
C VAL F 403 2.19 7.03 31.83
N SER F 404 3.05 6.07 31.47
CA SER F 404 3.75 5.33 32.50
C SER F 404 4.60 6.26 33.33
N ASN F 405 5.38 7.13 32.67
CA ASN F 405 6.19 8.06 33.42
C ASN F 405 5.35 9.05 34.20
N PHE F 406 4.21 9.48 33.66
CA PHE F 406 3.37 10.41 34.39
C PHE F 406 2.87 9.79 35.68
N SER F 407 2.30 8.59 35.59
CA SER F 407 1.85 7.92 36.80
C SER F 407 3.00 7.71 37.76
N ARG F 408 4.15 7.29 37.24
CA ARG F 408 5.32 7.07 38.08
C ARG F 408 5.66 8.34 38.85
N ILE F 409 5.68 9.47 38.17
CA ILE F 409 6.07 10.71 38.83
C ILE F 409 4.98 11.15 39.80
N TYR F 410 3.72 10.89 39.49
CA TYR F 410 2.67 11.29 40.41
C TYR F 410 2.75 10.50 41.71
N HIS F 411 2.85 9.18 41.60
CA HIS F 411 3.11 8.37 42.77
C HIS F 411 4.38 8.81 43.47
N GLN F 412 5.39 9.23 42.71
CA GLN F 412 6.64 9.68 43.30
C GLN F 412 6.41 10.87 44.21
N ASN F 413 5.78 11.92 43.70
CA ASN F 413 5.52 13.09 44.53
C ASN F 413 4.58 12.76 45.68
N GLN F 414 3.62 11.88 45.45
CA GLN F 414 2.71 11.50 46.51
C GLN F 414 3.44 10.85 47.67
N ARG F 415 4.17 9.78 47.39
CA ARG F 415 4.94 9.13 48.44
C ARG F 415 6.00 10.06 48.99
N ALA F 416 6.47 11.02 48.21
CA ALA F 416 7.47 11.96 48.71
C ALA F 416 6.90 12.79 49.86
N ASP F 417 5.81 13.51 49.59
CA ASP F 417 5.27 14.34 50.66
C ASP F 417 4.67 13.48 51.77
N LYS F 418 4.23 12.27 51.42
CA LYS F 418 3.78 11.33 52.45
C LYS F 418 4.90 11.00 53.41
N ARG F 419 6.07 10.60 52.89
CA ARG F 419 7.21 10.33 53.76
C ARG F 419 7.63 11.57 54.51
N ARG F 420 7.51 12.74 53.88
CA ARG F 420 7.85 13.97 54.59
C ARG F 420 6.98 14.16 55.82
N ALA F 421 5.66 14.02 55.66
CA ALA F 421 4.77 14.16 56.80
C ALA F 421 5.02 13.07 57.84
N GLN F 422 5.22 11.83 57.38
CA GLN F 422 5.47 10.73 58.30
C GLN F 422 6.75 10.95 59.09
N LYS F 423 7.75 11.57 58.47
CA LYS F 423 8.97 11.93 59.19
C LYS F 423 8.70 13.06 60.19
N LYS F 424 7.91 14.05 59.76
CA LYS F 424 7.53 15.13 60.68
C LYS F 424 6.78 14.61 61.88
N ALA F 425 6.11 13.46 61.76
CA ALA F 425 5.46 12.84 62.90
C ALA F 425 6.45 12.63 64.05
N ARG F 426 7.72 12.42 63.72
CA ARG F 426 8.76 12.29 64.72
C ARG F 426 9.34 13.66 65.09
N SER F 470 20.92 4.55 87.03
CA SER F 470 20.99 4.09 85.65
C SER F 470 22.43 3.71 85.29
N LEU F 471 23.35 4.03 86.20
CA LEU F 471 24.78 3.76 86.11
C LEU F 471 25.42 4.29 84.83
N ILE F 472 24.67 5.03 84.01
CA ILE F 472 25.20 5.72 82.85
C ILE F 472 24.96 7.23 82.96
N GLU F 473 23.75 7.61 83.38
CA GLU F 473 23.50 9.01 83.65
C GLU F 473 24.24 9.49 84.88
N SER F 474 24.69 8.56 85.72
CA SER F 474 25.59 8.92 86.80
C SER F 474 26.94 9.41 86.24
N GLN F 475 27.60 8.55 85.45
CA GLN F 475 28.84 8.95 84.80
C GLN F 475 28.60 10.10 83.81
N HIS F 476 27.39 10.22 83.31
CA HIS F 476 27.04 11.35 82.44
C HIS F 476 27.06 12.66 83.22
N HIS F 477 26.27 12.73 84.29
CA HIS F 477 26.23 13.92 85.12
C HIS F 477 27.55 14.15 85.86
N HIS F 478 28.43 13.16 85.92
CA HIS F 478 29.73 13.37 86.54
C HIS F 478 30.54 14.40 85.77
N LEU F 479 30.61 14.25 84.44
CA LEU F 479 31.28 15.25 83.62
C LEU F 479 30.56 16.60 83.69
N LEU F 480 29.23 16.56 83.83
CA LEU F 480 28.46 17.78 84.00
C LEU F 480 28.91 18.55 85.23
N HIS F 481 28.86 17.91 86.40
CA HIS F 481 29.19 18.60 87.65
C HIS F 481 30.69 18.84 87.75
N CYS F 482 31.49 18.11 86.97
CA CYS F 482 32.89 18.49 86.84
C CYS F 482 33.06 19.75 86.00
N LEU F 483 32.14 19.99 85.06
CA LEU F 483 32.10 21.26 84.36
C LEU F 483 31.42 22.36 85.17
N GLU F 484 30.90 22.04 86.35
CA GLU F 484 30.40 23.06 87.27
C GLU F 484 31.52 23.94 87.81
N LYS F 485 32.77 23.61 87.44
CA LYS F 485 33.90 24.48 87.74
C LYS F 485 33.73 25.83 87.09
N THR F 486 32.98 25.91 86.00
CA THR F 486 32.67 27.18 85.37
C THR F 486 31.52 27.88 86.11
N THR F 487 31.61 29.19 86.20
CA THR F 487 30.59 29.99 86.88
C THR F 487 29.99 31.02 85.94
N GLY G 50 47.48 -2.17 64.21
CA GLY G 50 47.87 -3.48 64.68
C GLY G 50 47.56 -3.70 66.15
N LEU G 51 47.32 -4.95 66.53
CA LEU G 51 46.93 -5.24 67.91
C LEU G 51 48.12 -5.20 68.85
N GLU G 52 49.18 -5.98 68.55
CA GLU G 52 50.31 -6.05 69.46
C GLU G 52 51.30 -4.91 69.25
N GLN G 53 51.43 -4.40 68.02
CA GLN G 53 52.25 -3.22 67.79
C GLN G 53 51.74 -2.02 68.58
N LEU G 54 50.47 -2.04 68.97
CA LEU G 54 49.90 -1.03 69.86
C LEU G 54 49.90 -1.47 71.31
N GLU G 55 49.71 -2.77 71.57
CA GLU G 55 49.77 -3.28 72.93
C GLU G 55 51.12 -2.99 73.57
N ALA G 56 52.18 -3.02 72.76
CA ALA G 56 53.51 -2.66 73.24
C ALA G 56 53.70 -1.16 73.43
N GLN G 57 52.62 -0.38 73.33
CA GLN G 57 52.68 1.08 73.45
C GLN G 57 51.68 1.63 74.46
N THR G 58 50.60 0.90 74.73
CA THR G 58 49.53 1.42 75.56
C THR G 58 49.72 1.03 77.03
N ASN G 59 48.84 1.56 77.87
CA ASN G 59 48.80 1.21 79.29
C ASN G 59 47.70 0.20 79.60
N PHE G 60 47.02 -0.32 78.58
CA PHE G 60 45.94 -1.26 78.77
C PHE G 60 46.37 -2.68 78.39
N THR G 61 45.50 -3.63 78.69
CA THR G 61 45.75 -5.02 78.35
C THR G 61 45.19 -5.31 76.96
N LYS G 62 45.20 -6.58 76.55
CA LYS G 62 44.72 -6.94 75.22
C LYS G 62 43.20 -6.94 75.18
N ARG G 63 42.55 -7.42 76.24
CA ARG G 63 41.09 -7.40 76.27
C ARG G 63 40.56 -5.98 76.38
N GLU G 64 41.22 -5.15 77.18
CA GLU G 64 40.88 -3.73 77.24
C GLU G 64 41.11 -3.02 75.91
N LEU G 65 41.90 -3.61 75.00
CA LEU G 65 42.08 -3.02 73.68
C LEU G 65 41.01 -3.51 72.71
N GLN G 66 40.71 -4.81 72.75
CA GLN G 66 39.68 -5.36 71.87
C GLN G 66 38.30 -4.82 72.22
N VAL G 67 38.07 -4.56 73.51
CA VAL G 67 36.77 -4.04 73.95
C VAL G 67 36.50 -2.65 73.41
N LEU G 68 37.54 -1.88 73.09
CA LEU G 68 37.37 -0.60 72.42
C LEU G 68 37.44 -0.72 70.91
N TYR G 69 38.26 -1.64 70.39
CA TYR G 69 38.23 -1.92 68.95
C TYR G 69 36.84 -2.31 68.50
N ARG G 70 36.12 -3.06 69.34
CA ARG G 70 34.76 -3.46 69.01
C ARG G 70 33.85 -2.25 68.81
N GLY G 71 33.77 -1.39 69.82
CA GLY G 71 32.90 -0.22 69.73
C GLY G 71 33.34 0.75 68.64
N PHE G 72 34.64 0.84 68.40
CA PHE G 72 35.14 1.72 67.34
C PHE G 72 34.69 1.22 65.97
N LYS G 73 34.98 -0.05 65.67
CA LYS G 73 34.60 -0.58 64.36
C LYS G 73 33.10 -0.68 64.20
N ASN G 74 32.36 -0.71 65.32
CA ASN G 74 30.90 -0.72 65.24
C ASN G 74 30.36 0.53 64.57
N GLU G 75 30.81 1.71 65.01
CA GLU G 75 30.33 2.98 64.47
C GLU G 75 31.11 3.43 63.24
N CYS G 76 32.40 3.12 63.17
CA CYS G 76 33.23 3.55 62.05
C CYS G 76 33.79 2.33 61.35
N PRO G 77 33.53 2.15 60.07
CA PRO G 77 34.05 0.97 59.36
C PRO G 77 35.54 1.05 59.12
N SER G 78 36.29 1.39 60.18
CA SER G 78 37.74 1.49 60.14
C SER G 78 38.22 2.39 59.02
N GLY G 79 37.41 3.39 58.68
CA GLY G 79 37.90 4.35 57.71
C GLY G 79 38.96 5.20 58.35
N VAL G 80 38.55 6.15 59.19
CA VAL G 80 39.23 6.65 60.39
C VAL G 80 38.23 7.59 61.05
N VAL G 81 38.18 7.61 62.39
CA VAL G 81 37.36 8.61 63.07
C VAL G 81 37.93 10.00 62.80
N ASN G 82 37.06 10.92 62.41
CA ASN G 82 37.43 12.28 62.07
C ASN G 82 36.64 13.27 62.90
N GLU G 83 36.78 14.55 62.55
CA GLU G 83 35.98 15.59 63.20
C GLU G 83 34.50 15.26 63.09
N ASP G 84 34.08 14.66 61.97
CA ASP G 84 32.69 14.29 61.79
C ASP G 84 32.18 13.39 62.89
N THR G 85 33.05 12.61 63.52
CA THR G 85 32.69 11.76 64.65
C THR G 85 32.72 12.50 65.98
N PHE G 86 33.69 13.39 66.18
CA PHE G 86 33.75 14.14 67.42
C PHE G 86 32.56 15.09 67.52
N LYS G 87 32.37 15.94 66.51
CA LYS G 87 31.31 16.93 66.50
C LYS G 87 29.92 16.32 66.62
N GLN G 88 29.79 14.99 66.57
CA GLN G 88 28.51 14.36 66.86
C GLN G 88 28.50 13.60 68.18
N ILE G 89 29.42 12.65 68.38
CA ILE G 89 29.39 11.86 69.60
C ILE G 89 29.74 12.73 70.81
N TYR G 90 30.70 13.63 70.64
CA TYR G 90 31.01 14.56 71.71
C TYR G 90 29.89 15.59 71.87
N ALA G 91 29.17 15.88 70.79
CA ALA G 91 28.02 16.78 70.89
C ALA G 91 26.79 16.06 71.39
N GLN G 92 26.53 14.85 70.90
CA GLN G 92 25.38 14.07 71.38
C GLN G 92 25.44 13.83 72.88
N PHE G 93 26.63 13.91 73.47
CA PHE G 93 26.78 13.84 74.91
C PHE G 93 26.51 15.17 75.60
N PHE G 94 26.32 16.25 74.84
CA PHE G 94 26.17 17.60 75.37
C PHE G 94 24.83 18.19 74.94
N PRO G 95 23.73 17.77 75.55
CA PRO G 95 22.51 18.58 75.48
C PRO G 95 22.75 19.88 76.24
N HIS G 96 22.01 20.93 75.92
CA HIS G 96 22.25 22.27 76.47
C HIS G 96 23.74 22.59 76.50
N GLY G 97 24.35 22.57 75.32
CA GLY G 97 25.76 22.82 75.22
C GLY G 97 26.25 22.46 73.83
N ASP G 98 27.27 23.18 73.39
CA ASP G 98 27.84 23.01 72.07
C ASP G 98 29.26 22.46 72.18
N ALA G 99 29.43 21.21 71.81
CA ALA G 99 30.72 20.54 71.92
C ALA G 99 31.64 20.79 70.74
N SER G 100 31.12 21.21 69.59
CA SER G 100 31.94 21.35 68.39
C SER G 100 32.98 22.46 68.58
N THR G 101 32.58 23.59 69.16
CA THR G 101 33.50 24.71 69.37
C THR G 101 34.72 24.29 70.17
N TYR G 102 34.58 23.29 71.04
CA TYR G 102 35.72 22.77 71.78
C TYR G 102 36.37 21.60 71.06
N ALA G 103 35.58 20.70 70.48
CA ALA G 103 36.13 19.53 69.80
C ALA G 103 37.04 19.93 68.65
N HIS G 104 36.79 21.09 68.05
CA HIS G 104 37.57 21.61 66.92
C HIS G 104 39.03 21.72 67.23
N TYR G 105 39.37 22.08 68.47
CA TYR G 105 40.75 22.18 68.91
C TYR G 105 41.39 20.83 69.17
N LEU G 106 40.82 20.04 70.08
CA LEU G 106 41.49 18.82 70.46
C LEU G 106 41.42 17.74 69.41
N PHE G 107 40.63 17.89 68.34
CA PHE G 107 40.80 16.96 67.23
C PHE G 107 42.21 17.07 66.66
N ASN G 108 42.54 18.24 66.09
CA ASN G 108 43.87 18.43 65.53
C ASN G 108 44.94 18.33 66.61
N ALA G 109 44.60 18.59 67.86
CA ALA G 109 45.54 18.33 68.94
C ALA G 109 45.86 16.84 69.04
N PHE G 110 44.83 15.99 68.94
CA PHE G 110 45.06 14.55 68.88
C PHE G 110 45.89 14.17 67.66
N ASP G 111 45.51 14.67 66.49
CA ASP G 111 46.15 14.27 65.25
C ASP G 111 47.58 14.80 65.18
N THR G 112 48.55 13.91 65.43
CA THR G 112 49.95 14.29 65.26
C THR G 112 50.25 14.58 63.81
N THR G 113 49.54 13.92 62.89
CA THR G 113 49.68 14.23 61.48
C THR G 113 48.90 15.50 61.14
N GLN G 114 49.11 15.99 59.93
CA GLN G 114 48.42 17.18 59.42
C GLN G 114 47.13 16.80 58.71
N THR G 115 46.62 15.60 58.96
CA THR G 115 45.45 15.09 58.26
C THR G 115 44.19 15.52 59.00
N GLY G 116 43.04 15.20 58.40
CA GLY G 116 41.74 15.41 59.02
C GLY G 116 41.06 14.13 59.43
N SER G 117 41.69 12.98 59.18
CA SER G 117 41.22 11.70 59.69
C SER G 117 42.42 10.76 59.71
N VAL G 118 43.07 10.59 60.86
CA VAL G 118 44.39 9.97 60.86
C VAL G 118 44.37 8.46 61.10
N LYS G 119 43.93 8.02 62.28
CA LYS G 119 44.02 6.61 62.63
C LYS G 119 43.40 6.29 63.98
N PHE G 120 42.96 5.04 64.15
CA PHE G 120 42.54 4.48 65.43
C PHE G 120 43.73 4.21 66.34
N GLU G 121 44.84 3.74 65.77
CA GLU G 121 46.09 3.65 66.51
C GLU G 121 46.47 5.00 67.10
N ASP G 122 46.43 6.05 66.27
CA ASP G 122 46.64 7.41 66.72
C ASP G 122 45.61 7.85 67.74
N PHE G 123 44.46 7.18 67.82
CA PHE G 123 43.45 7.48 68.83
C PHE G 123 43.80 6.84 70.16
N VAL G 124 44.16 5.56 70.12
CA VAL G 124 44.38 4.82 71.36
C VAL G 124 45.71 5.19 72.00
N THR G 125 46.71 5.55 71.19
CA THR G 125 47.97 5.98 71.79
C THR G 125 47.78 7.24 72.62
N ALA G 126 46.93 8.14 72.15
CA ALA G 126 46.56 9.34 72.91
C ALA G 126 45.62 9.04 74.06
N LEU G 127 44.71 8.09 73.90
CA LEU G 127 43.84 7.69 75.00
C LEU G 127 44.64 7.12 76.15
N SER G 128 45.68 6.34 75.84
CA SER G 128 46.56 5.81 76.87
C SER G 128 47.23 6.93 77.65
N ILE G 129 47.76 7.93 76.94
CA ILE G 129 48.38 9.07 77.60
C ILE G 129 47.38 9.82 78.46
N LEU G 130 46.20 10.09 77.91
CA LEU G 130 45.24 10.94 78.61
C LEU G 130 44.61 10.25 79.80
N LEU G 131 44.48 8.92 79.76
CA LEU G 131 43.90 8.21 80.87
C LEU G 131 44.97 7.71 81.85
N ARG G 132 45.84 6.82 81.39
CA ARG G 132 46.85 6.21 82.25
C ARG G 132 48.26 6.72 81.93
N GLY G 133 48.40 7.99 81.60
CA GLY G 133 49.70 8.57 81.37
C GLY G 133 50.22 9.32 82.58
N THR G 134 51.36 9.97 82.39
CA THR G 134 51.95 10.77 83.45
C THR G 134 51.42 12.20 83.40
N VAL G 135 51.43 12.85 84.56
CA VAL G 135 51.00 14.25 84.64
C VAL G 135 51.83 15.11 83.70
N HIS G 136 53.13 14.81 83.61
CA HIS G 136 54.00 15.62 82.76
C HIS G 136 53.62 15.58 81.30
N GLU G 137 53.17 14.44 80.78
CA GLU G 137 52.77 14.32 79.39
C GLU G 137 51.31 14.70 79.18
N LYS G 138 50.44 14.45 80.16
CA LYS G 138 49.08 14.97 80.08
C LYS G 138 49.07 16.48 79.98
N LEU G 139 49.95 17.14 80.74
CA LEU G 139 50.02 18.60 80.68
C LEU G 139 50.65 19.07 79.37
N ARG G 140 51.60 18.29 78.84
CA ARG G 140 52.14 18.61 77.53
C ARG G 140 51.05 18.51 76.46
N TRP G 141 50.18 17.51 76.58
CA TRP G 141 49.09 17.36 75.62
C TRP G 141 48.10 18.51 75.74
N THR G 142 47.72 18.89 76.97
CA THR G 142 46.75 19.97 77.12
C THR G 142 47.37 21.32 76.76
N PHE G 143 48.70 21.44 76.85
CA PHE G 143 49.36 22.64 76.37
C PHE G 143 49.30 22.70 74.84
N ASN G 144 49.68 21.60 74.18
CA ASN G 144 49.52 21.52 72.72
C ASN G 144 48.09 21.84 72.32
N LEU G 145 47.11 21.42 73.15
CA LEU G 145 45.74 21.87 72.97
C LEU G 145 45.62 23.39 73.04
N TYR G 146 46.04 23.97 74.16
CA TYR G 146 45.93 25.42 74.32
C TYR G 146 46.82 26.17 73.32
N ASP G 147 47.92 25.54 72.90
CA ASP G 147 48.80 26.13 71.90
C ASP G 147 48.14 25.96 70.53
N ILE G 148 47.10 26.76 70.31
CA ILE G 148 46.37 26.72 69.04
C ILE G 148 47.31 27.02 67.88
N ASN G 149 48.30 27.90 68.10
CA ASN G 149 49.27 28.24 67.08
C ASN G 149 50.27 27.12 66.81
N LYS G 150 50.21 26.03 67.57
CA LYS G 150 51.04 24.83 67.38
C LYS G 150 52.53 25.12 67.53
N ASP G 151 52.90 26.28 68.07
CA ASP G 151 54.30 26.70 68.12
C ASP G 151 54.97 26.41 69.45
N GLY G 152 54.23 26.52 70.56
CA GLY G 152 54.81 26.38 71.87
C GLY G 152 54.74 27.67 72.65
N TYR G 153 53.96 28.63 72.15
CA TYR G 153 53.79 29.93 72.80
C TYR G 153 52.32 30.30 72.76
N ILE G 154 51.68 30.33 73.93
CA ILE G 154 50.25 30.60 74.05
C ILE G 154 50.09 32.03 74.52
N ASN G 155 49.16 32.73 73.90
CA ASN G 155 48.82 34.10 74.28
C ASN G 155 47.56 34.12 75.13
N LYS G 156 47.28 35.30 75.70
CA LYS G 156 46.07 35.48 76.49
C LYS G 156 44.83 35.19 75.66
N GLU G 157 44.69 35.87 74.52
CA GLU G 157 43.53 35.66 73.66
C GLU G 157 43.58 34.29 72.98
N GLU G 158 44.77 33.71 72.84
CA GLU G 158 44.88 32.38 72.23
C GLU G 158 44.06 31.36 72.99
N MET G 159 44.24 31.30 74.31
CA MET G 159 43.43 30.40 75.12
C MET G 159 42.12 31.04 75.56
N MET G 160 41.96 32.35 75.37
CA MET G 160 40.62 32.92 75.47
C MET G 160 39.70 32.34 74.41
N ASP G 161 40.22 32.14 73.20
CA ASP G 161 39.49 31.44 72.15
C ASP G 161 39.02 30.06 72.60
N ILE G 162 39.68 29.46 73.57
CA ILE G 162 39.31 28.15 74.07
C ILE G 162 38.37 28.22 75.26
N VAL G 163 38.60 29.18 76.17
CA VAL G 163 37.70 29.31 77.31
C VAL G 163 36.33 29.78 76.84
N LYS G 164 36.28 30.53 75.74
CA LYS G 164 34.99 30.83 75.13
C LYS G 164 34.31 29.57 74.60
N ALA G 165 35.05 28.69 73.92
CA ALA G 165 34.53 27.41 73.48
C ALA G 165 33.98 26.60 74.65
N ILE G 166 34.68 26.61 75.78
CA ILE G 166 34.22 25.89 76.96
C ILE G 166 32.94 26.51 77.50
N TYR G 167 32.95 27.83 77.69
CA TYR G 167 31.76 28.53 78.17
C TYR G 167 30.58 28.35 77.21
N ASP G 168 30.86 28.14 75.93
CA ASP G 168 29.80 27.87 74.97
C ASP G 168 29.29 26.45 75.10
N MET G 169 30.21 25.49 75.26
CA MET G 169 29.85 24.12 75.56
C MET G 169 29.07 24.00 76.86
N MET G 170 29.17 25.01 77.74
CA MET G 170 28.45 24.99 79.00
C MET G 170 26.95 24.83 78.79
N GLY G 171 26.33 25.81 78.15
CA GLY G 171 24.90 25.77 77.94
C GLY G 171 24.40 27.10 77.43
N LYS G 172 23.08 27.14 77.22
CA LYS G 172 22.48 28.33 76.63
C LYS G 172 22.59 29.54 77.55
N TYR G 173 22.20 29.40 78.81
CA TYR G 173 22.39 30.45 79.80
C TYR G 173 23.11 29.87 81.00
N THR G 174 24.16 30.55 81.45
CA THR G 174 24.84 30.16 82.68
C THR G 174 23.87 30.20 83.85
N TYR G 175 23.95 29.19 84.71
CA TYR G 175 23.04 29.10 85.85
C TYR G 175 23.26 30.23 86.85
N PRO G 176 24.50 30.62 87.19
CA PRO G 176 24.68 31.92 87.85
C PRO G 176 24.62 33.03 86.82
N VAL G 177 24.84 34.28 87.26
CA VAL G 177 24.85 35.37 86.31
C VAL G 177 26.05 35.23 85.37
N LEU G 178 25.79 35.36 84.08
CA LEU G 178 26.82 35.22 83.06
C LEU G 178 27.38 36.60 82.71
N LYS G 179 28.68 36.76 82.89
CA LYS G 179 29.37 37.98 82.49
C LYS G 179 30.46 37.60 81.52
N GLU G 180 30.41 38.18 80.31
CA GLU G 180 31.36 37.85 79.27
C GLU G 180 32.76 38.38 79.55
N ASP G 181 32.95 39.13 80.63
CA ASP G 181 34.29 39.48 81.08
C ASP G 181 34.96 38.33 81.83
N THR G 182 34.18 37.44 82.44
CA THR G 182 34.78 36.31 83.15
C THR G 182 35.55 35.41 82.17
N PRO G 183 35.03 35.02 81.00
CA PRO G 183 35.88 34.29 80.05
C PRO G 183 37.08 35.11 79.58
N ARG G 184 37.05 36.43 79.77
CA ARG G 184 38.23 37.26 79.62
C ARG G 184 39.15 37.15 80.82
N GLN G 185 38.62 37.24 82.04
CA GLN G 185 39.42 37.19 83.24
C GLN G 185 39.74 35.77 83.67
N HIS G 186 38.96 34.79 83.21
CA HIS G 186 39.28 33.39 83.45
C HIS G 186 40.62 33.03 82.79
N VAL G 187 41.05 33.83 81.83
CA VAL G 187 42.38 33.67 81.26
C VAL G 187 43.42 34.41 82.11
N ASP G 188 43.03 35.55 82.67
CA ASP G 188 43.94 36.27 83.56
C ASP G 188 44.37 35.41 84.74
N VAL G 189 43.40 34.77 85.42
CA VAL G 189 43.73 33.86 86.51
C VAL G 189 44.67 32.76 86.04
N PHE G 190 44.66 32.45 84.75
CA PHE G 190 45.71 31.61 84.17
C PHE G 190 47.04 32.33 84.30
N PHE G 191 47.21 33.42 83.55
CA PHE G 191 48.54 34.01 83.37
C PHE G 191 49.13 34.49 84.68
N GLN G 192 48.33 35.16 85.53
CA GLN G 192 48.87 35.65 86.80
C GLN G 192 49.52 34.54 87.61
N LYS G 193 49.10 33.29 87.40
CA LYS G 193 49.82 32.14 87.92
C LYS G 193 50.67 31.44 86.88
N MET G 194 50.22 31.39 85.63
CA MET G 194 50.93 30.61 84.61
C MET G 194 51.87 31.44 83.76
N ASP G 195 51.87 32.76 83.90
CA ASP G 195 52.82 33.63 83.19
C ASP G 195 53.77 34.18 84.23
N LYS G 196 54.85 33.44 84.47
CA LYS G 196 55.87 33.85 85.43
C LYS G 196 56.64 35.08 84.97
N ASN G 197 56.83 35.26 83.66
CA ASN G 197 57.53 36.41 83.12
C ASN G 197 56.68 37.68 83.16
N LYS G 198 55.40 37.57 83.47
CA LYS G 198 54.49 38.72 83.54
C LYS G 198 54.43 39.46 82.21
N ASP G 199 54.63 38.72 81.12
CA ASP G 199 54.71 39.31 79.79
C ASP G 199 53.43 39.20 78.99
N GLY G 200 52.57 38.23 79.29
CA GLY G 200 51.35 38.04 78.54
C GLY G 200 51.37 36.90 77.54
N ILE G 201 52.48 36.18 77.42
CA ILE G 201 52.58 35.02 76.55
C ILE G 201 53.25 33.90 77.33
N VAL G 202 52.57 32.77 77.43
CA VAL G 202 53.06 31.61 78.16
C VAL G 202 53.62 30.59 77.19
N THR G 203 54.76 30.01 77.54
CA THR G 203 55.40 28.96 76.76
C THR G 203 55.32 27.65 77.56
N LEU G 204 55.98 26.61 77.02
CA LEU G 204 55.82 25.27 77.58
C LEU G 204 56.24 25.20 79.05
N ASP G 205 57.53 25.42 79.34
CA ASP G 205 58.00 25.30 80.71
C ASP G 205 57.37 26.37 81.61
N GLU G 206 57.15 27.56 81.07
CA GLU G 206 56.53 28.63 81.83
C GLU G 206 55.10 28.29 82.25
N PHE G 207 54.45 27.34 81.59
CA PHE G 207 53.16 26.84 82.03
C PHE G 207 53.30 25.59 82.90
N LEU G 208 54.22 24.70 82.57
CA LEU G 208 54.41 23.49 83.38
C LEU G 208 54.84 23.80 84.79
N GLU G 209 55.94 24.56 84.95
CA GLU G 209 56.47 24.88 86.27
C GLU G 209 55.49 25.72 87.07
N SER G 210 54.39 26.11 86.44
CA SER G 210 53.30 26.83 87.10
C SER G 210 52.06 25.97 87.24
N CYS G 211 52.07 24.74 86.75
CA CYS G 211 50.92 23.84 86.79
C CYS G 211 51.17 22.61 87.64
N GLN G 212 52.20 22.63 88.49
CA GLN G 212 52.54 21.50 89.33
C GLN G 212 52.45 21.78 90.82
N GLU G 213 52.11 23.02 91.22
CA GLU G 213 52.01 23.37 92.61
C GLU G 213 50.58 23.36 93.14
N ASP G 214 49.58 23.56 92.27
CA ASP G 214 48.18 23.50 92.69
C ASP G 214 47.78 22.03 92.81
N ASP G 215 47.99 21.48 94.00
CA ASP G 215 47.81 20.05 94.24
C ASP G 215 46.45 19.55 93.74
N ASN G 216 45.44 20.41 93.77
CA ASN G 216 44.10 19.99 93.40
C ASN G 216 44.02 19.59 91.93
N ILE G 217 44.83 20.21 91.07
CA ILE G 217 44.76 19.86 89.65
C ILE G 217 45.39 18.49 89.40
N MET G 218 46.55 18.20 89.99
CA MET G 218 47.06 16.84 89.94
C MET G 218 46.12 15.84 90.59
N ARG G 219 45.36 16.25 91.61
CA ARG G 219 44.27 15.45 92.13
C ARG G 219 43.16 15.24 91.11
N SER G 220 43.02 16.15 90.16
CA SER G 220 41.95 16.10 89.18
C SER G 220 42.37 15.45 87.86
N LEU G 221 43.65 15.56 87.47
CA LEU G 221 44.15 14.99 86.24
C LEU G 221 44.13 13.48 86.23
N GLN G 222 44.00 12.85 87.39
CA GLN G 222 44.26 11.42 87.57
C GLN G 222 43.06 10.72 88.18
N LEU G 223 41.86 11.30 87.98
CA LEU G 223 40.65 10.69 88.50
C LEU G 223 40.17 9.57 87.58
N PHE G 224 40.58 9.62 86.31
CA PHE G 224 40.04 8.71 85.31
C PHE G 224 41.00 7.56 84.96
N GLN G 225 42.20 7.55 85.50
CA GLN G 225 43.10 6.43 85.28
C GLN G 225 42.75 5.20 86.11
N ASN G 226 41.59 5.21 86.77
CA ASN G 226 41.20 4.13 87.66
C ASN G 226 39.97 3.42 87.12
N VAL G 227 39.22 4.08 86.24
CA VAL G 227 37.98 3.51 85.73
C VAL G 227 38.29 2.38 84.76
N MET G 228 37.50 1.32 84.84
CA MET G 228 37.62 0.17 83.94
C MET G 228 36.33 -0.64 83.93
N MET H 1 37.60 -3.22 80.64
CA MET H 1 36.79 -2.03 80.87
C MET H 1 35.42 -2.16 80.23
N ALA H 2 34.62 -1.09 80.29
CA ALA H 2 33.24 -1.15 79.86
C ALA H 2 33.12 -1.06 78.33
N ALA H 3 31.94 -1.40 77.82
CA ALA H 3 31.62 -1.34 76.41
C ALA H 3 30.13 -1.06 76.24
N GLY H 4 29.62 -1.32 75.03
CA GLY H 4 28.21 -1.20 74.76
C GLY H 4 27.69 0.22 74.80
N VAL H 5 26.79 0.52 75.73
CA VAL H 5 26.29 1.88 75.86
C VAL H 5 27.40 2.81 76.30
N ALA H 6 28.21 2.39 77.28
CA ALA H 6 29.39 3.15 77.68
C ALA H 6 30.63 2.64 76.95
N ALA H 7 30.55 2.54 75.63
CA ALA H 7 31.69 2.11 74.84
C ALA H 7 32.59 3.27 74.45
N TRP H 8 32.05 4.49 74.41
CA TRP H 8 32.80 5.67 74.02
C TRP H 8 32.97 6.68 75.15
N LEU H 9 32.50 6.35 76.35
CA LEU H 9 32.72 7.17 77.52
C LEU H 9 34.21 7.39 77.79
N PRO H 10 35.10 6.42 77.54
CA PRO H 10 36.54 6.71 77.67
C PRO H 10 37.00 7.88 76.83
N PHE H 11 36.43 8.07 75.64
CA PHE H 11 36.79 9.24 74.85
C PHE H 11 36.39 10.53 75.56
N ALA H 12 35.25 10.52 76.26
CA ALA H 12 34.85 11.70 77.02
C ALA H 12 35.74 11.92 78.23
N ARG H 13 36.17 10.83 78.87
CA ARG H 13 37.07 10.95 80.02
C ARG H 13 38.45 11.41 79.57
N ALA H 14 38.81 11.14 78.32
CA ALA H 14 40.04 11.69 77.76
C ALA H 14 39.88 13.17 77.44
N ALA H 15 38.75 13.55 76.85
CA ALA H 15 38.51 14.94 76.52
C ALA H 15 38.43 15.81 77.77
N ALA H 16 37.94 15.25 78.88
CA ALA H 16 37.78 16.03 80.10
C ALA H 16 39.11 16.51 80.67
N ILE H 17 40.22 15.92 80.23
CA ILE H 17 41.54 16.33 80.67
C ILE H 17 41.87 17.78 80.28
N GLY H 18 41.27 18.28 79.20
CA GLY H 18 41.55 19.64 78.76
C GLY H 18 41.02 20.71 79.69
N TRP H 19 40.04 20.38 80.53
CA TRP H 19 39.48 21.37 81.45
C TRP H 19 40.40 21.67 82.62
N MET H 20 41.02 20.63 83.20
CA MET H 20 41.73 20.77 84.47
C MET H 20 42.73 21.92 84.55
N PRO H 21 43.57 22.20 83.54
CA PRO H 21 44.52 23.31 83.68
C PRO H 21 43.85 24.65 83.96
N VAL H 22 42.89 25.04 83.12
CA VAL H 22 42.24 26.34 83.24
C VAL H 22 41.17 26.28 84.33
N ALA H 23 40.83 25.07 84.76
CA ALA H 23 39.76 24.86 85.73
C ALA H 23 40.21 25.42 87.08
N ASN H 24 39.67 26.59 87.43
CA ASN H 24 40.01 27.23 88.70
C ASN H 24 39.28 26.59 89.88
N CYS H 25 38.64 25.44 89.68
CA CYS H 25 37.87 24.78 90.72
C CYS H 25 38.74 24.33 91.88
N PRO H 26 38.29 24.52 93.13
CA PRO H 26 39.04 24.00 94.28
C PRO H 26 39.14 22.49 94.28
N MET H 27 38.01 21.81 94.15
CA MET H 27 37.93 20.36 94.12
C MET H 27 36.69 19.93 93.36
N PRO H 28 36.86 19.17 92.28
CA PRO H 28 35.69 18.61 91.59
C PRO H 28 35.19 17.35 92.28
N LEU H 29 34.24 16.65 91.67
CA LEU H 29 33.72 15.42 92.23
C LEU H 29 34.66 14.27 91.90
N ALA H 30 34.99 13.46 92.90
CA ALA H 30 35.79 12.24 92.72
C ALA H 30 35.11 11.34 91.69
N PRO H 31 35.86 10.49 90.97
CA PRO H 31 35.24 9.67 89.93
C PRO H 31 34.16 8.74 90.48
N ALA H 32 33.24 8.33 89.62
CA ALA H 32 32.06 7.55 90.02
C ALA H 32 32.26 6.07 89.78
N ASP H 33 33.48 5.57 90.01
CA ASP H 33 33.77 4.16 89.84
C ASP H 33 32.78 3.30 90.63
N LYS H 34 32.46 2.15 90.07
CA LYS H 34 31.49 1.23 90.68
C LYS H 34 31.92 -0.19 90.32
N ASN H 35 31.03 -1.15 90.59
CA ASN H 35 31.34 -2.54 90.30
C ASN H 35 31.52 -2.76 88.80
N LYS H 36 32.65 -3.35 88.43
CA LYS H 36 32.99 -3.61 87.04
C LYS H 36 33.25 -5.10 86.87
N ARG H 37 32.97 -5.60 85.67
CA ARG H 37 33.28 -6.97 85.30
C ARG H 37 33.19 -7.06 83.78
N GLN H 38 34.14 -7.81 83.21
CA GLN H 38 34.20 -7.94 81.76
C GLN H 38 32.95 -8.65 81.24
N ASP H 39 32.61 -8.37 79.99
CA ASP H 39 31.42 -8.93 79.39
C ASP H 39 31.72 -10.33 78.84
N GLU H 40 30.65 -11.09 78.64
CA GLU H 40 30.77 -12.45 78.17
C GLU H 40 29.68 -12.72 77.14
N LEU H 41 29.79 -13.86 76.47
CA LEU H 41 28.82 -14.25 75.46
C LEU H 41 27.66 -14.97 76.14
N ILE H 42 26.67 -14.20 76.56
CA ILE H 42 25.38 -14.79 76.89
C ILE H 42 24.86 -15.53 75.66
N VAL H 43 24.40 -16.76 75.87
CA VAL H 43 24.03 -17.61 74.76
C VAL H 43 22.51 -17.67 74.67
N LEU H 44 22.00 -17.35 73.49
CA LEU H 44 20.57 -17.41 73.22
C LEU H 44 20.26 -18.71 72.50
N ASN H 45 19.40 -19.51 73.12
CA ASN H 45 19.00 -20.80 72.57
C ASN H 45 17.62 -20.60 71.94
N VAL H 46 17.59 -20.36 70.64
CA VAL H 46 16.34 -20.24 69.92
C VAL H 46 16.16 -21.51 69.13
N SER H 47 15.42 -22.46 69.69
CA SER H 47 15.04 -23.70 69.01
C SER H 47 16.28 -24.49 68.59
N GLY H 48 17.19 -24.65 69.55
CA GLY H 48 18.43 -25.33 69.26
C GLY H 48 19.42 -24.42 68.56
N ARG H 49 18.92 -23.48 67.78
CA ARG H 49 19.78 -22.52 67.11
C ARG H 49 20.51 -21.71 68.17
N ARG H 50 21.84 -21.68 68.08
CA ARG H 50 22.67 -21.15 69.14
C ARG H 50 23.21 -19.79 68.73
N PHE H 51 23.05 -18.81 69.60
CA PHE H 51 23.52 -17.46 69.38
C PHE H 51 24.37 -17.02 70.57
N GLN H 52 25.30 -16.11 70.32
CA GLN H 52 26.13 -15.61 71.40
C GLN H 52 26.29 -14.11 71.27
N THR H 53 26.19 -13.42 72.40
CA THR H 53 26.29 -11.96 72.36
C THR H 53 26.75 -11.42 73.71
N TRP H 54 27.48 -10.33 73.66
CA TRP H 54 27.94 -9.68 74.87
C TRP H 54 26.78 -9.03 75.60
N ARG H 55 26.83 -9.06 76.94
CA ARG H 55 25.83 -8.38 77.74
C ARG H 55 25.72 -6.90 77.36
N THR H 56 26.85 -6.28 77.02
CA THR H 56 26.84 -4.90 76.57
C THR H 56 25.88 -4.66 75.41
N THR H 57 25.90 -5.55 74.42
CA THR H 57 24.90 -5.47 73.36
C THR H 57 23.50 -5.69 73.93
N LEU H 58 23.37 -6.59 74.90
CA LEU H 58 22.05 -6.95 75.41
C LEU H 58 21.40 -5.82 76.18
N GLU H 59 22.20 -4.90 76.71
CA GLU H 59 21.71 -3.90 77.65
C GLU H 59 21.58 -2.52 77.04
N ARG H 60 21.60 -2.41 75.71
CA ARG H 60 21.39 -1.12 75.07
C ARG H 60 19.94 -0.67 75.12
N TYR H 61 19.00 -1.59 75.38
CA TYR H 61 17.58 -1.25 75.43
C TYR H 61 16.94 -2.00 76.59
N PRO H 62 17.19 -1.56 77.84
CA PRO H 62 16.60 -2.22 79.01
C PRO H 62 15.09 -2.05 79.13
N ASP H 63 14.48 -1.23 78.28
CA ASP H 63 13.04 -1.03 78.22
C ASP H 63 12.36 -2.14 77.43
N THR H 64 13.11 -3.18 77.08
CA THR H 64 12.60 -4.32 76.32
C THR H 64 12.91 -5.59 77.08
N LEU H 65 12.59 -6.73 76.46
CA LEU H 65 12.79 -8.03 77.09
C LEU H 65 14.26 -8.27 77.42
N LEU H 66 15.13 -8.17 76.41
CA LEU H 66 16.52 -8.55 76.58
C LEU H 66 17.25 -7.61 77.54
N GLY H 67 17.04 -6.31 77.39
CA GLY H 67 17.70 -5.37 78.26
C GLY H 67 17.24 -5.51 79.70
N SER H 68 15.94 -5.76 79.89
CA SER H 68 15.40 -6.00 81.22
C SER H 68 15.77 -7.43 81.65
N THR H 69 15.43 -7.78 82.89
CA THR H 69 15.87 -9.02 83.50
C THR H 69 14.77 -10.08 83.55
N GLU H 70 13.60 -9.79 83.00
CA GLU H 70 12.54 -10.79 82.91
C GLU H 70 12.77 -11.76 81.76
N LYS H 71 14.00 -11.84 81.26
CA LYS H 71 14.41 -12.80 80.26
C LYS H 71 14.81 -14.14 80.86
N GLU H 72 14.95 -14.22 82.18
CA GLU H 72 15.43 -15.43 82.82
C GLU H 72 14.40 -16.54 82.85
N PHE H 73 13.12 -16.22 82.69
CA PHE H 73 12.10 -17.25 82.52
C PHE H 73 12.37 -18.13 81.32
N PHE H 74 13.03 -17.60 80.29
CA PHE H 74 13.48 -18.38 79.15
C PHE H 74 14.92 -18.83 79.31
N PHE H 75 15.65 -18.22 80.24
CA PHE H 75 16.98 -18.70 80.60
C PHE H 75 16.88 -20.08 81.18
N ASN H 76 17.44 -21.06 80.47
CA ASN H 76 17.52 -22.44 80.97
C ASN H 76 18.81 -22.52 81.76
N GLU H 77 18.70 -22.29 83.06
CA GLU H 77 19.82 -22.42 83.99
C GLU H 77 20.55 -23.75 83.85
N ASP H 78 19.86 -24.80 83.39
CA ASP H 78 20.50 -26.06 83.10
C ASP H 78 21.54 -25.96 82.00
N THR H 79 21.49 -24.90 81.20
CA THR H 79 22.40 -24.76 80.06
C THR H 79 23.07 -23.40 79.97
N LYS H 80 22.82 -22.47 80.91
CA LYS H 80 23.33 -21.09 80.81
C LYS H 80 22.74 -20.39 79.60
N GLU H 81 21.78 -21.04 78.94
CA GLU H 81 21.20 -20.55 77.70
C GLU H 81 19.82 -20.00 77.99
N TYR H 82 19.51 -18.87 77.38
CA TYR H 82 18.11 -18.44 77.31
C TYR H 82 17.46 -19.22 76.18
N PHE H 83 16.72 -20.27 76.53
CA PHE H 83 16.04 -21.10 75.54
C PHE H 83 14.77 -20.38 75.14
N PHE H 84 14.54 -20.26 73.85
CA PHE H 84 13.35 -19.62 73.33
C PHE H 84 12.61 -20.56 72.39
N ASP H 85 11.34 -20.81 72.70
CA ASP H 85 10.49 -21.69 71.92
C ASP H 85 9.78 -20.89 70.83
N ARG H 86 10.55 -20.30 69.91
CA ARG H 86 10.04 -19.36 68.91
C ARG H 86 10.70 -19.62 67.55
N ASP H 87 10.58 -18.62 66.68
CA ASP H 87 11.18 -18.65 65.35
C ASP H 87 12.69 -18.38 65.44
N PRO H 88 13.51 -19.22 64.82
CA PRO H 88 14.95 -18.92 64.71
C PRO H 88 15.32 -17.95 63.61
N GLU H 89 14.35 -17.36 62.90
CA GLU H 89 14.67 -16.38 61.87
C GLU H 89 14.34 -14.95 62.25
N VAL H 90 13.11 -14.67 62.67
CA VAL H 90 12.76 -13.33 63.11
C VAL H 90 13.57 -12.89 64.31
N PHE H 91 14.00 -13.83 65.16
CA PHE H 91 14.96 -13.52 66.20
C PHE H 91 16.21 -12.84 65.63
N ARG H 92 16.74 -13.34 64.52
CA ARG H 92 17.92 -12.74 63.92
C ARG H 92 17.68 -11.27 63.62
N CYS H 93 16.45 -10.92 63.24
CA CYS H 93 16.12 -9.52 63.00
C CYS H 93 16.30 -8.69 64.26
N VAL H 94 15.68 -9.11 65.36
CA VAL H 94 15.81 -8.38 66.61
C VAL H 94 17.26 -8.29 67.04
N LEU H 95 18.02 -9.35 66.81
CA LEU H 95 19.40 -9.38 67.27
C LEU H 95 20.26 -8.41 66.47
N ASN H 96 20.17 -8.46 65.14
CA ASN H 96 20.92 -7.51 64.32
C ASN H 96 20.43 -6.08 64.54
N PHE H 97 19.18 -5.91 64.96
CA PHE H 97 18.76 -4.62 65.47
C PHE H 97 19.61 -4.22 66.66
N TYR H 98 19.58 -5.03 67.71
CA TYR H 98 20.30 -4.70 68.94
C TYR H 98 21.77 -4.40 68.66
N ARG H 99 22.39 -5.15 67.74
CA ARG H 99 23.70 -4.76 67.24
C ARG H 99 23.67 -3.33 66.74
N THR H 100 22.81 -3.07 65.76
CA THR H 100 22.75 -1.75 65.15
C THR H 100 21.99 -0.76 66.04
N GLY H 101 20.77 -1.11 66.40
CA GLY H 101 19.90 -0.19 67.10
C GLY H 101 18.80 0.28 66.17
N LYS H 102 18.84 -0.22 64.94
CA LYS H 102 17.85 0.09 63.92
C LYS H 102 17.19 -1.20 63.48
N LEU H 103 15.99 -1.09 62.91
CA LEU H 103 15.24 -2.27 62.53
C LEU H 103 15.15 -2.40 61.02
N HIS H 104 15.27 -3.64 60.55
CA HIS H 104 15.14 -3.96 59.14
C HIS H 104 13.92 -4.86 58.95
N TYR H 105 13.46 -4.95 57.71
CA TYR H 105 12.34 -5.83 57.41
C TYR H 105 12.64 -6.65 56.16
N PRO H 106 12.78 -7.97 56.31
CA PRO H 106 12.97 -8.81 55.12
C PRO H 106 11.71 -8.82 54.28
N ARG H 107 11.89 -8.99 52.97
CA ARG H 107 10.78 -8.81 52.03
C ARG H 107 9.70 -9.86 52.18
N TYR H 108 10.06 -11.07 52.60
CA TYR H 108 9.19 -12.23 52.41
C TYR H 108 8.68 -12.80 53.73
N GLU H 109 8.34 -11.95 54.68
CA GLU H 109 7.91 -12.44 55.97
C GLU H 109 6.43 -12.17 56.20
N CYS H 110 5.74 -13.17 56.74
CA CYS H 110 4.32 -13.07 57.04
C CYS H 110 4.14 -12.03 58.12
N ILE H 111 3.63 -10.86 57.75
CA ILE H 111 3.64 -9.68 58.60
C ILE H 111 2.91 -9.97 59.89
N SER H 112 1.97 -10.93 59.86
CA SER H 112 1.35 -11.40 61.09
C SER H 112 2.41 -11.90 62.06
N ALA H 113 3.20 -12.89 61.62
CA ALA H 113 4.28 -13.39 62.45
C ALA H 113 5.24 -12.29 62.82
N TYR H 114 5.54 -11.40 61.87
CA TYR H 114 6.45 -10.30 62.15
C TYR H 114 5.99 -9.49 63.36
N ASP H 115 4.79 -8.92 63.28
CA ASP H 115 4.32 -8.04 64.34
C ASP H 115 4.11 -8.80 65.65
N ASP H 116 3.62 -10.03 65.57
CA ASP H 116 3.41 -10.74 66.82
C ASP H 116 4.71 -11.06 67.53
N GLU H 117 5.77 -11.43 66.79
CA GLU H 117 7.06 -11.62 67.42
C GLU H 117 7.62 -10.31 67.93
N LEU H 118 7.40 -9.21 67.21
CA LEU H 118 7.83 -7.91 67.69
C LEU H 118 7.23 -7.59 69.05
N ALA H 119 5.91 -7.71 69.16
CA ALA H 119 5.24 -7.50 70.44
C ALA H 119 5.74 -8.50 71.48
N PHE H 120 5.98 -9.73 71.05
CA PHE H 120 6.50 -10.76 71.96
C PHE H 120 7.81 -10.34 72.58
N TYR H 121 8.69 -9.72 71.79
CA TYR H 121 9.92 -9.16 72.32
C TYR H 121 9.71 -7.77 72.89
N GLY H 122 8.47 -7.30 72.98
CA GLY H 122 8.16 -5.99 73.47
C GLY H 122 8.52 -4.87 72.52
N ILE H 123 9.27 -5.17 71.45
CA ILE H 123 9.69 -4.14 70.52
C ILE H 123 8.47 -3.56 69.82
N LEU H 124 8.54 -2.28 69.50
CA LEU H 124 7.44 -1.57 68.91
C LEU H 124 7.53 -1.57 67.39
N PRO H 125 6.48 -1.99 66.69
CA PRO H 125 6.51 -1.95 65.22
C PRO H 125 6.65 -0.55 64.67
N GLU H 126 6.40 0.48 65.48
CA GLU H 126 6.45 1.84 65.00
C GLU H 126 7.89 2.31 64.76
N ILE H 127 8.87 1.66 65.38
CA ILE H 127 10.22 2.19 65.41
C ILE H 127 11.10 1.54 64.36
N ILE H 128 10.48 0.93 63.34
CA ILE H 128 11.26 0.25 62.31
C ILE H 128 12.18 1.23 61.61
N GLY H 129 13.44 0.85 61.50
CA GLY H 129 14.40 1.69 60.78
C GLY H 129 13.93 1.91 59.35
N ASP H 130 13.89 3.19 58.96
CA ASP H 130 13.37 3.54 57.62
C ASP H 130 14.26 3.01 56.52
N CYS H 131 15.36 2.34 56.86
CA CYS H 131 16.11 1.55 55.89
C CYS H 131 15.18 0.74 55.01
N CYS H 132 14.22 0.05 55.62
CA CYS H 132 13.14 -0.64 54.92
C CYS H 132 11.90 -0.53 55.81
N TYR H 133 11.08 0.49 55.56
CA TYR H 133 9.94 0.80 56.41
C TYR H 133 8.60 0.75 55.68
N GLU H 134 8.47 1.51 54.60
CA GLU H 134 7.16 1.67 53.95
C GLU H 134 6.60 0.37 53.42
N GLU H 135 7.46 -0.52 52.91
CA GLU H 135 6.98 -1.81 52.45
C GLU H 135 6.39 -2.63 53.58
N TYR H 136 6.90 -2.45 54.80
CA TYR H 136 6.25 -3.00 55.97
C TYR H 136 4.83 -2.45 56.09
N LYS H 137 4.66 -1.16 55.84
CA LYS H 137 3.32 -0.57 55.83
C LYS H 137 2.46 -1.16 54.73
N ASP H 138 3.06 -1.52 53.60
CA ASP H 138 2.30 -2.09 52.49
C ASP H 138 1.80 -3.47 52.86
N ARG H 139 2.69 -4.31 53.40
CA ARG H 139 2.26 -5.59 53.95
C ARG H 139 1.17 -5.37 54.99
N LYS H 140 1.32 -4.33 55.81
CA LYS H 140 0.33 -4.03 56.83
C LYS H 140 -1.05 -3.83 56.22
N ARG H 141 -1.14 -2.90 55.28
CA ARG H 141 -2.45 -2.56 54.71
C ARG H 141 -3.01 -3.72 53.92
N GLU H 142 -2.16 -4.45 53.19
CA GLU H 142 -2.67 -5.58 52.42
C GLU H 142 -3.20 -6.68 53.33
N ASN H 143 -2.48 -6.97 54.42
CA ASN H 143 -2.93 -7.99 55.35
C ASN H 143 -4.22 -7.56 56.02
N ALA H 144 -4.30 -6.30 56.45
CA ALA H 144 -5.53 -5.77 57.02
C ALA H 144 -6.70 -5.97 56.06
N GLU H 145 -6.52 -5.53 54.81
CA GLU H 145 -7.51 -5.77 53.77
C GLU H 145 -7.94 -7.22 53.72
N ARG H 146 -6.98 -8.13 53.56
CA ARG H 146 -7.32 -9.53 53.32
C ARG H 146 -7.99 -10.17 54.53
N LEU H 147 -7.67 -9.72 55.73
CA LEU H 147 -8.28 -10.31 56.92
C LEU H 147 -9.72 -9.85 57.09
N MET H 148 -10.14 -8.81 56.38
CA MET H 148 -11.51 -8.34 56.46
C MET H 148 -12.45 -9.21 55.63
N LEU H 163 -37.76 -7.28 64.44
CA LEU H 163 -36.73 -8.23 64.05
C LEU H 163 -37.30 -9.46 63.37
N SER H 164 -38.20 -10.14 64.07
CA SER H 164 -38.82 -11.35 63.56
C SER H 164 -39.44 -11.10 62.18
N PHE H 165 -40.13 -10.00 62.03
CA PHE H 165 -40.68 -9.59 60.75
C PHE H 165 -40.34 -8.15 60.41
N ARG H 166 -40.11 -7.30 61.42
CA ARG H 166 -39.89 -5.89 61.18
C ARG H 166 -38.47 -5.58 60.75
N GLN H 167 -37.53 -6.50 60.96
CA GLN H 167 -36.18 -6.37 60.42
C GLN H 167 -35.70 -7.61 59.70
N THR H 168 -36.42 -8.72 59.77
CA THR H 168 -36.15 -9.80 58.82
C THR H 168 -36.38 -9.33 57.40
N MET H 169 -37.30 -8.37 57.23
CA MET H 169 -37.41 -7.67 55.95
C MET H 169 -36.10 -7.01 55.57
N TRP H 170 -35.47 -6.32 56.52
CA TRP H 170 -34.17 -5.72 56.25
C TRP H 170 -33.15 -6.76 55.86
N ARG H 171 -33.09 -7.85 56.62
CA ARG H 171 -32.17 -8.94 56.31
C ARG H 171 -32.37 -9.45 54.89
N ALA H 172 -33.63 -9.64 54.50
CA ALA H 172 -33.92 -10.14 53.16
C ALA H 172 -33.60 -9.10 52.10
N PHE H 173 -33.69 -7.82 52.46
CA PHE H 173 -33.31 -6.75 51.53
C PHE H 173 -31.87 -6.92 51.09
N GLU H 174 -30.95 -6.83 52.04
CA GLU H 174 -29.54 -6.63 51.73
C GLU H 174 -28.92 -7.91 51.18
N ASN H 175 -29.73 -8.96 51.05
CA ASN H 175 -29.34 -10.13 50.26
C ASN H 175 -30.62 -10.81 49.78
N PRO H 176 -30.92 -10.74 48.50
CA PRO H 176 -32.10 -11.42 47.97
C PRO H 176 -32.00 -12.93 48.12
N HIS H 177 -30.78 -13.45 48.01
CA HIS H 177 -30.54 -14.88 48.07
C HIS H 177 -30.87 -15.48 49.43
N THR H 178 -31.10 -14.66 50.45
CA THR H 178 -31.40 -15.18 51.77
C THR H 178 -32.61 -16.10 51.75
N SER H 179 -33.77 -15.55 51.45
CA SER H 179 -34.99 -16.34 51.30
C SER H 179 -35.23 -16.58 49.83
N THR H 180 -36.41 -17.12 49.53
CA THR H 180 -36.89 -17.11 48.16
C THR H 180 -37.86 -15.94 47.93
N LEU H 181 -38.54 -15.48 48.98
CA LEU H 181 -39.39 -14.31 48.83
C LEU H 181 -38.55 -13.06 48.61
N ALA H 182 -37.40 -12.97 49.27
CA ALA H 182 -36.49 -11.88 48.96
C ALA H 182 -36.06 -11.92 47.51
N LEU H 183 -35.75 -13.11 47.00
CA LEU H 183 -35.36 -13.24 45.60
C LEU H 183 -36.48 -12.80 44.68
N VAL H 184 -37.72 -13.18 44.98
CA VAL H 184 -38.80 -12.83 44.07
C VAL H 184 -39.10 -11.34 44.14
N PHE H 185 -38.96 -10.72 45.31
CA PHE H 185 -39.20 -9.29 45.38
C PHE H 185 -38.09 -8.52 44.67
N TYR H 186 -36.84 -8.92 44.89
CA TYR H 186 -35.73 -8.38 44.12
C TYR H 186 -36.00 -8.46 42.63
N TYR H 187 -36.33 -9.65 42.13
CA TYR H 187 -36.54 -9.79 40.70
C TYR H 187 -37.76 -9.04 40.19
N VAL H 188 -38.80 -8.88 40.99
CA VAL H 188 -39.97 -8.16 40.50
C VAL H 188 -39.76 -6.66 40.50
N THR H 189 -39.05 -6.10 41.49
CA THR H 189 -38.69 -4.70 41.37
C THR H 189 -37.62 -4.49 40.32
N GLY H 190 -36.85 -5.53 40.00
CA GLY H 190 -36.02 -5.53 38.82
C GLY H 190 -36.78 -5.78 37.55
N PHE H 191 -38.09 -5.57 37.55
CA PHE H 191 -38.86 -5.69 36.33
C PHE H 191 -39.63 -4.41 36.05
N PHE H 192 -40.16 -3.76 37.07
CA PHE H 192 -40.94 -2.56 36.83
C PHE H 192 -40.08 -1.37 36.43
N ILE H 193 -38.84 -1.30 36.91
CA ILE H 193 -37.93 -0.26 36.43
C ILE H 193 -37.70 -0.44 34.94
N ALA H 194 -37.48 -1.68 34.51
CA ALA H 194 -37.33 -1.94 33.08
C ALA H 194 -38.60 -1.60 32.32
N VAL H 195 -39.75 -1.90 32.92
CA VAL H 195 -41.02 -1.58 32.29
C VAL H 195 -41.13 -0.09 32.05
N SER H 196 -40.85 0.71 33.08
CA SER H 196 -41.00 2.15 32.92
C SER H 196 -39.96 2.71 31.96
N VAL H 197 -38.74 2.17 32.01
CA VAL H 197 -37.72 2.54 31.02
C VAL H 197 -38.27 2.38 29.62
N ILE H 198 -38.76 1.18 29.30
CA ILE H 198 -39.16 0.92 27.92
C ILE H 198 -40.43 1.68 27.59
N THR H 199 -41.30 1.89 28.56
CA THR H 199 -42.51 2.65 28.26
C THR H 199 -42.15 4.09 27.94
N ASN H 200 -41.17 4.66 28.64
CA ASN H 200 -40.71 5.99 28.28
C ASN H 200 -40.07 5.99 26.91
N VAL H 201 -39.25 4.98 26.61
CA VAL H 201 -38.64 4.89 25.29
C VAL H 201 -39.71 4.93 24.21
N VAL H 202 -40.79 4.18 24.39
CA VAL H 202 -41.79 4.11 23.33
C VAL H 202 -42.70 5.34 23.35
N GLU H 203 -42.79 6.03 24.48
CA GLU H 203 -43.65 7.20 24.60
C GLU H 203 -43.50 8.18 23.45
N THR H 204 -42.38 8.12 22.72
CA THR H 204 -42.08 9.11 21.71
C THR H 204 -42.22 8.59 20.30
N VAL H 205 -42.07 7.29 20.10
CA VAL H 205 -41.92 6.73 18.77
C VAL H 205 -43.17 7.05 17.95
N PRO H 206 -43.04 7.76 16.86
CA PRO H 206 -44.21 8.01 16.01
C PRO H 206 -44.50 6.80 15.13
N CYS H 207 -45.52 6.03 15.51
CA CYS H 207 -45.94 4.89 14.72
C CYS H 207 -47.46 4.87 14.68
N GLY H 208 -48.01 4.34 13.61
CA GLY H 208 -49.44 4.41 13.41
C GLY H 208 -49.75 5.64 12.60
N THR H 209 -50.07 5.46 11.32
CA THR H 209 -50.23 6.59 10.43
C THR H 209 -51.36 7.52 10.83
N VAL H 210 -52.39 6.98 11.50
CA VAL H 210 -53.58 7.74 11.88
C VAL H 210 -54.06 8.51 10.65
N PRO H 211 -54.61 7.82 9.64
CA PRO H 211 -54.87 8.48 8.35
C PRO H 211 -55.88 9.62 8.44
N GLY H 212 -56.55 9.75 9.57
CA GLY H 212 -57.50 10.83 9.75
C GLY H 212 -56.83 12.16 10.00
N SER H 213 -55.61 12.13 10.52
CA SER H 213 -54.88 13.35 10.87
C SER H 213 -53.40 13.12 10.56
N LYS H 214 -52.56 13.99 11.11
CA LYS H 214 -51.12 13.82 11.00
C LYS H 214 -50.68 12.52 11.68
N GLU H 215 -49.40 12.24 11.58
CA GLU H 215 -48.86 11.02 12.18
C GLU H 215 -48.39 11.31 13.60
N LEU H 216 -48.88 10.52 14.54
CA LEU H 216 -48.71 10.81 15.96
C LEU H 216 -47.61 9.95 16.57
N PRO H 217 -46.87 10.50 17.52
CA PRO H 217 -46.11 9.65 18.44
C PRO H 217 -47.07 8.86 19.30
N CYS H 218 -46.85 7.54 19.37
CA CYS H 218 -47.80 6.66 20.03
C CYS H 218 -48.12 7.13 21.45
N GLY H 219 -47.22 7.89 22.06
CA GLY H 219 -47.50 8.43 23.39
C GLY H 219 -48.77 9.26 23.43
N GLU H 220 -48.84 10.29 22.59
CA GLU H 220 -50.00 11.18 22.58
C GLU H 220 -51.23 10.56 21.93
N ARG H 221 -51.10 9.34 21.40
CA ARG H 221 -52.26 8.65 20.85
C ARG H 221 -53.01 7.87 21.93
N TYR H 222 -52.32 6.94 22.59
CA TYR H 222 -52.94 6.09 23.60
C TYR H 222 -52.75 6.70 24.99
N SER H 223 -53.30 7.90 25.16
CA SER H 223 -52.95 8.72 26.32
C SER H 223 -53.15 7.96 27.62
N VAL H 224 -54.36 7.46 27.87
CA VAL H 224 -54.65 6.82 29.13
C VAL H 224 -53.81 5.56 29.33
N ALA H 225 -53.42 4.91 28.23
CA ALA H 225 -52.63 3.68 28.34
C ALA H 225 -51.30 3.95 29.05
N PHE H 226 -50.44 4.74 28.42
CA PHE H 226 -49.19 5.08 29.06
C PHE H 226 -49.40 5.84 30.35
N PHE H 227 -50.51 6.59 30.44
CA PHE H 227 -50.88 7.20 31.70
C PHE H 227 -50.88 6.18 32.83
N CYS H 228 -51.72 5.16 32.71
CA CYS H 228 -51.86 4.19 33.79
C CYS H 228 -50.59 3.38 33.97
N LEU H 229 -49.89 3.08 32.87
CA LEU H 229 -48.59 2.42 32.99
C LEU H 229 -47.68 3.20 33.94
N ASP H 230 -47.50 4.49 33.66
CA ASP H 230 -46.66 5.33 34.48
C ASP H 230 -47.15 5.38 35.92
N THR H 231 -48.46 5.55 36.10
CA THR H 231 -49.01 5.62 37.45
C THR H 231 -48.68 4.37 38.25
N ALA H 232 -48.88 3.20 37.63
CA ALA H 232 -48.63 1.95 38.32
C ALA H 232 -47.16 1.80 38.66
N CYS H 233 -46.27 2.09 37.71
CA CYS H 233 -44.84 2.02 38.02
C CYS H 233 -44.49 2.92 39.20
N VAL H 234 -45.05 4.13 39.22
CA VAL H 234 -44.81 5.05 40.33
C VAL H 234 -45.26 4.42 41.63
N MET H 235 -46.48 3.88 41.66
CA MET H 235 -47.00 3.30 42.90
C MET H 235 -46.12 2.16 43.39
N ILE H 236 -45.68 1.30 42.47
CA ILE H 236 -44.83 0.18 42.86
C ILE H 236 -43.54 0.67 43.48
N PHE H 237 -42.86 1.58 42.80
CA PHE H 237 -41.58 2.05 43.32
C PHE H 237 -41.76 2.75 44.66
N THR H 238 -42.86 3.48 44.82
CA THR H 238 -43.09 4.18 46.08
C THR H 238 -43.31 3.22 47.22
N VAL H 239 -44.22 2.25 47.05
CA VAL H 239 -44.48 1.31 48.13
C VAL H 239 -43.22 0.52 48.45
N GLU H 240 -42.43 0.18 47.41
CA GLU H 240 -41.16 -0.48 47.66
C GLU H 240 -40.26 0.38 48.54
N TYR H 241 -40.05 1.63 48.14
CA TYR H 241 -39.13 2.49 48.88
C TYR H 241 -39.59 2.72 50.30
N LEU H 242 -40.91 2.75 50.52
CA LEU H 242 -41.42 2.96 51.86
C LEU H 242 -40.97 1.84 52.80
N LEU H 243 -41.23 0.60 52.41
CA LEU H 243 -40.81 -0.53 53.24
C LEU H 243 -39.30 -0.67 53.28
N ARG H 244 -38.59 -0.18 52.25
CA ARG H 244 -37.16 -0.03 52.38
C ARG H 244 -36.82 0.87 53.56
N LEU H 245 -37.50 2.02 53.63
CA LEU H 245 -37.24 2.99 54.69
C LEU H 245 -37.59 2.42 56.05
N PHE H 246 -38.63 1.59 56.11
CA PHE H 246 -39.10 1.10 57.41
C PHE H 246 -38.07 0.21 58.09
N ALA H 247 -37.61 -0.84 57.41
CA ALA H 247 -36.66 -1.79 57.98
C ALA H 247 -35.28 -1.19 58.17
N ALA H 248 -35.10 0.07 57.81
CA ALA H 248 -33.80 0.70 57.96
C ALA H 248 -33.49 0.91 59.44
N PRO H 249 -32.37 0.37 59.92
CA PRO H 249 -31.96 0.63 61.30
C PRO H 249 -31.89 2.12 61.59
N SER H 250 -31.09 2.84 60.81
CA SER H 250 -31.00 4.29 60.93
C SER H 250 -32.01 4.90 59.98
N ARG H 251 -33.01 5.59 60.54
CA ARG H 251 -33.98 6.29 59.71
C ARG H 251 -33.40 7.60 59.19
N TYR H 252 -32.11 7.83 59.45
CA TYR H 252 -31.42 8.98 58.88
C TYR H 252 -30.31 8.58 57.92
N ARG H 253 -29.37 7.75 58.36
CA ARG H 253 -28.30 7.31 57.46
C ARG H 253 -28.84 6.66 56.21
N PHE H 254 -29.95 5.95 56.31
CA PHE H 254 -30.63 5.44 55.13
C PHE H 254 -31.07 6.55 54.21
N ILE H 255 -31.67 7.61 54.75
CA ILE H 255 -31.98 8.77 53.92
C ILE H 255 -30.72 9.31 53.27
N ARG H 256 -29.58 9.19 53.94
CA ARG H 256 -28.31 9.59 53.36
C ARG H 256 -27.61 8.44 52.64
N SER H 257 -28.33 7.39 52.30
CA SER H 257 -27.78 6.40 51.38
C SER H 257 -27.79 6.96 49.96
N VAL H 258 -26.96 6.35 49.11
CA VAL H 258 -26.82 6.85 47.75
C VAL H 258 -28.13 6.76 46.99
N MET H 259 -28.83 5.64 47.11
CA MET H 259 -29.96 5.35 46.24
C MET H 259 -31.29 5.88 46.74
N SER H 260 -31.37 6.29 48.00
CA SER H 260 -32.58 6.94 48.48
C SER H 260 -32.94 8.13 47.60
N ILE H 261 -31.97 8.99 47.33
CA ILE H 261 -32.19 10.15 46.48
C ILE H 261 -32.55 9.71 45.07
N ILE H 262 -31.86 8.68 44.56
CA ILE H 262 -32.17 8.15 43.24
C ILE H 262 -33.66 7.82 43.16
N ASP H 263 -34.16 7.10 44.16
CA ASP H 263 -35.56 6.71 44.14
C ASP H 263 -36.48 7.90 44.21
N VAL H 264 -36.22 8.84 45.12
CA VAL H 264 -37.15 9.95 45.28
C VAL H 264 -37.18 10.80 44.01
N VAL H 265 -36.03 10.96 43.35
CA VAL H 265 -35.99 11.78 42.16
C VAL H 265 -36.50 11.03 40.94
N ALA H 266 -36.54 9.70 40.99
CA ALA H 266 -37.19 8.97 39.92
C ALA H 266 -38.69 8.99 40.06
N ILE H 267 -39.19 9.03 41.29
CA ILE H 267 -40.63 8.92 41.50
C ILE H 267 -41.32 10.27 41.44
N MET H 268 -40.67 11.33 41.92
CA MET H 268 -41.34 12.63 41.98
C MET H 268 -41.80 13.19 40.63
N PRO H 269 -41.06 13.04 39.50
CA PRO H 269 -41.48 13.69 38.25
C PRO H 269 -42.92 13.43 37.87
N TYR H 270 -43.47 12.29 38.28
CA TYR H 270 -44.88 12.06 38.01
C TYR H 270 -45.76 12.82 38.98
N TYR H 271 -45.38 12.89 40.25
CA TYR H 271 -46.15 13.68 41.20
C TYR H 271 -46.26 15.12 40.72
N ILE H 272 -45.13 15.74 40.40
CA ILE H 272 -45.20 17.12 39.91
C ILE H 272 -45.92 17.18 38.57
N GLY H 273 -45.71 16.20 37.69
CA GLY H 273 -46.44 16.15 36.45
C GLY H 273 -47.95 16.14 36.63
N LEU H 274 -48.42 15.64 37.78
CA LEU H 274 -49.82 15.79 38.13
C LEU H 274 -50.08 17.13 38.79
N VAL H 275 -49.07 17.68 39.48
CA VAL H 275 -49.25 18.93 40.20
C VAL H 275 -49.33 20.11 39.24
N MET H 276 -48.48 20.10 38.20
CA MET H 276 -48.40 21.23 37.28
C MET H 276 -48.77 20.81 35.87
N THR H 277 -49.91 20.12 35.72
CA THR H 277 -50.38 19.64 34.44
C THR H 277 -50.58 20.78 33.44
N ASN H 278 -50.86 20.43 32.19
CA ASN H 278 -50.96 21.38 31.08
C ASN H 278 -51.88 22.54 31.38
N ASN H 279 -52.74 22.40 32.40
CA ASN H 279 -53.51 23.55 32.88
C ASN H 279 -52.57 24.67 33.31
N GLU H 280 -51.51 24.32 34.03
CA GLU H 280 -50.47 25.27 34.42
C GLU H 280 -49.16 24.72 33.86
N ASP H 281 -48.87 25.09 32.61
CA ASP H 281 -47.69 24.55 31.93
C ASP H 281 -47.43 25.35 30.66
N VAL H 282 -46.14 25.45 30.33
CA VAL H 282 -45.69 26.05 29.07
C VAL H 282 -44.65 25.10 28.48
N SER H 283 -44.30 25.32 27.20
CA SER H 283 -43.39 24.42 26.51
C SER H 283 -42.10 24.19 27.29
N GLY H 284 -41.45 25.26 27.74
CA GLY H 284 -40.16 25.12 28.38
C GLY H 284 -40.22 24.96 29.89
N ALA H 285 -41.32 24.39 30.39
CA ALA H 285 -41.47 24.19 31.83
C ALA H 285 -41.64 22.74 32.24
N PHE H 286 -41.89 21.82 31.31
CA PHE H 286 -42.18 20.44 31.66
C PHE H 286 -41.28 19.44 30.95
N VAL H 287 -40.68 19.82 29.82
CA VAL H 287 -39.70 18.94 29.19
C VAL H 287 -38.61 18.57 30.18
N THR H 288 -38.33 19.46 31.14
CA THR H 288 -37.39 19.13 32.19
C THR H 288 -37.81 17.90 32.97
N LEU H 289 -39.03 17.88 33.52
CA LEU H 289 -39.48 16.70 34.24
C LEU H 289 -39.68 15.50 33.36
N ARG H 290 -40.02 15.69 32.09
CA ARG H 290 -39.98 14.57 31.15
C ARG H 290 -38.58 13.98 31.08
N VAL H 291 -37.55 14.82 31.20
CA VAL H 291 -36.18 14.32 31.14
C VAL H 291 -35.90 13.42 32.33
N PHE H 292 -36.07 13.93 33.54
CA PHE H 292 -35.64 13.24 34.74
C PHE H 292 -36.22 11.84 34.86
N ARG H 293 -37.28 11.53 34.12
CA ARG H 293 -37.86 10.21 34.21
C ARG H 293 -36.90 9.13 33.74
N VAL H 294 -35.67 9.51 33.37
CA VAL H 294 -34.64 8.53 33.07
C VAL H 294 -33.93 8.03 34.31
N PHE H 295 -33.83 8.85 35.35
CA PHE H 295 -33.01 8.52 36.51
C PHE H 295 -33.34 7.15 37.09
N ARG H 296 -34.60 6.73 37.00
CA ARG H 296 -34.97 5.41 37.51
C ARG H 296 -34.14 4.29 36.93
N ILE H 297 -33.54 4.48 35.76
CA ILE H 297 -32.70 3.44 35.20
C ILE H 297 -31.59 3.06 36.16
N PHE H 298 -31.12 4.01 36.96
CA PHE H 298 -29.99 3.74 37.86
C PHE H 298 -30.31 2.70 38.91
N LYS H 299 -31.58 2.51 39.25
CA LYS H 299 -31.91 1.61 40.35
C LYS H 299 -31.46 0.18 40.07
N PHE H 300 -30.94 -0.09 38.87
CA PHE H 300 -30.29 -1.36 38.57
C PHE H 300 -29.06 -1.56 39.43
N SER H 301 -28.62 -0.48 40.09
CA SER H 301 -27.45 -0.55 40.96
C SER H 301 -27.53 -1.75 41.88
N ARG H 302 -28.61 -1.86 42.65
CA ARG H 302 -28.79 -3.01 43.52
C ARG H 302 -28.64 -4.32 42.78
N HIS H 303 -29.20 -4.41 41.58
CA HIS H 303 -29.22 -5.68 40.87
C HIS H 303 -27.86 -5.97 40.23
N SER H 304 -27.06 -4.94 40.01
CA SER H 304 -25.85 -5.05 39.22
C SER H 304 -24.62 -4.71 40.07
N GLN H 305 -23.68 -5.64 40.18
CA GLN H 305 -22.41 -5.30 40.79
C GLN H 305 -21.73 -4.18 40.05
N GLY H 306 -21.57 -4.33 38.74
CA GLY H 306 -20.81 -3.38 37.97
C GLY H 306 -21.13 -1.94 38.31
N LEU H 307 -22.40 -1.61 38.50
CA LEU H 307 -22.76 -0.22 38.73
C LEU H 307 -22.24 0.28 40.06
N ARG H 308 -22.44 -0.47 41.13
CA ARG H 308 -21.97 0.00 42.43
C ARG H 308 -20.45 0.00 42.48
N ILE H 309 -19.82 -1.05 41.94
CA ILE H 309 -18.37 -1.11 41.98
C ILE H 309 -17.78 0.01 41.13
N LEU H 310 -18.45 0.41 40.06
CA LEU H 310 -17.98 1.53 39.27
C LEU H 310 -18.18 2.84 40.02
N GLY H 311 -19.35 3.03 40.61
CA GLY H 311 -19.54 4.21 41.44
C GLY H 311 -18.42 4.37 42.44
N TYR H 312 -17.95 3.27 43.02
CA TYR H 312 -16.88 3.37 43.99
C TYR H 312 -15.52 3.61 43.34
N THR H 313 -15.19 2.88 42.27
CA THR H 313 -13.93 3.16 41.58
C THR H 313 -13.90 4.55 40.98
N LEU H 314 -15.04 5.23 40.95
CA LEU H 314 -15.06 6.60 40.50
C LEU H 314 -14.91 7.56 41.68
N LYS H 315 -15.64 7.32 42.76
CA LYS H 315 -15.48 8.17 43.93
C LYS H 315 -14.05 8.13 44.45
N SER H 316 -13.40 6.98 44.32
CA SER H 316 -12.00 6.90 44.72
C SER H 316 -11.11 7.73 43.82
N CYS H 317 -11.31 7.65 42.51
CA CYS H 317 -10.55 8.43 41.54
C CYS H 317 -11.21 9.76 41.23
N ALA H 318 -12.05 10.27 42.13
CA ALA H 318 -12.66 11.57 41.91
C ALA H 318 -11.65 12.70 42.06
N SER H 319 -10.41 12.38 42.43
CA SER H 319 -9.38 13.41 42.50
C SER H 319 -8.84 13.75 41.13
N GLU H 320 -8.62 12.74 40.30
CA GLU H 320 -8.01 12.98 38.99
C GLU H 320 -9.02 13.45 37.97
N LEU H 321 -10.31 13.20 38.20
CA LEU H 321 -11.30 13.62 37.23
C LEU H 321 -11.56 15.11 37.31
N GLY H 322 -11.56 15.70 38.51
CA GLY H 322 -11.57 17.14 38.59
C GLY H 322 -10.43 17.75 37.81
N PHE H 323 -9.24 17.15 37.95
CA PHE H 323 -8.09 17.64 37.22
C PHE H 323 -8.25 17.46 35.71
N LEU H 324 -8.81 16.34 35.29
CA LEU H 324 -8.99 16.12 33.87
C LEU H 324 -9.97 17.13 33.30
N LEU H 325 -11.09 17.34 33.98
CA LEU H 325 -12.02 18.39 33.57
C LEU H 325 -11.30 19.72 33.45
N PHE H 326 -10.47 20.04 34.45
CA PHE H 326 -9.76 21.31 34.41
C PHE H 326 -8.84 21.39 33.21
N SER H 327 -7.95 20.41 33.05
CA SER H 327 -6.97 20.46 31.99
C SER H 327 -7.63 20.47 30.63
N LEU H 328 -8.71 19.70 30.47
CA LEU H 328 -9.45 19.77 29.22
C LEU H 328 -10.03 21.15 29.00
N THR H 329 -10.58 21.76 30.04
CA THR H 329 -11.13 23.09 29.87
C THR H 329 -10.05 24.06 29.40
N MET H 330 -8.87 23.97 29.98
CA MET H 330 -7.83 24.91 29.57
C MET H 330 -7.35 24.60 28.16
N ALA H 331 -7.10 23.33 27.83
CA ALA H 331 -6.63 23.01 26.49
C ALA H 331 -7.66 23.39 25.44
N ILE H 332 -8.93 23.22 25.77
CA ILE H 332 -9.98 23.62 24.85
C ILE H 332 -9.97 25.12 24.64
N ILE H 333 -9.86 25.90 25.73
CA ILE H 333 -9.88 27.34 25.54
C ILE H 333 -8.68 27.79 24.70
N ILE H 334 -7.52 27.21 24.98
CA ILE H 334 -6.32 27.50 24.20
C ILE H 334 -6.60 27.26 22.72
N PHE H 335 -6.94 26.04 22.38
CA PHE H 335 -7.05 25.71 20.97
C PHE H 335 -8.26 26.35 20.33
N ALA H 336 -9.27 26.72 21.12
CA ALA H 336 -10.39 27.45 20.55
C ALA H 336 -9.96 28.84 20.14
N THR H 337 -9.23 29.54 21.01
CA THR H 337 -8.71 30.86 20.63
C THR H 337 -7.83 30.76 19.40
N VAL H 338 -6.89 29.80 19.41
CA VAL H 338 -6.02 29.66 18.26
C VAL H 338 -6.83 29.40 17.00
N MET H 339 -7.55 28.27 16.96
CA MET H 339 -8.28 27.91 15.74
C MET H 339 -9.28 28.98 15.35
N PHE H 340 -9.67 29.83 16.29
CA PHE H 340 -10.50 30.96 15.90
C PHE H 340 -9.69 31.96 15.10
N TYR H 341 -8.67 32.55 15.72
CA TYR H 341 -7.97 33.64 15.05
C TYR H 341 -7.25 33.17 13.80
N ALA H 342 -6.79 31.92 13.77
CA ALA H 342 -6.12 31.40 12.59
C ALA H 342 -7.13 31.07 11.49
N GLU H 343 -8.42 31.15 11.79
CA GLU H 343 -9.44 30.82 10.81
C GLU H 343 -10.68 31.69 10.91
N LYS H 344 -10.67 32.70 11.78
CA LYS H 344 -11.85 33.55 11.94
C LYS H 344 -12.21 34.23 10.63
N GLY H 345 -11.21 34.76 9.93
CA GLY H 345 -11.44 35.40 8.66
C GLY H 345 -11.22 34.49 7.46
N SER H 346 -12.31 33.93 6.94
CA SER H 346 -12.26 33.13 5.72
C SER H 346 -13.60 33.27 5.02
N SER H 347 -13.78 32.49 3.95
CA SER H 347 -14.96 32.60 3.10
C SER H 347 -16.25 32.34 3.86
N ALA H 348 -16.44 31.12 4.32
CA ALA H 348 -17.68 30.71 4.96
C ALA H 348 -17.41 30.11 6.34
N SER H 349 -16.47 30.70 7.06
CA SER H 349 -16.13 30.21 8.40
C SER H 349 -17.36 30.21 9.30
N LYS H 350 -17.72 29.05 9.80
CA LYS H 350 -18.73 29.03 10.84
C LYS H 350 -18.17 29.38 12.18
N PHE H 351 -16.88 29.72 12.26
CA PHE H 351 -16.24 30.03 13.52
C PHE H 351 -16.62 31.45 13.93
N THR H 352 -17.94 31.68 13.97
CA THR H 352 -18.47 33.02 14.14
C THR H 352 -18.15 33.63 15.48
N SER H 353 -17.65 32.85 16.43
CA SER H 353 -17.32 33.36 17.75
C SER H 353 -16.61 32.25 18.51
N ILE H 354 -15.78 32.65 19.46
CA ILE H 354 -15.10 31.66 20.30
C ILE H 354 -16.10 30.70 20.92
N PRO H 355 -17.17 31.13 21.58
CA PRO H 355 -18.16 30.16 22.05
C PRO H 355 -18.66 29.23 20.96
N ALA H 356 -18.94 29.76 19.78
CA ALA H 356 -19.30 28.92 18.65
C ALA H 356 -18.10 28.18 18.09
N SER H 357 -16.91 28.43 18.60
CA SER H 357 -15.73 27.71 18.13
C SER H 357 -15.09 26.87 19.21
N PHE H 358 -15.81 26.58 20.29
CA PHE H 358 -15.44 25.44 21.12
C PHE H 358 -15.80 24.15 20.43
N TRP H 359 -17.07 24.05 20.00
CA TRP H 359 -17.58 22.83 19.42
C TRP H 359 -16.57 22.20 18.49
N TYR H 360 -15.90 23.02 17.68
CA TYR H 360 -14.86 22.47 16.83
C TYR H 360 -13.73 21.87 17.65
N THR H 361 -13.23 22.62 18.62
CA THR H 361 -12.10 22.12 19.37
C THR H 361 -12.41 20.81 20.06
N ILE H 362 -13.57 20.71 20.70
CA ILE H 362 -13.91 19.49 21.41
C ILE H 362 -14.21 18.35 20.45
N VAL H 363 -14.89 18.63 19.34
CA VAL H 363 -15.06 17.63 18.31
C VAL H 363 -13.73 17.07 17.88
N THR H 364 -12.68 17.89 17.94
CA THR H 364 -11.38 17.41 17.49
C THR H 364 -10.63 16.65 18.57
N MET H 365 -10.53 17.24 19.76
CA MET H 365 -9.65 16.70 20.80
C MET H 365 -10.00 15.27 21.15
N THR H 366 -11.20 14.83 20.83
CA THR H 366 -11.63 13.48 21.12
C THR H 366 -11.45 12.55 19.93
N THR H 367 -10.79 12.99 18.87
CA THR H 367 -10.73 12.24 17.62
C THR H 367 -12.11 11.82 17.16
N LEU H 368 -13.11 12.62 17.52
CA LEU H 368 -14.46 12.39 17.01
C LEU H 368 -14.47 12.66 15.50
N GLY H 369 -14.21 13.91 15.13
CA GLY H 369 -14.05 14.23 13.73
C GLY H 369 -15.34 14.10 12.95
N TYR H 370 -16.31 14.95 13.23
CA TYR H 370 -17.54 14.91 12.45
C TYR H 370 -17.27 15.20 10.99
N GLY H 371 -16.90 16.45 10.69
CA GLY H 371 -16.89 16.96 9.34
C GLY H 371 -17.85 18.09 9.10
N ASP H 372 -18.38 18.71 10.15
CA ASP H 372 -19.32 19.80 9.96
C ASP H 372 -18.61 21.14 10.00
N MET H 373 -17.62 21.30 10.88
CA MET H 373 -16.66 22.40 10.83
C MET H 373 -15.34 21.82 10.35
N VAL H 374 -14.65 22.54 9.49
CA VAL H 374 -13.36 22.08 9.01
C VAL H 374 -12.41 23.28 9.11
N PRO H 375 -11.10 23.09 9.23
CA PRO H 375 -10.18 24.19 8.97
C PRO H 375 -9.89 24.31 7.49
N LYS H 376 -9.89 25.56 7.01
CA LYS H 376 -9.74 25.81 5.59
C LYS H 376 -8.48 26.60 5.26
N THR H 377 -8.06 27.53 6.12
CA THR H 377 -6.85 28.30 5.88
C THR H 377 -5.65 27.36 5.97
N ILE H 378 -4.44 27.87 5.71
CA ILE H 378 -3.23 27.07 5.90
C ILE H 378 -2.70 27.20 7.32
N ALA H 379 -3.37 27.97 8.16
CA ALA H 379 -3.06 28.03 9.58
C ALA H 379 -3.95 27.13 10.42
N GLY H 380 -5.27 27.28 10.27
CA GLY H 380 -6.19 26.44 11.01
C GLY H 380 -5.89 24.97 10.86
N LYS H 381 -5.34 24.57 9.71
CA LYS H 381 -5.04 23.15 9.50
C LYS H 381 -4.00 22.65 10.48
N ILE H 382 -2.89 23.39 10.63
CA ILE H 382 -1.85 22.94 11.55
C ILE H 382 -2.37 22.89 12.97
N PHE H 383 -3.10 23.93 13.38
CA PHE H 383 -3.54 23.98 14.77
C PHE H 383 -4.60 22.94 15.06
N GLY H 384 -5.46 22.61 14.11
CA GLY H 384 -6.39 21.52 14.33
C GLY H 384 -5.69 20.17 14.38
N SER H 385 -4.72 19.97 13.48
CA SER H 385 -4.02 18.70 13.43
C SER H 385 -3.14 18.50 14.64
N ILE H 386 -2.81 19.59 15.35
CA ILE H 386 -2.11 19.42 16.62
C ILE H 386 -3.11 19.38 17.76
N CYS H 387 -4.29 19.99 17.57
CA CYS H 387 -5.34 19.93 18.56
C CYS H 387 -5.77 18.49 18.79
N SER H 388 -5.81 17.71 17.71
CA SER H 388 -6.18 16.30 17.84
C SER H 388 -5.19 15.56 18.72
N LEU H 389 -3.89 15.71 18.45
CA LEU H 389 -2.90 15.00 19.24
C LEU H 389 -2.90 15.47 20.68
N SER H 390 -3.08 16.77 20.89
CA SER H 390 -3.18 17.25 22.26
C SER H 390 -4.38 16.63 22.96
N GLY H 391 -5.49 16.47 22.25
CA GLY H 391 -6.65 15.85 22.87
C GLY H 391 -6.39 14.42 23.25
N VAL H 392 -5.76 13.66 22.36
CA VAL H 392 -5.35 12.31 22.71
C VAL H 392 -4.51 12.32 23.98
N LEU H 393 -3.42 13.08 23.97
CA LEU H 393 -2.46 12.98 25.07
C LEU H 393 -2.97 13.63 26.34
N VAL H 394 -4.08 14.38 26.24
CA VAL H 394 -4.67 14.95 27.44
C VAL H 394 -5.66 13.98 28.04
N ILE H 395 -6.45 13.31 27.21
CA ILE H 395 -7.46 12.41 27.74
C ILE H 395 -6.90 11.03 28.01
N ALA H 396 -5.80 10.67 27.37
CA ALA H 396 -5.20 9.37 27.64
C ALA H 396 -4.43 9.34 28.95
N LEU H 397 -4.51 10.39 29.76
CA LEU H 397 -3.84 10.40 31.04
C LEU H 397 -4.65 9.73 32.15
N PRO H 398 -5.95 10.04 32.30
CA PRO H 398 -6.67 9.43 33.42
C PRO H 398 -7.14 8.00 33.16
N VAL H 399 -7.36 7.63 31.91
CA VAL H 399 -8.03 6.36 31.65
C VAL H 399 -7.21 5.15 32.09
N PRO H 400 -5.88 5.15 32.06
CA PRO H 400 -5.19 3.95 32.55
C PRO H 400 -5.38 3.79 34.04
N VAL H 401 -5.36 4.90 34.77
CA VAL H 401 -5.53 4.78 36.21
C VAL H 401 -6.95 4.37 36.54
N ILE H 402 -7.93 4.85 35.78
CA ILE H 402 -9.31 4.46 36.07
C ILE H 402 -9.49 2.96 35.84
N VAL H 403 -8.96 2.44 34.74
CA VAL H 403 -9.18 1.02 34.50
C VAL H 403 -8.37 0.16 35.46
N SER H 404 -7.17 0.58 35.82
CA SER H 404 -6.41 -0.19 36.80
C SER H 404 -7.10 -0.19 38.15
N ASN H 405 -7.51 1.00 38.61
CA ASN H 405 -8.30 1.10 39.83
C ASN H 405 -9.53 0.21 39.79
N PHE H 406 -10.26 0.21 38.67
CA PHE H 406 -11.49 -0.56 38.61
C PHE H 406 -11.20 -2.05 38.66
N SER H 407 -10.28 -2.53 37.82
CA SER H 407 -9.93 -3.94 37.87
C SER H 407 -9.51 -4.35 39.26
N ARG H 408 -8.80 -3.47 39.95
CA ARG H 408 -8.31 -3.81 41.27
C ARG H 408 -9.45 -3.89 42.27
N ILE H 409 -10.38 -2.94 42.22
CA ILE H 409 -11.55 -3.02 43.08
C ILE H 409 -12.37 -4.27 42.76
N TYR H 410 -12.42 -4.63 41.48
CA TYR H 410 -13.13 -5.84 41.09
C TYR H 410 -12.55 -7.06 41.76
N HIS H 411 -11.27 -7.30 41.55
CA HIS H 411 -10.66 -8.47 42.15
C HIS H 411 -10.63 -8.37 43.66
N GLN H 412 -10.68 -7.15 44.20
CA GLN H 412 -10.73 -6.99 45.64
C GLN H 412 -12.05 -7.52 46.19
N ASN H 413 -13.17 -7.11 45.58
CA ASN H 413 -14.44 -7.68 46.01
C ASN H 413 -14.50 -9.17 45.76
N GLN H 414 -13.85 -9.62 44.67
CA GLN H 414 -13.75 -11.05 44.39
C GLN H 414 -13.13 -11.80 45.55
N ARG H 415 -11.88 -11.48 45.88
CA ARG H 415 -11.22 -12.14 46.99
C ARG H 415 -11.95 -11.90 48.30
N ALA H 416 -12.65 -10.78 48.42
CA ALA H 416 -13.40 -10.51 49.65
C ALA H 416 -14.47 -11.57 49.87
N ASP H 417 -15.39 -11.71 48.92
CA ASP H 417 -16.43 -12.71 49.10
C ASP H 417 -15.84 -14.10 49.14
N LYS H 418 -14.71 -14.31 48.44
CA LYS H 418 -14.08 -15.62 48.46
C LYS H 418 -13.57 -15.97 49.85
N ARG H 419 -12.90 -15.05 50.52
CA ARG H 419 -12.44 -15.30 51.87
C ARG H 419 -13.61 -15.43 52.83
N ARG H 420 -14.68 -14.68 52.60
CA ARG H 420 -15.87 -14.87 53.42
C ARG H 420 -16.40 -16.29 53.29
N ALA H 421 -16.49 -16.79 52.06
CA ALA H 421 -16.94 -18.17 51.85
C ALA H 421 -15.98 -19.16 52.47
N GLN H 422 -14.68 -18.93 52.33
CA GLN H 422 -13.69 -19.79 52.96
C GLN H 422 -13.85 -19.81 54.47
N LYS H 423 -14.16 -18.66 55.07
CA LYS H 423 -14.44 -18.62 56.50
C LYS H 423 -15.69 -19.44 56.82
N LYS H 424 -16.75 -19.26 56.04
CA LYS H 424 -17.97 -20.03 56.26
C LYS H 424 -17.74 -21.52 56.10
N ALA H 425 -16.70 -21.93 55.37
CA ALA H 425 -16.38 -23.35 55.23
C ALA H 425 -16.15 -23.99 56.58
N ARG H 426 -15.60 -23.23 57.53
CA ARG H 426 -15.40 -23.72 58.88
C ARG H 426 -16.71 -23.82 59.65
N SER H 470 -6.98 -39.37 77.71
CA SER H 470 -6.08 -38.56 76.91
C SER H 470 -5.15 -37.74 77.80
N LEU H 471 -5.22 -38.01 79.11
CA LEU H 471 -4.45 -37.32 80.14
C LEU H 471 -4.74 -35.83 80.20
N ILE H 472 -5.70 -35.35 79.42
CA ILE H 472 -6.17 -33.96 79.47
C ILE H 472 -7.69 -33.90 79.64
N GLU H 473 -8.42 -34.71 78.90
CA GLU H 473 -9.87 -34.76 79.04
C GLU H 473 -10.29 -35.15 80.45
N SER H 474 -9.44 -35.88 81.16
CA SER H 474 -9.73 -36.22 82.55
C SER H 474 -9.78 -34.96 83.41
N GLN H 475 -8.66 -34.24 83.47
CA GLN H 475 -8.60 -33.02 84.28
C GLN H 475 -9.55 -31.96 83.77
N HIS H 476 -9.97 -32.04 82.50
CA HIS H 476 -10.90 -31.05 81.96
C HIS H 476 -12.33 -31.38 82.36
N HIS H 477 -12.79 -32.60 82.07
CA HIS H 477 -14.09 -33.05 82.55
C HIS H 477 -14.19 -32.98 84.07
N HIS H 478 -13.05 -32.93 84.77
CA HIS H 478 -13.09 -32.64 86.19
C HIS H 478 -13.78 -31.31 86.47
N LEU H 479 -13.59 -30.33 85.58
CA LEU H 479 -14.31 -29.06 85.73
C LEU H 479 -15.82 -29.26 85.58
N LEU H 480 -16.22 -30.02 84.56
CA LEU H 480 -17.64 -30.31 84.36
C LEU H 480 -18.24 -30.97 85.61
N HIS H 481 -17.51 -31.92 86.19
CA HIS H 481 -18.02 -32.63 87.35
C HIS H 481 -18.08 -31.74 88.58
N CYS H 482 -16.98 -31.03 88.87
CA CYS H 482 -16.94 -30.13 90.02
C CYS H 482 -17.89 -28.95 89.86
N LEU H 483 -18.40 -28.70 88.66
CA LEU H 483 -19.48 -27.73 88.48
C LEU H 483 -20.84 -28.34 88.70
N GLU H 484 -20.96 -29.66 88.54
CA GLU H 484 -22.21 -30.36 88.82
C GLU H 484 -22.55 -30.38 90.32
N LYS H 485 -21.72 -29.75 91.15
CA LYS H 485 -22.04 -29.61 92.57
C LYS H 485 -23.35 -28.85 92.77
N THR H 486 -23.60 -27.83 91.96
CA THR H 486 -24.91 -27.19 91.95
C THR H 486 -25.86 -27.97 91.07
N THR H 487 -26.75 -28.71 91.70
CA THR H 487 -27.64 -29.61 90.97
C THR H 487 -28.78 -28.84 90.33
N TRP I 87 9.25 -34.34 3.53
CA TRP I 87 8.99 -32.92 3.75
C TRP I 87 8.34 -32.29 2.53
N LYS I 88 9.12 -32.12 1.47
CA LYS I 88 8.59 -31.51 0.26
C LYS I 88 7.69 -32.46 -0.51
N GLY I 89 7.99 -33.76 -0.47
CA GLY I 89 7.12 -34.73 -1.12
C GLY I 89 5.69 -34.65 -0.64
N ILE I 90 5.50 -34.31 0.63
CA ILE I 90 4.15 -34.03 1.13
C ILE I 90 3.58 -32.82 0.41
N ALA I 91 4.32 -31.72 0.38
CA ALA I 91 3.88 -30.55 -0.35
C ALA I 91 3.64 -30.86 -1.83
N ILE I 92 4.38 -31.81 -2.38
CA ILE I 92 4.17 -32.22 -3.77
C ILE I 92 2.80 -32.84 -3.94
N ALA I 93 2.44 -33.75 -3.03
CA ALA I 93 1.14 -34.41 -3.13
C ALA I 93 0.00 -33.42 -3.04
N LEU I 94 0.24 -32.27 -2.41
CA LEU I 94 -0.82 -31.27 -2.23
C LEU I 94 -1.33 -30.76 -3.57
N LEU I 95 -0.43 -30.22 -4.39
CA LEU I 95 -0.84 -29.50 -5.59
C LEU I 95 -1.56 -30.40 -6.58
N VAL I 96 -1.11 -31.66 -6.69
CA VAL I 96 -1.61 -32.54 -7.75
C VAL I 96 -3.10 -32.80 -7.59
N ILE I 97 -3.62 -32.57 -6.39
CA ILE I 97 -5.03 -32.86 -6.13
C ILE I 97 -5.92 -31.74 -6.63
N LEU I 98 -5.53 -30.49 -6.38
CA LEU I 98 -6.42 -29.36 -6.67
C LEU I 98 -6.71 -29.24 -8.15
N VAL I 99 -5.70 -29.55 -8.98
CA VAL I 99 -5.88 -29.40 -10.43
C VAL I 99 -6.99 -30.31 -10.93
N ILE I 100 -7.15 -31.48 -10.32
CA ILE I 100 -8.23 -32.37 -10.70
C ILE I 100 -9.57 -31.70 -10.45
N CYS I 101 -9.73 -31.10 -9.27
CA CYS I 101 -10.97 -30.41 -8.95
C CYS I 101 -11.24 -29.27 -9.92
N SER I 102 -10.20 -28.78 -10.59
CA SER I 102 -10.37 -27.66 -11.50
C SER I 102 -10.98 -28.10 -12.82
N LEU I 103 -10.39 -29.13 -13.46
CA LEU I 103 -10.89 -29.55 -14.76
C LEU I 103 -12.30 -30.12 -14.66
N ILE I 104 -12.67 -30.68 -13.52
CA ILE I 104 -14.04 -31.15 -13.32
C ILE I 104 -15.02 -30.00 -13.53
N VAL I 105 -14.82 -28.89 -12.82
CA VAL I 105 -15.67 -27.73 -13.02
C VAL I 105 -15.44 -27.15 -14.42
N THR I 106 -14.23 -27.33 -14.96
CA THR I 106 -13.98 -26.89 -16.32
C THR I 106 -14.77 -27.71 -17.32
N SER I 107 -15.08 -28.96 -16.96
CA SER I 107 -15.89 -29.80 -17.84
C SER I 107 -17.31 -29.25 -17.96
N VAL I 108 -17.95 -29.01 -16.82
CA VAL I 108 -19.30 -28.47 -16.83
C VAL I 108 -19.31 -27.06 -17.42
N ILE I 109 -18.18 -26.36 -17.34
CA ILE I 109 -18.02 -25.11 -18.07
C ILE I 109 -18.31 -25.31 -19.55
N LEU I 110 -17.79 -26.41 -20.12
CA LEU I 110 -18.13 -26.73 -21.49
C LEU I 110 -19.56 -27.27 -21.61
N LEU I 111 -20.00 -28.02 -20.59
CA LEU I 111 -21.34 -28.60 -20.61
C LEU I 111 -22.44 -27.56 -20.43
N THR I 112 -22.11 -26.27 -20.47
CA THR I 112 -23.11 -25.22 -20.31
C THR I 112 -24.13 -25.23 -21.44
N LYS I 123 -30.98 -7.91 -43.34
CA LYS I 123 -29.80 -7.22 -43.81
C LYS I 123 -30.16 -5.83 -44.33
N LYS I 124 -29.19 -4.92 -44.24
CA LYS I 124 -29.32 -3.63 -44.89
C LYS I 124 -29.25 -3.81 -46.39
N VAL I 125 -30.21 -3.20 -47.09
CA VAL I 125 -30.20 -3.30 -48.55
C VAL I 125 -28.97 -2.58 -49.09
N THR I 126 -28.02 -3.35 -49.58
CA THR I 126 -26.71 -2.85 -50.00
C THR I 126 -26.75 -2.39 -51.45
N VAL I 127 -25.55 -2.20 -52.00
CA VAL I 127 -25.42 -1.65 -53.36
C VAL I 127 -25.59 -2.75 -54.40
N GLU I 128 -24.91 -3.88 -54.23
CA GLU I 128 -25.07 -4.99 -55.16
C GLU I 128 -26.50 -5.51 -55.16
N ASP I 129 -27.30 -5.09 -54.17
CA ASP I 129 -28.71 -5.44 -54.16
C ASP I 129 -29.44 -4.79 -55.31
N LEU I 130 -28.87 -3.74 -55.90
CA LEU I 130 -29.32 -3.30 -57.22
C LEU I 130 -29.06 -4.37 -58.27
N PHE I 131 -28.01 -5.16 -58.09
CA PHE I 131 -27.45 -6.00 -59.14
C PHE I 131 -27.55 -7.49 -58.84
N SER I 132 -28.53 -7.89 -58.06
CA SER I 132 -28.88 -9.30 -57.96
C SER I 132 -30.02 -9.61 -58.93
N GLU I 133 -29.82 -10.66 -59.74
CA GLU I 133 -30.86 -11.08 -60.67
C GLU I 133 -32.22 -11.23 -60.00
N ASP I 134 -32.23 -11.52 -58.69
CA ASP I 134 -33.50 -11.64 -57.97
C ASP I 134 -34.24 -10.31 -57.90
N PHE I 135 -33.52 -9.20 -57.84
CA PHE I 135 -34.17 -7.89 -57.83
C PHE I 135 -34.60 -7.42 -59.22
N LYS I 136 -34.26 -8.15 -60.27
CA LYS I 136 -34.74 -7.82 -61.61
C LYS I 136 -36.27 -7.92 -61.59
N ILE I 137 -36.94 -6.93 -62.15
CA ILE I 137 -38.40 -6.98 -62.27
C ILE I 137 -38.78 -8.22 -63.06
N HIS I 138 -39.80 -8.92 -62.59
CA HIS I 138 -40.29 -10.11 -63.27
C HIS I 138 -41.65 -9.82 -63.88
N ASP I 139 -41.79 -10.06 -65.19
CA ASP I 139 -43.00 -9.73 -65.91
C ASP I 139 -43.21 -10.74 -67.03
N PRO I 140 -44.46 -11.11 -67.36
CA PRO I 140 -44.68 -12.18 -68.35
C PRO I 140 -44.73 -11.70 -69.78
N GLU I 141 -44.83 -10.39 -70.03
CA GLU I 141 -45.06 -9.79 -71.34
C GLU I 141 -46.11 -10.59 -72.14
N ALA I 142 -47.18 -10.96 -71.45
CA ALA I 142 -48.34 -11.59 -72.07
C ALA I 142 -49.33 -10.53 -72.54
N LYS I 143 -49.78 -10.67 -73.79
CA LYS I 143 -50.69 -9.67 -74.37
C LYS I 143 -51.55 -10.33 -75.43
N TRP I 144 -52.71 -9.74 -75.68
CA TRP I 144 -53.77 -10.40 -76.41
C TRP I 144 -53.38 -10.63 -77.87
N ILE I 145 -53.14 -11.89 -78.22
CA ILE I 145 -52.90 -12.26 -79.60
C ILE I 145 -54.19 -12.69 -80.30
N SER I 146 -55.19 -13.16 -79.56
CA SER I 146 -56.56 -13.21 -80.06
C SER I 146 -57.45 -12.65 -78.97
N ASN I 147 -58.76 -12.69 -79.20
CA ASN I 147 -59.67 -11.91 -78.37
C ASN I 147 -59.67 -12.37 -76.92
N LYS I 148 -59.38 -13.64 -76.66
CA LYS I 148 -59.24 -14.13 -75.30
C LYS I 148 -57.98 -14.95 -75.06
N GLU I 149 -57.12 -15.13 -76.06
CA GLU I 149 -55.85 -15.81 -75.83
C GLU I 149 -54.69 -14.84 -76.02
N PHE I 150 -53.80 -14.85 -75.04
CA PHE I 150 -52.55 -14.13 -75.09
C PHE I 150 -51.42 -15.14 -75.10
N ILE I 151 -50.38 -14.85 -75.82
CA ILE I 151 -49.13 -15.55 -75.60
C ILE I 151 -48.67 -15.21 -74.19
N TYR I 152 -47.96 -16.12 -73.54
CA TYR I 152 -47.44 -15.79 -72.22
C TYR I 152 -46.14 -16.54 -71.96
N ARG I 153 -45.36 -16.02 -71.01
CA ARG I 153 -43.95 -16.33 -70.85
C ARG I 153 -43.60 -16.46 -69.37
N GLU I 154 -42.44 -17.06 -69.09
CA GLU I 154 -41.95 -17.20 -67.72
C GLU I 154 -40.49 -16.76 -67.61
N ARG I 155 -39.87 -17.09 -66.47
CA ARG I 155 -38.52 -16.62 -66.18
C ARG I 155 -37.49 -17.13 -67.18
N LYS I 156 -37.63 -18.38 -67.62
CA LYS I 156 -36.61 -18.97 -68.47
C LYS I 156 -36.62 -18.41 -69.88
N GLY I 157 -37.74 -17.84 -70.32
CA GLY I 157 -37.87 -17.29 -71.64
C GLY I 157 -38.80 -18.05 -72.55
N SER I 158 -39.48 -19.06 -72.04
CA SER I 158 -40.40 -19.83 -72.88
C SER I 158 -41.73 -19.10 -73.01
N VAL I 159 -42.07 -18.76 -74.25
CA VAL I 159 -43.28 -17.99 -74.53
C VAL I 159 -44.29 -18.94 -75.14
N ILE I 160 -45.51 -18.92 -74.61
CA ILE I 160 -46.47 -20.02 -74.74
C ILE I 160 -47.78 -19.43 -75.23
N LEU I 161 -48.62 -20.26 -75.84
CA LEU I 161 -49.99 -19.87 -76.19
C LEU I 161 -50.96 -20.49 -75.20
N ARG I 162 -51.67 -19.63 -74.47
CA ARG I 162 -52.71 -20.03 -73.54
C ARG I 162 -53.85 -19.03 -73.60
N ASN I 163 -55.08 -19.52 -73.64
CA ASN I 163 -56.25 -18.67 -73.61
C ASN I 163 -56.69 -18.49 -72.16
N VAL I 164 -57.45 -17.43 -71.90
CA VAL I 164 -57.84 -17.11 -70.54
C VAL I 164 -58.74 -18.20 -69.94
N GLU I 165 -59.51 -18.88 -70.78
CA GLU I 165 -60.48 -19.84 -70.26
C GLU I 165 -60.09 -21.28 -70.60
N THR I 166 -59.32 -21.48 -71.66
CA THR I 166 -59.01 -22.84 -72.11
C THR I 166 -57.88 -23.47 -71.33
N ASN I 167 -56.98 -22.69 -70.74
CA ASN I 167 -55.87 -23.16 -69.90
C ASN I 167 -54.87 -24.01 -70.69
N ASN I 168 -55.07 -24.19 -71.99
CA ASN I 168 -54.12 -24.91 -72.81
C ASN I 168 -52.85 -24.09 -72.99
N SER I 169 -51.86 -24.36 -72.13
CA SER I 169 -50.56 -23.72 -72.21
C SER I 169 -49.74 -24.42 -73.29
N THR I 170 -50.21 -24.30 -74.54
CA THR I 170 -49.56 -24.92 -75.68
C THR I 170 -48.33 -24.11 -76.03
N VAL I 171 -47.16 -24.75 -75.93
CA VAL I 171 -45.88 -24.04 -75.98
C VAL I 171 -45.69 -23.38 -77.34
N LEU I 172 -45.14 -22.18 -77.34
CA LEU I 172 -44.76 -21.51 -78.57
C LEU I 172 -43.26 -21.26 -78.66
N ILE I 173 -42.67 -20.62 -77.66
CA ILE I 173 -41.25 -20.32 -77.63
C ILE I 173 -40.65 -20.98 -76.39
N GLU I 174 -39.36 -21.26 -76.42
CA GLU I 174 -38.68 -21.89 -75.31
C GLU I 174 -37.45 -21.09 -74.91
N GLY I 175 -37.30 -20.89 -73.60
CA GLY I 175 -36.20 -20.06 -73.11
C GLY I 175 -34.83 -20.63 -73.41
N LYS I 176 -34.73 -21.95 -73.55
CA LYS I 176 -33.46 -22.55 -73.96
C LYS I 176 -33.13 -22.18 -75.40
N LYS I 177 -34.16 -21.99 -76.23
CA LYS I 177 -33.93 -21.77 -77.65
C LYS I 177 -33.24 -20.42 -77.91
N ILE I 178 -33.60 -19.39 -77.14
CA ILE I 178 -33.11 -18.04 -77.40
C ILE I 178 -31.64 -17.91 -77.04
N GLU I 179 -31.27 -18.36 -75.84
CA GLU I 179 -29.99 -18.00 -75.24
C GLU I 179 -28.82 -18.53 -76.06
N SER I 180 -29.06 -19.53 -76.92
CA SER I 180 -27.97 -20.13 -77.67
C SER I 180 -27.46 -19.17 -78.75
N LEU I 181 -28.32 -18.30 -79.25
CA LEU I 181 -27.95 -17.39 -80.34
C LEU I 181 -27.29 -16.10 -79.89
N ARG I 182 -27.35 -15.78 -78.59
CA ARG I 182 -27.01 -14.43 -78.13
C ARG I 182 -27.92 -13.41 -78.81
N ALA I 183 -29.19 -13.77 -78.92
CA ALA I 183 -30.14 -12.95 -79.65
C ALA I 183 -30.75 -11.89 -78.75
N ILE I 184 -31.63 -11.07 -79.32
CA ILE I 184 -32.12 -9.89 -78.61
C ILE I 184 -33.62 -9.97 -78.34
N ARG I 185 -34.44 -10.13 -79.37
CA ARG I 185 -35.87 -9.90 -79.26
C ARG I 185 -36.66 -10.99 -79.97
N TYR I 186 -37.86 -11.28 -79.45
CA TYR I 186 -38.75 -12.28 -80.00
C TYR I 186 -40.14 -11.69 -80.19
N GLU I 187 -40.89 -12.23 -81.16
CA GLU I 187 -42.21 -11.71 -81.50
C GLU I 187 -43.08 -12.81 -82.09
N ILE I 188 -44.08 -13.25 -81.33
CA ILE I 188 -45.03 -14.27 -81.79
C ILE I 188 -46.02 -13.61 -82.73
N SER I 189 -46.01 -14.06 -83.99
CA SER I 189 -46.85 -13.50 -85.02
C SER I 189 -48.34 -13.58 -84.63
N PRO I 190 -49.19 -12.75 -85.25
CA PRO I 190 -50.64 -12.99 -85.13
C PRO I 190 -51.02 -14.41 -85.53
N ASP I 191 -50.54 -14.87 -86.69
CA ASP I 191 -50.67 -16.28 -87.05
C ASP I 191 -49.69 -17.18 -86.32
N LYS I 192 -48.80 -16.60 -85.50
CA LYS I 192 -47.91 -17.35 -84.62
C LYS I 192 -47.06 -18.38 -85.35
N GLU I 193 -46.75 -18.12 -86.63
CA GLU I 193 -46.00 -19.07 -87.45
C GLU I 193 -44.49 -18.88 -87.38
N TYR I 194 -43.99 -17.71 -87.78
CA TYR I 194 -42.57 -17.41 -87.76
C TYR I 194 -42.29 -16.38 -86.67
N VAL I 195 -41.01 -16.17 -86.38
CA VAL I 195 -40.59 -15.26 -85.32
C VAL I 195 -39.50 -14.34 -85.86
N LEU I 196 -39.29 -13.24 -85.16
CA LEU I 196 -38.37 -12.18 -85.56
C LEU I 196 -37.30 -12.00 -84.49
N PHE I 197 -36.05 -12.28 -84.84
CA PHE I 197 -34.93 -12.18 -83.90
C PHE I 197 -33.84 -11.27 -84.43
N SER I 198 -32.93 -10.84 -83.55
CA SER I 198 -31.87 -9.89 -83.84
C SER I 198 -30.70 -10.07 -82.88
N TYR I 199 -29.51 -9.59 -83.29
CA TYR I 199 -28.28 -9.79 -82.52
C TYR I 199 -27.29 -8.70 -82.86
N ASN I 200 -26.29 -8.52 -81.98
CA ASN I 200 -25.27 -7.46 -82.09
C ASN I 200 -25.87 -6.10 -82.42
N VAL I 201 -26.99 -5.80 -81.77
CA VAL I 201 -27.73 -4.59 -82.05
C VAL I 201 -27.29 -3.50 -81.08
N GLU I 202 -27.09 -2.29 -81.59
CA GLU I 202 -26.97 -1.13 -80.72
C GLU I 202 -28.21 -0.26 -80.92
N PRO I 203 -28.89 0.16 -79.86
CA PRO I 203 -30.08 0.98 -80.05
C PRO I 203 -29.69 2.33 -80.60
N VAL I 204 -29.91 2.51 -81.90
CA VAL I 204 -29.60 3.77 -82.60
C VAL I 204 -30.11 4.96 -81.81
N TYR I 205 -31.36 4.90 -81.36
CA TYR I 205 -31.91 5.91 -80.47
C TYR I 205 -32.44 5.27 -79.21
N GLN I 206 -33.20 6.08 -78.48
CA GLN I 206 -34.05 5.59 -77.40
C GLN I 206 -34.65 4.23 -77.73
N HIS I 207 -35.21 4.06 -78.92
CA HIS I 207 -35.71 2.74 -79.31
C HIS I 207 -35.15 2.18 -80.61
N SER I 208 -34.97 3.00 -81.64
CA SER I 208 -34.44 2.44 -82.89
C SER I 208 -33.07 1.86 -82.65
N HIS I 209 -32.71 0.85 -83.43
CA HIS I 209 -31.60 0.01 -83.02
C HIS I 209 -30.95 -0.70 -84.19
N THR I 210 -29.66 -0.40 -84.38
CA THR I 210 -28.84 -0.92 -85.47
C THR I 210 -28.40 -2.36 -85.18
N GLY I 211 -28.97 -3.30 -85.93
CA GLY I 211 -28.67 -4.70 -85.69
C GLY I 211 -29.34 -5.59 -86.71
N TYR I 212 -28.58 -6.61 -87.13
CA TYR I 212 -29.06 -7.59 -88.08
C TYR I 212 -30.30 -8.28 -87.51
N TYR I 213 -31.10 -8.87 -88.40
CA TYR I 213 -32.34 -9.50 -87.98
C TYR I 213 -32.38 -10.97 -88.43
N VAL I 214 -33.23 -11.73 -87.73
CA VAL I 214 -33.33 -13.18 -87.89
C VAL I 214 -34.80 -13.56 -87.97
N LEU I 215 -35.13 -14.48 -88.89
CA LEU I 215 -36.44 -15.07 -88.99
C LEU I 215 -36.40 -16.56 -88.69
N SER I 216 -37.14 -16.98 -87.67
CA SER I 216 -37.22 -18.39 -87.28
C SER I 216 -38.68 -18.76 -87.12
N LYS I 217 -38.96 -20.06 -87.10
CA LYS I 217 -40.34 -20.54 -87.11
C LYS I 217 -40.72 -21.13 -85.76
N ILE I 218 -41.92 -20.78 -85.30
CA ILE I 218 -42.42 -21.25 -84.01
C ILE I 218 -43.13 -22.57 -84.20
N PRO I 219 -42.93 -23.57 -83.32
CA PRO I 219 -41.98 -23.45 -82.20
C PRO I 219 -40.53 -23.69 -82.58
N HIS I 220 -40.31 -24.34 -83.72
CA HIS I 220 -38.96 -24.70 -84.16
C HIS I 220 -38.87 -24.61 -85.68
N GLY I 221 -37.95 -23.77 -86.14
CA GLY I 221 -37.69 -23.58 -87.55
C GLY I 221 -36.33 -22.94 -87.74
N ASP I 222 -35.67 -23.20 -88.85
CA ASP I 222 -34.30 -22.73 -89.02
C ASP I 222 -34.27 -21.23 -89.23
N PRO I 223 -33.26 -20.54 -88.67
CA PRO I 223 -33.23 -19.07 -88.76
C PRO I 223 -32.90 -18.60 -90.17
N GLN I 224 -33.88 -17.99 -90.82
CA GLN I 224 -33.73 -17.45 -92.16
C GLN I 224 -33.33 -15.99 -92.05
N SER I 225 -32.05 -15.70 -92.30
CA SER I 225 -31.55 -14.35 -92.11
C SER I 225 -32.26 -13.38 -93.04
N LEU I 226 -32.47 -12.16 -92.56
CA LEU I 226 -33.20 -11.14 -93.30
C LEU I 226 -32.25 -9.97 -93.52
N ASP I 227 -31.89 -9.75 -94.79
CA ASP I 227 -31.03 -8.67 -95.23
C ASP I 227 -31.48 -8.18 -96.60
N PRO I 228 -31.65 -6.86 -96.77
CA PRO I 228 -32.07 -6.33 -98.07
C PRO I 228 -31.14 -6.81 -99.17
N PRO I 229 -31.69 -7.45 -100.20
CA PRO I 229 -30.84 -7.95 -101.29
C PRO I 229 -29.95 -6.85 -101.83
N GLU I 230 -28.78 -7.27 -102.34
CA GLU I 230 -27.58 -6.48 -102.61
C GLU I 230 -26.77 -6.23 -101.34
N VAL I 231 -27.32 -6.54 -100.17
CA VAL I 231 -26.61 -6.39 -98.90
C VAL I 231 -26.88 -7.62 -98.04
N SER I 232 -25.87 -8.05 -97.31
CA SER I 232 -26.01 -9.10 -96.32
C SER I 232 -25.09 -8.81 -95.13
N ASN I 233 -25.64 -8.93 -93.92
CA ASN I 233 -24.90 -8.75 -92.67
C ASN I 233 -24.39 -7.33 -92.53
N ALA I 234 -25.28 -6.38 -92.79
CA ALA I 234 -25.08 -5.00 -92.37
C ALA I 234 -26.19 -4.64 -91.39
N LYS I 235 -25.79 -4.17 -90.20
CA LYS I 235 -26.71 -4.02 -89.08
C LYS I 235 -27.96 -3.26 -89.48
N LEU I 236 -29.11 -3.89 -89.28
CA LEU I 236 -30.42 -3.35 -89.65
C LEU I 236 -30.96 -2.50 -88.51
N GLN I 237 -31.86 -1.57 -88.84
CA GLN I 237 -32.33 -0.69 -87.79
C GLN I 237 -33.67 -1.12 -87.20
N TYR I 238 -34.53 -1.82 -87.94
CA TYR I 238 -35.78 -2.28 -87.36
C TYR I 238 -36.45 -3.31 -88.26
N ALA I 239 -37.34 -4.10 -87.64
CA ALA I 239 -38.15 -5.09 -88.33
C ALA I 239 -39.48 -5.23 -87.61
N GLY I 240 -40.59 -5.08 -88.33
CA GLY I 240 -41.90 -5.09 -87.70
C GLY I 240 -42.91 -5.91 -88.47
N TRP I 241 -43.61 -6.76 -87.74
CA TRP I 241 -44.65 -7.60 -88.32
C TRP I 241 -45.89 -6.78 -88.67
N GLY I 242 -46.56 -7.18 -89.74
CA GLY I 242 -47.84 -6.60 -90.08
C GLY I 242 -48.91 -6.99 -89.09
N PRO I 243 -50.03 -6.25 -89.13
CA PRO I 243 -51.09 -6.49 -88.15
C PRO I 243 -51.83 -7.80 -88.35
N LYS I 244 -51.71 -8.41 -89.53
CA LYS I 244 -52.35 -9.68 -89.83
C LYS I 244 -51.44 -10.49 -90.73
N GLY I 245 -51.58 -11.81 -90.66
CA GLY I 245 -50.71 -12.67 -91.43
C GLY I 245 -49.31 -12.69 -90.84
N GLN I 246 -48.35 -13.11 -91.64
CA GLN I 246 -46.96 -13.14 -91.21
C GLN I 246 -46.15 -12.04 -91.87
N GLN I 247 -46.83 -11.08 -92.50
CA GLN I 247 -46.14 -9.97 -93.14
C GLN I 247 -45.34 -9.21 -92.11
N LEU I 248 -44.05 -9.03 -92.40
CA LEU I 248 -43.19 -8.26 -91.53
C LEU I 248 -42.38 -7.28 -92.37
N ILE I 249 -42.76 -6.02 -92.28
CA ILE I 249 -41.96 -4.95 -92.83
C ILE I 249 -40.74 -4.81 -91.93
N PHE I 250 -39.58 -4.61 -92.55
CA PHE I 250 -38.38 -4.38 -91.76
C PHE I 250 -37.69 -3.12 -92.25
N ILE I 251 -36.84 -2.59 -91.38
CA ILE I 251 -36.27 -1.25 -91.57
C ILE I 251 -34.75 -1.37 -91.57
N PHE I 252 -34.13 -1.02 -92.70
CA PHE I 252 -32.68 -0.93 -92.89
C PHE I 252 -32.44 -0.01 -94.07
N GLU I 253 -31.44 0.86 -93.93
CA GLU I 253 -31.09 1.83 -94.98
C GLU I 253 -32.27 2.76 -95.26
N ASN I 254 -33.23 2.73 -94.35
CA ASN I 254 -34.45 3.53 -94.34
C ASN I 254 -35.39 3.21 -95.50
N ASN I 255 -35.01 2.31 -96.40
CA ASN I 255 -35.96 1.78 -97.36
C ASN I 255 -36.98 0.99 -96.57
N ILE I 256 -38.24 1.36 -96.66
CA ILE I 256 -39.27 0.73 -95.84
C ILE I 256 -39.55 -0.65 -96.42
N TYR I 257 -38.75 -1.63 -96.00
CA TYR I 257 -38.68 -2.93 -96.66
C TYR I 257 -39.79 -3.83 -96.15
N TYR I 258 -40.78 -4.06 -97.00
CA TYR I 258 -42.01 -4.79 -96.65
C TYR I 258 -41.89 -6.24 -97.08
N CYS I 259 -41.74 -7.13 -96.10
CA CYS I 259 -41.82 -8.56 -96.34
C CYS I 259 -43.23 -9.01 -96.00
N ALA I 260 -44.05 -9.18 -97.03
CA ALA I 260 -45.38 -9.73 -96.81
C ALA I 260 -45.32 -11.12 -96.20
N HIS I 261 -44.16 -11.76 -96.27
CA HIS I 261 -43.99 -13.09 -95.69
C HIS I 261 -42.54 -13.31 -95.31
N VAL I 262 -42.34 -14.24 -94.37
CA VAL I 262 -41.00 -14.65 -93.99
C VAL I 262 -40.37 -15.43 -95.13
N GLY I 263 -39.14 -15.07 -95.48
CA GLY I 263 -38.50 -15.63 -96.65
C GLY I 263 -38.98 -15.04 -97.95
N LYS I 264 -40.11 -14.35 -97.96
CA LYS I 264 -40.53 -13.61 -99.13
C LYS I 264 -39.56 -12.48 -99.38
N GLN I 265 -39.26 -12.25 -100.66
CA GLN I 265 -38.33 -11.19 -101.02
C GLN I 265 -38.84 -9.84 -100.52
N ALA I 266 -37.95 -9.09 -99.89
CA ALA I 266 -38.33 -7.81 -99.32
C ALA I 266 -38.84 -6.86 -100.40
N ILE I 267 -39.98 -6.22 -100.14
CA ILE I 267 -40.60 -5.29 -101.07
C ILE I 267 -40.26 -3.87 -100.63
N ARG I 268 -39.84 -3.05 -101.60
CA ARG I 268 -39.34 -1.70 -101.33
C ARG I 268 -40.43 -0.67 -101.63
N VAL I 269 -41.21 -0.30 -100.62
CA VAL I 269 -42.34 0.59 -100.87
C VAL I 269 -41.95 2.07 -100.82
N VAL I 270 -41.07 2.47 -99.90
CA VAL I 270 -40.55 3.83 -99.86
C VAL I 270 -39.06 3.77 -99.57
N SER I 271 -38.26 4.02 -100.60
CA SER I 271 -36.82 4.14 -100.48
C SER I 271 -36.40 5.59 -100.30
N THR I 272 -37.32 6.49 -99.96
CA THR I 272 -37.06 7.92 -99.88
C THR I 272 -36.34 8.33 -98.60
N GLY I 273 -35.90 7.38 -97.78
CA GLY I 273 -35.21 7.75 -96.56
C GLY I 273 -33.74 7.43 -96.65
N LYS I 274 -32.91 8.43 -96.29
CA LYS I 274 -31.48 8.20 -96.09
C LYS I 274 -31.25 7.95 -94.62
N GLU I 275 -30.61 6.82 -94.32
CA GLU I 275 -30.30 6.48 -92.95
C GLU I 275 -29.57 7.64 -92.30
N GLY I 276 -30.27 8.32 -91.38
CA GLY I 276 -29.72 9.45 -90.65
C GLY I 276 -29.85 10.81 -91.30
N VAL I 277 -30.43 10.91 -92.49
CA VAL I 277 -30.62 12.23 -93.14
C VAL I 277 -32.10 12.48 -93.36
N ILE I 278 -32.83 11.46 -93.81
CA ILE I 278 -34.28 11.47 -93.75
C ILE I 278 -34.69 10.23 -92.98
N TYR I 279 -35.52 10.42 -91.96
CA TYR I 279 -36.11 9.32 -91.21
C TYR I 279 -37.35 8.84 -91.95
N ASN I 280 -37.54 7.52 -92.00
CA ASN I 280 -38.66 6.90 -92.70
C ASN I 280 -39.04 5.62 -91.96
N GLY I 281 -40.32 5.26 -92.04
CA GLY I 281 -40.76 4.07 -91.36
C GLY I 281 -40.73 4.14 -89.86
N LEU I 282 -40.08 5.15 -89.30
CA LEU I 282 -39.91 5.28 -87.86
C LEU I 282 -39.89 6.77 -87.52
N SER I 283 -39.42 7.12 -86.32
CA SER I 283 -39.32 8.53 -85.96
C SER I 283 -37.87 8.97 -85.68
N ASP I 284 -37.68 10.28 -85.68
CA ASP I 284 -36.40 10.95 -85.56
C ASP I 284 -36.05 11.19 -84.09
N TRP I 285 -35.08 12.09 -83.90
CA TRP I 285 -34.72 12.55 -82.56
C TRP I 285 -35.96 12.99 -81.79
N LEU I 286 -36.68 14.00 -82.29
CA LEU I 286 -37.73 14.61 -81.49
C LEU I 286 -39.01 13.78 -81.53
N TYR I 287 -39.36 13.21 -82.68
CA TYR I 287 -40.64 12.51 -82.71
C TYR I 287 -40.63 11.21 -81.89
N GLU I 288 -39.47 10.79 -81.37
CA GLU I 288 -39.50 9.80 -80.30
C GLU I 288 -39.09 10.41 -78.96
N GLU I 289 -37.94 11.10 -78.92
CA GLU I 289 -37.51 11.68 -77.65
C GLU I 289 -38.52 12.66 -77.09
N GLU I 290 -39.32 13.30 -77.94
CA GLU I 290 -40.29 14.26 -77.41
C GLU I 290 -41.72 14.13 -77.93
N ILE I 291 -41.95 13.83 -79.20
CA ILE I 291 -43.24 14.18 -79.80
C ILE I 291 -44.27 13.04 -79.82
N LEU I 292 -43.99 11.99 -80.58
CA LEU I 292 -44.96 10.92 -80.75
C LEU I 292 -44.93 9.90 -79.63
N LYS I 293 -44.06 10.09 -78.64
CA LYS I 293 -43.87 9.15 -77.54
C LYS I 293 -43.56 7.75 -78.06
N SER I 294 -42.84 7.70 -79.18
CA SER I 294 -42.39 6.47 -79.81
C SER I 294 -41.53 6.87 -81.01
N HIS I 295 -40.53 6.04 -81.35
CA HIS I 295 -39.93 6.22 -82.67
C HIS I 295 -40.63 5.37 -83.72
N ILE I 296 -41.74 4.74 -83.36
CA ILE I 296 -42.55 3.98 -84.30
C ILE I 296 -43.64 4.90 -84.83
N ALA I 297 -43.52 5.30 -86.10
CA ALA I 297 -44.42 6.27 -86.70
C ALA I 297 -44.75 5.91 -88.14
N HIS I 298 -44.82 4.62 -88.43
CA HIS I 298 -45.35 4.19 -89.72
C HIS I 298 -46.53 3.27 -89.44
N TRP I 299 -47.73 3.80 -89.68
CA TRP I 299 -48.96 3.23 -89.15
C TRP I 299 -49.68 2.46 -90.24
N TRP I 300 -49.70 1.13 -90.13
CA TRP I 300 -50.44 0.29 -91.06
C TRP I 300 -51.91 0.69 -91.10
N SER I 301 -52.62 0.19 -92.10
CA SER I 301 -54.04 -0.04 -91.93
C SER I 301 -54.22 -1.30 -91.08
N PRO I 302 -55.09 -1.25 -90.07
CA PRO I 302 -55.10 -2.33 -89.05
C PRO I 302 -55.41 -3.72 -89.61
N ASP I 303 -55.82 -3.82 -90.87
CA ASP I 303 -56.04 -5.12 -91.50
C ASP I 303 -54.88 -5.57 -92.36
N GLY I 304 -53.83 -4.76 -92.48
CA GLY I 304 -52.68 -5.15 -93.26
C GLY I 304 -52.64 -4.61 -94.67
N THR I 305 -53.55 -3.70 -95.02
CA THR I 305 -53.62 -3.19 -96.38
C THR I 305 -52.72 -1.98 -96.61
N ARG I 306 -52.75 -1.00 -95.70
CA ARG I 306 -52.07 0.26 -95.90
C ARG I 306 -50.99 0.44 -94.84
N LEU I 307 -50.30 1.57 -94.89
CA LEU I 307 -49.27 1.90 -93.94
C LEU I 307 -48.94 3.38 -94.05
N ALA I 308 -49.06 4.10 -92.93
CA ALA I 308 -48.56 5.47 -92.84
C ALA I 308 -47.06 5.46 -92.60
N TYR I 309 -46.46 6.64 -92.54
CA TYR I 309 -45.07 6.79 -92.12
C TYR I 309 -44.73 8.27 -92.03
N ALA I 310 -43.47 8.57 -91.69
CA ALA I 310 -42.96 9.94 -91.64
C ALA I 310 -41.79 10.15 -92.60
N THR I 311 -41.78 11.30 -93.28
CA THR I 311 -40.64 11.74 -94.08
C THR I 311 -39.99 12.92 -93.35
N ILE I 312 -39.16 12.62 -92.37
CA ILE I 312 -38.48 13.63 -91.56
C ILE I 312 -37.23 14.05 -92.31
N ASN I 313 -36.89 15.33 -92.25
CA ASN I 313 -35.77 15.86 -93.03
C ASN I 313 -34.82 16.67 -92.15
N ASP I 314 -33.64 16.10 -91.90
CA ASP I 314 -32.52 16.79 -91.28
C ASP I 314 -31.46 17.20 -92.30
N SER I 315 -31.88 17.65 -93.48
CA SER I 315 -30.92 18.02 -94.52
C SER I 315 -30.46 19.47 -94.40
N ARG I 316 -31.11 20.27 -93.56
CA ARG I 316 -30.81 21.69 -93.41
C ARG I 316 -30.37 22.07 -92.01
N VAL I 317 -30.74 21.29 -91.00
CA VAL I 317 -30.37 21.57 -89.61
C VAL I 317 -28.86 21.73 -89.51
N PRO I 318 -28.35 22.74 -88.78
CA PRO I 318 -26.90 22.94 -88.73
C PRO I 318 -26.17 21.75 -88.14
N LEU I 319 -24.86 21.71 -88.37
CA LEU I 319 -24.03 20.64 -87.83
C LEU I 319 -23.60 20.93 -86.40
N MET I 320 -24.08 20.12 -85.48
CA MET I 320 -23.56 20.05 -84.13
C MET I 320 -22.54 18.92 -84.05
N GLU I 321 -21.38 19.22 -83.49
CA GLU I 321 -20.32 18.24 -83.30
C GLU I 321 -20.61 17.45 -82.03
N LEU I 322 -21.28 16.30 -82.17
CA LEU I 322 -21.41 15.34 -81.07
C LEU I 322 -20.22 14.38 -81.14
N PRO I 323 -19.19 14.59 -80.35
CA PRO I 323 -17.83 14.30 -80.83
C PRO I 323 -17.37 12.89 -80.59
N THR I 324 -16.22 12.57 -81.18
CA THR I 324 -15.42 11.41 -80.85
C THR I 324 -14.08 11.88 -80.31
N TYR I 325 -13.64 11.29 -79.20
CA TYR I 325 -12.37 11.67 -78.60
C TYR I 325 -11.45 10.51 -78.25
N THR I 326 -11.99 9.39 -77.77
CA THR I 326 -11.20 8.39 -77.08
C THR I 326 -11.05 7.12 -77.91
N GLY I 327 -10.50 6.09 -77.26
CA GLY I 327 -10.27 4.81 -77.90
C GLY I 327 -8.94 4.84 -78.60
N SER I 328 -8.97 5.12 -79.90
CA SER I 328 -7.77 5.57 -80.56
C SER I 328 -7.31 6.89 -79.93
N VAL I 329 -6.19 7.39 -80.42
CA VAL I 329 -5.75 8.67 -79.92
C VAL I 329 -6.02 9.74 -80.96
N TYR I 330 -6.53 9.35 -82.13
CA TYR I 330 -7.04 10.28 -83.14
C TYR I 330 -8.57 10.25 -83.14
N PRO I 331 -9.20 11.41 -83.24
CA PRO I 331 -10.66 11.44 -83.24
C PRO I 331 -11.25 11.37 -84.64
N THR I 332 -12.38 10.67 -84.73
CA THR I 332 -13.18 10.55 -85.94
C THR I 332 -14.63 10.78 -85.59
N VAL I 333 -15.11 11.98 -85.89
CA VAL I 333 -16.26 12.50 -85.16
C VAL I 333 -17.54 12.26 -85.95
N LYS I 334 -18.66 12.28 -85.22
CA LYS I 334 -19.99 11.95 -85.70
C LYS I 334 -20.85 13.19 -85.69
N PRO I 335 -20.75 14.10 -86.65
CA PRO I 335 -21.64 15.24 -86.61
C PRO I 335 -23.09 14.82 -86.88
N TYR I 336 -23.85 14.74 -85.78
CA TYR I 336 -25.28 14.53 -85.77
C TYR I 336 -25.88 15.81 -85.22
N HIS I 337 -26.88 16.31 -85.94
CA HIS I 337 -27.29 17.69 -85.80
C HIS I 337 -27.95 17.93 -84.45
N TYR I 338 -28.55 19.09 -84.30
CA TYR I 338 -29.14 19.45 -83.02
C TYR I 338 -29.98 20.69 -83.23
N PRO I 339 -31.12 20.84 -82.54
CA PRO I 339 -31.77 22.15 -82.47
C PRO I 339 -31.11 22.98 -81.38
N LYS I 340 -30.34 23.99 -81.78
CA LYS I 340 -29.85 24.83 -80.72
C LYS I 340 -30.65 26.12 -80.70
N ALA I 341 -31.29 26.36 -79.55
CA ALA I 341 -32.56 27.10 -79.48
C ALA I 341 -32.50 28.39 -80.28
N GLY I 342 -33.42 28.51 -81.23
CA GLY I 342 -33.29 29.45 -82.32
C GLY I 342 -33.04 28.79 -83.65
N SER I 343 -32.62 27.53 -83.66
CA SER I 343 -32.51 26.75 -84.89
C SER I 343 -33.80 25.96 -85.14
N GLU I 344 -33.75 25.08 -86.13
CA GLU I 344 -34.95 24.60 -86.81
C GLU I 344 -35.61 23.41 -86.12
N ASN I 345 -36.95 23.33 -86.25
CA ASN I 345 -37.84 22.28 -85.78
C ASN I 345 -38.32 21.42 -86.92
N PRO I 346 -38.69 20.16 -86.63
CA PRO I 346 -38.83 19.17 -87.71
C PRO I 346 -40.18 19.24 -88.41
N SER I 347 -40.14 19.12 -89.73
CA SER I 347 -41.35 19.02 -90.55
C SER I 347 -41.61 17.55 -90.86
N ILE I 348 -42.85 17.10 -90.69
CA ILE I 348 -43.19 15.69 -90.83
C ILE I 348 -44.45 15.54 -91.68
N SER I 349 -44.31 14.84 -92.81
CA SER I 349 -45.44 14.55 -93.66
C SER I 349 -45.74 13.06 -93.57
N LEU I 350 -47.02 12.74 -93.63
CA LEU I 350 -47.49 11.37 -93.49
C LEU I 350 -47.90 10.88 -94.87
N HIS I 351 -47.42 9.70 -95.27
CA HIS I 351 -47.88 9.04 -96.48
C HIS I 351 -48.40 7.66 -96.11
N VAL I 352 -49.68 7.41 -96.40
CA VAL I 352 -50.26 6.09 -96.21
C VAL I 352 -50.04 5.29 -97.48
N ILE I 353 -49.03 4.43 -97.46
CA ILE I 353 -48.59 3.68 -98.63
C ILE I 353 -49.15 2.27 -98.53
N GLY I 354 -49.78 1.82 -99.61
CA GLY I 354 -50.31 0.47 -99.66
C GLY I 354 -49.15 -0.51 -99.71
N LEU I 355 -48.92 -1.21 -98.60
CA LEU I 355 -47.83 -2.18 -98.53
C LEU I 355 -48.07 -3.41 -99.38
N ASN I 356 -49.30 -3.91 -99.41
CA ASN I 356 -49.67 -5.05 -100.22
C ASN I 356 -50.05 -4.51 -101.60
N GLY I 357 -49.11 -4.61 -102.55
CA GLY I 357 -49.33 -4.05 -103.86
C GLY I 357 -48.52 -2.78 -104.09
N PRO I 358 -49.01 -1.93 -104.98
CA PRO I 358 -48.24 -0.73 -105.37
C PRO I 358 -48.05 0.22 -104.21
N THR I 359 -46.85 0.81 -104.13
CA THR I 359 -46.51 1.76 -103.09
C THR I 359 -46.98 3.16 -103.48
N HIS I 360 -48.29 3.38 -103.31
CA HIS I 360 -48.89 4.67 -103.62
C HIS I 360 -48.57 5.69 -102.53
N ASP I 361 -47.48 6.44 -102.72
CA ASP I 361 -47.06 7.47 -101.77
C ASP I 361 -47.90 8.72 -101.98
N LEU I 362 -49.03 8.80 -101.29
CA LEU I 362 -49.89 9.97 -101.27
C LEU I 362 -49.75 10.65 -99.92
N GLU I 363 -49.16 11.84 -99.92
CA GLU I 363 -48.88 12.56 -98.69
C GLU I 363 -50.17 13.00 -97.99
N MET I 364 -50.26 12.72 -96.68
CA MET I 364 -51.22 13.37 -95.81
C MET I 364 -50.76 14.81 -95.64
N MET I 365 -51.42 15.72 -96.35
CA MET I 365 -50.96 17.11 -96.41
C MET I 365 -50.94 17.72 -95.01
N PRO I 366 -49.84 18.35 -94.60
CA PRO I 366 -49.83 19.06 -93.32
C PRO I 366 -50.94 20.09 -93.27
N PRO I 367 -51.47 20.39 -92.08
CA PRO I 367 -52.67 21.24 -92.01
C PRO I 367 -52.39 22.65 -92.52
N ASP I 368 -53.26 23.12 -93.42
CA ASP I 368 -53.08 24.40 -94.08
C ASP I 368 -53.44 25.53 -93.11
N ASP I 369 -52.70 25.56 -92.01
CA ASP I 369 -52.87 26.57 -90.96
C ASP I 369 -51.54 27.25 -90.74
N PRO I 370 -51.48 28.58 -90.69
CA PRO I 370 -50.19 29.27 -90.53
C PRO I 370 -49.44 28.87 -89.27
N ARG I 371 -50.13 28.58 -88.17
CA ARG I 371 -49.47 28.14 -86.96
C ARG I 371 -48.81 26.78 -87.10
N MET I 372 -49.22 25.98 -88.08
CA MET I 372 -48.75 24.61 -88.24
C MET I 372 -47.97 24.43 -89.54
N ARG I 373 -47.47 25.53 -90.11
CA ARG I 373 -46.49 25.40 -91.18
C ARG I 373 -45.17 24.89 -90.63
N GLU I 374 -44.86 25.25 -89.38
CA GLU I 374 -43.83 24.59 -88.58
C GLU I 374 -44.54 23.79 -87.50
N TYR I 375 -44.35 22.48 -87.52
CA TYR I 375 -45.36 21.59 -86.99
C TYR I 375 -44.77 20.22 -86.73
N TYR I 376 -45.61 19.36 -86.15
CA TYR I 376 -45.24 17.98 -85.84
C TYR I 376 -46.43 17.09 -86.12
N ILE I 377 -46.19 15.79 -86.14
CA ILE I 377 -47.23 14.77 -86.01
C ILE I 377 -47.10 14.20 -84.61
N THR I 378 -48.17 14.26 -83.83
CA THR I 378 -48.10 13.88 -82.42
C THR I 378 -48.84 12.59 -82.12
N MET I 379 -49.85 12.25 -82.91
CA MET I 379 -50.68 11.06 -82.67
C MET I 379 -51.28 10.60 -83.99
N VAL I 380 -51.26 9.28 -84.20
CA VAL I 380 -51.94 8.64 -85.33
C VAL I 380 -52.54 7.33 -84.86
N LYS I 381 -53.86 7.29 -84.71
CA LYS I 381 -54.57 6.04 -84.50
C LYS I 381 -55.62 5.87 -85.58
N TRP I 382 -55.59 4.74 -86.26
CA TRP I 382 -56.59 4.46 -87.28
C TRP I 382 -57.91 4.09 -86.62
N ALA I 383 -59.01 4.53 -87.21
CA ALA I 383 -60.34 4.30 -86.64
C ALA I 383 -61.03 3.12 -87.32
N THR I 384 -60.92 3.04 -88.65
CA THR I 384 -61.43 1.92 -89.43
C THR I 384 -60.39 1.59 -90.50
N SER I 385 -60.82 0.85 -91.52
CA SER I 385 -59.90 0.27 -92.50
C SER I 385 -59.03 1.31 -93.21
N THR I 386 -59.48 2.57 -93.34
CA THR I 386 -58.78 3.56 -94.14
C THR I 386 -58.72 4.96 -93.55
N LYS I 387 -58.77 5.12 -92.23
CA LYS I 387 -58.67 6.42 -91.60
C LYS I 387 -57.31 6.53 -90.91
N VAL I 388 -56.55 7.59 -91.21
CA VAL I 388 -55.22 7.80 -90.65
C VAL I 388 -55.12 9.21 -90.08
N ALA I 389 -55.42 9.35 -88.79
CA ALA I 389 -55.53 10.66 -88.14
C ALA I 389 -54.16 11.23 -87.81
N VAL I 390 -54.11 12.55 -87.64
CA VAL I 390 -52.91 13.22 -87.13
C VAL I 390 -53.32 14.35 -86.20
N THR I 391 -52.67 14.44 -85.04
CA THR I 391 -52.77 15.59 -84.14
C THR I 391 -51.53 16.46 -84.36
N TRP I 392 -51.64 17.44 -85.24
CA TRP I 392 -50.53 18.34 -85.55
C TRP I 392 -50.42 19.38 -84.44
N LEU I 393 -49.21 19.58 -83.94
CA LEU I 393 -48.93 20.53 -82.88
C LEU I 393 -48.00 21.62 -83.40
N ASN I 394 -48.26 22.86 -83.03
CA ASN I 394 -47.42 23.95 -83.48
C ASN I 394 -46.06 23.89 -82.78
N ARG I 395 -45.16 24.78 -83.19
CA ARG I 395 -43.83 24.83 -82.60
C ARG I 395 -43.88 25.26 -81.14
N ALA I 396 -44.81 26.17 -80.80
CA ALA I 396 -44.90 26.68 -79.44
C ALA I 396 -45.58 25.70 -78.49
N GLN I 397 -46.14 24.61 -79.03
CA GLN I 397 -46.78 23.57 -78.22
C GLN I 397 -47.93 24.12 -77.39
N ASN I 398 -48.53 25.19 -77.88
CA ASN I 398 -49.80 25.68 -77.37
C ASN I 398 -50.94 25.48 -78.35
N VAL I 399 -50.68 24.95 -79.55
CA VAL I 399 -51.70 24.71 -80.56
C VAL I 399 -51.58 23.26 -81.02
N SER I 400 -52.68 22.52 -80.90
CA SER I 400 -52.77 21.15 -81.41
C SER I 400 -53.98 21.05 -82.31
N ILE I 401 -53.88 20.23 -83.36
CA ILE I 401 -54.95 20.03 -84.33
C ILE I 401 -55.04 18.54 -84.64
N LEU I 402 -56.00 17.85 -84.03
CA LEU I 402 -56.27 16.46 -84.36
C LEU I 402 -57.08 16.39 -85.65
N THR I 403 -56.40 16.06 -86.74
CA THR I 403 -57.03 15.84 -88.03
C THR I 403 -57.43 14.38 -88.17
N LEU I 404 -58.09 14.07 -89.28
CA LEU I 404 -58.30 12.71 -89.73
C LEU I 404 -57.83 12.66 -91.18
N CYS I 405 -56.53 12.47 -91.38
CA CYS I 405 -55.97 12.41 -92.71
C CYS I 405 -56.46 11.15 -93.41
N ASP I 406 -56.62 11.25 -94.73
CA ASP I 406 -57.29 10.19 -95.49
C ASP I 406 -56.25 9.21 -96.02
N ALA I 407 -56.32 7.97 -95.57
CA ALA I 407 -55.40 6.94 -96.00
C ALA I 407 -55.47 6.64 -97.48
N THR I 408 -56.40 7.25 -98.21
CA THR I 408 -56.54 7.02 -99.64
C THR I 408 -56.01 8.17 -100.50
N THR I 409 -56.11 9.41 -100.03
CA THR I 409 -55.66 10.56 -100.81
C THR I 409 -54.78 11.54 -100.05
N GLY I 410 -54.86 11.59 -98.73
CA GLY I 410 -54.00 12.47 -97.97
C GLY I 410 -54.64 13.72 -97.42
N VAL I 411 -55.94 13.91 -97.57
CA VAL I 411 -56.60 15.09 -97.02
C VAL I 411 -56.78 14.88 -95.52
N CYS I 412 -56.38 15.87 -94.74
CA CYS I 412 -56.50 15.82 -93.29
C CYS I 412 -57.70 16.65 -92.84
N THR I 413 -58.76 15.96 -92.42
CA THR I 413 -59.96 16.64 -91.92
C THR I 413 -59.91 16.69 -90.41
N LYS I 414 -60.18 17.88 -89.86
CA LYS I 414 -59.92 18.14 -88.45
C LYS I 414 -61.10 17.67 -87.60
N LYS I 415 -60.80 17.00 -86.50
CA LYS I 415 -61.83 16.41 -85.65
C LYS I 415 -61.65 16.69 -84.16
N HIS I 416 -60.49 17.19 -83.74
CA HIS I 416 -60.34 17.64 -82.37
C HIS I 416 -59.30 18.75 -82.31
N GLU I 417 -59.50 19.68 -81.38
CA GLU I 417 -58.63 20.82 -81.19
C GLU I 417 -58.58 21.19 -79.72
N ASP I 418 -57.37 21.38 -79.20
CA ASP I 418 -57.15 21.87 -77.85
C ASP I 418 -56.28 23.11 -77.89
N GLU I 419 -56.48 24.00 -76.92
CA GLU I 419 -55.66 25.19 -76.80
C GLU I 419 -55.50 25.56 -75.32
N SER I 420 -54.34 26.11 -75.00
CA SER I 420 -54.02 26.58 -73.66
C SER I 420 -53.01 27.70 -73.77
N GLU I 421 -53.07 28.64 -72.81
CA GLU I 421 -52.18 29.79 -72.87
C GLU I 421 -50.73 29.39 -72.64
N ALA I 422 -50.48 28.46 -71.71
CA ALA I 422 -49.11 28.06 -71.42
C ALA I 422 -48.64 26.99 -72.41
N TRP I 423 -49.30 25.83 -72.42
CA TRP I 423 -48.89 24.72 -73.28
C TRP I 423 -49.91 23.60 -73.21
N LEU I 424 -49.72 22.63 -74.09
CA LEU I 424 -50.56 21.44 -74.16
C LEU I 424 -49.75 20.21 -73.76
N HIS I 425 -50.05 19.65 -72.60
CA HIS I 425 -49.33 18.52 -72.05
C HIS I 425 -50.10 17.23 -72.31
N ARG I 426 -49.44 16.10 -72.05
CA ARG I 426 -49.93 14.78 -72.45
C ARG I 426 -50.27 14.78 -73.94
N GLN I 427 -49.27 15.13 -74.75
CA GLN I 427 -49.42 15.34 -76.18
C GLN I 427 -49.91 14.10 -76.93
N ASN I 428 -49.92 12.92 -76.30
CA ASN I 428 -50.02 11.69 -77.06
C ASN I 428 -51.03 10.68 -76.49
N GLU I 429 -52.27 11.07 -76.22
CA GLU I 429 -53.28 10.10 -75.84
C GLU I 429 -54.15 9.73 -77.03
N GLU I 430 -53.89 8.55 -77.61
CA GLU I 430 -54.59 8.11 -78.81
C GLU I 430 -56.09 8.10 -78.58
N PRO I 431 -56.83 9.01 -79.22
CA PRO I 431 -58.28 9.05 -79.02
C PRO I 431 -58.92 7.72 -79.39
N VAL I 432 -59.81 7.27 -78.52
CA VAL I 432 -60.37 5.93 -78.60
C VAL I 432 -61.51 5.97 -79.60
N PHE I 433 -61.16 5.82 -80.88
CA PHE I 433 -62.14 5.85 -81.95
C PHE I 433 -63.09 4.68 -81.81
N SER I 434 -64.37 4.95 -81.98
CA SER I 434 -65.33 3.87 -82.10
C SER I 434 -64.93 2.98 -83.27
N LYS I 435 -65.30 1.69 -83.18
CA LYS I 435 -64.89 0.74 -84.19
C LYS I 435 -65.49 1.07 -85.56
N ASP I 436 -66.42 2.02 -85.62
CA ASP I 436 -66.97 2.49 -86.89
C ASP I 436 -66.26 3.72 -87.43
N GLY I 437 -65.26 4.24 -86.73
CA GLY I 437 -64.47 5.35 -87.22
C GLY I 437 -65.05 6.72 -86.96
N ARG I 438 -66.29 6.82 -86.47
CA ARG I 438 -66.89 8.13 -86.28
C ARG I 438 -66.73 8.65 -84.87
N LYS I 439 -67.31 8.00 -83.87
CA LYS I 439 -67.15 8.42 -82.48
C LYS I 439 -65.73 8.14 -82.04
N PHE I 440 -65.20 9.01 -81.20
CA PHE I 440 -63.92 8.74 -80.56
C PHE I 440 -63.85 9.43 -79.22
N PHE I 441 -63.16 8.78 -78.29
CA PHE I 441 -63.02 9.25 -76.92
C PHE I 441 -61.55 9.55 -76.67
N PHE I 442 -61.28 10.72 -76.09
CA PHE I 442 -59.94 11.08 -75.72
C PHE I 442 -60.01 11.86 -74.42
N VAL I 443 -58.86 11.98 -73.77
CA VAL I 443 -58.74 12.74 -72.53
C VAL I 443 -57.86 13.95 -72.80
N ARG I 444 -58.41 15.13 -72.54
CA ARG I 444 -57.81 16.39 -72.95
C ARG I 444 -57.96 17.40 -71.82
N ALA I 445 -57.25 18.52 -71.95
CA ALA I 445 -57.36 19.58 -70.95
C ALA I 445 -58.73 20.22 -71.09
N ILE I 446 -59.70 19.71 -70.34
CA ILE I 446 -61.04 20.28 -70.33
C ILE I 446 -61.13 21.25 -69.16
N PRO I 447 -61.72 22.43 -69.33
CA PRO I 447 -61.78 23.39 -68.22
C PRO I 447 -62.53 22.80 -67.03
N GLN I 448 -61.98 23.04 -65.83
CA GLN I 448 -62.53 22.52 -64.59
C GLN I 448 -62.72 23.62 -63.56
N GLY I 449 -63.32 24.75 -63.99
CA GLY I 449 -63.60 25.84 -63.08
C GLY I 449 -62.38 26.69 -62.78
N GLY I 450 -62.37 27.32 -61.60
CA GLY I 450 -61.27 28.17 -61.20
C GLY I 450 -59.97 27.45 -60.94
N ARG I 451 -60.00 26.14 -60.77
CA ARG I 451 -58.80 25.36 -60.51
C ARG I 451 -58.09 24.90 -61.77
N GLY I 452 -58.38 25.52 -62.92
CA GLY I 452 -57.69 25.21 -64.15
C GLY I 452 -58.43 24.21 -65.01
N LYS I 453 -57.68 23.47 -65.83
CA LYS I 453 -58.25 22.46 -66.71
C LYS I 453 -57.65 21.10 -66.38
N PHE I 454 -58.51 20.17 -65.98
CA PHE I 454 -58.10 18.81 -65.67
C PHE I 454 -58.42 17.91 -66.86
N TYR I 455 -57.62 16.87 -67.01
CA TYR I 455 -57.76 15.95 -68.14
C TYR I 455 -58.82 14.91 -67.79
N HIS I 456 -59.78 14.71 -68.70
CA HIS I 456 -60.89 13.81 -68.44
C HIS I 456 -61.45 13.25 -69.75
N ILE I 457 -62.25 12.20 -69.62
CA ILE I 457 -62.79 11.51 -70.80
C ILE I 457 -63.90 12.34 -71.41
N THR I 458 -63.86 12.47 -72.73
CA THR I 458 -64.90 13.15 -73.49
C THR I 458 -65.08 12.44 -74.83
N VAL I 459 -66.31 12.05 -75.12
CA VAL I 459 -66.66 11.46 -76.40
C VAL I 459 -66.63 12.54 -77.46
N SER I 460 -66.15 12.18 -78.66
CA SER I 460 -66.19 13.07 -79.81
C SER I 460 -66.46 12.23 -81.05
N SER I 461 -67.45 12.63 -81.83
CA SER I 461 -67.91 11.86 -82.96
C SER I 461 -67.42 12.51 -84.25
N SER I 462 -66.46 11.85 -84.92
CA SER I 462 -66.02 12.30 -86.24
C SER I 462 -67.05 11.86 -87.27
N GLN I 463 -68.11 12.64 -87.42
CA GLN I 463 -69.08 12.34 -88.46
C GLN I 463 -68.44 12.60 -89.83
N PRO I 464 -68.88 11.91 -90.87
CA PRO I 464 -68.20 12.03 -92.18
C PRO I 464 -68.22 13.43 -92.76
N ASN I 465 -69.31 14.20 -92.58
CA ASN I 465 -69.46 15.47 -93.29
C ASN I 465 -69.75 16.63 -92.36
N SER I 466 -69.28 16.60 -91.11
CA SER I 466 -69.43 17.72 -90.19
C SER I 466 -68.07 18.11 -89.62
N SER I 467 -67.87 19.41 -89.40
CA SER I 467 -66.61 19.90 -88.87
C SER I 467 -66.59 19.96 -87.35
N ASN I 468 -67.73 20.27 -86.71
CA ASN I 468 -67.78 20.41 -85.26
C ASN I 468 -68.13 19.05 -84.65
N ASP I 469 -67.21 18.51 -83.86
CA ASP I 469 -67.43 17.22 -83.22
C ASP I 469 -68.09 17.40 -81.87
N ASN I 470 -69.12 16.61 -81.61
CA ASN I 470 -69.88 16.72 -80.37
C ASN I 470 -69.03 16.21 -79.22
N ILE I 471 -68.46 17.13 -78.45
CA ILE I 471 -67.65 16.78 -77.28
C ILE I 471 -68.49 16.95 -76.03
N GLN I 472 -68.52 15.90 -75.20
CA GLN I 472 -69.23 15.93 -73.93
C GLN I 472 -68.42 15.16 -72.91
N SER I 473 -68.29 15.72 -71.71
CA SER I 473 -67.41 15.15 -70.69
C SER I 473 -68.02 13.90 -70.09
N ILE I 474 -67.33 12.77 -70.27
CA ILE I 474 -67.74 11.52 -69.61
C ILE I 474 -67.26 11.50 -68.16
N THR I 475 -66.00 11.86 -67.94
CA THR I 475 -65.44 11.97 -66.62
C THR I 475 -65.09 13.43 -66.36
N SER I 476 -64.90 13.78 -65.09
CA SER I 476 -64.57 15.15 -64.71
C SER I 476 -64.14 15.17 -63.24
N GLY I 477 -63.55 16.29 -62.84
CA GLY I 477 -63.19 16.48 -61.45
C GLY I 477 -61.80 17.04 -61.23
N ASP I 478 -61.44 17.28 -59.96
CA ASP I 478 -60.11 17.76 -59.60
C ASP I 478 -59.13 16.58 -59.62
N TRP I 479 -58.96 16.00 -60.79
CA TRP I 479 -58.09 14.86 -61.00
C TRP I 479 -57.96 14.69 -62.50
N ASP I 480 -57.14 13.74 -62.91
CA ASP I 480 -56.84 13.56 -64.32
C ASP I 480 -56.94 12.10 -64.71
N VAL I 481 -57.85 11.80 -65.64
CA VAL I 481 -57.75 10.53 -66.36
C VAL I 481 -56.37 10.48 -66.97
N THR I 482 -55.53 9.58 -66.49
CA THR I 482 -54.16 9.56 -66.97
C THR I 482 -54.04 9.01 -68.39
N LYS I 483 -54.81 7.98 -68.72
CA LYS I 483 -55.02 7.60 -70.11
C LYS I 483 -56.12 6.56 -70.16
N ILE I 484 -57.03 6.72 -71.11
CA ILE I 484 -57.92 5.63 -71.47
C ILE I 484 -57.07 4.45 -71.91
N LEU I 485 -57.52 3.23 -71.65
CA LEU I 485 -56.77 2.08 -72.14
C LEU I 485 -57.50 1.32 -73.25
N SER I 486 -58.83 1.26 -73.20
CA SER I 486 -59.58 0.85 -74.37
C SER I 486 -61.00 1.34 -74.25
N TYR I 487 -61.82 0.93 -75.20
CA TYR I 487 -63.27 1.10 -75.14
C TYR I 487 -63.92 -0.09 -75.81
N ASP I 488 -64.76 -0.80 -75.08
CA ASP I 488 -65.56 -1.91 -75.62
C ASP I 488 -66.91 -1.34 -76.04
N GLU I 489 -67.08 -1.14 -77.35
CA GLU I 489 -68.37 -0.68 -77.83
C GLU I 489 -69.44 -1.76 -77.72
N LYS I 490 -69.05 -3.03 -77.77
CA LYS I 490 -69.98 -4.09 -77.42
C LYS I 490 -70.39 -3.99 -75.96
N ARG I 491 -69.68 -3.16 -75.19
CA ARG I 491 -70.04 -2.86 -73.81
C ARG I 491 -70.35 -1.39 -73.60
N ASN I 492 -70.11 -0.54 -74.60
CA ASN I 492 -70.28 0.91 -74.50
C ASN I 492 -69.66 1.45 -73.22
N LYS I 493 -68.56 0.85 -72.81
CA LYS I 493 -67.88 1.21 -71.59
C LYS I 493 -66.43 1.54 -71.90
N ILE I 494 -65.97 2.68 -71.40
CA ILE I 494 -64.62 3.17 -71.63
C ILE I 494 -63.80 2.96 -70.37
N TYR I 495 -62.59 2.44 -70.54
CA TYR I 495 -61.74 2.02 -69.43
C TYR I 495 -60.48 2.86 -69.39
N PHE I 496 -60.15 3.38 -68.22
CA PHE I 496 -59.12 4.41 -68.15
C PHE I 496 -58.40 4.39 -66.81
N LEU I 497 -57.07 4.33 -66.89
CA LEU I 497 -56.22 4.68 -65.77
C LEU I 497 -56.40 6.15 -65.45
N SER I 498 -56.54 6.45 -64.16
CA SER I 498 -56.91 7.79 -63.76
C SER I 498 -56.38 8.09 -62.38
N THR I 499 -56.10 9.38 -62.17
CA THR I 499 -55.93 9.94 -60.85
C THR I 499 -57.25 10.10 -60.12
N GLU I 500 -58.31 9.47 -60.65
CA GLU I 500 -59.62 9.49 -59.99
C GLU I 500 -59.53 8.99 -58.56
N ASP I 501 -58.60 8.08 -58.28
CA ASP I 501 -58.36 7.66 -56.91
C ASP I 501 -57.54 8.71 -56.17
N LEU I 502 -56.36 9.02 -56.69
CA LEU I 502 -55.49 10.03 -56.15
C LEU I 502 -54.61 10.53 -57.28
N PRO I 503 -54.24 11.81 -57.26
CA PRO I 503 -53.24 12.29 -58.24
C PRO I 503 -52.05 11.37 -58.36
N ARG I 504 -51.63 10.78 -57.24
CA ARG I 504 -50.48 9.88 -57.18
C ARG I 504 -50.82 8.44 -57.58
N ARG I 505 -52.06 8.16 -57.97
CA ARG I 505 -52.57 6.82 -58.24
C ARG I 505 -53.20 6.73 -59.63
N ARG I 506 -52.98 5.58 -60.28
CA ARG I 506 -53.58 5.28 -61.59
C ARG I 506 -54.36 3.99 -61.47
N HIS I 507 -55.62 4.00 -61.93
CA HIS I 507 -56.48 2.84 -61.86
C HIS I 507 -57.46 2.82 -63.02
N LEU I 508 -57.56 1.65 -63.64
CA LEU I 508 -58.42 1.46 -64.81
C LEU I 508 -59.88 1.47 -64.36
N TYR I 509 -60.66 2.41 -64.90
CA TYR I 509 -62.07 2.58 -64.56
C TYR I 509 -62.94 2.34 -65.79
N SER I 510 -63.88 1.42 -65.68
CA SER I 510 -64.87 1.21 -66.71
C SER I 510 -65.91 2.32 -66.63
N ALA I 511 -66.05 3.07 -67.71
CA ALA I 511 -67.00 4.16 -67.75
C ALA I 511 -67.90 4.00 -68.97
N ASN I 512 -69.21 4.09 -68.76
CA ASN I 512 -70.13 4.02 -69.88
C ASN I 512 -69.88 5.16 -70.85
N THR I 513 -70.43 5.03 -72.05
CA THR I 513 -70.15 5.95 -73.13
C THR I 513 -71.40 6.45 -73.84
N VAL I 514 -72.59 6.05 -73.39
CA VAL I 514 -73.83 6.44 -74.03
C VAL I 514 -74.80 6.95 -72.97
N ASP I 515 -74.92 8.28 -72.87
CA ASP I 515 -75.96 8.96 -72.13
C ASP I 515 -75.84 8.83 -70.61
N ASP I 516 -74.88 8.05 -70.11
CA ASP I 516 -74.67 7.96 -68.67
C ASP I 516 -73.23 8.24 -68.26
N PHE I 517 -72.25 7.78 -69.04
CA PHE I 517 -70.85 8.19 -68.87
C PHE I 517 -70.30 7.86 -67.48
N ASN I 518 -70.99 6.97 -66.75
CA ASN I 518 -70.62 6.71 -65.37
C ASN I 518 -69.44 5.76 -65.27
N ARG I 519 -68.46 6.12 -64.44
CA ARG I 519 -67.21 5.39 -64.31
C ARG I 519 -67.32 4.32 -63.23
N GLN I 520 -66.63 3.20 -63.46
CA GLN I 520 -66.53 2.12 -62.48
C GLN I 520 -65.13 1.52 -62.58
N CYS I 521 -64.37 1.57 -61.50
CA CYS I 521 -63.00 1.07 -61.51
C CYS I 521 -62.96 -0.41 -61.86
N LEU I 522 -61.95 -0.82 -62.63
CA LEU I 522 -61.80 -2.23 -62.97
C LEU I 522 -60.81 -2.94 -62.07
N SER I 523 -59.71 -2.30 -61.73
CA SER I 523 -58.66 -3.01 -61.03
C SER I 523 -58.44 -2.53 -59.62
N CYS I 524 -59.26 -1.61 -59.13
CA CYS I 524 -59.16 -1.19 -57.73
C CYS I 524 -59.36 -2.41 -56.84
N ASP I 525 -58.33 -2.76 -56.08
CA ASP I 525 -58.28 -3.98 -55.28
C ASP I 525 -58.45 -5.22 -56.14
N LEU I 526 -57.75 -5.28 -57.28
CA LEU I 526 -57.82 -6.47 -58.11
C LEU I 526 -56.64 -7.38 -57.85
N VAL I 527 -55.60 -6.86 -57.18
CA VAL I 527 -54.44 -7.61 -56.75
C VAL I 527 -54.15 -7.20 -55.32
N GLU I 528 -53.68 -8.14 -54.50
CA GLU I 528 -53.24 -7.79 -53.16
C GLU I 528 -52.03 -6.87 -53.23
N ASN I 529 -51.97 -5.90 -52.32
CA ASN I 529 -50.89 -4.92 -52.27
C ASN I 529 -50.71 -4.26 -53.64
N CYS I 530 -51.71 -3.47 -54.04
CA CYS I 530 -51.80 -2.96 -55.40
C CYS I 530 -52.62 -1.69 -55.43
N THR I 531 -51.99 -0.56 -55.74
CA THR I 531 -52.67 0.71 -55.94
C THR I 531 -52.16 1.51 -57.14
N TYR I 532 -51.05 1.13 -57.75
CA TYR I 532 -50.45 1.89 -58.84
C TYR I 532 -50.13 0.91 -59.96
N VAL I 533 -50.86 1.01 -61.07
CA VAL I 533 -50.87 -0.05 -62.07
C VAL I 533 -50.81 0.55 -63.46
N SER I 534 -50.65 -0.34 -64.43
CA SER I 534 -50.96 -0.08 -65.83
C SER I 534 -51.69 -1.30 -66.39
N ALA I 535 -52.34 -1.10 -67.53
CA ALA I 535 -53.11 -2.18 -68.13
C ALA I 535 -53.33 -1.90 -69.60
N SER I 536 -54.25 -2.65 -70.19
CA SER I 536 -54.71 -2.54 -71.57
C SER I 536 -55.86 -3.50 -71.75
N PHE I 537 -56.35 -3.65 -72.99
CA PHE I 537 -57.44 -4.55 -73.27
C PHE I 537 -57.19 -5.39 -74.52
N SER I 538 -58.01 -6.41 -74.69
CA SER I 538 -57.87 -7.32 -75.82
C SER I 538 -58.51 -6.75 -77.08
N HIS I 539 -58.71 -7.64 -78.05
CA HIS I 539 -59.33 -7.28 -79.31
C HIS I 539 -60.84 -7.10 -79.18
N ASN I 540 -61.54 -8.03 -78.55
CA ASN I 540 -62.95 -7.88 -78.21
C ASN I 540 -63.14 -7.44 -76.77
N MET I 541 -62.06 -7.30 -76.01
CA MET I 541 -62.07 -6.80 -74.65
C MET I 541 -62.78 -7.73 -73.67
N ASP I 542 -62.58 -9.05 -73.78
CA ASP I 542 -63.20 -9.98 -72.83
C ASP I 542 -62.35 -10.19 -71.59
N PHE I 543 -61.07 -9.89 -71.66
CA PHE I 543 -60.19 -9.96 -70.51
C PHE I 543 -59.17 -8.84 -70.57
N PHE I 544 -58.82 -8.29 -69.41
CA PHE I 544 -57.81 -7.24 -69.34
C PHE I 544 -56.69 -7.65 -68.40
N LEU I 545 -55.46 -7.51 -68.88
CA LEU I 545 -54.26 -7.84 -68.13
C LEU I 545 -53.85 -6.64 -67.28
N LEU I 546 -53.66 -6.88 -65.99
CA LEU I 546 -53.40 -5.83 -65.01
C LEU I 546 -51.93 -5.85 -64.65
N LYS I 547 -51.17 -4.94 -65.24
CA LYS I 547 -49.75 -4.76 -64.91
C LYS I 547 -49.68 -3.86 -63.69
N CYS I 548 -49.63 -4.49 -62.51
CA CYS I 548 -49.68 -3.75 -61.25
C CYS I 548 -48.30 -3.64 -60.65
N GLU I 549 -47.67 -2.49 -60.82
CA GLU I 549 -46.32 -2.27 -60.38
C GLU I 549 -46.23 -1.28 -59.24
N GLY I 550 -47.23 -1.23 -58.38
CA GLY I 550 -47.25 -0.22 -57.35
C GLY I 550 -48.44 -0.36 -56.41
N PRO I 551 -48.23 0.00 -55.14
CA PRO I 551 -46.95 0.47 -54.60
C PRO I 551 -45.91 -0.63 -54.44
N GLY I 552 -46.29 -1.85 -54.84
CA GLY I 552 -45.41 -2.98 -54.68
C GLY I 552 -44.85 -3.47 -56.00
N VAL I 553 -44.47 -4.75 -55.98
CA VAL I 553 -43.67 -5.33 -57.07
C VAL I 553 -44.52 -5.40 -58.33
N PRO I 554 -43.93 -5.22 -59.53
CA PRO I 554 -44.72 -5.37 -60.76
C PRO I 554 -45.32 -6.76 -60.87
N THR I 555 -46.62 -6.78 -61.15
CA THR I 555 -47.37 -8.02 -61.32
C THR I 555 -48.32 -7.85 -62.47
N VAL I 556 -48.50 -8.92 -63.25
CA VAL I 556 -49.36 -8.91 -64.42
C VAL I 556 -50.29 -10.11 -64.32
N THR I 557 -51.59 -9.84 -64.18
CA THR I 557 -52.58 -10.87 -63.90
C THR I 557 -53.73 -10.76 -64.89
N VAL I 558 -54.35 -11.89 -65.17
CA VAL I 558 -55.44 -11.99 -66.13
C VAL I 558 -56.75 -11.97 -65.37
N HIS I 559 -57.60 -10.97 -65.66
CA HIS I 559 -58.90 -10.84 -65.05
C HIS I 559 -59.98 -10.82 -66.14
N ASN I 560 -61.24 -10.86 -65.71
CA ASN I 560 -62.34 -10.86 -66.66
C ASN I 560 -62.90 -9.45 -66.81
N THR I 561 -63.66 -9.24 -67.89
CA THR I 561 -64.13 -7.90 -68.22
C THR I 561 -65.40 -7.55 -67.48
N THR I 562 -66.22 -8.55 -67.15
CA THR I 562 -67.53 -8.27 -66.58
C THR I 562 -67.60 -8.62 -65.09
N ASP I 563 -66.86 -9.65 -64.67
CA ASP I 563 -66.80 -10.02 -63.26
C ASP I 563 -65.49 -9.63 -62.59
N LYS I 564 -64.52 -9.15 -63.37
CA LYS I 564 -63.23 -8.63 -62.89
C LYS I 564 -62.39 -9.69 -62.18
N ARG I 565 -62.88 -10.93 -62.13
CA ARG I 565 -62.20 -11.98 -61.36
C ARG I 565 -60.88 -12.34 -62.04
N ARG I 566 -59.81 -12.40 -61.25
CA ARG I 566 -58.52 -12.78 -61.80
C ARG I 566 -58.60 -14.21 -62.29
N MET I 567 -58.66 -14.38 -63.60
CA MET I 567 -58.89 -15.69 -64.19
C MET I 567 -57.76 -16.65 -63.87
N PHE I 568 -56.54 -16.13 -63.74
CA PHE I 568 -55.40 -16.86 -63.20
C PHE I 568 -54.22 -15.91 -63.09
N ASP I 569 -53.25 -16.31 -62.27
CA ASP I 569 -52.01 -15.56 -62.07
C ASP I 569 -51.08 -15.76 -63.27
N LEU I 570 -50.27 -14.74 -63.55
CA LEU I 570 -49.20 -14.88 -64.53
C LEU I 570 -47.83 -14.51 -63.97
N GLU I 571 -47.75 -13.41 -63.22
CA GLU I 571 -46.49 -13.02 -62.59
C GLU I 571 -46.73 -12.36 -61.25
N ALA I 572 -46.16 -12.96 -60.20
CA ALA I 572 -46.13 -12.37 -58.87
C ALA I 572 -44.73 -11.94 -58.45
N ASN I 573 -43.75 -12.02 -59.35
CA ASN I 573 -42.38 -11.59 -59.05
C ASN I 573 -41.85 -12.33 -57.83
N GLU I 574 -41.74 -13.65 -57.96
CA GLU I 574 -41.65 -14.51 -56.79
C GLU I 574 -40.42 -14.21 -55.94
N GLU I 575 -39.22 -14.43 -56.47
CA GLU I 575 -38.02 -14.12 -55.70
C GLU I 575 -37.87 -12.62 -55.54
N VAL I 576 -38.48 -11.85 -56.46
CA VAL I 576 -38.49 -10.41 -56.32
C VAL I 576 -39.30 -10.00 -55.11
N GLN I 577 -40.52 -10.54 -54.98
CA GLN I 577 -41.28 -10.38 -53.75
C GLN I 577 -40.53 -10.98 -52.57
N LYS I 578 -39.80 -12.08 -52.80
CA LYS I 578 -39.14 -12.79 -51.72
C LYS I 578 -37.97 -11.99 -51.15
N ALA I 579 -37.00 -11.65 -52.01
CA ALA I 579 -35.76 -11.03 -51.52
C ALA I 579 -36.04 -9.66 -50.90
N ILE I 580 -37.15 -9.04 -51.29
CA ILE I 580 -37.56 -7.79 -50.66
C ILE I 580 -37.70 -7.97 -49.15
N ASN I 581 -38.44 -9.00 -48.72
CA ASN I 581 -38.72 -9.16 -47.30
C ASN I 581 -37.47 -9.53 -46.51
N ASP I 582 -36.45 -10.07 -47.17
CA ASP I 582 -35.23 -10.45 -46.47
C ASP I 582 -34.41 -9.26 -46.00
N ARG I 583 -34.63 -8.07 -46.54
CA ARG I 583 -33.79 -6.92 -46.28
C ARG I 583 -34.64 -5.70 -45.94
N GLN I 584 -33.97 -4.70 -45.38
CA GLN I 584 -34.62 -3.54 -44.76
C GLN I 584 -35.18 -2.62 -45.83
N MET I 585 -36.43 -2.86 -46.19
CA MET I 585 -37.04 -2.11 -47.28
C MET I 585 -37.50 -0.73 -46.81
N PRO I 586 -37.61 0.23 -47.72
CA PRO I 586 -38.17 1.52 -47.35
C PRO I 586 -39.68 1.48 -47.27
N LYS I 587 -40.20 1.79 -46.09
CA LYS I 587 -41.62 2.03 -45.96
C LYS I 587 -41.94 3.36 -46.65
N ILE I 588 -42.54 3.28 -47.83
CA ILE I 588 -42.69 4.41 -48.71
C ILE I 588 -43.72 5.36 -48.12
N GLU I 589 -43.25 6.50 -47.63
CA GLU I 589 -44.08 7.51 -46.98
C GLU I 589 -44.48 8.55 -48.01
N TYR I 590 -45.46 9.38 -47.68
CA TYR I 590 -46.02 10.35 -48.63
C TYR I 590 -46.49 11.61 -47.92
N ARG I 591 -45.57 12.54 -47.66
CA ARG I 591 -45.93 13.77 -46.98
C ARG I 591 -46.51 14.76 -47.98
N LYS I 592 -46.97 15.90 -47.47
CA LYS I 592 -47.61 16.95 -48.23
C LYS I 592 -47.09 18.31 -47.79
N ILE I 593 -46.66 19.12 -48.74
CA ILE I 593 -46.24 20.50 -48.47
C ILE I 593 -47.27 21.45 -49.05
N GLU I 594 -47.37 22.63 -48.48
CA GLU I 594 -48.41 23.59 -48.80
C GLU I 594 -47.87 24.65 -49.75
N VAL I 595 -48.61 24.91 -50.83
CA VAL I 595 -48.39 26.06 -51.70
C VAL I 595 -49.76 26.70 -51.88
N GLU I 596 -49.79 28.04 -51.93
CA GLU I 596 -51.00 28.86 -51.76
C GLU I 596 -52.25 28.28 -52.40
N ASP I 597 -52.13 27.73 -53.62
CA ASP I 597 -53.25 27.12 -54.31
C ASP I 597 -53.04 25.64 -54.56
N TYR I 598 -51.86 25.11 -54.25
CA TYR I 598 -51.43 23.81 -54.73
C TYR I 598 -50.91 22.95 -53.58
N SER I 599 -51.70 21.95 -53.21
CA SER I 599 -51.32 20.98 -52.19
C SER I 599 -50.29 20.04 -52.83
N LEU I 600 -49.02 20.26 -52.52
CA LEU I 600 -47.95 19.49 -53.13
C LEU I 600 -47.55 18.35 -52.21
N PRO I 601 -47.89 17.10 -52.52
CA PRO I 601 -47.41 16.00 -51.68
C PRO I 601 -46.03 15.54 -52.12
N MET I 602 -45.20 15.18 -51.13
CA MET I 602 -43.84 14.76 -51.34
C MET I 602 -43.66 13.31 -50.91
N GLN I 603 -43.00 12.51 -51.75
CA GLN I 603 -42.79 11.10 -51.47
C GLN I 603 -41.53 10.95 -50.65
N ILE I 604 -41.53 9.98 -49.73
CA ILE I 604 -40.40 9.68 -48.89
C ILE I 604 -40.16 8.18 -48.98
N LEU I 605 -38.90 7.77 -48.93
CA LEU I 605 -38.56 6.37 -48.73
C LEU I 605 -37.89 6.25 -47.38
N LYS I 606 -38.67 5.96 -46.35
CA LYS I 606 -38.15 5.90 -45.00
C LYS I 606 -37.48 4.56 -44.74
N PRO I 607 -36.30 4.57 -44.13
CA PRO I 607 -35.62 3.31 -43.82
C PRO I 607 -36.47 2.41 -42.93
N ALA I 608 -36.14 1.12 -42.94
CA ALA I 608 -36.91 0.16 -42.16
C ALA I 608 -36.65 0.33 -40.66
N THR I 609 -35.39 0.52 -40.27
CA THR I 609 -35.04 0.70 -38.86
C THR I 609 -35.10 2.15 -38.44
N PHE I 610 -35.97 2.94 -39.07
CA PHE I 610 -36.10 4.36 -38.74
C PHE I 610 -36.46 4.55 -37.28
N THR I 611 -35.78 5.50 -36.64
CA THR I 611 -36.10 5.92 -35.29
C THR I 611 -36.20 7.43 -35.26
N ASP I 612 -37.41 7.95 -34.99
CA ASP I 612 -37.60 9.39 -34.84
C ASP I 612 -36.62 9.99 -33.86
N THR I 613 -36.11 9.20 -32.91
CA THR I 613 -35.07 9.64 -31.99
C THR I 613 -33.79 10.03 -32.72
N ALA I 614 -33.52 9.44 -33.88
CA ALA I 614 -32.31 9.72 -34.62
C ALA I 614 -32.54 10.83 -35.63
N HIS I 615 -31.44 11.45 -36.04
CA HIS I 615 -31.45 12.51 -37.04
C HIS I 615 -31.16 11.90 -38.40
N TYR I 616 -31.82 12.39 -39.43
CA TYR I 616 -31.53 11.70 -40.68
C TYR I 616 -31.15 12.68 -41.78
N PRO I 617 -30.25 12.28 -42.67
CA PRO I 617 -29.89 13.16 -43.79
C PRO I 617 -30.90 13.09 -44.92
N LEU I 618 -31.31 14.26 -45.39
CA LEU I 618 -32.27 14.40 -46.47
C LEU I 618 -31.53 14.49 -47.79
N LEU I 619 -32.00 13.73 -48.77
CA LEU I 619 -31.42 13.71 -50.12
C LEU I 619 -32.51 13.79 -51.16
N LEU I 620 -32.44 14.80 -52.01
CA LEU I 620 -33.49 15.05 -52.99
C LEU I 620 -33.03 14.58 -54.37
N VAL I 621 -33.56 13.46 -54.82
CA VAL I 621 -33.34 12.97 -56.18
C VAL I 621 -34.48 13.50 -57.04
N VAL I 622 -34.17 14.42 -57.94
CA VAL I 622 -35.17 15.24 -58.63
C VAL I 622 -35.25 14.81 -60.09
N ASP I 623 -36.47 14.90 -60.65
CA ASP I 623 -36.68 14.81 -62.09
C ASP I 623 -36.68 16.17 -62.76
N GLY I 624 -37.61 17.03 -62.37
CA GLY I 624 -37.70 18.36 -62.92
C GLY I 624 -38.40 18.49 -64.26
N THR I 625 -38.49 17.41 -65.04
CA THR I 625 -39.20 17.52 -66.31
C THR I 625 -40.67 17.82 -66.03
N PRO I 626 -41.15 19.02 -66.33
CA PRO I 626 -42.48 19.43 -65.87
C PRO I 626 -43.58 18.67 -66.60
N GLY I 627 -44.61 18.29 -65.85
CA GLY I 627 -45.68 17.46 -66.36
C GLY I 627 -45.70 16.05 -65.79
N SER I 628 -44.54 15.50 -65.45
CA SER I 628 -44.50 14.26 -64.70
C SER I 628 -44.91 14.51 -63.24
N GLN I 629 -45.02 13.43 -62.48
CA GLN I 629 -45.48 13.50 -61.10
C GLN I 629 -44.50 12.73 -60.22
N SER I 630 -43.50 13.43 -59.70
CA SER I 630 -42.35 12.78 -59.09
C SER I 630 -42.67 12.11 -57.76
N VAL I 631 -43.91 12.25 -57.27
CA VAL I 631 -44.33 11.73 -55.97
C VAL I 631 -45.47 10.77 -56.27
N THR I 632 -45.19 9.47 -56.14
CA THR I 632 -46.13 8.44 -56.50
C THR I 632 -45.76 7.12 -55.83
N GLU I 633 -46.36 6.05 -56.34
CA GLU I 633 -46.20 4.72 -55.75
C GLU I 633 -45.70 3.69 -56.77
N ARG I 634 -44.74 4.07 -57.61
CA ARG I 634 -44.30 3.19 -58.69
C ARG I 634 -43.04 2.42 -58.30
N PHE I 635 -42.99 1.14 -58.66
CA PHE I 635 -41.88 0.27 -58.28
C PHE I 635 -40.62 0.64 -59.03
N GLU I 636 -39.48 0.60 -58.33
CA GLU I 636 -38.18 0.83 -58.92
C GLU I 636 -37.09 0.44 -57.93
N VAL I 637 -36.12 -0.35 -58.38
CA VAL I 637 -34.95 -0.70 -57.58
C VAL I 637 -33.79 0.20 -58.00
N THR I 638 -33.69 1.38 -57.39
CA THR I 638 -32.62 2.33 -57.67
C THR I 638 -31.70 2.40 -56.46
N TRP I 639 -30.51 2.99 -56.65
CA TRP I 639 -29.55 3.05 -55.56
C TRP I 639 -30.13 3.77 -54.34
N GLU I 640 -31.22 4.53 -54.53
CA GLU I 640 -31.94 5.10 -53.40
C GLU I 640 -32.06 4.09 -52.27
N THR I 641 -32.40 2.84 -52.60
CA THR I 641 -32.51 1.81 -51.59
C THR I 641 -31.20 1.63 -50.84
N VAL I 642 -30.07 1.80 -51.53
CA VAL I 642 -28.79 1.65 -50.84
C VAL I 642 -28.59 2.80 -49.87
N LEU I 643 -28.98 4.02 -50.27
CA LEU I 643 -29.03 5.13 -49.33
C LEU I 643 -30.03 4.90 -48.22
N VAL I 644 -31.31 4.78 -48.58
CA VAL I 644 -32.36 4.69 -47.59
C VAL I 644 -32.06 3.58 -46.58
N SER I 645 -31.65 2.42 -47.07
CA SER I 645 -31.51 1.27 -46.19
C SER I 645 -30.12 1.21 -45.56
N SER I 646 -29.09 1.07 -46.40
CA SER I 646 -27.77 0.74 -45.88
C SER I 646 -27.19 1.88 -45.06
N HIS I 647 -27.55 3.12 -45.38
CA HIS I 647 -27.01 4.27 -44.66
C HIS I 647 -28.03 5.38 -44.45
N GLY I 648 -29.31 5.11 -44.66
CA GLY I 648 -30.32 5.95 -44.03
C GLY I 648 -30.45 7.36 -44.55
N ALA I 649 -31.03 7.53 -45.72
CA ALA I 649 -31.41 8.86 -46.17
C ALA I 649 -32.88 8.91 -46.53
N VAL I 650 -33.47 10.09 -46.39
CA VAL I 650 -34.87 10.31 -46.70
C VAL I 650 -34.97 10.91 -48.10
N VAL I 651 -35.27 10.06 -49.08
CA VAL I 651 -35.38 10.47 -50.47
C VAL I 651 -36.68 11.22 -50.67
N VAL I 652 -36.60 12.38 -51.29
CA VAL I 652 -37.77 13.23 -51.49
C VAL I 652 -37.82 13.70 -52.93
N LYS I 653 -38.97 13.55 -53.58
CA LYS I 653 -39.21 14.08 -54.90
C LYS I 653 -40.37 15.05 -54.83
N CYS I 654 -40.72 15.68 -55.95
CA CYS I 654 -41.46 16.94 -55.87
C CYS I 654 -42.70 16.93 -56.75
N ASP I 655 -43.86 17.17 -56.13
CA ASP I 655 -45.12 17.44 -56.82
C ASP I 655 -45.21 18.93 -57.10
N GLY I 656 -44.12 19.52 -57.60
CA GLY I 656 -43.96 20.95 -57.62
C GLY I 656 -44.59 21.60 -58.83
N ARG I 657 -44.48 22.93 -58.86
CA ARG I 657 -44.93 23.67 -60.03
C ARG I 657 -44.24 23.12 -61.27
N GLY I 658 -44.98 23.03 -62.35
CA GLY I 658 -44.53 22.32 -63.53
C GLY I 658 -44.78 20.83 -63.47
N SER I 659 -44.54 20.18 -62.33
CA SER I 659 -44.96 18.80 -62.19
C SER I 659 -46.47 18.68 -62.38
N GLY I 660 -46.87 17.90 -63.39
CA GLY I 660 -48.26 17.88 -63.81
C GLY I 660 -49.07 16.78 -63.14
N PHE I 661 -50.06 16.30 -63.88
CA PHE I 661 -50.99 15.25 -63.44
C PHE I 661 -51.79 15.63 -62.19
N GLN I 662 -51.71 16.89 -61.76
CA GLN I 662 -52.70 17.46 -60.85
C GLN I 662 -53.40 18.61 -61.54
N GLY I 663 -53.71 18.43 -62.82
CA GLY I 663 -54.33 19.47 -63.61
C GLY I 663 -53.33 20.29 -64.38
N THR I 664 -53.86 21.17 -65.25
CA THR I 664 -53.01 22.13 -65.93
C THR I 664 -52.54 23.24 -65.00
N LYS I 665 -53.31 23.54 -63.95
CA LYS I 665 -53.03 24.73 -63.12
C LYS I 665 -51.69 24.59 -62.42
N LEU I 666 -51.51 23.53 -61.64
CA LEU I 666 -50.21 23.29 -61.00
C LEU I 666 -49.16 22.94 -62.04
N LEU I 667 -49.59 22.46 -63.21
CA LEU I 667 -48.65 22.18 -64.28
C LEU I 667 -48.16 23.47 -64.93
N GLN I 668 -49.07 24.36 -65.29
CA GLN I 668 -48.78 25.53 -66.11
C GLN I 668 -48.09 26.65 -65.35
N GLU I 669 -47.54 26.38 -64.16
CA GLU I 669 -47.01 27.45 -63.33
C GLU I 669 -45.66 27.95 -63.82
N VAL I 670 -44.74 27.03 -64.13
CA VAL I 670 -43.35 27.37 -64.38
C VAL I 670 -43.17 27.90 -65.80
N ARG I 671 -44.27 28.13 -66.49
CA ARG I 671 -44.23 28.78 -67.80
C ARG I 671 -43.39 30.04 -67.71
N ARG I 672 -42.24 30.02 -68.39
CA ARG I 672 -41.25 31.08 -68.38
C ARG I 672 -40.69 31.37 -67.00
N ARG I 673 -40.77 30.42 -66.07
CA ARG I 673 -40.22 30.59 -64.73
C ARG I 673 -39.48 29.35 -64.28
N LEU I 674 -38.60 28.82 -65.12
CA LEU I 674 -37.99 27.53 -64.87
C LEU I 674 -37.08 27.57 -63.66
N GLY I 675 -37.21 26.55 -62.82
CA GLY I 675 -36.41 26.44 -61.61
C GLY I 675 -36.88 27.35 -60.51
N PHE I 676 -37.08 28.62 -60.86
CA PHE I 676 -37.48 29.65 -59.88
C PHE I 676 -38.75 29.27 -59.15
N LEU I 677 -39.70 28.63 -59.84
CA LEU I 677 -40.88 28.15 -59.14
C LEU I 677 -40.63 26.77 -58.54
N GLU I 678 -39.86 25.93 -59.23
CA GLU I 678 -39.51 24.63 -58.69
C GLU I 678 -38.69 24.76 -57.42
N GLU I 679 -37.78 25.73 -57.36
CA GLU I 679 -36.90 25.83 -56.20
C GLU I 679 -37.71 26.13 -54.93
N LYS I 680 -38.66 27.08 -55.02
CA LYS I 680 -39.57 27.30 -53.90
C LYS I 680 -40.34 26.03 -53.58
N ASP I 681 -40.70 25.25 -54.61
CA ASP I 681 -41.30 23.95 -54.37
C ASP I 681 -40.36 23.06 -53.56
N GLN I 682 -39.13 22.89 -54.06
CA GLN I 682 -38.13 22.15 -53.29
C GLN I 682 -37.87 22.80 -51.94
N MET I 683 -37.86 24.14 -51.91
CA MET I 683 -37.71 24.82 -50.63
C MET I 683 -38.79 24.41 -49.65
N GLU I 684 -40.06 24.68 -49.97
CA GLU I 684 -41.15 24.27 -49.08
C GLU I 684 -41.12 22.76 -48.85
N ALA I 685 -40.63 22.00 -49.83
CA ALA I 685 -40.38 20.58 -49.58
C ALA I 685 -39.36 20.42 -48.47
N VAL I 686 -38.15 20.96 -48.66
CA VAL I 686 -37.09 20.79 -47.67
C VAL I 686 -37.38 21.62 -46.43
N ARG I 687 -38.13 22.72 -46.59
CA ARG I 687 -38.39 23.60 -45.44
C ARG I 687 -39.07 22.85 -44.31
N THR I 688 -40.19 22.19 -44.58
CA THR I 688 -40.84 21.42 -43.54
C THR I 688 -39.97 20.25 -43.10
N MET I 689 -39.08 19.80 -43.98
CA MET I 689 -38.09 18.80 -43.57
C MET I 689 -37.06 19.40 -42.65
N LEU I 690 -36.76 20.69 -42.81
CA LEU I 690 -36.06 21.39 -41.73
C LEU I 690 -36.95 21.56 -40.51
N LYS I 691 -38.24 21.84 -40.71
CA LYS I 691 -39.17 21.77 -39.60
C LYS I 691 -39.26 20.36 -39.03
N GLU I 692 -39.01 19.35 -39.85
CA GLU I 692 -38.98 17.98 -39.36
C GLU I 692 -37.75 17.79 -38.48
N GLN I 693 -37.94 17.13 -37.33
CA GLN I 693 -36.85 17.05 -36.37
C GLN I 693 -35.87 15.92 -36.69
N TYR I 694 -36.35 14.78 -37.18
CA TYR I 694 -35.42 13.70 -37.50
C TYR I 694 -34.63 13.95 -38.78
N ILE I 695 -34.70 15.14 -39.37
CA ILE I 695 -33.92 15.47 -40.56
C ILE I 695 -32.69 16.24 -40.13
N ASP I 696 -31.53 15.59 -40.27
CA ASP I 696 -30.26 16.17 -39.87
C ASP I 696 -29.93 17.34 -40.81
N LYS I 697 -30.00 18.56 -40.28
CA LYS I 697 -29.71 19.74 -41.11
C LYS I 697 -28.26 19.81 -41.51
N THR I 698 -27.35 19.27 -40.69
CA THR I 698 -25.91 19.40 -40.95
C THR I 698 -25.47 18.69 -42.22
N ARG I 699 -26.19 17.65 -42.67
CA ARG I 699 -25.85 16.90 -43.87
C ARG I 699 -27.10 16.77 -44.73
N VAL I 700 -27.33 17.78 -45.58
CA VAL I 700 -28.48 17.82 -46.47
C VAL I 700 -27.97 18.00 -47.90
N ALA I 701 -28.36 17.10 -48.79
CA ALA I 701 -27.75 17.00 -50.10
C ALA I 701 -28.82 17.00 -51.19
N VAL I 702 -28.38 16.68 -52.40
CA VAL I 702 -29.23 16.67 -53.59
C VAL I 702 -28.50 15.95 -54.71
N PHE I 703 -29.27 15.41 -55.65
CA PHE I 703 -28.77 14.73 -56.84
C PHE I 703 -29.45 15.36 -58.06
N GLY I 704 -29.25 14.75 -59.23
CA GLY I 704 -29.87 15.29 -60.42
C GLY I 704 -29.58 14.42 -61.63
N LYS I 705 -30.25 14.73 -62.74
CA LYS I 705 -30.12 13.99 -63.97
C LYS I 705 -30.67 14.78 -65.16
N ASP I 706 -29.76 15.34 -65.93
CA ASP I 706 -29.96 15.58 -67.37
C ASP I 706 -31.05 16.62 -67.60
N TYR I 707 -31.97 16.84 -66.66
CA TYR I 707 -32.74 18.07 -66.64
C TYR I 707 -32.92 18.54 -65.22
N GLY I 708 -32.91 17.60 -64.28
CA GLY I 708 -32.61 17.93 -62.91
C GLY I 708 -31.14 18.16 -62.70
N GLY I 709 -30.30 17.47 -63.48
CA GLY I 709 -28.88 17.78 -63.46
C GLY I 709 -28.65 19.25 -63.71
N TYR I 710 -29.21 19.78 -64.80
CA TYR I 710 -29.33 21.21 -64.97
C TYR I 710 -29.94 21.87 -63.74
N LEU I 711 -31.01 21.28 -63.21
CA LEU I 711 -31.67 21.89 -62.07
C LEU I 711 -30.85 21.72 -60.80
N SER I 712 -30.10 20.60 -60.70
CA SER I 712 -29.25 20.39 -59.54
C SER I 712 -28.33 21.58 -59.32
N THR I 713 -27.44 21.84 -60.27
CA THR I 713 -26.60 23.02 -60.19
C THR I 713 -27.44 24.29 -60.13
N TYR I 714 -28.65 24.26 -60.68
CA TYR I 714 -29.53 25.40 -60.51
C TYR I 714 -30.06 25.48 -59.08
N ILE I 715 -30.09 24.36 -58.37
CA ILE I 715 -30.67 24.35 -57.03
C ILE I 715 -29.65 24.44 -55.91
N LEU I 716 -28.44 23.89 -56.09
CA LEU I 716 -27.40 24.03 -55.08
C LEU I 716 -27.22 25.44 -54.52
N PRO I 717 -27.27 26.52 -55.30
CA PRO I 717 -27.09 27.85 -54.72
C PRO I 717 -28.31 28.40 -54.01
N ALA I 718 -29.29 27.57 -53.66
CA ALA I 718 -30.46 28.05 -52.94
C ALA I 718 -30.07 28.57 -51.57
N LYS I 719 -30.47 29.81 -51.26
CA LYS I 719 -30.19 30.43 -49.99
C LYS I 719 -31.41 30.40 -49.09
N GLY I 720 -31.17 30.49 -47.78
CA GLY I 720 -32.26 30.57 -46.84
C GLY I 720 -32.64 32.00 -46.52
N GLU I 721 -33.91 32.18 -46.14
CA GLU I 721 -34.37 33.51 -45.75
C GLU I 721 -33.64 34.01 -44.51
N ASN I 722 -33.49 33.16 -43.50
CA ASN I 722 -32.77 33.57 -42.30
C ASN I 722 -31.68 32.58 -41.91
N GLN I 723 -31.11 31.85 -42.85
CA GLN I 723 -30.07 30.87 -42.57
C GLN I 723 -29.02 30.93 -43.66
N GLY I 724 -27.91 30.24 -43.42
CA GLY I 724 -26.82 30.17 -44.38
C GLY I 724 -27.06 29.15 -45.47
N GLN I 725 -26.05 28.32 -45.73
CA GLN I 725 -26.15 27.27 -46.74
C GLN I 725 -27.38 26.42 -46.50
N THR I 726 -28.06 26.06 -47.59
CA THR I 726 -29.25 25.24 -47.47
C THR I 726 -28.95 23.78 -47.77
N PHE I 727 -27.98 23.52 -48.64
CA PHE I 727 -27.57 22.16 -48.99
C PHE I 727 -26.10 21.95 -48.62
N THR I 728 -25.81 20.78 -48.06
CA THR I 728 -24.44 20.46 -47.68
C THR I 728 -23.57 20.10 -48.87
N CYS I 729 -24.16 19.48 -49.89
CA CYS I 729 -23.42 19.13 -51.09
C CYS I 729 -24.40 18.89 -52.23
N GLY I 730 -23.90 18.35 -53.32
CA GLY I 730 -24.73 18.07 -54.48
C GLY I 730 -24.05 17.12 -55.43
N SER I 731 -24.56 17.09 -56.67
CA SER I 731 -23.92 16.47 -57.82
C SER I 731 -24.72 16.84 -59.05
N ALA I 732 -24.33 16.32 -60.21
CA ALA I 732 -25.05 16.59 -61.45
C ALA I 732 -24.74 15.52 -62.48
N LEU I 733 -25.69 14.62 -62.68
CA LEU I 733 -25.64 13.63 -63.74
C LEU I 733 -25.78 14.34 -65.08
N SER I 734 -24.67 14.44 -65.82
CA SER I 734 -24.66 14.93 -67.20
C SER I 734 -25.49 16.21 -67.36
N PRO I 735 -25.12 17.30 -66.68
CA PRO I 735 -26.04 18.44 -66.55
C PRO I 735 -26.10 19.30 -67.79
N ILE I 736 -27.32 19.70 -68.17
CA ILE I 736 -27.52 20.76 -69.15
C ILE I 736 -27.16 22.09 -68.51
N THR I 737 -26.66 23.03 -69.31
CA THR I 737 -26.31 24.35 -68.81
C THR I 737 -26.93 25.50 -69.59
N ASP I 738 -27.56 25.24 -70.72
CA ASP I 738 -28.22 26.30 -71.45
C ASP I 738 -29.30 25.70 -72.34
N PHE I 739 -30.52 26.20 -72.19
CA PHE I 739 -31.61 25.82 -73.07
C PHE I 739 -31.36 26.23 -74.52
N LYS I 740 -30.45 27.17 -74.76
CA LYS I 740 -30.12 27.53 -76.13
C LYS I 740 -29.46 26.38 -76.86
N LEU I 741 -29.15 25.29 -76.15
CA LEU I 741 -28.53 24.12 -76.73
C LEU I 741 -29.32 22.84 -76.46
N TYR I 742 -30.65 22.89 -76.51
CA TYR I 742 -31.52 21.76 -76.17
C TYR I 742 -32.54 21.51 -77.28
N ALA I 743 -33.21 20.36 -77.18
CA ALA I 743 -34.38 20.07 -78.01
C ALA I 743 -35.33 21.25 -78.02
N SER I 744 -35.45 21.87 -79.19
CA SER I 744 -36.19 23.12 -79.30
C SER I 744 -37.64 22.96 -78.83
N ALA I 745 -38.20 21.76 -79.00
CA ALA I 745 -39.60 21.54 -78.66
C ALA I 745 -39.89 21.83 -77.19
N PHE I 746 -39.30 21.05 -76.28
CA PHE I 746 -39.55 21.21 -74.85
C PHE I 746 -39.01 22.54 -74.35
N SER I 747 -37.93 23.04 -74.94
CA SER I 747 -37.37 24.31 -74.54
C SER I 747 -38.31 25.46 -74.88
N GLU I 748 -38.78 25.50 -76.13
CA GLU I 748 -39.60 26.62 -76.57
C GLU I 748 -41.04 26.47 -76.12
N ARG I 749 -41.36 25.38 -75.43
CA ARG I 749 -42.70 25.26 -74.87
C ARG I 749 -42.87 26.17 -73.66
N TYR I 750 -41.99 26.03 -72.68
CA TYR I 750 -42.02 26.82 -71.45
C TYR I 750 -41.35 28.18 -71.60
N LEU I 751 -40.37 28.28 -72.50
CA LEU I 751 -39.58 29.49 -72.65
C LEU I 751 -39.81 30.21 -73.98
N GLY I 752 -40.76 29.74 -74.79
CA GLY I 752 -41.03 30.36 -76.06
C GLY I 752 -39.95 30.08 -77.09
N LEU I 753 -40.28 30.37 -78.34
CA LEU I 753 -39.34 30.18 -79.43
C LEU I 753 -38.14 31.10 -79.24
N HIS I 754 -36.98 30.49 -78.97
CA HIS I 754 -35.78 31.27 -78.72
C HIS I 754 -35.44 32.14 -79.92
N GLY I 755 -34.93 33.34 -79.65
CA GLY I 755 -34.65 34.34 -80.65
C GLY I 755 -35.57 35.53 -80.59
N LEU I 756 -36.80 35.33 -80.16
CA LEU I 756 -37.76 36.42 -80.02
C LEU I 756 -37.73 37.03 -78.62
N ASP I 757 -37.83 36.19 -77.59
CA ASP I 757 -37.80 36.64 -76.20
C ASP I 757 -36.95 35.64 -75.41
N ASN I 758 -35.67 35.93 -75.31
CA ASN I 758 -34.73 35.02 -74.65
C ASN I 758 -34.31 35.50 -73.27
N ARG I 759 -34.99 36.50 -72.70
CA ARG I 759 -34.68 36.90 -71.34
C ARG I 759 -34.77 35.72 -70.38
N ALA I 760 -35.84 34.93 -70.50
CA ALA I 760 -35.93 33.67 -69.76
C ALA I 760 -34.77 32.76 -70.15
N TYR I 761 -34.52 32.61 -71.45
CA TYR I 761 -33.34 31.87 -71.88
C TYR I 761 -32.08 32.43 -71.26
N GLU I 762 -31.98 33.76 -71.15
CA GLU I 762 -30.87 34.34 -70.44
C GLU I 762 -30.96 34.06 -68.94
N MET I 763 -32.14 34.29 -68.36
CA MET I 763 -32.30 34.10 -66.92
C MET I 763 -32.21 32.62 -66.54
N THR I 764 -32.32 31.71 -67.50
CA THR I 764 -32.15 30.29 -67.21
C THR I 764 -30.71 29.84 -67.35
N LYS I 765 -29.79 30.74 -67.66
CA LYS I 765 -28.39 30.36 -67.71
C LYS I 765 -27.83 30.21 -66.31
N LEU I 766 -27.07 29.13 -66.11
CA LEU I 766 -26.50 28.85 -64.80
C LEU I 766 -25.62 29.99 -64.29
N ALA I 767 -25.03 30.77 -65.21
CA ALA I 767 -24.18 31.89 -64.81
C ALA I 767 -24.86 32.75 -63.76
N HIS I 768 -26.15 33.03 -63.95
CA HIS I 768 -26.89 33.78 -62.94
C HIS I 768 -26.94 33.04 -61.61
N ARG I 769 -27.00 31.70 -61.64
CA ARG I 769 -27.22 30.95 -60.44
C ARG I 769 -25.98 30.20 -59.96
N VAL I 770 -25.10 29.78 -60.87
CA VAL I 770 -23.89 29.09 -60.45
C VAL I 770 -23.02 30.00 -59.59
N SER I 771 -23.19 31.33 -59.71
CA SER I 771 -22.36 32.27 -58.96
C SER I 771 -22.45 32.06 -57.46
N ALA I 772 -23.64 31.92 -56.91
CA ALA I 772 -23.84 31.88 -55.47
C ALA I 772 -23.29 30.62 -54.82
N LEU I 773 -22.69 29.72 -55.58
CA LEU I 773 -22.04 28.56 -54.99
C LEU I 773 -20.82 28.99 -54.19
N GLU I 774 -20.80 28.64 -52.92
CA GLU I 774 -19.79 29.15 -52.01
C GLU I 774 -18.89 28.05 -51.44
N ASP I 775 -19.48 27.05 -50.81
CA ASP I 775 -18.71 25.95 -50.24
C ASP I 775 -19.36 24.59 -50.40
N GLN I 776 -20.55 24.53 -51.02
CA GLN I 776 -21.20 23.25 -51.25
C GLN I 776 -20.31 22.35 -52.09
N GLN I 777 -19.99 21.16 -51.58
CA GLN I 777 -19.15 20.23 -52.30
C GLN I 777 -19.83 19.80 -53.59
N PHE I 778 -19.11 19.85 -54.70
CA PHE I 778 -19.66 19.54 -56.02
C PHE I 778 -18.84 18.42 -56.64
N LEU I 779 -19.52 17.47 -57.27
CA LEU I 779 -18.88 16.47 -58.09
C LEU I 779 -19.75 16.27 -59.33
N ILE I 780 -19.24 16.70 -60.49
CA ILE I 780 -20.05 16.81 -61.70
C ILE I 780 -19.92 15.52 -62.50
N ILE I 781 -21.05 14.86 -62.73
CA ILE I 781 -21.13 13.59 -63.45
C ILE I 781 -21.22 13.89 -64.94
N HIS I 782 -20.12 13.75 -65.64
CA HIS I 782 -20.21 13.84 -67.09
C HIS I 782 -19.14 12.99 -67.73
N ALA I 783 -19.57 12.04 -68.56
CA ALA I 783 -18.66 11.28 -69.38
C ALA I 783 -18.50 11.96 -70.73
N THR I 784 -17.46 11.58 -71.47
CA THR I 784 -16.96 12.45 -72.52
C THR I 784 -17.82 12.48 -73.78
N ALA I 785 -18.17 11.33 -74.36
CA ALA I 785 -18.78 11.30 -75.68
C ALA I 785 -20.29 11.34 -75.62
N ASP I 786 -20.86 12.03 -74.63
CA ASP I 786 -22.31 12.13 -74.51
C ASP I 786 -22.93 12.50 -75.85
N GLU I 787 -23.80 11.64 -76.37
CA GLU I 787 -24.48 11.97 -77.63
C GLU I 787 -25.46 13.12 -77.45
N LYS I 788 -26.13 13.22 -76.32
CA LYS I 788 -27.27 14.10 -76.17
C LYS I 788 -26.89 15.41 -75.49
N ILE I 789 -26.16 15.32 -74.37
CA ILE I 789 -25.77 16.50 -73.60
C ILE I 789 -24.25 16.54 -73.52
N HIS I 790 -23.62 17.22 -74.48
CA HIS I 790 -22.24 16.96 -74.85
C HIS I 790 -21.29 17.38 -73.73
N PHE I 791 -20.00 17.07 -73.90
CA PHE I 791 -19.02 17.52 -72.93
C PHE I 791 -18.94 19.03 -72.89
N GLN I 792 -19.05 19.69 -74.04
CA GLN I 792 -19.17 21.14 -74.08
C GLN I 792 -20.08 21.66 -73.00
N HIS I 793 -21.23 21.02 -72.79
CA HIS I 793 -22.18 21.49 -71.79
C HIS I 793 -21.60 21.45 -70.39
N THR I 794 -20.51 20.70 -70.20
CA THR I 794 -19.87 20.68 -68.90
C THR I 794 -18.71 21.65 -68.82
N ALA I 795 -17.77 21.58 -69.78
CA ALA I 795 -16.66 22.52 -69.78
C ALA I 795 -17.15 23.95 -69.84
N GLU I 796 -18.30 24.18 -70.47
CA GLU I 796 -18.95 25.48 -70.37
C GLU I 796 -19.24 25.85 -68.92
N LEU I 797 -19.22 24.88 -68.01
CA LEU I 797 -19.51 25.20 -66.61
C LEU I 797 -18.24 25.39 -65.80
N ILE I 798 -17.23 24.55 -66.00
CA ILE I 798 -15.99 24.73 -65.27
C ILE I 798 -15.43 26.13 -65.50
N THR I 799 -15.75 26.74 -66.64
CA THR I 799 -15.58 28.18 -66.75
C THR I 799 -16.31 28.90 -65.63
N GLN I 800 -17.62 28.65 -65.50
CA GLN I 800 -18.42 29.35 -64.51
C GLN I 800 -17.99 29.00 -63.09
N LEU I 801 -17.67 27.74 -62.82
CA LEU I 801 -17.20 27.37 -61.49
C LEU I 801 -15.92 28.11 -61.14
N ILE I 802 -14.90 27.98 -61.99
CA ILE I 802 -13.60 28.52 -61.65
C ILE I 802 -13.63 30.03 -61.61
N LYS I 803 -14.54 30.65 -62.38
CA LYS I 803 -14.79 32.07 -62.18
C LYS I 803 -15.34 32.34 -60.79
N GLY I 804 -16.30 31.54 -60.35
CA GLY I 804 -16.83 31.63 -59.01
C GLY I 804 -15.97 31.04 -57.93
N LYS I 805 -14.87 30.37 -58.31
CA LYS I 805 -13.83 29.91 -57.39
C LYS I 805 -14.34 28.84 -56.42
N ALA I 806 -15.43 28.16 -56.76
CA ALA I 806 -15.97 27.13 -55.88
C ALA I 806 -15.06 25.91 -55.88
N ASN I 807 -15.35 24.98 -54.99
CA ASN I 807 -14.59 23.73 -54.93
C ASN I 807 -15.32 22.66 -55.74
N TYR I 808 -14.56 21.72 -56.33
CA TYR I 808 -15.18 20.62 -57.03
C TYR I 808 -14.16 19.50 -57.21
N SER I 809 -14.67 18.31 -57.52
CA SER I 809 -13.90 17.24 -58.12
C SER I 809 -14.57 16.92 -59.45
N LEU I 810 -14.13 15.87 -60.12
CA LEU I 810 -14.62 15.64 -61.48
C LEU I 810 -15.00 14.18 -61.69
N GLN I 811 -16.18 13.98 -62.29
CA GLN I 811 -16.77 12.67 -62.58
C GLN I 811 -16.85 12.52 -64.10
N ILE I 812 -15.76 12.07 -64.73
CA ILE I 812 -15.80 11.89 -66.19
C ILE I 812 -15.44 10.46 -66.54
N TYR I 813 -16.10 9.97 -67.58
CA TYR I 813 -15.75 8.70 -68.22
C TYR I 813 -15.45 8.95 -69.69
N PRO I 814 -14.35 8.42 -70.21
CA PRO I 814 -14.01 8.67 -71.62
C PRO I 814 -14.86 7.84 -72.57
N ASP I 815 -15.85 8.50 -73.17
CA ASP I 815 -16.76 7.97 -74.18
C ASP I 815 -17.56 6.75 -73.72
N GLU I 816 -18.35 6.89 -72.68
CA GLU I 816 -19.58 6.15 -72.56
C GLU I 816 -20.71 7.07 -73.00
N SER I 817 -21.56 6.57 -73.89
CA SER I 817 -22.57 7.43 -74.46
C SER I 817 -23.54 7.93 -73.39
N HIS I 818 -24.46 8.78 -73.82
CA HIS I 818 -25.34 9.44 -72.87
C HIS I 818 -26.18 8.46 -72.08
N TYR I 819 -26.51 7.32 -72.67
CA TYR I 819 -27.38 6.34 -72.05
C TYR I 819 -26.68 5.43 -71.04
N PHE I 820 -25.38 5.58 -70.86
CA PHE I 820 -24.64 4.86 -69.83
C PHE I 820 -24.94 3.37 -69.90
N HIS I 821 -24.63 2.77 -71.05
CA HIS I 821 -25.17 1.44 -71.35
C HIS I 821 -24.55 0.33 -70.53
N SER I 822 -23.25 0.05 -70.69
CA SER I 822 -22.64 -1.12 -70.10
C SER I 822 -22.73 -1.06 -68.57
N VAL I 823 -23.05 -2.20 -67.96
CA VAL I 823 -23.32 -2.22 -66.52
C VAL I 823 -22.05 -1.96 -65.73
N ALA I 824 -20.89 -2.40 -66.26
CA ALA I 824 -19.63 -2.27 -65.53
C ALA I 824 -19.42 -0.84 -65.05
N LEU I 825 -19.99 0.13 -65.76
CA LEU I 825 -20.02 1.50 -65.25
C LEU I 825 -21.22 1.68 -64.33
N LYS I 826 -22.37 1.14 -64.71
CA LYS I 826 -23.62 1.41 -63.99
C LYS I 826 -23.46 1.18 -62.50
N GLN I 827 -22.76 0.11 -62.12
CA GLN I 827 -22.44 -0.07 -60.71
C GLN I 827 -21.34 0.89 -60.27
N HIS I 828 -20.30 1.02 -61.08
CA HIS I 828 -19.20 1.92 -60.77
C HIS I 828 -19.66 3.36 -60.76
N LEU I 829 -20.66 3.69 -61.58
CA LEU I 829 -21.28 5.00 -61.50
C LEU I 829 -21.90 5.24 -60.14
N SER I 830 -22.73 4.29 -59.67
CA SER I 830 -23.34 4.46 -58.36
C SER I 830 -22.33 4.22 -57.25
N ARG I 831 -21.52 3.16 -57.38
CA ARG I 831 -20.47 2.90 -56.37
C ARG I 831 -19.65 4.15 -56.10
N SER I 832 -19.47 4.99 -57.11
CA SER I 832 -18.85 6.28 -56.89
C SER I 832 -19.83 7.27 -56.30
N ILE I 833 -21.06 7.28 -56.82
CA ILE I 833 -22.08 8.20 -56.33
C ILE I 833 -22.30 8.01 -54.84
N ILE I 834 -22.32 6.77 -54.38
CA ILE I 834 -22.46 6.52 -52.95
C ILE I 834 -21.16 6.84 -52.23
N GLY I 835 -20.03 6.34 -52.75
CA GLY I 835 -18.74 6.59 -52.13
C GLY I 835 -18.48 8.06 -51.90
N PHE I 836 -19.16 8.92 -52.67
CA PHE I 836 -19.12 10.34 -52.38
C PHE I 836 -20.20 10.73 -51.38
N PHE I 837 -21.45 10.36 -51.67
CA PHE I 837 -22.55 10.77 -50.80
C PHE I 837 -22.35 10.30 -49.37
N VAL I 838 -21.65 9.17 -49.18
CA VAL I 838 -21.40 8.71 -47.82
C VAL I 838 -20.52 9.70 -47.06
N GLU I 839 -19.51 10.25 -47.75
CA GLU I 839 -18.58 11.15 -47.08
C GLU I 839 -19.18 12.54 -46.92
N CYS I 840 -20.19 12.87 -47.73
CA CYS I 840 -20.90 14.13 -47.49
C CYS I 840 -21.90 14.00 -46.35
N PHE I 841 -22.49 12.82 -46.20
CA PHE I 841 -23.47 12.61 -45.13
C PHE I 841 -22.84 12.14 -43.83
N ARG I 842 -21.58 12.46 -43.59
CA ARG I 842 -20.96 12.18 -42.30
C ARG I 842 -20.79 13.49 -41.53
N VAL I 843 -21.02 13.43 -40.23
CA VAL I 843 -20.96 14.62 -39.37
C VAL I 843 -19.51 15.05 -39.18
N GLN I 844 -19.27 16.36 -39.26
CA GLN I 844 -17.92 16.90 -39.13
C GLN I 844 -17.71 17.45 -37.72
N ASP I 845 -16.47 17.44 -37.26
CA ASP I 845 -16.11 18.00 -35.95
C ASP I 845 -15.91 19.51 -36.00
N TRP J 87 34.93 18.83 18.30
CA TRP J 87 33.53 19.04 18.66
C TRP J 87 32.85 19.92 17.62
N LYS J 88 32.74 21.22 17.93
CA LYS J 88 32.12 22.15 17.00
C LYS J 88 32.98 22.36 15.77
N GLY J 89 34.31 22.24 15.91
CA GLY J 89 35.17 22.29 14.75
C GLY J 89 34.86 21.20 13.75
N ILE J 90 34.43 20.03 14.25
CA ILE J 90 33.92 19.00 13.35
C ILE J 90 32.69 19.51 12.61
N ALA J 91 31.79 20.18 13.34
CA ALA J 91 30.63 20.78 12.69
C ALA J 91 31.04 21.88 11.72
N ILE J 92 32.17 22.53 11.99
CA ILE J 92 32.67 23.55 11.07
C ILE J 92 33.08 22.91 9.75
N ALA J 93 33.78 21.77 9.82
CA ALA J 93 34.21 21.07 8.62
C ALA J 93 33.02 20.72 7.72
N LEU J 94 31.86 20.44 8.33
CA LEU J 94 30.66 20.15 7.56
C LEU J 94 30.30 21.30 6.64
N LEU J 95 30.12 22.49 7.21
CA LEU J 95 29.63 23.64 6.45
C LEU J 95 30.43 23.86 5.18
N VAL J 96 31.67 23.38 5.14
CA VAL J 96 32.50 23.53 3.95
C VAL J 96 31.84 22.84 2.76
N ILE J 97 31.68 21.52 2.83
CA ILE J 97 31.31 20.76 1.65
C ILE J 97 29.85 21.02 1.27
N LEU J 98 29.06 21.53 2.21
CA LEU J 98 27.67 21.83 1.90
C LEU J 98 27.56 22.88 0.82
N VAL J 99 28.16 24.05 1.04
CA VAL J 99 27.91 25.20 0.19
C VAL J 99 28.53 25.02 -1.19
N ILE J 100 29.55 24.16 -1.30
CA ILE J 100 30.22 23.98 -2.58
C ILE J 100 29.25 23.40 -3.61
N CYS J 101 28.41 22.45 -3.18
CA CYS J 101 27.42 21.91 -4.08
C CYS J 101 26.30 22.91 -4.33
N SER J 102 26.08 23.83 -3.39
CA SER J 102 25.12 24.90 -3.62
C SER J 102 25.52 25.76 -4.81
N LEU J 103 26.81 26.09 -4.90
CA LEU J 103 27.28 26.80 -6.09
C LEU J 103 27.28 25.90 -7.31
N ILE J 104 27.50 24.59 -7.12
CA ILE J 104 27.39 23.65 -8.23
C ILE J 104 25.99 23.69 -8.81
N VAL J 105 24.97 23.68 -7.94
CA VAL J 105 23.61 23.92 -8.39
C VAL J 105 23.52 25.29 -9.05
N THR J 106 24.06 26.31 -8.38
CA THR J 106 24.13 27.63 -8.98
C THR J 106 24.93 27.59 -10.28
N SER J 107 25.90 26.68 -10.38
CA SER J 107 26.69 26.55 -11.60
C SER J 107 25.83 26.07 -12.75
N VAL J 108 25.14 24.94 -12.56
CA VAL J 108 24.35 24.39 -13.66
C VAL J 108 23.20 25.32 -14.02
N ILE J 109 22.84 26.26 -13.14
CA ILE J 109 21.89 27.29 -13.52
C ILE J 109 22.40 28.07 -14.72
N LEU J 110 23.72 28.27 -14.80
CA LEU J 110 24.30 28.83 -16.01
C LEU J 110 24.08 27.92 -17.20
N LEU J 111 24.08 26.60 -16.99
CA LEU J 111 23.87 25.66 -18.07
C LEU J 111 22.43 25.59 -18.54
N THR J 112 21.57 26.48 -18.05
CA THR J 112 20.20 26.58 -18.55
C THR J 112 20.19 27.03 -20.01
N LYS J 123 3.37 38.16 -40.60
CA LYS J 123 2.20 37.42 -41.05
C LYS J 123 2.60 36.18 -41.83
N LYS J 124 1.63 35.30 -42.04
CA LYS J 124 1.84 34.12 -42.87
C LYS J 124 1.76 34.50 -44.34
N VAL J 125 2.67 33.94 -45.13
CA VAL J 125 2.65 34.21 -46.56
C VAL J 125 1.52 33.43 -47.20
N THR J 126 0.69 34.12 -47.97
CA THR J 126 -0.50 33.54 -48.57
C THR J 126 -0.40 33.58 -50.09
N VAL J 127 -1.51 33.23 -50.73
CA VAL J 127 -1.55 33.21 -52.19
C VAL J 127 -1.53 34.63 -52.75
N GLU J 128 -2.42 35.51 -52.27
CA GLU J 128 -2.45 36.89 -52.73
C GLU J 128 -1.10 37.55 -52.48
N ASP J 129 -0.40 37.11 -51.45
CA ASP J 129 0.96 37.58 -51.20
C ASP J 129 1.85 37.34 -52.40
N LEU J 130 1.95 36.08 -52.84
CA LEU J 130 2.75 35.76 -54.01
C LEU J 130 2.40 36.66 -55.19
N PHE J 131 1.14 37.01 -55.35
CA PHE J 131 0.67 37.80 -56.48
C PHE J 131 0.35 39.24 -56.11
N SER J 132 0.92 39.76 -55.03
CA SER J 132 0.83 41.19 -54.77
C SER J 132 2.01 41.91 -55.38
N GLU J 133 1.72 43.02 -56.06
CA GLU J 133 2.75 43.81 -56.71
C GLU J 133 3.88 44.18 -55.75
N ASP J 134 3.62 44.15 -54.44
CA ASP J 134 4.68 44.38 -53.47
C ASP J 134 5.74 43.29 -53.54
N PHE J 135 5.43 42.15 -54.14
CA PHE J 135 6.40 41.09 -54.31
C PHE J 135 7.03 41.07 -55.70
N LYS J 136 6.79 42.10 -56.50
CA LYS J 136 7.22 42.10 -57.89
C LYS J 136 8.74 42.19 -57.97
N ILE J 137 9.39 41.04 -58.08
CA ILE J 137 10.83 41.03 -58.32
C ILE J 137 11.09 41.60 -59.70
N HIS J 138 11.63 42.82 -59.73
CA HIS J 138 11.65 43.62 -60.96
C HIS J 138 13.03 43.51 -61.61
N ASP J 139 13.11 43.92 -62.87
CA ASP J 139 14.37 43.94 -63.59
C ASP J 139 14.25 44.95 -64.72
N PRO J 140 15.35 45.58 -65.16
CA PRO J 140 15.22 46.68 -66.12
C PRO J 140 15.21 46.27 -67.60
N GLU J 141 15.09 44.99 -67.92
CA GLU J 141 14.93 44.52 -69.30
C GLU J 141 16.03 45.06 -70.23
N ALA J 142 17.26 44.61 -70.03
CA ALA J 142 18.34 45.13 -70.87
C ALA J 142 18.65 44.18 -72.02
N LYS J 143 19.14 44.75 -73.11
CA LYS J 143 19.63 44.01 -74.27
C LYS J 143 20.63 44.91 -74.98
N TRP J 144 21.77 44.33 -75.40
CA TRP J 144 22.86 45.17 -75.87
C TRP J 144 22.79 45.39 -77.38
N ILE J 145 22.59 46.65 -77.77
CA ILE J 145 22.61 47.06 -79.17
C ILE J 145 24.00 47.55 -79.60
N SER J 146 24.71 48.27 -78.74
CA SER J 146 25.97 48.92 -79.08
C SER J 146 27.06 48.35 -78.19
N ASN J 147 28.26 48.92 -78.29
CA ASN J 147 29.43 48.33 -77.66
C ASN J 147 29.46 48.54 -76.16
N LYS J 148 28.87 49.64 -75.67
CA LYS J 148 29.01 50.04 -74.29
C LYS J 148 27.73 50.56 -73.65
N GLU J 149 26.65 50.75 -74.43
CA GLU J 149 25.39 51.28 -73.90
C GLU J 149 24.44 50.15 -73.60
N PHE J 150 23.82 50.20 -72.42
CA PHE J 150 22.79 49.23 -72.03
C PHE J 150 21.54 49.96 -71.58
N ILE J 151 20.42 49.54 -72.14
CA ILE J 151 19.11 50.07 -71.78
C ILE J 151 18.79 49.62 -70.38
N TYR J 152 17.81 50.27 -69.75
CA TYR J 152 17.29 49.79 -68.48
C TYR J 152 16.01 50.51 -68.15
N ARG J 153 15.00 49.74 -67.74
CA ARG J 153 13.67 50.27 -67.50
C ARG J 153 13.64 51.00 -66.17
N GLU J 154 12.91 52.10 -66.13
CA GLU J 154 12.62 52.68 -64.83
C GLU J 154 11.37 52.04 -64.24
N ARG J 155 11.25 52.13 -62.92
CA ARG J 155 10.10 51.56 -62.23
C ARG J 155 8.81 52.29 -62.60
N LYS J 156 8.92 53.46 -63.24
CA LYS J 156 7.74 54.23 -63.65
C LYS J 156 7.53 54.25 -65.15
N GLY J 157 7.93 53.20 -65.87
CA GLY J 157 7.66 53.08 -67.28
C GLY J 157 8.60 53.84 -68.18
N SER J 158 9.24 54.89 -67.68
CA SER J 158 10.17 55.65 -68.51
C SER J 158 11.42 54.84 -68.76
N VAL J 159 11.53 54.32 -69.98
CA VAL J 159 12.65 53.47 -70.38
C VAL J 159 13.89 54.34 -70.42
N ILE J 160 15.01 53.82 -69.92
CA ILE J 160 16.26 54.57 -69.85
C ILE J 160 17.39 53.74 -70.44
N LEU J 161 18.26 54.40 -71.19
CA LEU J 161 19.44 53.77 -71.76
C LEU J 161 20.67 54.24 -71.00
N ARG J 162 21.50 53.30 -70.57
CA ARG J 162 22.70 53.60 -69.80
C ARG J 162 23.93 53.04 -70.50
N ASN J 163 24.87 53.91 -70.84
CA ASN J 163 26.20 53.49 -71.26
C ASN J 163 26.94 53.01 -70.03
N VAL J 164 27.86 52.07 -70.22
CA VAL J 164 28.59 51.56 -69.05
C VAL J 164 29.57 52.60 -68.54
N GLU J 165 30.51 53.04 -69.37
CA GLU J 165 31.51 54.00 -68.92
C GLU J 165 30.88 55.32 -68.49
N THR J 166 30.21 56.00 -69.42
CA THR J 166 29.65 57.32 -69.13
C THR J 166 28.47 57.26 -68.18
N ASN J 167 27.85 56.09 -68.02
CA ASN J 167 26.74 55.89 -67.09
C ASN J 167 25.57 56.82 -67.37
N ASN J 168 25.52 57.38 -68.58
CA ASN J 168 24.49 58.36 -68.93
C ASN J 168 23.12 57.71 -69.01
N SER J 169 22.11 58.41 -68.54
CA SER J 169 20.75 57.90 -68.46
C SER J 169 19.83 58.79 -69.29
N THR J 170 19.18 58.21 -70.29
CA THR J 170 18.46 58.99 -71.30
C THR J 170 16.99 58.62 -71.29
N VAL J 171 16.13 59.63 -71.31
CA VAL J 171 14.69 59.41 -71.47
C VAL J 171 14.29 59.76 -72.89
N LEU J 172 14.34 58.78 -73.79
CA LEU J 172 13.65 58.92 -75.06
C LEU J 172 12.23 58.39 -74.98
N ILE J 173 11.96 57.54 -74.01
CA ILE J 173 10.67 56.90 -73.84
C ILE J 173 10.12 57.25 -72.46
N GLU J 174 9.06 58.04 -72.44
CA GLU J 174 8.43 58.43 -71.19
C GLU J 174 7.54 57.31 -70.67
N GLY J 175 7.19 57.38 -69.39
CA GLY J 175 6.34 56.36 -68.81
C GLY J 175 4.94 56.31 -69.39
N LYS J 176 4.62 57.24 -70.28
CA LYS J 176 3.24 57.37 -70.74
C LYS J 176 2.99 56.61 -72.04
N LYS J 177 3.90 56.73 -73.01
CA LYS J 177 3.63 56.20 -74.35
C LYS J 177 3.42 54.68 -74.32
N ILE J 178 3.99 54.00 -73.33
CA ILE J 178 3.73 52.58 -73.16
C ILE J 178 2.27 52.36 -72.78
N GLU J 179 1.68 53.30 -72.04
CA GLU J 179 0.29 53.14 -71.60
C GLU J 179 -0.69 53.47 -72.72
N SER J 180 -0.57 54.67 -73.30
CA SER J 180 -1.52 55.09 -74.32
C SER J 180 -1.51 54.13 -75.51
N LEU J 181 -0.37 53.51 -75.78
CA LEU J 181 -0.28 52.48 -76.80
C LEU J 181 -0.52 51.08 -76.25
N ARG J 182 -0.58 50.92 -74.92
CA ARG J 182 -0.83 49.63 -74.27
C ARG J 182 0.24 48.60 -74.62
N ALA J 183 1.31 49.06 -75.27
CA ALA J 183 2.29 48.15 -75.84
C ALA J 183 3.18 47.57 -74.75
N ILE J 184 3.75 46.40 -75.03
CA ILE J 184 4.74 45.80 -74.15
C ILE J 184 6.07 45.58 -74.86
N ARG J 185 6.03 45.23 -76.15
CA ARG J 185 7.21 45.15 -76.97
C ARG J 185 7.58 46.53 -77.50
N TYR J 186 8.82 46.91 -77.25
CA TYR J 186 9.46 47.96 -78.02
C TYR J 186 10.72 47.37 -78.66
N GLU J 187 10.66 47.19 -79.98
CA GLU J 187 11.80 46.63 -80.68
C GLU J 187 12.39 47.74 -81.54
N ILE J 188 13.33 48.45 -80.95
CA ILE J 188 14.03 49.52 -81.63
C ILE J 188 15.04 48.88 -82.57
N SER J 189 15.00 49.30 -83.83
CA SER J 189 16.08 48.95 -84.73
C SER J 189 17.40 49.44 -84.12
N PRO J 190 18.47 48.65 -84.26
CA PRO J 190 19.75 49.02 -83.62
C PRO J 190 20.21 50.45 -83.87
N ASP J 191 19.58 51.15 -84.82
CA ASP J 191 19.94 52.51 -85.19
C ASP J 191 19.46 53.56 -84.19
N LYS J 192 18.57 53.20 -83.27
CA LYS J 192 17.96 54.14 -82.32
C LYS J 192 17.20 55.27 -83.02
N GLU J 193 16.72 55.02 -84.24
CA GLU J 193 15.94 56.03 -84.96
C GLU J 193 14.45 55.93 -84.71
N TYR J 194 13.93 54.72 -84.56
CA TYR J 194 12.50 54.49 -84.50
C TYR J 194 12.18 53.53 -83.36
N VAL J 195 10.89 53.41 -83.10
CA VAL J 195 10.39 52.49 -82.09
C VAL J 195 9.26 51.65 -82.71
N LEU J 196 9.49 50.36 -82.79
CA LEU J 196 8.44 49.39 -83.10
C LEU J 196 7.63 49.18 -81.84
N PHE J 197 6.31 49.09 -81.99
CA PHE J 197 5.42 48.89 -80.86
C PHE J 197 4.53 47.68 -81.11
N SER J 198 3.89 47.21 -80.04
CA SER J 198 3.13 45.97 -80.07
C SER J 198 2.03 46.00 -79.02
N TYR J 199 0.79 46.21 -79.48
CA TYR J 199 -0.36 46.26 -78.60
C TYR J 199 -1.34 45.16 -79.01
N ASN J 200 -2.21 44.79 -78.07
CA ASN J 200 -3.08 43.62 -78.20
C ASN J 200 -2.24 42.39 -78.49
N VAL J 201 -1.20 42.21 -77.68
CA VAL J 201 -0.27 41.10 -77.87
C VAL J 201 -0.71 39.93 -77.02
N GLU J 202 -1.12 38.84 -77.68
CA GLU J 202 -1.52 37.62 -76.99
C GLU J 202 -0.61 36.47 -77.38
N PRO J 203 0.52 36.29 -76.70
CA PRO J 203 1.43 35.20 -77.02
C PRO J 203 0.73 33.86 -76.98
N VAL J 204 0.67 33.22 -78.14
CA VAL J 204 0.00 31.94 -78.30
C VAL J 204 0.79 30.81 -77.67
N TYR J 205 2.10 31.00 -77.52
CA TYR J 205 2.95 29.92 -77.03
C TYR J 205 3.78 30.40 -75.85
N GLN J 206 4.77 29.61 -75.48
CA GLN J 206 5.79 30.09 -74.55
C GLN J 206 6.39 31.41 -75.00
N HIS J 207 7.04 31.42 -76.16
CA HIS J 207 7.78 32.58 -76.61
C HIS J 207 7.09 33.39 -77.70
N SER J 208 6.03 32.88 -78.31
CA SER J 208 5.43 33.59 -79.44
C SER J 208 4.70 34.84 -79.00
N HIS J 209 4.07 35.49 -79.96
CA HIS J 209 3.15 36.59 -79.70
C HIS J 209 2.51 36.98 -81.02
N THR J 210 1.34 37.59 -80.93
CA THR J 210 0.63 38.09 -82.09
C THR J 210 -0.19 39.33 -81.71
N GLY J 211 -0.09 40.35 -82.54
CA GLY J 211 -0.86 41.56 -82.29
C GLY J 211 -0.71 42.57 -83.40
N TYR J 212 -1.49 43.64 -83.29
CA TYR J 212 -1.31 44.81 -84.14
C TYR J 212 -0.12 45.63 -83.65
N TYR J 213 0.78 45.94 -84.58
CA TYR J 213 2.04 46.59 -84.24
C TYR J 213 2.19 47.90 -84.99
N VAL J 214 2.91 48.83 -84.36
CA VAL J 214 3.06 50.20 -84.87
C VAL J 214 4.53 50.58 -84.90
N LEU J 215 4.96 51.17 -86.01
CA LEU J 215 6.28 51.80 -86.11
C LEU J 215 6.14 53.28 -85.80
N SER J 216 6.74 53.71 -84.69
CA SER J 216 6.75 55.12 -84.35
C SER J 216 8.20 55.58 -84.28
N LYS J 217 8.39 56.88 -84.08
CA LYS J 217 9.71 57.48 -84.23
C LYS J 217 10.32 57.78 -82.87
N ILE J 218 11.66 57.79 -82.84
CA ILE J 218 12.39 58.13 -81.62
C ILE J 218 12.67 59.62 -81.62
N PRO J 219 12.31 60.34 -80.55
CA PRO J 219 11.55 59.78 -79.43
C PRO J 219 10.04 59.96 -79.61
N HIS J 220 9.62 60.59 -80.70
CA HIS J 220 8.21 60.87 -80.94
C HIS J 220 7.89 60.74 -82.42
N GLY J 221 6.72 60.18 -82.70
CA GLY J 221 6.25 60.01 -84.06
C GLY J 221 4.84 59.46 -84.08
N ASP J 222 4.02 59.91 -85.03
CA ASP J 222 2.64 59.47 -85.11
C ASP J 222 2.57 57.94 -85.17
N PRO J 223 1.54 57.34 -84.58
CA PRO J 223 1.44 55.88 -84.58
C PRO J 223 1.18 55.35 -85.99
N GLN J 224 2.22 54.83 -86.61
CA GLN J 224 2.15 54.31 -87.98
C GLN J 224 2.14 52.79 -87.92
N SER J 225 1.02 52.19 -88.34
CA SER J 225 0.92 50.74 -88.35
C SER J 225 1.77 50.16 -89.47
N LEU J 226 2.60 49.19 -89.13
CA LEU J 226 3.36 48.42 -90.10
C LEU J 226 2.41 47.39 -90.70
N ASP J 227 1.95 47.66 -91.91
CA ASP J 227 0.97 46.81 -92.55
C ASP J 227 1.57 46.09 -93.74
N PRO J 228 1.07 44.89 -94.05
CA PRO J 228 1.36 44.30 -95.34
C PRO J 228 0.94 45.25 -96.45
N PRO J 229 1.64 45.25 -97.57
CA PRO J 229 1.24 46.08 -98.70
C PRO J 229 -0.23 45.86 -99.05
N GLU J 230 -0.88 46.94 -99.49
CA GLU J 230 -2.30 47.00 -99.82
C GLU J 230 -3.21 46.67 -98.63
N VAL J 231 -2.66 46.49 -97.44
CA VAL J 231 -3.42 46.10 -96.26
C VAL J 231 -3.40 47.25 -95.26
N SER J 232 -4.47 47.36 -94.46
CA SER J 232 -4.56 48.34 -93.39
C SER J 232 -4.90 47.64 -92.09
N ASN J 233 -4.19 48.01 -91.02
CA ASN J 233 -4.44 47.48 -89.68
C ASN J 233 -4.37 45.96 -89.66
N ALA J 234 -3.16 45.43 -89.83
CA ALA J 234 -2.96 43.99 -89.79
C ALA J 234 -2.03 43.59 -88.66
N LYS J 235 -2.49 42.65 -87.85
CA LYS J 235 -1.62 41.97 -86.90
C LYS J 235 -0.51 41.26 -87.66
N LEU J 236 0.66 41.15 -87.05
CA LEU J 236 1.79 40.51 -87.72
C LEU J 236 2.28 39.31 -86.93
N GLN J 237 2.49 38.20 -87.65
CA GLN J 237 2.94 36.96 -87.02
C GLN J 237 4.25 37.13 -86.27
N TYR J 238 5.01 38.17 -86.59
CA TYR J 238 6.23 38.50 -85.89
C TYR J 238 6.61 39.91 -86.30
N ALA J 239 7.09 40.69 -85.35
CA ALA J 239 7.48 42.06 -85.60
C ALA J 239 8.96 42.21 -85.26
N GLY J 240 9.67 42.91 -86.13
CA GLY J 240 11.08 43.16 -85.90
C GLY J 240 11.75 43.77 -87.10
N TRP J 241 12.62 44.74 -86.83
CA TRP J 241 13.56 45.24 -87.81
C TRP J 241 14.67 44.20 -88.00
N GLY J 242 15.71 44.60 -88.71
CA GLY J 242 16.89 43.79 -88.76
C GLY J 242 17.79 44.06 -87.57
N PRO J 243 18.69 43.10 -87.31
CA PRO J 243 19.71 43.34 -86.28
C PRO J 243 20.70 44.41 -86.66
N LYS J 244 20.49 45.05 -87.82
CA LYS J 244 21.31 46.14 -88.31
C LYS J 244 20.47 47.06 -89.19
N GLY J 245 20.89 48.31 -89.28
CA GLY J 245 20.19 49.24 -90.16
C GLY J 245 18.73 49.33 -89.77
N GLN J 246 17.87 49.59 -90.77
CA GLN J 246 16.42 49.67 -90.55
C GLN J 246 15.61 49.04 -91.68
N GLN J 247 16.14 47.97 -92.26
CA GLN J 247 15.29 47.02 -92.96
C GLN J 247 14.45 46.22 -91.98
N LEU J 248 13.26 45.81 -92.40
CA LEU J 248 12.41 45.00 -91.55
C LEU J 248 11.67 43.97 -92.38
N ILE J 249 11.31 42.87 -91.72
CA ILE J 249 10.31 41.93 -92.20
C ILE J 249 9.17 41.89 -91.21
N PHE J 250 8.06 41.32 -91.68
CA PHE J 250 6.89 41.08 -90.84
C PHE J 250 5.98 40.09 -91.55
N ILE J 251 5.77 38.94 -90.91
CA ILE J 251 5.17 37.78 -91.53
C ILE J 251 3.66 37.90 -91.33
N PHE J 252 2.90 37.37 -92.28
CA PHE J 252 1.45 37.39 -92.21
C PHE J 252 0.90 36.30 -93.13
N GLU J 253 -0.07 35.52 -92.62
CA GLU J 253 -0.64 34.38 -93.34
C GLU J 253 0.48 33.45 -93.83
N ASN J 254 1.44 33.23 -92.95
CA ASN J 254 2.61 32.40 -93.18
C ASN J 254 3.47 32.93 -94.32
N ASN J 255 3.27 34.19 -94.69
CA ASN J 255 4.04 34.81 -95.76
C ASN J 255 4.86 35.94 -95.20
N ILE J 256 6.15 35.90 -95.43
CA ILE J 256 7.05 36.88 -94.87
C ILE J 256 7.12 38.09 -95.78
N TYR J 257 6.79 39.26 -95.23
CA TYR J 257 6.92 40.53 -95.95
C TYR J 257 8.30 41.09 -95.68
N TYR J 258 8.66 42.11 -96.43
CA TYR J 258 9.93 42.82 -96.24
C TYR J 258 9.78 44.28 -96.61
N CYS J 259 10.06 45.15 -95.65
CA CYS J 259 10.14 46.59 -95.88
C CYS J 259 11.62 46.96 -95.83
N ALA J 260 12.10 47.62 -96.87
CA ALA J 260 13.52 47.95 -96.93
C ALA J 260 13.90 49.07 -95.97
N HIS J 261 13.09 50.13 -95.89
CA HIS J 261 13.35 51.23 -94.99
C HIS J 261 12.06 51.97 -94.70
N VAL J 262 12.15 52.97 -93.81
CA VAL J 262 10.96 53.65 -93.30
C VAL J 262 10.26 54.38 -94.43
N GLY J 263 8.93 54.32 -94.44
CA GLY J 263 8.12 54.95 -95.46
C GLY J 263 7.87 54.11 -96.68
N LYS J 264 8.54 52.97 -96.82
CA LYS J 264 8.42 52.14 -98.01
C LYS J 264 7.30 51.13 -97.87
N GLN J 265 6.58 50.90 -98.97
CA GLN J 265 5.66 49.77 -99.03
C GLN J 265 6.46 48.48 -98.97
N ALA J 266 5.99 47.55 -98.14
CA ALA J 266 6.76 46.34 -97.89
C ALA J 266 6.79 45.45 -99.12
N ILE J 267 7.50 44.33 -98.99
CA ILE J 267 7.65 43.35 -100.06
C ILE J 267 7.41 41.97 -99.48
N ARG J 268 6.36 41.30 -99.95
CA ARG J 268 6.05 39.97 -99.45
C ARG J 268 7.07 38.99 -100.00
N VAL J 269 8.25 38.95 -99.37
CA VAL J 269 9.38 38.26 -99.97
C VAL J 269 9.21 36.74 -99.95
N VAL J 270 8.35 36.20 -99.10
CA VAL J 270 8.05 34.77 -99.11
C VAL J 270 6.53 34.62 -99.09
N SER J 271 6.02 33.65 -99.84
CA SER J 271 4.58 33.54 -100.06
C SER J 271 4.06 32.11 -100.03
N THR J 272 4.93 31.10 -99.89
CA THR J 272 4.51 29.70 -99.97
C THR J 272 3.78 29.21 -98.72
N GLY J 273 3.78 29.99 -97.65
CA GLY J 273 3.18 29.52 -96.42
C GLY J 273 1.66 29.62 -96.47
N LYS J 274 1.00 28.51 -96.13
CA LYS J 274 -0.46 28.45 -96.10
C LYS J 274 -0.90 28.13 -94.69
N GLU J 275 -1.76 28.96 -94.12
CA GLU J 275 -2.06 28.89 -92.69
C GLU J 275 -2.59 27.53 -92.31
N GLY J 276 -2.21 27.08 -91.12
CA GLY J 276 -2.48 25.73 -90.68
C GLY J 276 -1.36 24.74 -90.89
N VAL J 277 -0.77 24.69 -92.08
CA VAL J 277 0.17 23.63 -92.42
C VAL J 277 1.55 24.17 -92.77
N ILE J 278 1.65 24.87 -93.90
CA ILE J 278 2.94 25.35 -94.40
C ILE J 278 3.11 26.78 -93.95
N TYR J 279 4.28 27.09 -93.43
CA TYR J 279 4.55 28.36 -92.79
C TYR J 279 5.87 28.87 -93.33
N ASN J 280 6.07 30.18 -93.32
CA ASN J 280 7.34 30.79 -93.69
C ASN J 280 7.77 31.71 -92.57
N GLY J 281 9.04 31.62 -92.19
CA GLY J 281 9.45 32.19 -90.94
C GLY J 281 8.72 31.63 -89.74
N LEU J 282 7.90 30.60 -89.92
CA LEU J 282 7.11 30.03 -88.85
C LEU J 282 7.24 28.53 -88.89
N SER J 283 6.75 27.85 -87.85
CA SER J 283 7.05 26.44 -87.72
C SER J 283 5.82 25.61 -87.39
N ASP J 284 5.95 24.29 -87.58
CA ASP J 284 4.82 23.36 -87.60
C ASP J 284 4.67 22.64 -86.26
N TRP J 285 3.76 21.65 -86.21
CA TRP J 285 3.38 21.08 -84.91
C TRP J 285 4.51 20.28 -84.31
N LEU J 286 4.90 19.18 -84.95
CA LEU J 286 5.79 18.23 -84.31
C LEU J 286 7.17 18.83 -84.01
N TYR J 287 7.47 19.99 -84.59
CA TYR J 287 8.75 20.63 -84.30
C TYR J 287 8.61 21.73 -83.25
N GLU J 288 7.81 22.76 -83.55
CA GLU J 288 7.83 23.99 -82.75
C GLU J 288 7.17 23.81 -81.40
N GLU J 289 6.66 22.61 -81.11
CA GLU J 289 6.31 22.31 -79.73
C GLU J 289 6.90 21.00 -79.28
N GLU J 290 7.84 20.46 -80.05
CA GLU J 290 8.70 19.37 -79.61
C GLU J 290 10.15 19.51 -80.04
N ILE J 291 10.52 20.64 -80.67
CA ILE J 291 11.93 20.95 -80.88
C ILE J 291 12.29 22.32 -80.30
N LEU J 292 11.72 23.38 -80.88
CA LEU J 292 12.12 24.73 -80.50
C LEU J 292 11.38 25.26 -79.29
N LYS J 293 10.06 25.08 -79.24
CA LYS J 293 9.21 25.66 -78.20
C LYS J 293 9.14 27.18 -78.32
N SER J 294 9.89 27.73 -79.27
CA SER J 294 9.99 29.17 -79.45
C SER J 294 9.42 29.53 -80.82
N HIS J 295 8.64 30.62 -80.85
CA HIS J 295 8.02 31.11 -82.08
C HIS J 295 8.98 31.23 -83.24
N ILE J 296 10.28 31.37 -82.97
CA ILE J 296 11.18 32.00 -83.91
C ILE J 296 11.55 30.98 -84.98
N ALA J 297 11.71 31.45 -86.21
CA ALA J 297 12.45 30.75 -87.24
C ALA J 297 13.24 31.76 -88.05
N HIS J 298 13.42 32.96 -87.49
CA HIS J 298 14.06 34.05 -88.19
C HIS J 298 14.90 34.90 -87.23
N TRP J 299 16.18 34.53 -87.12
CA TRP J 299 17.21 35.34 -86.48
C TRP J 299 18.21 35.68 -87.58
N TRP J 300 18.37 36.96 -87.89
CA TRP J 300 19.20 37.33 -89.04
C TRP J 300 20.70 37.27 -88.72
N SER J 301 21.50 37.73 -89.67
CA SER J 301 22.94 37.74 -89.56
C SER J 301 23.42 38.88 -88.66
N PRO J 302 24.69 38.86 -88.25
CA PRO J 302 25.27 40.06 -87.63
C PRO J 302 25.25 41.28 -88.54
N ASP J 303 25.03 41.11 -89.83
CA ASP J 303 24.91 42.24 -90.75
C ASP J 303 23.48 42.47 -91.22
N GLY J 304 22.64 41.43 -91.26
CA GLY J 304 21.23 41.57 -91.56
C GLY J 304 20.87 41.64 -93.03
N THR J 305 21.69 41.10 -93.93
CA THR J 305 21.38 41.16 -95.35
C THR J 305 20.50 40.02 -95.82
N ARG J 306 20.17 39.07 -94.95
CA ARG J 306 19.41 37.89 -95.34
C ARG J 306 18.39 37.54 -94.26
N LEU J 307 17.40 36.74 -94.64
CA LEU J 307 16.34 36.30 -93.74
C LEU J 307 16.28 34.79 -93.72
N ALA J 308 16.69 34.21 -92.60
CA ALA J 308 16.52 32.79 -92.36
C ALA J 308 15.07 32.51 -92.01
N TYR J 309 14.51 31.47 -92.61
CA TYR J 309 13.12 31.10 -92.30
C TYR J 309 12.87 29.66 -92.68
N ALA J 310 12.26 28.93 -91.76
CA ALA J 310 11.98 27.52 -91.96
C ALA J 310 10.55 27.34 -92.44
N THR J 311 10.39 26.83 -93.65
CA THR J 311 9.09 26.49 -94.22
C THR J 311 8.80 25.04 -93.91
N ILE J 312 8.19 24.79 -92.76
CA ILE J 312 7.94 23.44 -92.29
C ILE J 312 6.52 23.05 -92.68
N ASN J 313 6.34 21.78 -93.02
CA ASN J 313 5.17 21.32 -93.76
C ASN J 313 4.61 20.06 -93.10
N ASP J 314 3.54 20.24 -92.33
CA ASP J 314 2.79 19.15 -91.73
C ASP J 314 1.74 18.56 -92.67
N SER J 315 1.94 18.68 -94.00
CA SER J 315 0.92 18.21 -94.95
C SER J 315 0.54 16.76 -94.75
N ARG J 316 1.45 15.94 -94.21
CA ARG J 316 1.18 14.56 -93.87
C ARG J 316 0.97 14.36 -92.39
N VAL J 317 1.62 15.17 -91.56
CA VAL J 317 1.31 15.22 -90.12
C VAL J 317 -0.15 15.57 -89.93
N PRO J 318 -0.92 14.75 -89.22
CA PRO J 318 -2.35 15.04 -89.10
C PRO J 318 -2.62 16.24 -88.22
N LEU J 319 -3.91 16.57 -88.10
CA LEU J 319 -4.38 17.73 -87.37
C LEU J 319 -5.12 17.28 -86.12
N MET J 320 -4.69 17.76 -84.96
CA MET J 320 -5.44 17.55 -83.73
C MET J 320 -6.59 18.53 -83.69
N GLU J 321 -7.79 18.04 -83.93
CA GLU J 321 -8.97 18.87 -83.80
C GLU J 321 -9.10 19.12 -82.31
N LEU J 322 -8.16 19.90 -81.76
CA LEU J 322 -8.00 20.02 -80.32
C LEU J 322 -9.22 20.66 -79.68
N PRO J 323 -9.61 20.23 -78.49
CA PRO J 323 -10.85 20.74 -77.88
C PRO J 323 -10.91 22.25 -77.89
N THR J 324 -11.81 22.77 -78.71
CA THR J 324 -12.30 24.12 -78.54
C THR J 324 -13.66 24.01 -77.85
N TYR J 325 -13.63 23.52 -76.61
CA TYR J 325 -14.84 23.18 -75.89
C TYR J 325 -15.78 24.36 -75.69
N THR J 326 -15.39 25.57 -76.01
CA THR J 326 -16.30 26.70 -76.05
C THR J 326 -16.24 27.37 -77.43
N GLY J 327 -16.96 28.47 -77.57
CA GLY J 327 -16.91 29.25 -78.80
C GLY J 327 -18.30 29.54 -79.36
N SER J 328 -18.50 29.23 -80.64
CA SER J 328 -19.70 29.61 -81.35
C SER J 328 -20.93 28.89 -80.81
N VAL J 329 -22.10 29.29 -81.34
CA VAL J 329 -23.36 28.68 -80.91
C VAL J 329 -23.41 27.21 -81.27
N TYR J 330 -22.84 26.84 -82.42
CA TYR J 330 -22.68 25.44 -82.82
C TYR J 330 -21.18 25.18 -82.81
N PRO J 331 -20.54 25.25 -81.64
CA PRO J 331 -19.09 25.23 -81.60
C PRO J 331 -18.56 23.87 -81.98
N THR J 332 -17.26 23.81 -82.14
CA THR J 332 -16.56 22.61 -82.54
C THR J 332 -15.19 22.66 -81.88
N VAL J 333 -14.28 21.86 -82.42
CA VAL J 333 -12.90 21.92 -82.01
C VAL J 333 -12.03 22.52 -83.11
N LYS J 334 -10.95 23.19 -82.71
CA LYS J 334 -10.11 23.88 -83.67
C LYS J 334 -9.16 22.89 -84.28
N PRO J 335 -9.21 22.66 -85.58
CA PRO J 335 -8.23 21.77 -86.21
C PRO J 335 -6.87 22.45 -86.33
N TYR J 336 -5.91 21.93 -85.57
CA TYR J 336 -4.53 22.17 -85.92
C TYR J 336 -3.76 20.91 -85.60
N HIS J 337 -2.50 20.89 -85.98
CA HIS J 337 -1.84 19.65 -86.35
C HIS J 337 -1.67 18.69 -85.17
N TYR J 338 -1.55 17.39 -85.49
CA TYR J 338 -1.12 16.36 -84.57
C TYR J 338 -0.56 15.17 -85.35
N PRO J 339 0.75 14.93 -85.31
CA PRO J 339 1.30 13.64 -85.74
C PRO J 339 1.46 12.75 -84.53
N LYS J 340 1.72 11.46 -84.76
CA LYS J 340 1.74 10.58 -83.62
C LYS J 340 3.06 9.83 -83.50
N ALA J 341 3.18 9.09 -82.40
CA ALA J 341 4.28 8.17 -82.20
C ALA J 341 4.37 7.20 -83.37
N GLY J 342 5.52 7.17 -84.02
CA GLY J 342 5.66 6.45 -85.26
C GLY J 342 5.12 7.16 -86.48
N SER J 343 4.72 8.43 -86.35
CA SER J 343 4.22 9.19 -87.49
C SER J 343 5.23 10.25 -87.94
N GLU J 344 5.09 10.62 -89.21
CA GLU J 344 6.06 11.48 -89.89
C GLU J 344 6.18 12.83 -89.20
N ASN J 345 7.25 13.52 -89.52
CA ASN J 345 7.54 14.87 -89.10
C ASN J 345 7.33 15.83 -90.26
N PRO J 346 7.22 17.13 -89.99
CA PRO J 346 7.11 18.11 -91.08
C PRO J 346 8.46 18.54 -91.64
N SER J 347 8.44 18.95 -92.90
CA SER J 347 9.64 19.26 -93.68
C SER J 347 10.17 20.62 -93.29
N ILE J 348 11.10 20.64 -92.34
CA ILE J 348 11.75 21.86 -91.89
C ILE J 348 12.92 22.15 -92.82
N SER J 349 13.40 23.39 -92.78
CA SER J 349 14.43 23.85 -93.68
C SER J 349 15.05 25.12 -93.12
N LEU J 350 16.20 25.50 -93.66
CA LEU J 350 16.73 26.85 -93.46
C LEU J 350 16.80 27.55 -94.81
N HIS J 351 15.74 28.29 -95.13
CA HIS J 351 15.74 29.15 -96.30
C HIS J 351 16.38 30.46 -95.92
N VAL J 352 17.09 31.05 -96.88
CA VAL J 352 17.84 32.26 -96.65
C VAL J 352 17.62 33.17 -97.85
N ILE J 353 16.69 34.12 -97.72
CA ILE J 353 16.44 35.12 -98.74
C ILE J 353 17.35 36.32 -98.47
N GLY J 354 18.09 36.74 -99.49
CA GLY J 354 18.97 37.89 -99.34
C GLY J 354 18.21 39.18 -99.58
N LEU J 355 17.73 39.79 -98.50
CA LEU J 355 16.74 40.86 -98.57
C LEU J 355 17.30 42.18 -99.07
N ASN J 356 18.52 42.20 -99.61
CA ASN J 356 19.12 43.38 -100.18
C ASN J 356 19.56 43.06 -101.61
N GLY J 357 19.01 43.81 -102.57
CA GLY J 357 19.22 43.50 -103.97
C GLY J 357 18.36 42.33 -104.39
N PRO J 358 18.98 41.30 -104.96
CA PRO J 358 18.23 40.07 -105.27
C PRO J 358 17.85 39.32 -104.00
N THR J 359 16.55 39.21 -103.77
CA THR J 359 16.03 38.47 -102.60
C THR J 359 16.21 36.98 -102.90
N HIS J 360 17.46 36.55 -102.86
CA HIS J 360 17.81 35.20 -103.30
C HIS J 360 17.66 34.21 -102.16
N ASP J 361 16.65 33.34 -102.27
CA ASP J 361 16.43 32.27 -101.31
C ASP J 361 17.28 31.07 -101.70
N LEU J 362 18.23 30.72 -100.85
CA LEU J 362 18.97 29.47 -100.98
C LEU J 362 18.74 28.64 -99.73
N GLU J 363 18.42 27.37 -99.93
CA GLU J 363 18.06 26.50 -98.83
C GLU J 363 19.29 25.79 -98.26
N MET J 364 19.38 25.75 -96.94
CA MET J 364 20.40 24.99 -96.25
C MET J 364 19.92 23.54 -96.12
N MET J 365 20.49 22.65 -96.93
CA MET J 365 19.92 21.32 -97.15
C MET J 365 20.59 20.27 -96.25
N PRO J 366 19.90 19.20 -95.90
CA PRO J 366 20.51 18.16 -95.05
C PRO J 366 21.72 17.53 -95.71
N PRO J 367 22.68 17.05 -94.92
CA PRO J 367 23.96 16.62 -95.49
C PRO J 367 23.95 15.15 -95.86
N ASP J 368 25.12 14.67 -96.30
CA ASP J 368 25.32 13.28 -96.72
C ASP J 368 25.34 12.36 -95.49
N ASP J 369 24.15 11.88 -95.13
CA ASP J 369 24.00 10.89 -94.09
C ASP J 369 22.72 10.10 -94.31
N PRO J 370 22.79 8.80 -94.58
CA PRO J 370 21.55 8.00 -94.65
C PRO J 370 20.84 7.88 -93.31
N ARG J 371 21.48 8.30 -92.22
CA ARG J 371 20.82 8.35 -90.93
C ARG J 371 19.88 9.54 -90.79
N MET J 372 19.79 10.39 -91.82
CA MET J 372 19.02 11.62 -91.77
C MET J 372 17.78 11.55 -92.66
N ARG J 373 17.10 10.40 -92.68
CA ARG J 373 15.95 10.24 -93.55
C ARG J 373 14.76 11.06 -93.06
N GLU J 374 14.46 10.97 -91.76
CA GLU J 374 13.38 11.73 -91.15
C GLU J 374 13.96 12.66 -90.09
N TYR J 375 14.42 13.82 -90.53
CA TYR J 375 15.29 14.66 -89.72
C TYR J 375 14.48 15.71 -88.99
N TYR J 376 15.23 16.58 -88.30
CA TYR J 376 14.70 17.73 -87.59
C TYR J 376 15.78 18.81 -87.56
N ILE J 377 15.57 19.89 -88.30
CA ILE J 377 16.44 21.05 -88.20
C ILE J 377 16.23 21.64 -86.80
N THR J 378 17.25 21.54 -85.97
CA THR J 378 17.14 21.93 -84.58
C THR J 378 18.03 23.12 -84.23
N MET J 379 18.55 23.84 -85.21
CA MET J 379 19.51 24.89 -84.92
C MET J 379 19.60 25.88 -86.07
N VAL J 380 19.61 27.17 -85.72
CA VAL J 380 19.94 28.25 -86.64
C VAL J 380 20.71 29.32 -85.87
N LYS J 381 21.98 29.50 -86.24
CA LYS J 381 22.73 30.68 -85.84
C LYS J 381 23.31 31.30 -87.10
N TRP J 382 23.33 32.63 -87.14
CA TRP J 382 24.02 33.30 -88.23
C TRP J 382 25.44 33.66 -87.82
N ALA J 383 26.38 32.78 -88.18
CA ALA J 383 27.79 33.10 -88.05
C ALA J 383 28.10 34.48 -88.57
N THR J 384 27.93 34.68 -89.88
CA THR J 384 28.37 35.88 -90.55
C THR J 384 27.43 36.15 -91.71
N SER J 385 27.90 36.97 -92.65
CA SER J 385 27.07 37.37 -93.78
C SER J 385 26.99 36.28 -94.85
N THR J 386 27.88 35.29 -94.83
CA THR J 386 27.89 34.27 -95.86
C THR J 386 27.96 32.83 -95.35
N LYS J 387 28.55 32.59 -94.18
CA LYS J 387 28.72 31.25 -93.64
C LYS J 387 27.71 31.02 -92.52
N VAL J 388 26.92 29.96 -92.64
CA VAL J 388 25.82 29.66 -91.71
C VAL J 388 25.86 28.17 -91.40
N ALA J 389 25.26 27.77 -90.29
CA ALA J 389 25.23 26.36 -89.90
C ALA J 389 23.81 25.89 -89.67
N VAL J 390 23.58 24.59 -89.88
CA VAL J 390 22.29 23.95 -89.64
C VAL J 390 22.53 22.52 -89.15
N THR J 391 21.72 22.07 -88.17
CA THR J 391 21.78 20.72 -87.64
C THR J 391 20.60 19.90 -88.17
N TRP J 392 20.74 18.58 -88.11
CA TRP J 392 19.73 17.64 -88.61
C TRP J 392 19.54 16.53 -87.59
N LEU J 393 18.46 16.59 -86.83
CA LEU J 393 18.17 15.63 -85.77
C LEU J 393 17.29 14.54 -86.35
N ASN J 394 17.84 13.34 -86.48
CA ASN J 394 17.08 12.27 -87.11
C ASN J 394 15.99 11.77 -86.18
N ARG J 395 15.14 10.88 -86.72
CA ARG J 395 14.03 10.36 -85.94
C ARG J 395 14.51 9.58 -84.73
N ALA J 396 15.53 8.73 -84.91
CA ALA J 396 16.14 8.03 -83.79
C ALA J 396 16.82 8.97 -82.82
N GLN J 397 17.09 10.21 -83.23
CA GLN J 397 17.72 11.23 -82.39
C GLN J 397 19.03 10.73 -81.78
N ASN J 398 19.68 9.81 -82.47
CA ASN J 398 20.99 9.31 -82.08
C ASN J 398 22.11 9.96 -82.86
N VAL J 399 21.84 10.43 -84.07
CA VAL J 399 22.82 11.08 -84.93
C VAL J 399 22.25 12.42 -85.37
N SER J 400 23.03 13.48 -85.21
CA SER J 400 22.67 14.80 -85.69
C SER J 400 23.95 15.51 -86.10
N ILE J 401 23.86 16.35 -87.14
CA ILE J 401 25.03 16.80 -87.87
C ILE J 401 25.01 18.31 -87.95
N LEU J 402 25.85 18.96 -87.16
CA LEU J 402 26.00 20.41 -87.21
C LEU J 402 26.76 20.78 -88.47
N THR J 403 26.02 21.04 -89.55
CA THR J 403 26.62 21.31 -90.85
C THR J 403 26.64 22.79 -91.15
N LEU J 404 27.83 23.28 -91.54
CA LEU J 404 28.04 24.66 -91.95
C LEU J 404 27.43 24.84 -93.33
N CYS J 405 26.32 25.54 -93.41
CA CYS J 405 25.64 25.75 -94.68
C CYS J 405 26.04 27.09 -95.28
N ASP J 406 25.58 27.37 -96.49
CA ASP J 406 26.09 28.50 -97.25
C ASP J 406 24.95 29.36 -97.75
N ALA J 407 24.79 30.53 -97.13
CA ALA J 407 23.77 31.48 -97.57
C ALA J 407 23.84 31.80 -99.05
N THR J 408 25.01 31.66 -99.68
CA THR J 408 25.17 31.97 -101.09
C THR J 408 24.87 30.79 -102.00
N THR J 409 24.95 29.56 -101.49
CA THR J 409 24.55 28.38 -102.24
C THR J 409 23.77 27.33 -101.44
N GLY J 410 23.84 27.35 -100.10
CA GLY J 410 23.08 26.42 -99.32
C GLY J 410 23.81 25.18 -98.85
N VAL J 411 24.89 24.79 -99.51
CA VAL J 411 25.58 23.54 -99.21
C VAL J 411 25.96 23.50 -97.74
N CYS J 412 25.38 22.55 -97.01
CA CYS J 412 25.64 22.41 -95.59
C CYS J 412 26.91 21.59 -95.39
N THR J 413 28.04 22.30 -95.28
CA THR J 413 29.34 21.69 -95.12
C THR J 413 29.39 20.95 -93.78
N LYS J 414 29.34 19.63 -93.85
CA LYS J 414 29.51 18.80 -92.67
C LYS J 414 30.82 19.17 -91.97
N LYS J 415 30.72 19.65 -90.73
CA LYS J 415 31.89 20.00 -89.93
C LYS J 415 32.06 19.11 -88.71
N HIS J 416 31.00 18.92 -87.93
CA HIS J 416 31.02 17.97 -86.84
C HIS J 416 29.66 17.27 -86.79
N GLU J 417 29.68 15.99 -86.44
CA GLU J 417 28.45 15.21 -86.34
C GLU J 417 28.37 14.62 -84.93
N ASP J 418 27.17 14.65 -84.37
CA ASP J 418 26.93 14.13 -83.04
C ASP J 418 26.33 12.74 -83.15
N GLU J 419 26.85 11.80 -82.38
CA GLU J 419 26.34 10.44 -82.38
C GLU J 419 26.42 9.85 -80.97
N SER J 420 25.25 9.57 -80.40
CA SER J 420 25.14 8.78 -79.19
C SER J 420 24.09 7.71 -79.41
N GLU J 421 24.41 6.47 -79.01
CA GLU J 421 23.57 5.34 -79.39
C GLU J 421 22.16 5.45 -78.82
N ALA J 422 22.00 6.07 -77.65
CA ALA J 422 20.68 6.13 -77.03
C ALA J 422 19.81 7.22 -77.64
N TRP J 423 20.25 8.47 -77.47
CA TRP J 423 19.74 9.59 -78.23
C TRP J 423 20.66 10.78 -77.98
N LEU J 424 20.57 11.76 -78.87
CA LEU J 424 21.39 12.95 -78.78
C LEU J 424 20.69 14.02 -77.96
N HIS J 425 21.49 14.85 -77.30
CA HIS J 425 21.03 15.82 -76.33
C HIS J 425 21.63 17.20 -76.65
N ARG J 426 20.79 18.22 -76.50
CA ARG J 426 21.20 19.61 -76.62
C ARG J 426 21.70 19.94 -78.03
N GLN J 427 20.79 19.83 -79.00
CA GLN J 427 21.03 20.30 -80.37
C GLN J 427 20.42 21.67 -80.62
N ASN J 428 19.46 22.10 -79.81
CA ASN J 428 18.87 23.44 -79.92
C ASN J 428 19.91 24.54 -79.71
N GLU J 429 21.06 24.23 -79.11
CA GLU J 429 22.08 25.25 -78.84
C GLU J 429 22.86 25.55 -80.11
N GLU J 430 22.80 26.81 -80.54
CA GLU J 430 23.47 27.21 -81.76
C GLU J 430 24.98 27.08 -81.62
N PRO J 431 25.66 26.49 -82.59
CA PRO J 431 27.08 26.78 -82.74
C PRO J 431 27.27 28.21 -83.22
N VAL J 432 27.70 29.06 -82.30
CA VAL J 432 27.91 30.48 -82.56
C VAL J 432 29.30 30.66 -83.13
N PHE J 433 29.43 30.47 -84.44
CA PHE J 433 30.67 30.71 -85.14
C PHE J 433 31.19 32.12 -84.83
N SER J 434 32.49 32.29 -85.02
CA SER J 434 33.12 33.55 -84.66
C SER J 434 32.64 34.69 -85.55
N LYS J 435 33.21 35.87 -85.30
CA LYS J 435 32.97 37.01 -86.17
C LYS J 435 33.28 36.71 -87.63
N ASP J 436 34.01 35.62 -87.89
CA ASP J 436 34.43 35.26 -89.23
C ASP J 436 33.64 34.08 -89.81
N GLY J 437 33.36 33.06 -89.01
CA GLY J 437 32.51 31.97 -89.46
C GLY J 437 33.17 30.63 -89.66
N ARG J 438 34.41 30.45 -89.21
CA ARG J 438 35.03 29.13 -89.24
C ARG J 438 34.99 28.42 -87.89
N LYS J 439 35.63 28.98 -86.88
CA LYS J 439 35.78 28.35 -85.58
C LYS J 439 34.44 28.36 -84.84
N PHE J 440 33.70 27.25 -84.92
CA PHE J 440 32.51 27.12 -84.08
C PHE J 440 32.88 26.31 -82.85
N PHE J 441 33.24 27.03 -81.80
CA PHE J 441 33.30 26.48 -80.46
C PHE J 441 31.94 25.86 -80.23
N PHE J 442 31.90 24.54 -80.09
CA PHE J 442 30.63 23.85 -79.92
C PHE J 442 30.71 22.96 -78.69
N VAL J 443 29.60 22.93 -77.94
CA VAL J 443 29.53 22.20 -76.68
C VAL J 443 29.35 20.72 -76.97
N ARG J 444 30.29 19.91 -76.48
CA ARG J 444 30.22 18.46 -76.62
C ARG J 444 30.85 17.86 -75.38
N ALA J 445 30.30 16.73 -74.95
CA ALA J 445 30.61 16.15 -73.65
C ALA J 445 31.94 15.41 -73.73
N ILE J 446 32.90 15.81 -72.90
CA ILE J 446 34.23 15.19 -72.89
C ILE J 446 34.29 14.22 -71.72
N PRO J 447 35.14 13.19 -71.77
CA PRO J 447 35.23 12.26 -70.63
C PRO J 447 35.74 12.97 -69.38
N GLN J 448 35.30 12.49 -68.22
CA GLN J 448 35.70 13.04 -66.94
C GLN J 448 36.33 11.98 -66.05
N GLY J 449 37.23 11.18 -66.61
CA GLY J 449 37.82 10.09 -65.85
C GLY J 449 36.87 8.93 -65.70
N GLY J 450 36.80 8.37 -64.49
CA GLY J 450 35.99 7.19 -64.25
C GLY J 450 34.50 7.45 -64.20
N ARG J 451 34.08 8.71 -64.10
CA ARG J 451 32.66 9.02 -63.94
C ARG J 451 31.98 9.38 -65.24
N GLY J 452 32.71 9.48 -66.35
CA GLY J 452 32.07 9.50 -67.65
C GLY J 452 32.05 10.80 -68.44
N LYS J 453 30.99 10.98 -69.22
CA LYS J 453 30.88 12.03 -70.23
C LYS J 453 30.05 13.20 -69.69
N PHE J 454 30.71 14.34 -69.53
CA PHE J 454 30.08 15.56 -69.06
C PHE J 454 30.48 16.71 -69.98
N TYR J 455 29.52 17.59 -70.27
CA TYR J 455 29.66 18.60 -71.32
C TYR J 455 30.78 19.57 -70.98
N HIS J 456 31.72 19.75 -71.92
CA HIS J 456 32.72 20.80 -71.82
C HIS J 456 33.03 21.32 -73.22
N ILE J 457 32.94 22.65 -73.35
CA ILE J 457 32.98 23.28 -74.67
C ILE J 457 34.22 22.84 -75.43
N THR J 458 34.04 22.51 -76.69
CA THR J 458 35.14 22.18 -77.59
C THR J 458 35.10 23.13 -78.77
N VAL J 459 36.27 23.57 -79.23
CA VAL J 459 36.36 24.45 -80.39
C VAL J 459 36.51 23.60 -81.65
N SER J 460 35.76 23.97 -82.68
CA SER J 460 35.79 23.31 -83.98
C SER J 460 35.91 24.36 -85.08
N SER J 461 37.10 24.49 -85.63
CA SER J 461 37.34 25.42 -86.73
C SER J 461 36.75 24.80 -87.99
N SER J 462 35.84 25.52 -88.64
CA SER J 462 35.36 25.04 -89.93
C SER J 462 36.47 25.19 -90.95
N GLN J 463 37.18 24.09 -91.22
CA GLN J 463 38.22 24.14 -92.23
C GLN J 463 37.58 24.36 -93.60
N PRO J 464 38.27 25.04 -94.52
CA PRO J 464 37.61 25.42 -95.78
C PRO J 464 37.08 24.25 -96.59
N ASN J 465 37.66 23.06 -96.44
CA ASN J 465 37.28 21.90 -97.24
C ASN J 465 37.20 20.62 -96.43
N SER J 466 36.67 20.66 -95.21
CA SER J 466 36.76 19.54 -94.30
C SER J 466 35.38 19.01 -93.93
N SER J 467 35.31 17.70 -93.67
CA SER J 467 34.15 17.09 -93.02
C SER J 467 34.39 16.85 -91.54
N ASN J 468 35.62 16.51 -91.14
CA ASN J 468 35.99 16.34 -89.74
C ASN J 468 36.82 17.54 -89.31
N ASP J 469 36.56 18.05 -88.10
CA ASP J 469 37.28 19.20 -87.60
C ASP J 469 38.23 18.79 -86.47
N ASN J 470 39.37 19.47 -86.38
CA ASN J 470 40.31 19.28 -85.29
C ASN J 470 39.75 19.92 -84.03
N ILE J 471 38.97 19.15 -83.27
CA ILE J 471 38.26 19.66 -82.10
C ILE J 471 39.23 19.78 -80.94
N GLN J 472 39.07 20.84 -80.14
CA GLN J 472 39.93 21.12 -78.99
C GLN J 472 39.07 21.55 -77.81
N SER J 473 38.99 20.69 -76.80
CA SER J 473 38.07 20.90 -75.67
C SER J 473 38.57 22.00 -74.76
N ILE J 474 37.71 22.98 -74.50
CA ILE J 474 38.08 24.10 -73.64
C ILE J 474 38.22 23.66 -72.18
N THR J 475 37.14 23.18 -71.56
CA THR J 475 37.16 22.90 -70.13
C THR J 475 37.15 21.41 -69.88
N SER J 476 37.15 21.04 -68.59
CA SER J 476 37.15 19.64 -68.19
C SER J 476 36.78 19.56 -66.71
N GLY J 477 36.53 18.33 -66.25
CA GLY J 477 36.15 18.10 -64.87
C GLY J 477 34.84 17.36 -64.76
N ASP J 478 34.57 16.80 -63.57
CA ASP J 478 33.36 15.98 -63.40
C ASP J 478 32.11 16.83 -63.33
N TRP J 479 31.91 17.69 -64.33
CA TRP J 479 30.65 18.42 -64.46
C TRP J 479 30.51 18.88 -65.92
N ASP J 480 29.33 19.41 -66.23
CA ASP J 480 28.91 19.67 -67.61
C ASP J 480 28.73 21.16 -67.82
N VAL J 481 29.03 21.62 -69.04
CA VAL J 481 28.82 23.03 -69.40
C VAL J 481 27.55 23.13 -70.24
N THR J 482 27.00 24.34 -70.35
CA THR J 482 25.68 24.49 -70.96
C THR J 482 25.68 25.23 -72.30
N LYS J 483 26.18 26.46 -72.37
CA LYS J 483 26.12 27.21 -73.62
C LYS J 483 27.17 28.30 -73.65
N ILE J 484 27.75 28.52 -74.82
CA ILE J 484 28.63 29.65 -75.07
C ILE J 484 27.81 30.93 -75.13
N LEU J 485 27.98 31.79 -74.12
CA LEU J 485 27.38 33.11 -74.16
C LEU J 485 28.12 34.03 -75.13
N SER J 486 29.43 33.86 -75.26
CA SER J 486 30.22 34.62 -76.21
C SER J 486 31.61 34.00 -76.32
N TYR J 487 32.19 34.10 -77.51
CA TYR J 487 33.60 33.79 -77.73
C TYR J 487 34.34 35.11 -77.84
N ASP J 488 35.21 35.38 -76.87
CA ASP J 488 35.92 36.65 -76.76
C ASP J 488 37.31 36.48 -77.35
N GLU J 489 37.47 36.87 -78.62
CA GLU J 489 38.79 36.85 -79.23
C GLU J 489 39.54 38.15 -78.95
N LYS J 490 39.08 38.93 -77.96
CA LYS J 490 39.77 40.16 -77.56
C LYS J 490 40.69 39.91 -76.37
N ARG J 491 40.13 39.45 -75.25
CA ARG J 491 40.92 39.00 -74.10
C ARG J 491 41.41 37.57 -74.26
N ASN J 492 40.86 36.84 -75.23
CA ASN J 492 41.01 35.39 -75.35
C ASN J 492 40.37 34.68 -74.16
N LYS J 493 39.81 35.48 -73.24
CA LYS J 493 39.21 34.98 -72.02
C LYS J 493 37.72 34.79 -72.25
N ILE J 494 37.37 33.63 -72.81
CA ILE J 494 36.00 33.29 -73.16
C ILE J 494 35.18 33.27 -71.88
N TYR J 495 33.87 33.44 -72.01
CA TYR J 495 32.96 33.47 -70.88
C TYR J 495 31.93 32.36 -71.06
N PHE J 496 31.85 31.46 -70.08
CA PHE J 496 30.93 30.34 -70.17
C PHE J 496 30.24 30.15 -68.83
N LEU J 497 29.01 29.67 -68.90
CA LEU J 497 28.28 29.25 -67.71
C LEU J 497 28.34 27.73 -67.60
N SER J 498 28.79 27.25 -66.43
CA SER J 498 28.89 25.82 -66.19
C SER J 498 28.47 25.53 -64.76
N THR J 499 28.83 24.34 -64.29
CA THR J 499 28.52 23.88 -62.95
C THR J 499 29.77 23.53 -62.14
N GLU J 500 30.76 24.42 -62.12
CA GLU J 500 31.99 24.14 -61.39
C GLU J 500 31.76 24.06 -59.88
N ASP J 501 30.82 24.84 -59.35
CA ASP J 501 30.60 24.84 -57.90
C ASP J 501 29.68 23.69 -57.47
N LEU J 502 28.41 23.76 -57.86
CA LEU J 502 27.45 22.71 -57.49
C LEU J 502 26.44 22.54 -58.62
N PRO J 503 25.92 21.32 -58.81
CA PRO J 503 24.90 21.10 -59.85
C PRO J 503 23.61 21.85 -59.60
N ARG J 504 23.48 22.48 -58.43
CA ARG J 504 22.34 23.33 -58.09
C ARG J 504 22.65 24.82 -58.26
N ARG J 505 23.90 25.18 -58.56
CA ARG J 505 24.33 26.56 -58.65
C ARG J 505 24.69 26.93 -60.09
N ARG J 506 24.73 28.23 -60.36
CA ARG J 506 25.08 28.74 -61.69
C ARG J 506 26.02 29.93 -61.50
N HIS J 507 27.15 29.90 -62.20
CA HIS J 507 28.20 30.89 -62.05
C HIS J 507 28.83 31.18 -63.40
N LEU J 508 29.05 32.46 -63.70
CA LEU J 508 29.76 32.82 -64.93
C LEU J 508 31.25 32.89 -64.65
N TYR J 509 32.05 32.30 -65.54
CA TYR J 509 33.50 32.30 -65.39
C TYR J 509 34.12 33.04 -66.57
N SER J 510 35.44 33.08 -66.59
CA SER J 510 36.20 33.59 -67.73
C SER J 510 37.34 32.62 -68.01
N ALA J 511 37.49 32.24 -69.27
CA ALA J 511 38.36 31.14 -69.63
C ALA J 511 39.09 31.42 -70.92
N ASN J 512 40.38 31.12 -70.94
CA ASN J 512 41.14 31.15 -72.18
C ASN J 512 40.91 29.84 -72.96
N THR J 513 40.99 29.92 -74.29
CA THR J 513 40.85 28.74 -75.12
C THR J 513 42.17 28.30 -75.75
N VAL J 514 43.26 29.02 -75.48
CA VAL J 514 44.59 28.67 -75.98
C VAL J 514 45.60 28.77 -74.85
N ASP J 515 46.38 27.69 -74.66
CA ASP J 515 47.59 27.65 -73.85
C ASP J 515 47.33 27.65 -72.34
N ASP J 516 46.10 27.91 -71.92
CA ASP J 516 45.80 27.82 -70.49
C ASP J 516 44.54 27.03 -70.20
N PHE J 517 43.52 27.09 -71.06
CA PHE J 517 42.16 26.63 -70.73
C PHE J 517 41.76 27.13 -69.35
N ASN J 518 42.14 28.38 -69.03
CA ASN J 518 42.09 28.89 -67.67
C ASN J 518 40.69 28.77 -67.09
N ARG J 519 40.62 28.61 -65.77
CA ARG J 519 39.36 28.72 -65.05
C ARG J 519 39.44 29.89 -64.08
N GLN J 520 38.65 30.92 -64.37
CA GLN J 520 38.70 32.22 -63.70
C GLN J 520 37.29 32.77 -63.67
N CYS J 521 36.80 33.11 -62.48
CA CYS J 521 35.37 33.39 -62.34
C CYS J 521 35.10 34.88 -62.33
N LEU J 522 33.98 35.27 -62.97
CA LEU J 522 33.43 36.61 -62.81
C LEU J 522 32.23 36.59 -61.88
N SER J 523 31.79 35.41 -61.46
CA SER J 523 30.66 35.30 -60.55
C SER J 523 30.94 34.41 -59.34
N CYS J 524 32.17 33.91 -59.20
CA CYS J 524 32.57 33.30 -57.95
C CYS J 524 33.38 34.30 -57.13
N ASP J 525 32.91 34.54 -55.89
CA ASP J 525 33.54 35.48 -54.96
C ASP J 525 33.33 36.93 -55.36
N LEU J 526 32.46 37.18 -56.34
CA LEU J 526 32.24 38.54 -56.81
C LEU J 526 30.82 39.02 -56.51
N VAL J 527 29.81 38.21 -56.87
CA VAL J 527 28.40 38.50 -56.62
C VAL J 527 27.96 37.65 -55.44
N GLU J 528 27.36 38.27 -54.43
CA GLU J 528 27.19 37.62 -53.15
C GLU J 528 25.90 36.80 -53.12
N ASN J 529 26.04 35.54 -52.71
CA ASN J 529 24.94 34.58 -52.71
C ASN J 529 24.11 34.71 -53.97
N CYS J 530 24.77 34.76 -55.12
CA CYS J 530 24.08 34.74 -56.40
C CYS J 530 24.66 33.60 -57.20
N THR J 531 24.17 32.40 -56.92
CA THR J 531 24.53 31.25 -57.71
C THR J 531 23.53 31.00 -58.82
N TYR J 532 22.74 32.01 -59.21
CA TYR J 532 21.78 31.94 -60.30
C TYR J 532 21.95 33.22 -61.11
N VAL J 533 22.94 33.23 -62.01
CA VAL J 533 23.39 34.46 -62.65
C VAL J 533 23.23 34.34 -64.16
N SER J 534 22.82 35.44 -64.78
CA SER J 534 22.62 35.52 -66.22
C SER J 534 23.29 36.78 -66.75
N ALA J 535 24.00 36.62 -67.87
CA ALA J 535 24.95 37.64 -68.32
C ALA J 535 24.49 38.23 -69.65
N SER J 536 24.83 39.50 -69.85
CA SER J 536 24.65 40.18 -71.12
C SER J 536 25.82 41.13 -71.33
N PHE J 537 26.66 40.80 -72.31
CA PHE J 537 27.97 41.41 -72.46
C PHE J 537 27.92 42.65 -73.35
N SER J 538 28.59 43.70 -72.91
CA SER J 538 28.80 44.85 -73.77
C SER J 538 29.57 44.42 -75.02
N HIS J 539 29.13 44.94 -76.17
CA HIS J 539 29.60 44.43 -77.45
C HIS J 539 31.11 44.55 -77.62
N ASN J 540 31.78 45.35 -76.78
CA ASN J 540 33.22 45.46 -76.81
C ASN J 540 33.90 44.52 -75.82
N MET J 541 33.11 43.70 -75.13
CA MET J 541 33.60 42.72 -74.16
C MET J 541 34.44 43.36 -73.07
N ASP J 542 34.34 44.68 -72.90
CA ASP J 542 35.00 45.33 -71.77
C ASP J 542 34.03 45.54 -70.63
N PHE J 543 32.74 45.39 -70.88
CA PHE J 543 31.70 45.60 -69.89
C PHE J 543 30.60 44.58 -70.12
N PHE J 544 29.67 44.50 -69.17
CA PHE J 544 28.52 43.63 -69.31
C PHE J 544 27.59 43.80 -68.14
N LEU J 545 26.30 43.57 -68.39
CA LEU J 545 25.37 43.24 -67.32
C LEU J 545 25.61 41.79 -66.92
N LEU J 546 25.33 41.48 -65.67
CA LEU J 546 25.21 40.09 -65.22
C LEU J 546 24.16 40.09 -64.12
N LYS J 547 22.89 39.95 -64.49
CA LYS J 547 21.77 40.23 -63.59
C LYS J 547 21.68 39.12 -62.55
N CYS J 548 21.66 39.51 -61.27
CA CYS J 548 21.69 38.55 -60.16
C CYS J 548 20.26 38.18 -59.75
N GLU J 549 20.10 36.97 -59.19
CA GLU J 549 18.79 36.41 -58.92
C GLU J 549 18.59 36.00 -57.46
N GLY J 550 19.65 35.95 -56.66
CA GLY J 550 19.57 35.32 -55.37
C GLY J 550 20.47 34.10 -55.32
N PRO J 551 20.43 33.32 -54.22
CA PRO J 551 19.58 33.12 -53.05
C PRO J 551 19.37 34.27 -52.03
N GLY J 552 19.91 35.44 -52.28
CA GLY J 552 19.44 36.62 -51.58
C GLY J 552 18.23 37.20 -52.29
N VAL J 553 17.90 38.44 -51.94
CA VAL J 553 16.92 39.15 -52.77
C VAL J 553 17.58 39.54 -54.08
N PRO J 554 16.94 39.32 -55.24
CA PRO J 554 17.65 39.52 -56.51
C PRO J 554 17.99 40.99 -56.73
N THR J 555 19.12 41.22 -57.41
CA THR J 555 19.64 42.55 -57.66
C THR J 555 20.32 42.60 -59.01
N VAL J 556 20.35 43.78 -59.63
CA VAL J 556 20.89 43.96 -60.96
C VAL J 556 22.35 44.35 -60.87
N THR J 557 23.19 43.71 -61.70
CA THR J 557 24.62 43.99 -61.72
C THR J 557 25.12 44.05 -63.16
N VAL J 558 25.34 45.26 -63.65
CA VAL J 558 26.17 45.52 -64.82
C VAL J 558 27.61 45.48 -64.33
N HIS J 559 28.56 45.31 -65.25
CA HIS J 559 29.94 45.18 -64.83
C HIS J 559 30.89 45.81 -65.85
N ASN J 560 32.15 45.87 -65.45
CA ASN J 560 33.24 46.26 -66.33
C ASN J 560 34.18 45.06 -66.50
N THR J 561 34.09 44.39 -67.66
CA THR J 561 34.71 43.08 -67.82
C THR J 561 36.20 43.13 -67.55
N THR J 562 36.84 44.26 -67.84
CA THR J 562 38.28 44.38 -67.64
C THR J 562 38.65 44.18 -66.18
N ASP J 563 38.20 45.08 -65.31
CA ASP J 563 38.65 45.15 -63.93
C ASP J 563 37.65 44.61 -62.92
N LYS J 564 36.57 43.97 -63.37
CA LYS J 564 35.66 43.23 -62.50
C LYS J 564 35.01 44.13 -61.43
N ARG J 565 35.15 45.45 -61.54
CA ARG J 565 34.44 46.35 -60.65
C ARG J 565 33.19 46.87 -61.34
N ARG J 566 32.02 46.52 -60.80
CA ARG J 566 30.75 46.95 -61.37
C ARG J 566 30.63 48.47 -61.25
N MET J 567 29.89 49.09 -62.18
CA MET J 567 29.84 50.56 -62.20
C MET J 567 28.84 51.11 -61.18
N PHE J 568 27.69 50.45 -61.05
CA PHE J 568 26.59 50.97 -60.25
C PHE J 568 25.58 49.85 -60.07
N ASP J 569 24.68 50.03 -59.09
CA ASP J 569 23.61 49.08 -58.85
C ASP J 569 22.31 49.61 -59.44
N LEU J 570 21.67 48.79 -60.28
CA LEU J 570 20.55 49.24 -61.10
C LEU J 570 19.20 48.98 -60.43
N GLU J 571 19.01 47.82 -59.81
CA GLU J 571 17.77 47.51 -59.11
C GLU J 571 17.98 46.26 -58.26
N ALA J 572 17.21 46.14 -57.18
CA ALA J 572 17.34 45.03 -56.25
C ALA J 572 16.00 44.50 -55.75
N ASN J 573 14.88 44.90 -56.34
CA ASN J 573 13.55 44.53 -55.84
C ASN J 573 13.41 44.92 -54.37
N GLU J 574 13.67 46.20 -54.09
CA GLU J 574 13.90 46.59 -52.70
C GLU J 574 12.61 46.65 -51.91
N GLU J 575 11.57 47.26 -52.47
CA GLU J 575 10.25 47.17 -51.83
C GLU J 575 9.87 45.72 -51.60
N VAL J 576 10.26 44.83 -52.51
CA VAL J 576 10.10 43.40 -52.28
C VAL J 576 11.03 42.93 -51.17
N GLN J 577 12.31 43.28 -51.26
CA GLN J 577 13.22 43.05 -50.14
C GLN J 577 12.64 43.62 -48.86
N LYS J 578 12.08 44.83 -48.92
CA LYS J 578 11.33 45.35 -47.79
C LYS J 578 10.23 44.39 -47.38
N ALA J 579 9.51 43.86 -48.37
CA ALA J 579 8.28 43.12 -48.08
C ALA J 579 8.56 41.80 -47.35
N ILE J 580 9.66 41.14 -47.70
CA ILE J 580 9.97 39.86 -47.08
C ILE J 580 10.25 40.04 -45.60
N ASN J 581 10.83 41.19 -45.23
CA ASN J 581 11.25 41.41 -43.86
C ASN J 581 10.07 41.48 -42.90
N ASP J 582 8.85 41.44 -43.44
CA ASP J 582 7.64 41.45 -42.62
C ASP J 582 6.93 40.10 -42.57
N ARG J 583 7.51 39.05 -43.13
CA ARG J 583 6.85 37.76 -43.22
C ARG J 583 7.77 36.64 -42.72
N GLN J 584 7.14 35.51 -42.37
CA GLN J 584 7.85 34.39 -41.77
C GLN J 584 8.57 33.58 -42.85
N MET J 585 9.87 33.79 -42.96
CA MET J 585 10.67 32.98 -43.86
C MET J 585 11.10 31.69 -43.18
N PRO J 586 10.75 30.54 -43.75
CA PRO J 586 11.01 29.27 -43.07
C PRO J 586 12.45 28.81 -43.24
N LYS J 587 12.72 27.61 -42.74
CA LYS J 587 14.08 27.10 -42.60
C LYS J 587 14.56 26.49 -43.92
N ILE J 588 15.87 26.53 -44.13
CA ILE J 588 16.54 25.85 -45.23
C ILE J 588 17.58 24.91 -44.67
N GLU J 589 17.83 23.81 -45.34
CA GLU J 589 18.83 22.83 -44.92
C GLU J 589 19.36 22.06 -46.12
N TYR J 590 20.64 21.75 -46.12
CA TYR J 590 21.29 21.05 -47.21
C TYR J 590 21.85 19.72 -46.71
N ARG J 591 21.49 18.63 -47.39
CA ARG J 591 22.03 17.32 -47.12
C ARG J 591 22.08 16.51 -48.41
N LYS J 592 22.28 15.21 -48.27
CA LYS J 592 22.32 14.30 -49.41
C LYS J 592 21.87 12.91 -48.98
N ILE J 593 21.60 12.07 -49.98
CA ILE J 593 21.30 10.66 -49.79
C ILE J 593 22.24 9.85 -50.68
N GLU J 594 22.72 8.73 -50.16
CA GLU J 594 23.68 7.90 -50.86
C GLU J 594 22.97 6.78 -51.59
N VAL J 595 23.08 6.75 -52.91
CA VAL J 595 22.60 5.64 -53.73
C VAL J 595 23.86 4.93 -54.22
N GLU J 596 23.68 3.78 -54.88
CA GLU J 596 24.75 2.88 -55.27
C GLU J 596 25.97 3.61 -55.85
N ASP J 597 25.76 4.53 -56.78
CA ASP J 597 26.85 5.22 -57.43
C ASP J 597 26.86 6.72 -57.17
N TYR J 598 25.71 7.32 -56.95
CA TYR J 598 25.57 8.77 -56.94
C TYR J 598 25.29 9.26 -55.53
N SER J 599 25.79 10.45 -55.21
CA SER J 599 25.51 11.11 -53.94
C SER J 599 24.36 12.08 -54.19
N LEU J 600 23.14 11.63 -53.87
CA LEU J 600 21.93 12.38 -54.21
C LEU J 600 21.71 13.49 -53.20
N PRO J 601 21.90 14.76 -53.56
CA PRO J 601 21.71 15.84 -52.59
C PRO J 601 20.26 15.97 -52.18
N MET J 602 20.03 16.58 -51.03
CA MET J 602 18.69 16.71 -50.48
C MET J 602 18.53 18.02 -49.72
N GLN J 603 17.55 18.82 -50.14
CA GLN J 603 17.18 20.05 -49.45
C GLN J 603 15.96 19.76 -48.58
N ILE J 604 15.66 20.65 -47.64
CA ILE J 604 14.47 20.58 -46.80
C ILE J 604 14.02 22.00 -46.52
N LEU J 605 12.73 22.19 -46.25
CA LEU J 605 12.17 23.50 -45.97
C LEU J 605 11.20 23.37 -44.80
N LYS J 606 11.63 23.80 -43.62
CA LYS J 606 10.87 23.71 -42.39
C LYS J 606 10.49 25.09 -41.87
N PRO J 607 9.42 25.22 -41.08
CA PRO J 607 8.82 26.55 -40.86
C PRO J 607 9.77 27.56 -40.26
N ALA J 608 9.34 28.82 -40.29
CA ALA J 608 10.04 29.86 -39.55
C ALA J 608 10.02 29.57 -38.07
N THR J 609 8.92 28.99 -37.56
CA THR J 609 8.78 28.59 -36.18
C THR J 609 9.08 27.10 -35.98
N PHE J 610 10.01 26.55 -36.76
CA PHE J 610 10.21 25.10 -36.79
C PHE J 610 10.68 24.58 -35.44
N THR J 611 10.28 23.35 -35.14
CA THR J 611 10.62 22.69 -33.88
C THR J 611 11.04 21.25 -34.17
N ASP J 612 12.01 20.76 -33.39
CA ASP J 612 12.57 19.43 -33.60
C ASP J 612 11.58 18.31 -33.25
N THR J 613 10.50 18.62 -32.54
CA THR J 613 9.64 17.56 -32.02
C THR J 613 8.35 17.38 -32.82
N ALA J 614 7.80 18.44 -33.40
CA ALA J 614 6.49 18.39 -34.01
C ALA J 614 6.48 17.51 -35.27
N HIS J 615 5.44 16.70 -35.39
CA HIS J 615 5.29 15.75 -36.49
C HIS J 615 4.54 16.43 -37.63
N TYR J 616 5.15 16.46 -38.80
CA TYR J 616 4.58 17.27 -39.87
C TYR J 616 4.13 16.41 -41.04
N PRO J 617 3.27 16.96 -41.88
CA PRO J 617 3.01 16.33 -43.18
C PRO J 617 4.25 16.32 -44.05
N LEU J 618 4.16 15.57 -45.14
CA LEU J 618 5.24 15.43 -46.12
C LEU J 618 4.73 15.86 -47.49
N LEU J 619 5.50 16.72 -48.15
CA LEU J 619 5.21 17.14 -49.52
C LEU J 619 6.49 17.07 -50.33
N LEU J 620 6.79 15.90 -50.87
CA LEU J 620 8.01 15.71 -51.64
C LEU J 620 7.77 16.16 -53.08
N VAL J 621 8.70 16.95 -53.63
CA VAL J 621 8.55 17.55 -54.94
C VAL J 621 9.56 16.92 -55.89
N VAL J 622 9.24 16.87 -57.18
CA VAL J 622 10.11 16.29 -58.20
C VAL J 622 9.74 16.91 -59.55
N ASP J 623 10.55 16.65 -60.58
CA ASP J 623 10.25 17.11 -61.92
C ASP J 623 9.91 15.99 -62.89
N GLY J 624 10.82 15.02 -63.06
CA GLY J 624 10.52 13.80 -63.80
C GLY J 624 10.81 13.74 -65.29
N THR J 625 10.66 14.86 -66.00
CA THR J 625 10.71 14.88 -67.46
C THR J 625 12.14 14.63 -67.94
N PRO J 626 12.34 13.87 -69.01
CA PRO J 626 13.70 13.50 -69.44
C PRO J 626 14.55 14.70 -69.84
N GLY J 627 15.59 14.96 -69.06
CA GLY J 627 16.54 16.01 -69.36
C GLY J 627 16.53 17.20 -68.43
N SER J 628 15.65 17.23 -67.44
CA SER J 628 15.48 18.45 -66.66
C SER J 628 16.13 18.33 -65.28
N GLN J 629 16.42 19.49 -64.68
CA GLN J 629 16.84 19.61 -63.29
C GLN J 629 16.14 20.84 -62.70
N SER J 630 15.78 20.77 -61.43
CA SER J 630 15.11 21.89 -60.79
C SER J 630 15.59 22.20 -59.38
N VAL J 631 16.35 21.31 -58.76
CA VAL J 631 16.76 21.48 -57.35
C VAL J 631 17.81 22.57 -57.31
N THR J 632 17.48 23.69 -56.64
CA THR J 632 18.34 24.87 -56.57
C THR J 632 18.24 25.51 -55.19
N GLU J 633 19.15 26.46 -54.96
CA GLU J 633 19.20 27.28 -53.75
C GLU J 633 18.37 28.55 -53.87
N ARG J 634 17.95 28.90 -55.08
CA ARG J 634 17.44 30.23 -55.40
C ARG J 634 16.29 30.63 -54.48
N PHE J 635 16.19 31.94 -54.24
CA PHE J 635 15.08 32.47 -53.48
C PHE J 635 13.81 32.41 -54.32
N GLU J 636 12.80 31.71 -53.83
CA GLU J 636 11.53 31.60 -54.55
C GLU J 636 10.39 31.83 -53.60
N VAL J 637 9.38 32.56 -54.06
CA VAL J 637 8.19 32.88 -53.27
C VAL J 637 7.00 32.21 -53.94
N THR J 638 6.69 30.99 -53.51
CA THR J 638 5.72 30.12 -54.17
C THR J 638 4.64 29.69 -53.20
N TRP J 639 3.80 28.75 -53.65
CA TRP J 639 2.86 28.11 -52.76
C TRP J 639 3.57 27.24 -51.73
N GLU J 640 4.79 26.79 -52.05
CA GLU J 640 5.50 25.89 -51.15
C GLU J 640 5.66 26.49 -49.78
N THR J 641 6.34 27.64 -49.70
CA THR J 641 6.57 28.28 -48.42
C THR J 641 5.26 28.78 -47.82
N VAL J 642 4.30 29.15 -48.66
CA VAL J 642 2.98 29.50 -48.15
C VAL J 642 2.43 28.37 -47.30
N LEU J 643 2.63 27.13 -47.74
CA LEU J 643 2.18 26.00 -46.93
C LEU J 643 3.07 25.84 -45.69
N VAL J 644 4.37 26.06 -45.85
CA VAL J 644 5.29 25.93 -44.72
C VAL J 644 4.96 26.96 -43.65
N SER J 645 4.57 28.16 -44.06
CA SER J 645 4.26 29.19 -43.07
C SER J 645 2.80 29.11 -42.65
N SER J 646 1.88 29.22 -43.62
CA SER J 646 0.47 29.35 -43.26
C SER J 646 -0.07 28.08 -42.60
N HIS J 647 0.48 26.92 -42.93
CA HIS J 647 0.01 25.67 -42.34
C HIS J 647 1.10 24.67 -42.06
N GLY J 648 2.36 25.09 -41.94
CA GLY J 648 3.35 24.19 -41.38
C GLY J 648 3.70 23.00 -42.26
N ALA J 649 4.44 23.25 -43.34
CA ALA J 649 4.84 22.17 -44.23
C ALA J 649 6.30 21.77 -43.99
N VAL J 650 6.53 20.47 -44.03
CA VAL J 650 7.87 19.90 -44.15
C VAL J 650 8.04 19.36 -45.56
N VAL J 651 8.91 19.99 -46.32
CA VAL J 651 9.04 19.77 -47.75
C VAL J 651 10.45 19.26 -48.03
N VAL J 652 10.59 18.43 -49.06
CA VAL J 652 11.87 17.81 -49.40
C VAL J 652 12.01 17.81 -50.92
N LYS J 653 13.25 17.95 -51.40
CA LYS J 653 13.57 17.82 -52.81
C LYS J 653 14.85 17.01 -52.96
N CYS J 654 15.14 16.57 -54.19
CA CYS J 654 16.37 15.84 -54.48
C CYS J 654 16.56 15.72 -55.98
N ASP J 655 17.82 15.67 -56.41
CA ASP J 655 18.18 15.35 -57.79
C ASP J 655 18.81 13.96 -57.83
N GLY J 656 18.32 13.10 -58.70
CA GLY J 656 18.87 11.76 -58.86
C GLY J 656 18.89 11.31 -60.30
N ARG J 657 18.54 10.04 -60.50
CA ARG J 657 18.32 9.52 -61.85
C ARG J 657 17.03 10.08 -62.41
N GLY J 658 17.12 10.62 -63.63
CA GLY J 658 16.07 11.43 -64.20
C GLY J 658 16.34 12.91 -64.11
N SER J 659 17.32 13.31 -63.29
CA SER J 659 17.75 14.69 -63.25
C SER J 659 18.74 14.97 -64.38
N GLY J 660 18.53 16.11 -65.04
CA GLY J 660 19.41 16.54 -66.10
C GLY J 660 20.65 17.24 -65.55
N PHE J 661 21.49 17.67 -66.48
CA PHE J 661 22.68 18.48 -66.19
C PHE J 661 23.65 17.79 -65.24
N GLN J 662 23.61 16.46 -65.16
CA GLN J 662 24.63 15.71 -64.43
C GLN J 662 25.05 14.45 -65.19
N GLY J 663 25.31 14.59 -66.49
CA GLY J 663 25.94 13.54 -67.26
C GLY J 663 24.99 12.78 -68.16
N THR J 664 25.53 12.30 -69.28
CA THR J 664 24.76 11.45 -70.18
C THR J 664 24.55 10.06 -69.58
N LYS J 665 25.46 9.61 -68.71
CA LYS J 665 25.18 8.44 -67.88
C LYS J 665 23.93 8.67 -67.03
N LEU J 666 23.66 9.92 -66.68
CA LEU J 666 22.40 10.24 -66.01
C LEU J 666 21.32 10.57 -67.03
N LEU J 667 21.74 10.90 -68.25
CA LEU J 667 20.79 11.07 -69.35
C LEU J 667 20.35 9.74 -69.93
N GLN J 668 21.28 9.02 -70.57
CA GLN J 668 20.96 7.93 -71.48
C GLN J 668 20.75 6.60 -70.78
N GLU J 669 20.91 6.55 -69.45
CA GLU J 669 20.49 5.36 -68.71
C GLU J 669 19.00 5.12 -68.88
N VAL J 670 18.20 6.18 -69.01
CA VAL J 670 16.75 6.09 -68.89
C VAL J 670 16.14 5.74 -70.24
N ARG J 671 16.97 5.62 -71.27
CA ARG J 671 16.48 5.20 -72.57
C ARG J 671 15.70 3.91 -72.44
N ARG J 672 14.48 3.89 -72.96
CA ARG J 672 13.53 2.77 -72.82
C ARG J 672 13.20 2.48 -71.36
N ARG J 673 13.55 3.38 -70.43
CA ARG J 673 13.34 3.11 -69.01
C ARG J 673 12.82 4.35 -68.27
N LEU J 674 11.95 5.13 -68.92
CA LEU J 674 11.41 6.32 -68.30
C LEU J 674 10.41 5.97 -67.20
N GLY J 675 10.36 6.81 -66.17
CA GLY J 675 9.37 6.68 -65.13
C GLY J 675 9.63 5.62 -64.08
N PHE J 676 10.30 4.54 -64.48
CA PHE J 676 10.41 3.37 -63.62
C PHE J 676 11.48 3.53 -62.54
N LEU J 677 12.74 3.68 -62.94
CA LEU J 677 13.80 3.88 -61.96
C LEU J 677 13.62 5.20 -61.22
N GLU J 678 12.82 6.11 -61.78
CA GLU J 678 12.60 7.40 -61.14
C GLU J 678 11.78 7.26 -59.86
N GLU J 679 10.92 6.23 -59.81
CA GLU J 679 10.19 5.96 -58.58
C GLU J 679 11.12 5.50 -57.47
N LYS J 680 12.10 4.66 -57.80
CA LYS J 680 12.92 4.01 -56.78
C LYS J 680 13.80 5.02 -56.05
N ASP J 681 14.56 5.83 -56.79
CA ASP J 681 15.45 6.78 -56.14
C ASP J 681 14.67 7.87 -55.42
N GLN J 682 13.50 8.26 -55.95
CA GLN J 682 12.70 9.26 -55.26
C GLN J 682 12.09 8.67 -53.99
N MET J 683 11.63 7.43 -54.05
CA MET J 683 11.19 6.75 -52.83
C MET J 683 12.35 6.54 -51.88
N GLU J 684 13.56 6.35 -52.41
CA GLU J 684 14.74 6.24 -51.57
C GLU J 684 14.93 7.48 -50.72
N ALA J 685 14.48 8.64 -51.21
CA ALA J 685 14.54 9.86 -50.42
C ALA J 685 13.65 9.75 -49.20
N VAL J 686 12.34 9.54 -49.39
CA VAL J 686 11.42 9.44 -48.27
C VAL J 686 11.71 8.19 -47.44
N ARG J 687 12.34 7.20 -48.07
CA ARG J 687 12.83 6.06 -47.30
C ARG J 687 13.70 6.52 -46.14
N THR J 688 14.61 7.46 -46.41
CA THR J 688 15.40 8.04 -45.33
C THR J 688 14.57 8.97 -44.46
N MET J 689 13.53 9.56 -45.04
CA MET J 689 12.73 10.56 -44.31
C MET J 689 12.00 9.96 -43.12
N LEU J 690 11.18 8.93 -43.36
CA LEU J 690 10.28 8.43 -42.33
C LEU J 690 11.01 7.83 -41.13
N LYS J 691 12.29 7.51 -41.26
CA LYS J 691 13.05 7.01 -40.13
C LYS J 691 13.15 8.03 -39.01
N GLU J 692 13.09 9.32 -39.33
CA GLU J 692 13.27 10.36 -38.33
C GLU J 692 11.96 10.64 -37.61
N GLN J 693 12.06 11.14 -36.38
CA GLN J 693 10.88 11.31 -35.54
C GLN J 693 9.90 12.32 -36.11
N TYR J 694 10.34 13.56 -36.32
CA TYR J 694 9.43 14.70 -36.42
C TYR J 694 8.69 14.77 -37.75
N ILE J 695 8.65 13.70 -38.53
CA ILE J 695 7.77 13.60 -39.69
C ILE J 695 6.55 12.79 -39.29
N ASP J 696 5.36 13.34 -39.53
CA ASP J 696 4.11 12.67 -39.15
C ASP J 696 3.84 11.55 -40.12
N LYS J 697 3.62 10.34 -39.59
CA LYS J 697 3.34 9.20 -40.45
C LYS J 697 1.88 9.09 -40.84
N THR J 698 1.03 10.02 -40.36
CA THR J 698 -0.37 10.03 -40.73
C THR J 698 -0.65 10.91 -41.95
N ARG J 699 0.03 12.04 -42.07
CA ARG J 699 -0.16 12.96 -43.19
C ARG J 699 1.09 12.91 -44.06
N VAL J 700 1.01 12.15 -45.15
CA VAL J 700 2.13 11.95 -46.06
C VAL J 700 1.63 12.10 -47.49
N ALA J 701 2.36 12.87 -48.29
CA ALA J 701 1.98 13.11 -49.67
C ALA J 701 3.23 13.37 -50.51
N VAL J 702 3.07 13.26 -51.83
CA VAL J 702 4.11 13.55 -52.80
C VAL J 702 3.57 14.62 -53.74
N PHE J 703 4.40 15.03 -54.71
CA PHE J 703 3.99 16.06 -55.66
C PHE J 703 4.97 16.15 -56.82
N GLY J 704 4.57 16.89 -57.85
CA GLY J 704 5.43 17.17 -58.98
C GLY J 704 4.62 17.65 -60.16
N LYS J 705 5.31 18.08 -61.21
CA LYS J 705 4.63 18.58 -62.39
C LYS J 705 5.37 18.19 -63.67
N ASP J 706 4.59 18.07 -64.73
CA ASP J 706 5.04 17.97 -66.13
C ASP J 706 5.75 16.65 -66.32
N TYR J 707 6.37 16.07 -65.30
CA TYR J 707 6.46 14.63 -65.17
C TYR J 707 6.51 14.27 -63.70
N GLY J 708 6.82 15.25 -62.86
CA GLY J 708 6.67 15.06 -61.44
C GLY J 708 5.25 14.68 -61.10
N GLY J 709 4.30 15.18 -61.88
CA GLY J 709 2.97 14.62 -61.84
C GLY J 709 2.97 13.13 -62.12
N TYR J 710 3.62 12.73 -63.22
CA TYR J 710 3.78 11.30 -63.49
C TYR J 710 4.51 10.62 -62.35
N LEU J 711 5.61 11.21 -61.89
CA LEU J 711 6.35 10.60 -60.80
C LEU J 711 5.52 10.56 -59.53
N SER J 712 4.85 11.66 -59.22
CA SER J 712 3.88 11.66 -58.11
C SER J 712 2.92 10.48 -58.23
N THR J 713 2.34 10.29 -59.41
CA THR J 713 1.49 9.12 -59.62
C THR J 713 2.31 7.83 -59.54
N TYR J 714 3.50 7.81 -60.14
CA TYR J 714 4.27 6.58 -60.17
C TYR J 714 4.85 6.24 -58.80
N ILE J 715 4.86 7.21 -57.89
CA ILE J 715 5.43 6.96 -56.57
C ILE J 715 4.35 6.81 -55.51
N LEU J 716 3.19 7.45 -55.69
CA LEU J 716 2.16 7.47 -54.67
C LEU J 716 1.73 6.08 -54.17
N PRO J 717 1.51 5.07 -55.02
CA PRO J 717 1.00 3.80 -54.51
C PRO J 717 2.07 2.79 -54.14
N ALA J 718 3.35 3.13 -54.26
CA ALA J 718 4.38 2.15 -53.92
C ALA J 718 4.30 1.82 -52.44
N LYS J 719 3.80 0.62 -52.16
CA LYS J 719 3.47 0.18 -50.81
C LYS J 719 4.73 -0.19 -50.04
N GLY J 720 4.79 0.28 -48.79
CA GLY J 720 5.99 0.09 -47.99
C GLY J 720 6.26 -1.37 -47.67
N GLU J 721 7.56 -1.68 -47.54
CA GLU J 721 7.98 -3.07 -47.35
C GLU J 721 7.28 -3.72 -46.18
N ASN J 722 6.91 -2.94 -45.15
CA ASN J 722 6.13 -3.49 -44.05
C ASN J 722 5.01 -2.55 -43.63
N GLN J 723 4.59 -1.64 -44.50
CA GLN J 723 3.55 -0.66 -44.19
C GLN J 723 2.65 -0.51 -45.41
N GLY J 724 1.40 -0.13 -45.16
CA GLY J 724 0.43 0.02 -46.22
C GLY J 724 0.66 1.27 -47.05
N GLN J 725 -0.41 1.95 -47.44
CA GLN J 725 -0.27 3.19 -48.19
C GLN J 725 0.58 4.17 -47.41
N THR J 726 1.81 4.41 -47.89
CA THR J 726 2.73 5.25 -47.15
C THR J 726 2.28 6.70 -47.15
N PHE J 727 1.59 7.13 -48.20
CA PHE J 727 1.05 8.47 -48.31
C PHE J 727 -0.43 8.46 -47.92
N THR J 728 -0.91 9.59 -47.41
CA THR J 728 -2.34 9.75 -47.17
C THR J 728 -3.04 10.35 -48.38
N CYS J 729 -2.34 11.17 -49.16
CA CYS J 729 -2.88 11.67 -50.41
C CYS J 729 -1.72 11.95 -51.36
N GLY J 730 -2.05 12.50 -52.50
CA GLY J 730 -1.05 12.88 -53.48
C GLY J 730 -1.63 13.89 -54.44
N SER J 731 -0.94 14.07 -55.55
CA SER J 731 -1.46 14.85 -56.67
C SER J 731 -0.59 14.60 -57.89
N ALA J 732 -0.83 15.40 -58.92
CA ALA J 732 -0.05 15.36 -60.14
C ALA J 732 -0.40 16.60 -60.94
N LEU J 733 0.59 17.40 -61.28
CA LEU J 733 0.36 18.64 -62.00
C LEU J 733 0.60 18.40 -63.47
N SER J 734 -0.45 18.52 -64.27
CA SER J 734 -0.45 18.36 -65.71
C SER J 734 0.58 17.29 -66.15
N PRO J 735 0.41 16.05 -65.68
CA PRO J 735 1.48 15.06 -65.83
C PRO J 735 1.52 14.49 -67.23
N ILE J 736 2.74 14.30 -67.76
CA ILE J 736 2.92 13.44 -68.91
C ILE J 736 2.59 12.01 -68.51
N THR J 737 1.84 11.30 -69.36
CA THR J 737 1.47 9.93 -69.08
C THR J 737 2.03 8.93 -70.07
N ASP J 738 1.70 9.05 -71.35
CA ASP J 738 1.98 7.98 -72.30
C ASP J 738 2.32 8.59 -73.65
N PHE J 739 3.29 7.99 -74.32
CA PHE J 739 3.92 8.58 -75.49
C PHE J 739 3.22 8.23 -76.79
N LYS J 740 2.54 7.08 -76.86
CA LYS J 740 1.67 6.82 -77.99
C LYS J 740 0.45 7.75 -77.96
N LEU J 741 0.04 8.20 -76.77
CA LEU J 741 -0.87 9.33 -76.69
C LEU J 741 -0.19 10.63 -77.07
N TYR J 742 1.13 10.61 -77.24
CA TYR J 742 1.92 11.80 -77.40
C TYR J 742 2.58 11.83 -78.77
N ALA J 743 3.25 12.94 -79.06
CA ALA J 743 3.79 13.24 -80.38
C ALA J 743 4.80 12.19 -80.82
N SER J 744 5.21 12.30 -82.08
CA SER J 744 6.26 11.42 -82.58
C SER J 744 7.54 11.59 -81.79
N ALA J 745 8.12 12.80 -81.81
CA ALA J 745 9.53 12.96 -81.49
C ALA J 745 9.82 12.74 -80.01
N PHE J 746 8.87 13.08 -79.13
CA PHE J 746 9.07 12.80 -77.71
C PHE J 746 8.81 11.33 -77.41
N SER J 747 7.82 10.75 -78.07
CA SER J 747 7.56 9.32 -77.90
C SER J 747 8.79 8.50 -78.28
N GLU J 748 9.50 8.92 -79.33
CA GLU J 748 10.57 8.11 -79.87
C GLU J 748 11.95 8.64 -79.49
N ARG J 749 11.99 9.73 -78.72
CA ARG J 749 13.26 10.28 -78.28
C ARG J 749 13.97 9.33 -77.32
N TYR J 750 13.20 8.60 -76.52
CA TYR J 750 13.75 7.90 -75.36
C TYR J 750 13.47 6.40 -75.35
N LEU J 751 12.43 5.94 -76.03
CA LEU J 751 11.99 4.55 -75.91
C LEU J 751 12.27 3.71 -77.14
N GLY J 752 13.20 4.12 -78.00
CA GLY J 752 13.30 3.54 -79.31
C GLY J 752 12.14 3.99 -80.18
N LEU J 753 12.40 4.02 -81.49
CA LEU J 753 11.42 4.56 -82.42
C LEU J 753 10.11 3.80 -82.33
N HIS J 754 9.04 4.53 -82.06
CA HIS J 754 7.70 3.94 -82.10
C HIS J 754 7.45 3.32 -83.46
N GLY J 755 6.78 2.17 -83.45
CA GLY J 755 6.63 1.35 -84.63
C GLY J 755 7.80 0.42 -84.87
N LEU J 756 9.02 0.91 -84.66
CA LEU J 756 10.21 0.07 -84.70
C LEU J 756 10.45 -0.60 -83.35
N ASP J 757 10.24 0.14 -82.26
CA ASP J 757 10.36 -0.41 -80.91
C ASP J 757 9.38 0.31 -80.00
N ASN J 758 8.18 -0.26 -79.84
CA ASN J 758 7.14 0.27 -78.98
C ASN J 758 7.19 -0.33 -77.58
N ARG J 759 8.18 -1.17 -77.28
CA ARG J 759 8.16 -1.99 -76.06
C ARG J 759 8.18 -1.14 -74.81
N ALA J 760 9.06 -0.14 -74.74
CA ALA J 760 9.23 0.61 -73.52
C ALA J 760 8.02 1.49 -73.21
N TYR J 761 7.27 1.86 -74.25
CA TYR J 761 6.10 2.70 -74.05
C TYR J 761 5.11 2.05 -73.10
N GLU J 762 4.75 0.80 -73.36
CA GLU J 762 3.69 0.15 -72.59
C GLU J 762 4.09 0.00 -71.13
N MET J 763 5.39 -0.13 -70.86
CA MET J 763 5.84 -0.12 -69.47
C MET J 763 5.45 1.19 -68.81
N THR J 764 5.78 2.32 -69.44
CA THR J 764 5.45 3.63 -68.91
C THR J 764 3.96 3.86 -68.74
N LYS J 765 3.11 2.96 -69.24
CA LYS J 765 1.68 3.14 -69.08
C LYS J 765 1.32 3.09 -67.60
N LEU J 766 0.36 3.95 -67.21
CA LEU J 766 -0.06 3.97 -65.83
C LEU J 766 -1.36 3.20 -65.61
N ALA J 767 -2.04 2.80 -66.69
CA ALA J 767 -2.98 1.70 -66.60
C ALA J 767 -2.34 0.52 -65.89
N HIS J 768 -1.04 0.33 -66.11
CA HIS J 768 -0.25 -0.64 -65.37
C HIS J 768 -0.18 -0.29 -63.88
N ARG J 769 -0.58 0.93 -63.50
CA ARG J 769 -0.44 1.37 -62.12
C ARG J 769 -1.77 1.73 -61.46
N VAL J 770 -2.83 1.89 -62.24
CA VAL J 770 -4.09 2.39 -61.70
C VAL J 770 -4.71 1.46 -60.67
N SER J 771 -4.65 0.14 -60.89
CA SER J 771 -5.30 -0.79 -59.97
C SER J 771 -4.52 -0.98 -58.68
N ALA J 772 -3.33 -0.40 -58.57
CA ALA J 772 -2.54 -0.45 -57.34
C ALA J 772 -3.03 0.53 -56.28
N LEU J 773 -3.79 1.54 -56.67
CA LEU J 773 -4.29 2.52 -55.72
C LEU J 773 -5.55 1.98 -55.05
N GLU J 774 -5.70 2.23 -53.74
CA GLU J 774 -6.87 1.71 -53.06
C GLU J 774 -7.81 2.79 -52.55
N ASP J 775 -7.33 3.62 -51.61
CA ASP J 775 -8.14 4.70 -51.06
C ASP J 775 -7.36 5.97 -50.75
N GLN J 776 -6.06 6.00 -51.00
CA GLN J 776 -5.31 7.23 -50.81
C GLN J 776 -5.77 8.29 -51.80
N GLN J 777 -6.43 9.33 -51.28
CA GLN J 777 -7.13 10.29 -52.13
C GLN J 777 -6.15 10.98 -53.05
N PHE J 778 -6.18 10.62 -54.32
CA PHE J 778 -5.18 11.04 -55.29
C PHE J 778 -5.81 11.96 -56.31
N LEU J 779 -5.22 13.14 -56.48
CA LEU J 779 -5.77 14.17 -57.35
C LEU J 779 -4.96 14.22 -58.64
N ILE J 780 -5.52 14.85 -59.66
CA ILE J 780 -4.78 15.30 -60.84
C ILE J 780 -5.36 16.65 -61.25
N ILE J 781 -4.50 17.55 -61.68
CA ILE J 781 -4.90 18.79 -62.30
C ILE J 781 -4.50 18.71 -63.75
N HIS J 782 -5.27 19.33 -64.64
CA HIS J 782 -4.89 19.33 -66.03
C HIS J 782 -5.75 20.35 -66.77
N ALA J 783 -5.26 20.85 -67.89
CA ALA J 783 -6.04 21.80 -68.67
C ALA J 783 -6.49 21.19 -69.99
N THR J 784 -7.54 21.76 -70.58
CA THR J 784 -8.12 21.20 -71.80
C THR J 784 -7.32 21.53 -73.04
N ALA J 785 -7.14 22.82 -73.34
CA ALA J 785 -6.47 23.24 -74.56
C ALA J 785 -4.96 23.08 -74.47
N ASP J 786 -4.50 22.29 -73.51
CA ASP J 786 -3.09 22.07 -73.23
C ASP J 786 -2.33 21.81 -74.51
N GLU J 787 -1.06 22.20 -74.57
CA GLU J 787 -0.36 22.13 -75.84
C GLU J 787 0.89 21.27 -75.83
N LYS J 788 1.44 20.97 -74.66
CA LYS J 788 2.53 20.00 -74.61
C LYS J 788 2.12 18.77 -73.83
N ILE J 789 1.36 18.93 -72.76
CA ILE J 789 0.90 17.74 -72.04
C ILE J 789 -0.57 17.53 -72.36
N HIS J 790 -0.82 16.87 -73.49
CA HIS J 790 -2.15 16.88 -74.10
C HIS J 790 -3.21 16.37 -73.12
N PHE J 791 -4.42 16.92 -73.23
CA PHE J 791 -5.47 16.47 -72.34
C PHE J 791 -5.67 14.98 -72.43
N GLN J 792 -5.46 14.41 -73.63
CA GLN J 792 -5.64 12.97 -73.78
C GLN J 792 -4.42 12.22 -73.27
N HIS J 793 -3.62 12.88 -72.44
CA HIS J 793 -2.79 12.17 -71.48
C HIS J 793 -3.63 11.80 -70.27
N THR J 794 -4.74 12.50 -70.09
CA THR J 794 -5.63 12.24 -68.96
C THR J 794 -6.73 11.27 -69.34
N ALA J 795 -7.52 11.62 -70.36
CA ALA J 795 -8.66 10.79 -70.76
C ALA J 795 -8.24 9.34 -70.97
N GLU J 796 -7.07 9.13 -71.57
CA GLU J 796 -6.63 7.75 -71.78
C GLU J 796 -5.79 7.27 -70.60
N LEU J 797 -5.98 7.87 -69.43
CA LEU J 797 -5.48 7.26 -68.19
C LEU J 797 -6.57 7.18 -67.13
N ILE J 798 -7.42 8.21 -67.05
CA ILE J 798 -8.48 8.21 -66.03
C ILE J 798 -9.39 7.01 -66.21
N THR J 799 -9.64 6.62 -67.46
CA THR J 799 -10.33 5.35 -67.72
C THR J 799 -9.76 4.23 -66.87
N GLN J 800 -8.44 4.18 -66.77
CA GLN J 800 -7.80 3.07 -66.09
C GLN J 800 -8.03 3.16 -64.58
N LEU J 801 -8.09 4.37 -64.03
CA LEU J 801 -8.52 4.51 -62.64
C LEU J 801 -10.01 4.25 -62.50
N ILE J 802 -10.80 4.59 -63.53
CA ILE J 802 -12.21 4.19 -63.55
C ILE J 802 -12.30 2.67 -63.49
N LYS J 803 -11.45 1.98 -64.25
CA LYS J 803 -11.47 0.52 -64.26
C LYS J 803 -10.95 -0.03 -62.94
N GLY J 804 -9.71 0.30 -62.56
CA GLY J 804 -9.13 -0.16 -61.33
C GLY J 804 -9.94 0.14 -60.08
N LYS J 805 -10.95 0.99 -60.22
CA LYS J 805 -11.87 1.33 -59.13
C LYS J 805 -11.14 1.87 -57.91
N ALA J 806 -9.96 2.43 -58.14
CA ALA J 806 -9.33 3.27 -57.14
C ALA J 806 -10.07 4.61 -57.10
N ASN J 807 -9.53 5.55 -56.35
CA ASN J 807 -10.13 6.87 -56.32
C ASN J 807 -9.27 7.88 -57.04
N TYR J 808 -9.79 8.41 -58.15
CA TYR J 808 -9.19 9.52 -58.87
C TYR J 808 -9.91 10.78 -58.42
N SER J 809 -9.38 11.92 -58.85
CA SER J 809 -10.04 13.20 -58.66
C SER J 809 -9.35 14.23 -59.53
N LEU J 810 -10.14 14.98 -60.28
CA LEU J 810 -9.64 15.80 -61.37
C LEU J 810 -10.14 17.22 -61.18
N GLN J 811 -9.39 18.19 -61.69
CA GLN J 811 -9.90 19.52 -61.98
C GLN J 811 -9.27 19.95 -63.29
N ILE J 812 -10.10 20.26 -64.26
CA ILE J 812 -9.60 20.59 -65.59
C ILE J 812 -9.94 22.03 -65.88
N TYR J 813 -9.21 22.62 -66.82
CA TYR J 813 -9.41 24.02 -67.15
C TYR J 813 -9.93 24.14 -68.56
N PRO J 814 -11.05 24.83 -68.78
CA PRO J 814 -11.71 24.79 -70.08
C PRO J 814 -11.07 25.75 -71.08
N ASP J 815 -10.39 25.20 -72.08
CA ASP J 815 -9.81 25.92 -73.21
C ASP J 815 -8.60 26.76 -72.85
N GLU J 816 -8.09 26.66 -71.62
CA GLU J 816 -6.89 27.41 -71.26
C GLU J 816 -5.65 26.55 -71.44
N SER J 817 -4.56 27.20 -71.85
CA SER J 817 -3.39 26.50 -72.34
C SER J 817 -2.55 25.94 -71.21
N HIS J 818 -1.30 25.62 -71.54
CA HIS J 818 -0.42 24.92 -70.62
C HIS J 818 0.31 25.87 -69.68
N TYR J 819 0.51 27.13 -70.09
CA TYR J 819 1.26 28.09 -69.29
C TYR J 819 0.41 29.17 -68.63
N PHE J 820 -0.89 29.14 -68.79
CA PHE J 820 -1.79 30.03 -68.06
C PHE J 820 -1.36 31.49 -68.26
N HIS J 821 -1.51 31.96 -69.49
CA HIS J 821 -1.01 33.30 -69.82
C HIS J 821 -1.58 34.37 -68.90
N SER J 822 -2.83 34.24 -68.48
CA SER J 822 -3.37 35.10 -67.44
C SER J 822 -2.92 34.60 -66.08
N VAL J 823 -2.84 35.50 -65.10
CA VAL J 823 -2.20 35.13 -63.83
C VAL J 823 -3.18 34.39 -62.94
N ALA J 824 -4.45 34.82 -62.91
CA ALA J 824 -5.39 34.30 -61.93
C ALA J 824 -5.47 32.79 -61.96
N LEU J 825 -5.10 32.19 -63.09
CA LEU J 825 -5.07 30.73 -63.18
C LEU J 825 -4.03 30.15 -62.23
N LYS J 826 -2.82 30.70 -62.25
CA LYS J 826 -1.82 30.29 -61.27
C LYS J 826 -2.35 30.43 -59.86
N GLN J 827 -3.01 31.56 -59.57
CA GLN J 827 -3.71 31.69 -58.29
C GLN J 827 -4.67 30.53 -58.09
N HIS J 828 -5.59 30.32 -59.05
CA HIS J 828 -6.52 29.20 -58.96
C HIS J 828 -5.79 27.87 -58.90
N LEU J 829 -4.67 27.78 -59.60
CA LEU J 829 -3.85 26.57 -59.49
C LEU J 829 -3.27 26.45 -58.09
N SER J 830 -2.63 27.53 -57.61
CA SER J 830 -1.95 27.47 -56.32
C SER J 830 -2.95 27.20 -55.19
N ARG J 831 -3.93 28.09 -55.01
CA ARG J 831 -4.86 27.93 -53.90
C ARG J 831 -5.51 26.56 -53.91
N SER J 832 -5.73 26.00 -55.10
CA SER J 832 -6.46 24.75 -55.19
C SER J 832 -5.58 23.58 -54.79
N ILE J 833 -4.31 23.62 -55.16
CA ILE J 833 -3.37 22.64 -54.61
C ILE J 833 -3.37 22.74 -53.09
N ILE J 834 -3.52 23.96 -52.57
CA ILE J 834 -3.58 24.17 -51.14
C ILE J 834 -4.94 23.73 -50.60
N GLY J 835 -6.01 24.34 -51.12
CA GLY J 835 -7.36 24.01 -50.66
C GLY J 835 -7.64 22.52 -50.67
N PHE J 836 -6.89 21.77 -51.48
CA PHE J 836 -6.92 20.31 -51.36
C PHE J 836 -6.05 19.86 -50.20
N PHE J 837 -4.78 20.24 -50.20
CA PHE J 837 -3.83 19.68 -49.24
C PHE J 837 -4.26 19.96 -47.81
N VAL J 838 -4.90 21.11 -47.56
CA VAL J 838 -5.37 21.41 -46.21
C VAL J 838 -6.37 20.35 -45.75
N GLU J 839 -7.33 20.00 -46.60
CA GLU J 839 -8.30 18.97 -46.24
C GLU J 839 -7.61 17.62 -46.12
N CYS J 840 -6.56 17.40 -46.91
CA CYS J 840 -5.81 16.16 -46.80
C CYS J 840 -5.06 16.07 -45.49
N PHE J 841 -4.52 17.20 -45.01
CA PHE J 841 -3.70 17.17 -43.81
C PHE J 841 -4.45 17.58 -42.56
N ARG J 842 -5.73 17.92 -42.67
CA ARG J 842 -6.57 17.98 -41.48
C ARG J 842 -6.68 16.59 -40.89
N VAL J 843 -6.15 16.41 -39.68
CA VAL J 843 -6.12 15.11 -39.03
C VAL J 843 -7.55 14.58 -38.86
N GLN J 844 -7.80 13.37 -39.35
CA GLN J 844 -9.14 12.83 -39.43
C GLN J 844 -9.51 12.11 -38.14
N ASP J 845 -10.79 12.14 -37.79
CA ASP J 845 -11.31 11.44 -36.62
C ASP J 845 -11.50 9.95 -36.89
#